data_2NDG
#
_entry.id   2NDG
#
loop_
_entity.id
_entity.type
_entity.pdbx_description
1 polymer 'Protein AF-9'
2 polymer 'Histone H3 peptide'
#
loop_
_entity_poly.entity_id
_entity_poly.type
_entity_poly.pdbx_seq_one_letter_code
_entity_poly.pdbx_strand_id
1 'polypeptide(L)'
;GSHMASSCAVQVKLELGHRAQVRKKPTVEGFTHDWMVFVRGPEHSNIQHFVEKVVFHLHESFPRPKRVCKDPPYKVEESG
YAGFILPIEVYFKNKEEPRKVRFDYDLFLHLEGHPPVNHLRCEKLTFNNPTEDFRRKLLKA
;
A
2 'polypeptide(L)' GGKAPR(KCR)QLATKA B
#
# COMPACT_ATOMS: atom_id res chain seq x y z
N GLY A 1 17.57 3.66 -23.12
CA GLY A 1 17.85 3.35 -24.55
C GLY A 1 19.06 2.45 -24.69
N SER A 2 19.43 2.14 -25.93
CA SER A 2 20.57 1.27 -26.18
C SER A 2 21.79 2.08 -26.62
N HIS A 3 21.84 3.33 -26.16
CA HIS A 3 22.97 4.20 -26.42
C HIS A 3 23.39 4.87 -25.12
N MET A 4 23.78 4.06 -24.15
CA MET A 4 24.03 4.56 -22.81
C MET A 4 25.51 4.82 -22.56
N ALA A 5 25.81 6.04 -22.16
CA ALA A 5 27.15 6.42 -21.75
C ALA A 5 27.15 6.75 -20.27
N SER A 6 26.07 7.40 -19.85
CA SER A 6 25.87 7.73 -18.45
C SER A 6 24.78 6.84 -17.88
N SER A 7 25.08 6.21 -16.75
CA SER A 7 24.13 5.29 -16.12
C SER A 7 22.96 6.07 -15.53
N CYS A 8 21.76 5.82 -16.04
CA CYS A 8 20.59 6.53 -15.57
C CYS A 8 19.74 5.65 -14.66
N ALA A 9 19.39 6.17 -13.51
CA ALA A 9 18.53 5.47 -12.57
C ALA A 9 17.18 6.18 -12.47
N VAL A 10 16.13 5.48 -12.86
CA VAL A 10 14.80 6.07 -12.84
C VAL A 10 14.08 5.63 -11.58
N GLN A 11 13.59 6.60 -10.84
CA GLN A 11 13.00 6.34 -9.53
C GLN A 11 11.51 6.54 -9.58
N VAL A 12 10.78 5.54 -9.12
CA VAL A 12 9.34 5.64 -9.03
C VAL A 12 8.96 5.76 -7.56
N LYS A 13 7.90 6.50 -7.26
CA LYS A 13 7.56 6.74 -5.87
C LYS A 13 6.19 6.16 -5.59
N LEU A 14 6.13 5.16 -4.72
CA LEU A 14 4.85 4.59 -4.32
C LEU A 14 4.52 5.03 -2.90
N GLU A 15 3.26 5.21 -2.64
CA GLU A 15 2.82 5.78 -1.40
C GLU A 15 1.89 4.83 -0.65
N LEU A 16 2.27 4.52 0.58
CA LEU A 16 1.46 3.70 1.46
C LEU A 16 0.64 4.61 2.34
N GLY A 17 -0.62 4.30 2.48
CA GLY A 17 -1.48 5.14 3.27
C GLY A 17 -2.56 4.36 3.97
N HIS A 18 -3.19 5.02 4.93
CA HIS A 18 -4.33 4.46 5.62
C HIS A 18 -4.93 5.49 6.57
N ARG A 19 -6.23 5.46 6.69
CA ARG A 19 -6.93 6.27 7.67
C ARG A 19 -7.64 5.33 8.63
N ALA A 20 -7.96 5.81 9.81
CA ALA A 20 -8.73 5.03 10.76
C ALA A 20 -9.65 5.93 11.57
N GLN A 21 -10.86 5.45 11.76
CA GLN A 21 -11.86 6.13 12.55
C GLN A 21 -12.77 5.11 13.19
N VAL A 22 -13.18 5.35 14.41
CA VAL A 22 -13.99 4.39 15.13
C VAL A 22 -15.45 4.80 15.13
N ARG A 23 -16.31 3.81 15.00
CA ARG A 23 -17.73 4.00 15.19
C ARG A 23 -18.07 3.52 16.59
N LYS A 24 -18.76 4.37 17.35
CA LYS A 24 -19.08 4.07 18.74
C LYS A 24 -20.09 2.92 18.82
N LYS A 25 -20.63 2.55 17.66
CA LYS A 25 -21.55 1.45 17.57
C LYS A 25 -21.03 0.45 16.54
N PRO A 26 -20.39 -0.63 17.01
CA PRO A 26 -19.82 -1.67 16.16
C PRO A 26 -20.84 -2.30 15.23
N THR A 27 -20.35 -3.02 14.22
CA THR A 27 -21.24 -3.70 13.28
C THR A 27 -21.79 -4.98 13.93
N VAL A 28 -22.61 -5.70 13.18
CA VAL A 28 -23.23 -6.93 13.66
C VAL A 28 -22.23 -7.89 14.31
N GLU A 29 -21.06 -8.05 13.70
CA GLU A 29 -20.05 -8.97 14.20
C GLU A 29 -19.12 -8.31 15.22
N GLY A 30 -19.41 -7.05 15.56
CA GLY A 30 -18.69 -6.38 16.61
C GLY A 30 -17.40 -5.75 16.16
N PHE A 31 -17.35 -5.30 14.93
CA PHE A 31 -16.18 -4.61 14.42
C PHE A 31 -16.33 -3.11 14.70
N THR A 32 -15.36 -2.56 15.43
CA THR A 32 -15.45 -1.21 15.95
C THR A 32 -14.66 -0.19 15.11
N HIS A 33 -13.54 -0.64 14.56
CA HIS A 33 -12.59 0.25 13.91
C HIS A 33 -12.65 0.11 12.40
N ASP A 34 -12.96 1.20 11.71
CA ASP A 34 -13.02 1.20 10.26
C ASP A 34 -11.80 1.92 9.71
N TRP A 35 -11.17 1.33 8.71
CA TRP A 35 -9.98 1.92 8.14
C TRP A 35 -9.96 1.78 6.62
N MET A 36 -9.06 2.52 6.00
CA MET A 36 -8.89 2.52 4.56
C MET A 36 -7.42 2.69 4.19
N VAL A 37 -6.91 1.82 3.33
CA VAL A 37 -5.51 1.87 2.93
C VAL A 37 -5.29 2.47 1.55
N PHE A 38 -4.06 2.91 1.32
CA PHE A 38 -3.65 3.60 0.09
C PHE A 38 -2.39 2.98 -0.50
N VAL A 39 -2.41 2.72 -1.80
CA VAL A 39 -1.17 2.52 -2.57
C VAL A 39 -1.27 3.22 -3.92
N ARG A 40 -0.39 4.19 -4.14
CA ARG A 40 -0.42 5.00 -5.36
C ARG A 40 0.91 5.73 -5.52
N GLY A 41 0.99 6.60 -6.50
CA GLY A 41 2.15 7.46 -6.64
C GLY A 41 1.87 8.87 -6.14
N PRO A 42 2.91 9.71 -6.01
CA PRO A 42 2.77 11.08 -5.53
C PRO A 42 1.86 11.90 -6.41
N GLU A 43 1.28 12.95 -5.84
CA GLU A 43 0.39 13.84 -6.58
C GLU A 43 1.08 14.33 -7.85
N HIS A 44 0.42 14.05 -8.99
CA HIS A 44 0.87 14.43 -10.34
C HIS A 44 1.68 13.31 -11.00
N SER A 45 2.21 12.41 -10.18
CA SER A 45 2.86 11.22 -10.69
C SER A 45 1.90 10.05 -10.66
N ASN A 46 1.53 9.54 -11.82
CA ASN A 46 0.60 8.43 -11.89
C ASN A 46 1.34 7.12 -12.00
N ILE A 47 1.02 6.19 -11.09
CA ILE A 47 1.68 4.91 -11.07
C ILE A 47 1.06 3.96 -12.08
N GLN A 48 -0.18 4.22 -12.44
CA GLN A 48 -0.89 3.41 -13.44
C GLN A 48 -0.11 3.33 -14.76
N HIS A 49 0.90 4.17 -14.92
CA HIS A 49 1.76 4.11 -16.09
C HIS A 49 2.77 2.97 -15.99
N PHE A 50 3.36 2.78 -14.80
CA PHE A 50 4.37 1.75 -14.63
C PHE A 50 3.89 0.64 -13.71
N VAL A 51 2.67 0.80 -13.20
CA VAL A 51 2.05 -0.13 -12.28
C VAL A 51 0.81 -0.72 -12.93
N GLU A 52 0.61 -2.02 -12.73
CA GLU A 52 -0.42 -2.76 -13.45
C GLU A 52 -1.62 -3.04 -12.57
N LYS A 53 -1.38 -3.77 -11.49
CA LYS A 53 -2.42 -4.10 -10.54
C LYS A 53 -1.86 -4.02 -9.14
N VAL A 54 -2.71 -4.24 -8.14
CA VAL A 54 -2.32 -4.09 -6.75
C VAL A 54 -3.06 -5.11 -5.90
N VAL A 55 -2.48 -5.47 -4.76
CA VAL A 55 -3.09 -6.44 -3.87
C VAL A 55 -2.84 -6.08 -2.41
N PHE A 56 -3.81 -6.37 -1.57
CA PHE A 56 -3.71 -6.15 -0.14
C PHE A 56 -3.95 -7.45 0.59
N HIS A 57 -3.06 -7.81 1.51
CA HIS A 57 -3.24 -9.01 2.30
C HIS A 57 -3.64 -8.62 3.72
N LEU A 58 -4.91 -8.38 3.94
CA LEU A 58 -5.39 -8.05 5.28
C LEU A 58 -5.31 -9.30 6.15
N HIS A 59 -5.77 -9.22 7.38
CA HIS A 59 -5.71 -10.39 8.26
C HIS A 59 -6.80 -11.38 7.89
N GLU A 60 -6.52 -12.64 8.14
CA GLU A 60 -7.41 -13.74 7.80
C GLU A 60 -8.71 -13.66 8.56
N SER A 61 -8.70 -12.92 9.65
CA SER A 61 -9.91 -12.63 10.42
C SER A 61 -10.88 -11.78 9.58
N PHE A 62 -10.34 -11.15 8.54
CA PHE A 62 -11.12 -10.36 7.60
C PHE A 62 -11.57 -11.24 6.45
N PRO A 63 -12.85 -11.14 6.05
CA PRO A 63 -13.39 -11.89 4.92
C PRO A 63 -12.71 -11.48 3.61
N ARG A 64 -12.14 -12.45 2.92
CA ARG A 64 -11.35 -12.21 1.70
C ARG A 64 -10.29 -11.16 1.97
N PRO A 65 -9.24 -11.49 2.70
CA PRO A 65 -8.24 -10.51 3.13
C PRO A 65 -7.43 -9.94 1.97
N LYS A 66 -7.38 -10.68 0.88
CA LYS A 66 -6.67 -10.27 -0.30
C LYS A 66 -7.59 -9.45 -1.21
N ARG A 67 -7.38 -8.16 -1.22
CA ARG A 67 -8.13 -7.27 -2.08
C ARG A 67 -7.25 -6.83 -3.23
N VAL A 68 -7.72 -7.02 -4.45
CA VAL A 68 -6.93 -6.66 -5.61
C VAL A 68 -7.48 -5.38 -6.23
N CYS A 69 -6.58 -4.53 -6.71
CA CYS A 69 -6.99 -3.30 -7.36
C CYS A 69 -6.33 -3.20 -8.73
N LYS A 70 -7.14 -3.31 -9.77
CA LYS A 70 -6.66 -3.24 -11.15
C LYS A 70 -7.06 -1.90 -11.75
N ASP A 71 -7.59 -1.03 -10.90
CA ASP A 71 -8.18 0.23 -11.31
C ASP A 71 -7.31 1.38 -10.84
N PRO A 72 -7.67 2.65 -11.16
CA PRO A 72 -7.13 3.85 -10.49
C PRO A 72 -7.09 3.73 -8.94
N PRO A 73 -6.85 4.85 -8.17
CA PRO A 73 -6.43 4.82 -6.76
C PRO A 73 -6.68 3.50 -6.03
N TYR A 74 -5.58 2.83 -5.74
CA TYR A 74 -5.59 1.49 -5.20
C TYR A 74 -5.73 1.55 -3.68
N LYS A 75 -6.76 0.90 -3.17
CA LYS A 75 -7.14 1.07 -1.77
C LYS A 75 -7.97 -0.09 -1.27
N VAL A 76 -8.15 -0.12 0.04
CA VAL A 76 -8.99 -1.09 0.71
C VAL A 76 -9.75 -0.43 1.86
N GLU A 77 -11.04 -0.67 1.94
CA GLU A 77 -11.85 -0.17 3.04
C GLU A 77 -12.46 -1.32 3.80
N GLU A 78 -12.13 -1.41 5.06
CA GLU A 78 -12.60 -2.52 5.88
C GLU A 78 -12.86 -2.07 7.31
N SER A 79 -13.32 -3.01 8.12
CA SER A 79 -13.64 -2.74 9.51
C SER A 79 -13.23 -3.93 10.37
N GLY A 80 -12.76 -3.62 11.58
CA GLY A 80 -12.25 -4.63 12.49
C GLY A 80 -12.15 -4.08 13.89
N TYR A 81 -11.22 -4.58 14.70
CA TYR A 81 -11.06 -4.06 16.05
C TYR A 81 -9.61 -4.14 16.53
N ALA A 82 -8.67 -4.21 15.60
CA ALA A 82 -7.25 -4.26 15.96
C ALA A 82 -6.39 -3.84 14.78
N GLY A 83 -5.15 -3.47 15.09
CA GLY A 83 -4.19 -3.14 14.06
C GLY A 83 -3.24 -4.27 13.79
N PHE A 84 -2.39 -4.12 12.79
CA PHE A 84 -1.49 -5.18 12.34
C PHE A 84 -0.67 -4.73 11.14
N ILE A 85 0.48 -5.36 10.92
CA ILE A 85 1.24 -5.15 9.70
C ILE A 85 0.48 -5.72 8.52
N LEU A 86 0.25 -4.87 7.52
CA LEU A 86 -0.47 -5.30 6.34
C LEU A 86 0.48 -5.33 5.15
N PRO A 87 0.82 -6.55 4.69
CA PRO A 87 1.70 -6.73 3.55
C PRO A 87 0.99 -6.34 2.25
N ILE A 88 1.33 -5.18 1.74
CA ILE A 88 0.71 -4.65 0.54
C ILE A 88 1.61 -4.89 -0.66
N GLU A 89 1.00 -5.21 -1.80
CA GLU A 89 1.76 -5.44 -3.01
C GLU A 89 1.32 -4.52 -4.13
N VAL A 90 2.28 -3.95 -4.81
CA VAL A 90 2.01 -3.20 -6.02
C VAL A 90 2.65 -3.92 -7.19
N TYR A 91 1.83 -4.28 -8.18
CA TYR A 91 2.33 -4.98 -9.35
C TYR A 91 2.84 -3.97 -10.38
N PHE A 92 3.99 -4.26 -10.91
CA PHE A 92 4.65 -3.39 -11.86
C PHE A 92 4.49 -3.94 -13.28
N LYS A 93 4.65 -3.09 -14.30
CA LYS A 93 4.58 -3.54 -15.69
C LYS A 93 5.99 -3.69 -16.25
N ASN A 94 6.54 -4.88 -16.17
CA ASN A 94 7.88 -5.14 -16.69
C ASN A 94 8.06 -6.62 -17.02
N LYS A 95 8.96 -6.89 -17.96
CA LYS A 95 9.37 -8.26 -18.29
C LYS A 95 10.76 -8.49 -17.69
N GLU A 96 11.27 -7.43 -17.10
CA GLU A 96 12.58 -7.39 -16.48
C GLU A 96 12.44 -7.54 -14.97
N GLU A 97 13.35 -6.91 -14.22
CA GLU A 97 13.38 -6.90 -12.74
C GLU A 97 11.99 -7.02 -12.07
N PRO A 98 11.95 -7.41 -10.77
CA PRO A 98 10.73 -7.81 -10.06
C PRO A 98 9.47 -7.05 -10.46
N ARG A 99 8.42 -7.81 -10.79
CA ARG A 99 7.17 -7.26 -11.28
C ARG A 99 6.24 -6.93 -10.14
N LYS A 100 6.78 -6.96 -8.94
CA LYS A 100 6.01 -6.66 -7.75
C LYS A 100 6.89 -6.06 -6.67
N VAL A 101 6.28 -5.22 -5.86
CA VAL A 101 6.94 -4.69 -4.68
C VAL A 101 6.01 -4.89 -3.48
N ARG A 102 6.58 -5.28 -2.35
CA ARG A 102 5.77 -5.57 -1.17
C ARG A 102 6.08 -4.60 -0.06
N PHE A 103 5.11 -3.80 0.29
CA PHE A 103 5.26 -2.80 1.34
C PHE A 103 4.53 -3.26 2.60
N ASP A 104 5.29 -3.55 3.64
CA ASP A 104 4.71 -3.95 4.91
C ASP A 104 4.31 -2.73 5.70
N TYR A 105 3.10 -2.25 5.45
CA TYR A 105 2.62 -1.03 6.07
C TYR A 105 1.95 -1.32 7.41
N ASP A 106 2.31 -0.56 8.42
CA ASP A 106 1.77 -0.76 9.76
C ASP A 106 0.39 -0.14 9.88
N LEU A 107 -0.63 -0.98 9.97
CA LEU A 107 -1.99 -0.52 10.13
C LEU A 107 -2.28 -0.22 11.60
N PHE A 108 -2.11 1.04 11.99
CA PHE A 108 -2.41 1.42 13.37
C PHE A 108 -3.78 2.09 13.45
N LEU A 109 -4.53 1.78 14.49
CA LEU A 109 -5.83 2.39 14.71
C LEU A 109 -5.78 3.13 16.05
N HIS A 110 -6.61 4.15 16.22
CA HIS A 110 -6.56 4.96 17.45
C HIS A 110 -7.66 4.54 18.42
N LEU A 111 -7.49 4.88 19.69
CA LEU A 111 -8.40 4.47 20.76
C LEU A 111 -9.81 5.03 20.57
N GLU A 112 -10.78 4.22 20.99
CA GLU A 112 -12.20 4.53 20.87
C GLU A 112 -12.53 5.84 21.58
N GLY A 113 -13.27 6.69 20.92
CA GLY A 113 -13.64 7.97 21.50
C GLY A 113 -13.00 9.13 20.78
N HIS A 114 -11.71 9.01 20.49
CA HIS A 114 -10.99 10.07 19.80
C HIS A 114 -9.98 9.48 18.83
N PRO A 115 -10.42 8.99 17.67
CA PRO A 115 -9.51 8.49 16.66
C PRO A 115 -9.30 9.44 15.49
N PRO A 116 -8.15 10.14 15.46
CA PRO A 116 -7.66 10.81 14.28
C PRO A 116 -6.55 10.01 13.59
N VAL A 117 -6.88 9.22 12.58
CA VAL A 117 -5.84 8.50 11.86
C VAL A 117 -5.86 8.82 10.38
N ASN A 118 -4.81 9.48 9.93
CA ASN A 118 -4.60 9.74 8.51
C ASN A 118 -3.12 9.72 8.22
N HIS A 119 -2.61 8.61 7.70
CA HIS A 119 -1.18 8.47 7.49
C HIS A 119 -0.85 8.09 6.06
N LEU A 120 0.13 8.78 5.51
CA LEU A 120 0.63 8.50 4.16
C LEU A 120 2.15 8.64 4.14
N ARG A 121 2.82 7.63 3.62
CA ARG A 121 4.28 7.62 3.54
C ARG A 121 4.72 7.19 2.14
N CYS A 122 5.87 7.66 1.71
CA CYS A 122 6.30 7.47 0.35
C CYS A 122 7.54 6.60 0.25
N GLU A 123 7.46 5.58 -0.60
CA GLU A 123 8.58 4.68 -0.85
C GLU A 123 9.26 5.03 -2.17
N LYS A 124 10.49 4.61 -2.33
CA LYS A 124 11.29 4.94 -3.49
C LYS A 124 11.86 3.69 -4.13
N LEU A 125 11.64 3.55 -5.44
CA LEU A 125 12.22 2.43 -6.17
C LEU A 125 13.10 2.96 -7.31
N THR A 126 14.41 2.89 -7.13
CA THR A 126 15.33 3.36 -8.14
C THR A 126 15.79 2.20 -9.03
N PHE A 127 15.53 2.33 -10.31
CA PHE A 127 15.92 1.30 -11.27
C PHE A 127 17.10 1.77 -12.09
N ASN A 128 18.26 1.20 -11.79
CA ASN A 128 19.50 1.55 -12.48
C ASN A 128 19.55 0.93 -13.86
N ASN A 129 19.62 1.80 -14.87
CA ASN A 129 19.75 1.39 -16.27
C ASN A 129 18.67 0.40 -16.70
N PRO A 130 17.41 0.84 -16.75
CA PRO A 130 16.29 0.01 -17.16
C PRO A 130 16.08 0.02 -18.67
N THR A 131 15.49 -1.05 -19.19
CA THR A 131 15.22 -1.15 -20.63
C THR A 131 14.24 -0.05 -21.06
N GLU A 132 14.21 0.26 -22.35
CA GLU A 132 13.45 1.40 -22.85
C GLU A 132 11.99 1.32 -22.42
N ASP A 133 11.37 0.15 -22.60
CA ASP A 133 9.96 -0.05 -22.23
C ASP A 133 9.70 0.39 -20.79
N PHE A 134 10.62 0.04 -19.91
CA PHE A 134 10.48 0.36 -18.50
C PHE A 134 10.72 1.84 -18.28
N ARG A 135 11.89 2.30 -18.71
CA ARG A 135 12.25 3.71 -18.69
C ARG A 135 11.11 4.58 -19.20
N ARG A 136 10.60 4.20 -20.36
CA ARG A 136 9.54 4.90 -21.06
C ARG A 136 8.31 5.10 -20.16
N LYS A 137 7.88 4.03 -19.48
CA LYS A 137 6.72 4.11 -18.60
C LYS A 137 7.03 4.91 -17.34
N LEU A 138 8.20 4.64 -16.76
CA LEU A 138 8.66 5.35 -15.56
C LEU A 138 8.68 6.86 -15.78
N LEU A 139 9.00 7.27 -17.01
CA LEU A 139 9.07 8.68 -17.38
C LEU A 139 7.68 9.29 -17.51
N LYS A 140 6.75 8.53 -18.07
CA LYS A 140 5.38 8.99 -18.27
C LYS A 140 4.65 9.21 -16.97
N ALA A 141 5.09 8.47 -15.94
CA ALA A 141 4.48 8.50 -14.61
C ALA A 141 4.24 9.92 -14.12
N GLY B 1 0.76 7.76 23.02
CA GLY B 1 0.31 7.06 21.80
C GLY B 1 -0.92 6.21 22.05
N GLY B 2 -2.08 6.75 21.72
CA GLY B 2 -3.33 6.03 21.92
C GLY B 2 -3.61 5.05 20.80
N LYS B 3 -2.74 4.06 20.66
CA LYS B 3 -2.89 3.05 19.62
C LYS B 3 -3.78 1.92 20.11
N ALA B 4 -4.75 1.56 19.27
CA ALA B 4 -5.70 0.52 19.59
C ALA B 4 -5.02 -0.85 19.64
N PRO B 5 -5.69 -1.87 20.19
CA PRO B 5 -5.14 -3.24 20.29
C PRO B 5 -4.65 -3.79 18.96
N ARG B 6 -3.86 -4.86 19.04
CA ARG B 6 -3.28 -5.46 17.85
C ARG B 6 -3.32 -6.98 17.93
N GLN B 8 -2.05 -10.47 17.52
CA GLN B 8 -0.79 -11.18 17.44
C GLN B 8 -1.03 -12.69 17.41
N LEU B 9 -2.07 -13.08 16.69
CA LEU B 9 -2.37 -14.48 16.49
C LEU B 9 -1.48 -15.05 15.39
N ALA B 10 -1.00 -14.14 14.54
CA ALA B 10 -0.10 -14.51 13.45
C ALA B 10 1.35 -14.33 13.90
N THR B 11 2.27 -14.73 13.06
CA THR B 11 3.69 -14.61 13.36
C THR B 11 4.38 -13.80 12.28
N LYS B 12 5.28 -12.92 12.70
CA LYS B 12 6.05 -12.11 11.76
C LYS B 12 7.38 -12.80 11.44
N ALA B 13 7.58 -13.98 12.04
CA ALA B 13 8.77 -14.76 11.79
C ALA B 13 8.44 -15.98 10.94
N GLY A 1 25.93 -3.05 -29.77
CA GLY A 1 25.96 -2.05 -30.86
C GLY A 1 26.30 -0.66 -30.36
N SER A 2 25.68 0.34 -30.98
CA SER A 2 25.94 1.73 -30.64
C SER A 2 25.09 2.16 -29.45
N HIS A 3 24.11 1.34 -29.10
CA HIS A 3 23.22 1.64 -28.00
C HIS A 3 23.91 1.37 -26.66
N MET A 4 24.83 2.25 -26.31
CA MET A 4 25.56 2.15 -25.06
C MET A 4 25.53 3.50 -24.35
N ALA A 5 24.38 3.85 -23.81
CA ALA A 5 24.17 5.15 -23.21
C ALA A 5 24.66 5.18 -21.76
N SER A 6 24.41 6.31 -21.11
CA SER A 6 24.80 6.50 -19.72
C SER A 6 23.76 5.83 -18.81
N SER A 7 24.25 5.23 -17.72
CA SER A 7 23.38 4.53 -16.79
C SER A 7 22.53 5.51 -16.00
N CYS A 8 21.23 5.51 -16.29
CA CYS A 8 20.31 6.40 -15.60
C CYS A 8 19.40 5.60 -14.68
N ALA A 9 19.48 5.87 -13.39
CA ALA A 9 18.61 5.22 -12.43
C ALA A 9 17.29 5.96 -12.34
N VAL A 10 16.21 5.29 -12.72
CA VAL A 10 14.89 5.89 -12.69
C VAL A 10 14.16 5.47 -11.42
N GLN A 11 13.69 6.46 -10.68
CA GLN A 11 13.01 6.18 -9.42
C GLN A 11 11.53 6.52 -9.54
N VAL A 12 10.70 5.54 -9.24
CA VAL A 12 9.27 5.76 -9.19
C VAL A 12 8.81 5.78 -7.75
N LYS A 13 7.89 6.67 -7.44
CA LYS A 13 7.41 6.82 -6.08
C LYS A 13 6.00 6.30 -5.93
N LEU A 14 5.85 5.38 -4.99
CA LEU A 14 4.56 4.85 -4.62
C LEU A 14 4.22 5.30 -3.21
N GLU A 15 2.97 5.58 -2.98
CA GLU A 15 2.54 6.15 -1.72
C GLU A 15 1.67 5.15 -0.96
N LEU A 16 2.08 4.87 0.28
CA LEU A 16 1.28 4.03 1.18
C LEU A 16 0.43 4.95 2.02
N GLY A 17 -0.76 4.52 2.32
CA GLY A 17 -1.62 5.33 3.15
C GLY A 17 -2.62 4.51 3.90
N HIS A 18 -3.24 5.13 4.87
CA HIS A 18 -4.31 4.51 5.63
C HIS A 18 -4.90 5.51 6.61
N ARG A 19 -6.21 5.45 6.75
CA ARG A 19 -6.92 6.25 7.73
C ARG A 19 -7.64 5.32 8.68
N ALA A 20 -7.97 5.80 9.85
CA ALA A 20 -8.73 4.99 10.80
C ALA A 20 -9.69 5.84 11.61
N GLN A 21 -10.89 5.31 11.78
CA GLN A 21 -11.92 5.92 12.61
C GLN A 21 -12.63 4.81 13.37
N VAL A 22 -13.20 5.15 14.52
CA VAL A 22 -13.98 4.19 15.28
C VAL A 22 -15.46 4.46 15.12
N ARG A 23 -16.25 3.42 15.11
CA ARG A 23 -17.69 3.56 15.20
C ARG A 23 -18.09 3.23 16.64
N LYS A 24 -18.75 4.18 17.29
CA LYS A 24 -19.08 4.06 18.71
C LYS A 24 -19.97 2.86 18.97
N LYS A 25 -20.51 2.29 17.90
CA LYS A 25 -21.31 1.08 18.01
C LYS A 25 -20.76 0.03 17.04
N PRO A 26 -20.17 -1.06 17.58
CA PRO A 26 -19.64 -2.16 16.76
C PRO A 26 -20.74 -2.82 15.94
N THR A 27 -20.33 -3.51 14.89
CA THR A 27 -21.27 -4.19 14.02
C THR A 27 -21.67 -5.53 14.62
N VAL A 28 -22.50 -6.28 13.90
CA VAL A 28 -22.99 -7.58 14.36
C VAL A 28 -21.85 -8.48 14.86
N GLU A 29 -20.74 -8.50 14.14
CA GLU A 29 -19.64 -9.38 14.47
C GLU A 29 -18.69 -8.73 15.50
N GLY A 30 -19.03 -7.51 15.91
CA GLY A 30 -18.29 -6.87 16.99
C GLY A 30 -17.06 -6.12 16.52
N PHE A 31 -17.13 -5.57 15.32
CA PHE A 31 -16.01 -4.81 14.79
C PHE A 31 -16.18 -3.33 15.16
N THR A 32 -15.17 -2.79 15.83
CA THR A 32 -15.24 -1.44 16.40
C THR A 32 -14.56 -0.39 15.52
N HIS A 33 -13.47 -0.79 14.87
CA HIS A 33 -12.62 0.15 14.15
C HIS A 33 -12.69 -0.04 12.64
N ASP A 34 -12.84 1.06 11.92
CA ASP A 34 -12.87 1.03 10.46
C ASP A 34 -11.66 1.76 9.92
N TRP A 35 -11.06 1.22 8.87
CA TRP A 35 -9.89 1.82 8.28
C TRP A 35 -9.90 1.70 6.76
N MET A 36 -9.02 2.45 6.13
CA MET A 36 -8.89 2.48 4.69
C MET A 36 -7.43 2.68 4.30
N VAL A 37 -6.91 1.81 3.45
CA VAL A 37 -5.52 1.89 3.02
C VAL A 37 -5.38 2.49 1.63
N PHE A 38 -4.17 2.97 1.34
CA PHE A 38 -3.82 3.64 0.09
C PHE A 38 -2.57 3.04 -0.53
N VAL A 39 -2.63 2.74 -1.82
CA VAL A 39 -1.42 2.54 -2.63
C VAL A 39 -1.61 3.22 -3.98
N ARG A 40 -0.83 4.27 -4.20
CA ARG A 40 -0.97 5.09 -5.41
C ARG A 40 0.32 5.88 -5.63
N GLY A 41 0.30 6.76 -6.61
CA GLY A 41 1.42 7.64 -6.82
C GLY A 41 1.12 9.04 -6.35
N PRO A 42 2.16 9.82 -5.98
CA PRO A 42 2.00 11.21 -5.52
C PRO A 42 1.26 12.09 -6.52
N GLU A 43 0.86 13.26 -6.06
CA GLU A 43 0.19 14.23 -6.90
C GLU A 43 1.02 14.52 -8.14
N HIS A 44 0.42 14.28 -9.30
CA HIS A 44 0.97 14.60 -10.64
C HIS A 44 1.77 13.43 -11.20
N SER A 45 2.19 12.52 -10.32
CA SER A 45 2.86 11.30 -10.76
C SER A 45 1.85 10.15 -10.81
N ASN A 46 1.56 9.66 -12.00
CA ASN A 46 0.60 8.57 -12.14
C ASN A 46 1.32 7.25 -12.18
N ILE A 47 0.90 6.33 -11.32
CA ILE A 47 1.57 5.03 -11.27
C ILE A 47 1.01 4.10 -12.32
N GLN A 48 -0.19 4.41 -12.80
CA GLN A 48 -0.90 3.56 -13.73
C GLN A 48 -0.13 3.43 -15.05
N HIS A 49 0.93 4.22 -15.15
CA HIS A 49 1.84 4.18 -16.28
C HIS A 49 2.83 3.03 -16.12
N PHE A 50 3.31 2.81 -14.90
CA PHE A 50 4.30 1.77 -14.66
C PHE A 50 3.76 0.67 -13.75
N VAL A 51 2.51 0.83 -13.33
CA VAL A 51 1.85 -0.09 -12.42
C VAL A 51 0.58 -0.65 -13.05
N GLU A 52 0.41 -1.95 -12.94
CA GLU A 52 -0.66 -2.66 -13.64
C GLU A 52 -1.83 -2.95 -12.71
N LYS A 53 -1.54 -3.65 -11.63
CA LYS A 53 -2.57 -3.99 -10.66
C LYS A 53 -2.01 -3.90 -9.25
N VAL A 54 -2.85 -4.14 -8.26
CA VAL A 54 -2.48 -3.98 -6.87
C VAL A 54 -3.19 -5.01 -5.99
N VAL A 55 -2.59 -5.37 -4.87
CA VAL A 55 -3.17 -6.37 -4.00
C VAL A 55 -2.90 -6.02 -2.53
N PHE A 56 -3.83 -6.40 -1.67
CA PHE A 56 -3.70 -6.21 -0.24
C PHE A 56 -3.94 -7.54 0.45
N HIS A 57 -3.02 -7.97 1.30
CA HIS A 57 -3.24 -9.18 2.09
C HIS A 57 -3.54 -8.76 3.52
N LEU A 58 -4.82 -8.53 3.80
CA LEU A 58 -5.23 -8.14 5.15
C LEU A 58 -5.04 -9.31 6.12
N HIS A 59 -5.42 -9.12 7.36
CA HIS A 59 -5.27 -10.17 8.36
C HIS A 59 -6.32 -11.26 8.12
N GLU A 60 -5.92 -12.49 8.41
CA GLU A 60 -6.68 -13.70 8.11
C GLU A 60 -8.10 -13.64 8.66
N SER A 61 -8.30 -12.89 9.73
CA SER A 61 -9.60 -12.74 10.35
C SER A 61 -10.56 -11.94 9.47
N PHE A 62 -9.99 -11.26 8.48
CA PHE A 62 -10.77 -10.48 7.53
C PHE A 62 -11.23 -11.37 6.38
N PRO A 63 -12.54 -11.37 6.08
CA PRO A 63 -13.11 -12.21 5.02
C PRO A 63 -12.56 -11.83 3.65
N ARG A 64 -11.91 -12.79 2.99
CA ARG A 64 -11.25 -12.55 1.71
C ARG A 64 -10.26 -11.40 1.87
N PRO A 65 -9.16 -11.61 2.61
CA PRO A 65 -8.25 -10.55 3.00
C PRO A 65 -7.45 -10.00 1.82
N LYS A 66 -7.34 -10.78 0.77
CA LYS A 66 -6.65 -10.36 -0.42
C LYS A 66 -7.57 -9.52 -1.31
N ARG A 67 -7.39 -8.22 -1.23
CA ARG A 67 -8.22 -7.28 -1.98
C ARG A 67 -7.43 -6.76 -3.16
N VAL A 68 -7.81 -7.12 -4.37
CA VAL A 68 -7.08 -6.70 -5.55
C VAL A 68 -7.70 -5.45 -6.16
N CYS A 69 -6.85 -4.54 -6.62
CA CYS A 69 -7.31 -3.30 -7.24
C CYS A 69 -6.62 -3.14 -8.59
N LYS A 70 -7.41 -3.13 -9.67
CA LYS A 70 -6.85 -3.04 -11.02
C LYS A 70 -7.11 -1.67 -11.64
N ASP A 71 -7.85 -0.84 -10.93
CA ASP A 71 -8.37 0.41 -11.49
C ASP A 71 -7.72 1.60 -10.75
N PRO A 72 -8.17 2.88 -10.98
CA PRO A 72 -7.65 4.07 -10.24
C PRO A 72 -7.60 3.88 -8.70
N PRO A 73 -7.28 4.96 -7.90
CA PRO A 73 -6.77 4.86 -6.53
C PRO A 73 -7.00 3.53 -5.84
N TYR A 74 -5.90 2.84 -5.64
CA TYR A 74 -5.88 1.49 -5.10
C TYR A 74 -5.96 1.55 -3.58
N LYS A 75 -6.96 0.91 -3.03
CA LYS A 75 -7.26 1.06 -1.62
C LYS A 75 -8.05 -0.13 -1.11
N VAL A 76 -8.18 -0.17 0.20
CA VAL A 76 -8.98 -1.18 0.88
C VAL A 76 -9.73 -0.54 2.04
N GLU A 77 -11.03 -0.78 2.11
CA GLU A 77 -11.83 -0.31 3.21
C GLU A 77 -12.37 -1.48 3.99
N GLU A 78 -12.00 -1.56 5.25
CA GLU A 78 -12.40 -2.67 6.08
C GLU A 78 -12.68 -2.24 7.51
N SER A 79 -13.10 -3.20 8.31
CA SER A 79 -13.46 -2.95 9.70
C SER A 79 -13.02 -4.12 10.57
N GLY A 80 -12.73 -3.83 11.82
CA GLY A 80 -12.20 -4.81 12.75
C GLY A 80 -12.07 -4.23 14.13
N TYR A 81 -11.13 -4.72 14.93
CA TYR A 81 -10.96 -4.19 16.28
C TYR A 81 -9.48 -4.15 16.71
N ALA A 82 -8.57 -4.27 15.77
CA ALA A 82 -7.15 -4.22 16.08
C ALA A 82 -6.32 -3.87 14.85
N GLY A 83 -5.08 -3.43 15.08
CA GLY A 83 -4.19 -3.13 14.00
C GLY A 83 -3.21 -4.28 13.76
N PHE A 84 -2.37 -4.13 12.74
CA PHE A 84 -1.43 -5.18 12.34
C PHE A 84 -0.59 -4.72 11.16
N ILE A 85 0.57 -5.33 10.96
CA ILE A 85 1.34 -5.11 9.74
C ILE A 85 0.56 -5.65 8.55
N LEU A 86 0.36 -4.82 7.54
CA LEU A 86 -0.37 -5.25 6.37
C LEU A 86 0.56 -5.26 5.17
N PRO A 87 0.97 -6.46 4.75
CA PRO A 87 1.75 -6.67 3.53
C PRO A 87 0.99 -6.26 2.28
N ILE A 88 1.30 -5.07 1.77
CA ILE A 88 0.66 -4.57 0.56
C ILE A 88 1.56 -4.81 -0.64
N GLU A 89 0.96 -5.05 -1.79
CA GLU A 89 1.73 -5.32 -2.99
C GLU A 89 1.23 -4.48 -4.15
N VAL A 90 2.17 -3.87 -4.86
CA VAL A 90 1.84 -3.16 -6.09
C VAL A 90 2.47 -3.88 -7.26
N TYR A 91 1.67 -4.16 -8.28
CA TYR A 91 2.19 -4.85 -9.45
C TYR A 91 2.74 -3.88 -10.47
N PHE A 92 3.92 -4.20 -10.95
CA PHE A 92 4.62 -3.35 -11.88
C PHE A 92 4.51 -3.94 -13.29
N LYS A 93 4.71 -3.10 -14.30
CA LYS A 93 4.70 -3.57 -15.68
C LYS A 93 6.13 -3.78 -16.18
N ASN A 94 6.63 -5.00 -16.06
CA ASN A 94 8.02 -5.29 -16.44
C ASN A 94 8.11 -6.58 -17.24
N LYS A 95 9.17 -6.68 -18.03
CA LYS A 95 9.56 -7.93 -18.68
C LYS A 95 10.90 -8.38 -18.09
N GLU A 96 11.40 -7.53 -17.21
CA GLU A 96 12.70 -7.71 -16.57
C GLU A 96 12.51 -7.69 -15.05
N GLU A 97 13.53 -7.21 -14.32
CA GLU A 97 13.53 -7.08 -12.85
C GLU A 97 12.15 -6.71 -12.24
N PRO A 98 12.01 -6.78 -10.88
CA PRO A 98 10.71 -6.97 -10.19
C PRO A 98 9.49 -6.38 -10.85
N ARG A 99 8.49 -7.23 -10.98
CA ARG A 99 7.18 -6.83 -11.47
C ARG A 99 6.23 -6.67 -10.31
N LYS A 100 6.79 -6.68 -9.11
CA LYS A 100 5.99 -6.52 -7.91
C LYS A 100 6.83 -6.04 -6.74
N VAL A 101 6.25 -5.14 -5.97
CA VAL A 101 6.89 -4.60 -4.79
C VAL A 101 6.00 -4.84 -3.56
N ARG A 102 6.61 -5.09 -2.42
CA ARG A 102 5.87 -5.31 -1.20
C ARG A 102 6.12 -4.18 -0.23
N PHE A 103 5.06 -3.59 0.25
CA PHE A 103 5.17 -2.57 1.27
C PHE A 103 4.48 -3.06 2.54
N ASP A 104 5.29 -3.48 3.51
CA ASP A 104 4.77 -3.95 4.79
C ASP A 104 4.37 -2.75 5.63
N TYR A 105 3.16 -2.29 5.43
CA TYR A 105 2.71 -1.07 6.04
C TYR A 105 2.07 -1.35 7.39
N ASP A 106 2.46 -0.57 8.40
CA ASP A 106 1.93 -0.74 9.74
C ASP A 106 0.56 -0.12 9.85
N LEU A 107 -0.47 -0.95 9.92
CA LEU A 107 -1.83 -0.48 10.10
C LEU A 107 -2.07 -0.15 11.56
N PHE A 108 -2.10 1.13 11.88
CA PHE A 108 -2.30 1.58 13.24
C PHE A 108 -3.66 2.23 13.42
N LEU A 109 -4.41 1.79 14.40
CA LEU A 109 -5.69 2.40 14.72
C LEU A 109 -5.53 3.13 16.05
N HIS A 110 -6.30 4.18 16.28
CA HIS A 110 -6.22 4.88 17.56
C HIS A 110 -7.37 4.46 18.48
N LEU A 111 -7.24 4.81 19.75
CA LEU A 111 -8.17 4.35 20.79
C LEU A 111 -9.63 4.64 20.48
N GLU A 112 -10.47 3.66 20.78
CA GLU A 112 -11.91 3.75 20.61
C GLU A 112 -12.47 4.99 21.31
N GLY A 113 -13.15 5.82 20.54
CA GLY A 113 -13.70 7.03 21.07
C GLY A 113 -13.17 8.26 20.36
N HIS A 114 -11.85 8.34 20.23
CA HIS A 114 -11.23 9.47 19.54
C HIS A 114 -10.00 9.03 18.76
N PRO A 115 -10.18 8.37 17.61
CA PRO A 115 -9.10 8.04 16.73
C PRO A 115 -9.04 8.94 15.49
N PRO A 116 -8.05 9.83 15.43
CA PRO A 116 -7.75 10.60 14.25
C PRO A 116 -6.60 9.97 13.46
N VAL A 117 -6.90 9.19 12.44
CA VAL A 117 -5.85 8.57 11.66
C VAL A 117 -5.94 8.94 10.18
N ASN A 118 -4.93 9.65 9.70
CA ASN A 118 -4.78 9.95 8.28
C ASN A 118 -3.29 10.00 7.93
N HIS A 119 -2.75 8.93 7.37
CA HIS A 119 -1.31 8.90 7.09
C HIS A 119 -1.02 8.46 5.66
N LEU A 120 -0.09 9.17 5.04
CA LEU A 120 0.42 8.85 3.70
C LEU A 120 1.92 9.10 3.66
N ARG A 121 2.62 8.39 2.78
CA ARG A 121 4.08 8.50 2.68
C ARG A 121 4.53 8.00 1.31
N CYS A 122 5.50 8.67 0.72
CA CYS A 122 6.00 8.30 -0.59
C CYS A 122 7.25 7.44 -0.49
N GLU A 123 7.18 6.26 -1.08
CA GLU A 123 8.30 5.33 -1.12
C GLU A 123 9.02 5.46 -2.45
N LYS A 124 10.23 4.96 -2.53
CA LYS A 124 11.07 5.18 -3.70
C LYS A 124 11.63 3.87 -4.23
N LEU A 125 11.51 3.68 -5.53
CA LEU A 125 12.06 2.50 -6.19
C LEU A 125 13.03 2.94 -7.30
N THR A 126 14.32 2.77 -7.07
CA THR A 126 15.34 3.16 -8.04
C THR A 126 15.76 1.96 -8.89
N PHE A 127 15.70 2.12 -10.20
CA PHE A 127 16.11 1.09 -11.12
C PHE A 127 17.26 1.58 -11.99
N ASN A 128 18.43 0.96 -11.85
CA ASN A 128 19.63 1.42 -12.52
C ASN A 128 19.62 1.05 -14.00
N ASN A 129 19.59 2.08 -14.85
CA ASN A 129 19.57 1.94 -16.30
C ASN A 129 18.59 0.86 -16.75
N PRO A 130 17.28 1.14 -16.71
CA PRO A 130 16.26 0.20 -17.12
C PRO A 130 16.09 0.17 -18.63
N THR A 131 15.59 -0.94 -19.15
CA THR A 131 15.37 -1.09 -20.58
C THR A 131 14.39 -0.03 -21.08
N GLU A 132 14.47 0.30 -22.36
CA GLU A 132 13.72 1.44 -22.91
C GLU A 132 12.24 1.38 -22.54
N ASP A 133 11.66 0.17 -22.60
CA ASP A 133 10.24 -0.03 -22.30
C ASP A 133 9.91 0.38 -20.87
N PHE A 134 10.63 -0.18 -19.90
CA PHE A 134 10.40 0.12 -18.50
C PHE A 134 10.73 1.59 -18.22
N ARG A 135 11.88 2.00 -18.73
CA ARG A 135 12.34 3.38 -18.67
C ARG A 135 11.24 4.35 -19.13
N ARG A 136 10.63 4.02 -20.26
CA ARG A 136 9.57 4.80 -20.86
C ARG A 136 8.44 5.05 -19.88
N LYS A 137 7.94 3.97 -19.31
CA LYS A 137 6.79 4.03 -18.42
C LYS A 137 7.11 4.87 -17.19
N LEU A 138 8.25 4.58 -16.60
CA LEU A 138 8.71 5.30 -15.41
C LEU A 138 8.82 6.80 -15.68
N LEU A 139 9.33 7.16 -16.86
CA LEU A 139 9.51 8.55 -17.25
C LEU A 139 8.17 9.23 -17.52
N LYS A 140 7.16 8.44 -17.89
CA LYS A 140 5.84 8.96 -18.18
C LYS A 140 5.04 9.23 -16.91
N ALA A 141 5.41 8.53 -15.84
CA ALA A 141 4.73 8.62 -14.56
C ALA A 141 4.51 10.07 -14.12
N GLY B 1 -1.09 4.94 25.92
CA GLY B 1 -0.80 5.16 24.49
C GLY B 1 -2.07 5.45 23.71
N GLY B 2 -1.91 6.04 22.53
CA GLY B 2 -3.06 6.38 21.72
C GLY B 2 -3.32 5.34 20.64
N LYS B 3 -2.42 4.38 20.52
CA LYS B 3 -2.55 3.33 19.53
C LYS B 3 -3.39 2.19 20.07
N ALA B 4 -4.38 1.78 19.28
CA ALA B 4 -5.31 0.74 19.67
C ALA B 4 -4.64 -0.64 19.70
N PRO B 5 -5.29 -1.64 20.31
CA PRO B 5 -4.78 -3.03 20.37
C PRO B 5 -4.41 -3.59 19.00
N ARG B 6 -3.75 -4.74 19.01
CA ARG B 6 -3.24 -5.33 17.79
C ARG B 6 -3.26 -6.86 17.86
N GLN B 8 -1.61 -10.50 16.68
CA GLN B 8 -0.25 -10.95 16.44
C GLN B 8 0.75 -9.90 16.91
N LEU B 9 0.88 -9.78 18.23
CA LEU B 9 1.81 -8.84 18.83
C LEU B 9 3.24 -9.18 18.41
N ALA B 10 4.07 -8.15 18.31
CA ALA B 10 5.44 -8.29 17.81
C ALA B 10 5.42 -8.68 16.33
N THR B 11 4.60 -7.98 15.56
CA THR B 11 4.53 -8.18 14.13
C THR B 11 5.63 -7.41 13.43
N LYS B 12 6.51 -8.12 12.75
CA LYS B 12 7.62 -7.50 12.05
C LYS B 12 7.87 -8.20 10.72
N ALA B 13 8.39 -7.45 9.75
CA ALA B 13 8.67 -8.00 8.44
C ALA B 13 10.12 -8.47 8.35
N GLY A 1 22.14 -4.86 -12.44
CA GLY A 1 22.80 -3.84 -13.28
C GLY A 1 24.31 -3.93 -13.19
N SER A 2 25.00 -3.35 -14.16
CA SER A 2 26.45 -3.35 -14.17
C SER A 2 27.00 -2.06 -13.59
N HIS A 3 26.31 -0.95 -13.87
CA HIS A 3 26.68 0.36 -13.31
C HIS A 3 28.16 0.66 -13.57
N MET A 4 28.49 0.96 -14.81
CA MET A 4 29.87 1.20 -15.20
C MET A 4 30.05 2.64 -15.68
N ALA A 5 29.72 2.87 -16.94
CA ALA A 5 29.85 4.20 -17.52
C ALA A 5 28.51 4.91 -17.58
N SER A 6 27.68 4.48 -18.51
CA SER A 6 26.38 5.10 -18.73
C SER A 6 25.31 4.40 -17.92
N SER A 7 25.11 4.85 -16.69
CA SER A 7 24.12 4.25 -15.82
C SER A 7 22.97 5.22 -15.53
N CYS A 8 21.79 4.87 -16.03
CA CYS A 8 20.62 5.68 -15.78
C CYS A 8 19.68 4.97 -14.81
N ALA A 9 19.44 5.59 -13.69
CA ALA A 9 18.56 5.02 -12.68
C ALA A 9 17.27 5.82 -12.60
N VAL A 10 16.17 5.17 -12.94
CA VAL A 10 14.87 5.83 -12.91
C VAL A 10 14.15 5.48 -11.62
N GLN A 11 13.62 6.50 -10.96
CA GLN A 11 13.02 6.32 -9.64
C GLN A 11 11.53 6.60 -9.70
N VAL A 12 10.73 5.62 -9.29
CA VAL A 12 9.31 5.81 -9.14
C VAL A 12 8.93 5.77 -7.67
N LYS A 13 8.02 6.64 -7.26
CA LYS A 13 7.60 6.69 -5.88
C LYS A 13 6.19 6.17 -5.71
N LEU A 14 6.04 5.22 -4.79
CA LEU A 14 4.74 4.71 -4.43
C LEU A 14 4.45 5.07 -2.99
N GLU A 15 3.23 5.46 -2.73
CA GLU A 15 2.85 6.01 -1.44
C GLU A 15 1.93 5.04 -0.70
N LEU A 16 2.31 4.73 0.54
CA LEU A 16 1.50 3.90 1.42
C LEU A 16 0.64 4.80 2.27
N GLY A 17 -0.57 4.37 2.53
CA GLY A 17 -1.46 5.18 3.32
C GLY A 17 -2.49 4.37 4.05
N HIS A 18 -3.14 5.00 5.00
CA HIS A 18 -4.26 4.40 5.70
C HIS A 18 -4.87 5.42 6.65
N ARG A 19 -6.19 5.33 6.79
CA ARG A 19 -6.90 6.14 7.76
C ARG A 19 -7.59 5.20 8.74
N ALA A 20 -8.09 5.74 9.83
CA ALA A 20 -8.84 4.94 10.79
C ALA A 20 -9.82 5.81 11.57
N GLN A 21 -11.03 5.28 11.73
CA GLN A 21 -12.07 5.94 12.51
C GLN A 21 -13.00 4.88 13.09
N VAL A 22 -13.54 5.13 14.27
CA VAL A 22 -14.37 4.15 14.94
C VAL A 22 -15.85 4.52 14.83
N ARG A 23 -16.68 3.52 14.63
CA ARG A 23 -18.12 3.71 14.64
C ARG A 23 -18.63 3.55 16.06
N LYS A 24 -19.70 4.28 16.37
CA LYS A 24 -20.26 4.32 17.71
C LYS A 24 -20.82 2.96 18.11
N LYS A 25 -21.07 2.13 17.11
CA LYS A 25 -21.61 0.80 17.33
C LYS A 25 -20.96 -0.19 16.37
N PRO A 26 -20.35 -1.27 16.91
CA PRO A 26 -19.75 -2.33 16.09
C PRO A 26 -20.75 -2.96 15.14
N THR A 27 -20.26 -3.69 14.16
CA THR A 27 -21.12 -4.39 13.23
C THR A 27 -21.58 -5.71 13.87
N VAL A 28 -22.42 -6.44 13.16
CA VAL A 28 -23.01 -7.68 13.67
C VAL A 28 -21.98 -8.62 14.33
N GLU A 29 -20.80 -8.71 13.74
CA GLU A 29 -19.78 -9.63 14.22
C GLU A 29 -18.80 -8.94 15.17
N GLY A 30 -19.12 -7.71 15.55
CA GLY A 30 -18.38 -7.01 16.58
C GLY A 30 -17.11 -6.33 16.09
N PHE A 31 -17.16 -5.86 14.86
CA PHE A 31 -16.04 -5.11 14.31
C PHE A 31 -16.29 -3.61 14.57
N THR A 32 -15.36 -2.98 15.29
CA THR A 32 -15.57 -1.63 15.81
C THR A 32 -14.86 -0.54 15.00
N HIS A 33 -13.68 -0.86 14.48
CA HIS A 33 -12.82 0.15 13.87
C HIS A 33 -12.79 0.00 12.35
N ASP A 34 -13.05 1.09 11.66
CA ASP A 34 -13.01 1.12 10.21
C ASP A 34 -11.73 1.79 9.75
N TRP A 35 -11.10 1.23 8.74
CA TRP A 35 -9.90 1.81 8.19
C TRP A 35 -9.88 1.67 6.69
N MET A 36 -8.96 2.40 6.07
CA MET A 36 -8.81 2.41 4.62
C MET A 36 -7.35 2.59 4.27
N VAL A 37 -6.81 1.69 3.45
CA VAL A 37 -5.42 1.74 3.06
C VAL A 37 -5.22 2.34 1.68
N PHE A 38 -4.04 2.90 1.49
CA PHE A 38 -3.67 3.62 0.28
C PHE A 38 -2.41 3.04 -0.35
N VAL A 39 -2.47 2.74 -1.65
CA VAL A 39 -1.28 2.56 -2.45
C VAL A 39 -1.44 3.30 -3.78
N ARG A 40 -0.58 4.29 -3.98
CA ARG A 40 -0.70 5.20 -5.12
C ARG A 40 0.65 5.84 -5.42
N GLY A 41 0.64 6.76 -6.36
CA GLY A 41 1.78 7.62 -6.57
C GLY A 41 1.49 9.00 -6.06
N PRO A 42 2.51 9.80 -5.75
CA PRO A 42 2.33 11.12 -5.17
C PRO A 42 1.83 12.13 -6.18
N GLU A 43 1.53 13.32 -5.69
CA GLU A 43 0.93 14.38 -6.48
C GLU A 43 1.63 14.58 -7.82
N HIS A 44 0.82 14.46 -8.89
CA HIS A 44 1.23 14.74 -10.27
C HIS A 44 1.95 13.55 -10.92
N SER A 45 2.41 12.60 -10.14
CA SER A 45 2.99 11.39 -10.68
C SER A 45 1.97 10.26 -10.67
N ASN A 46 1.57 9.81 -11.85
CA ASN A 46 0.60 8.73 -11.98
C ASN A 46 1.32 7.40 -12.09
N ILE A 47 0.93 6.46 -11.26
CA ILE A 47 1.57 5.16 -11.24
C ILE A 47 1.01 4.24 -12.29
N GLN A 48 -0.22 4.54 -12.74
CA GLN A 48 -0.90 3.71 -13.73
C GLN A 48 -0.07 3.58 -15.01
N HIS A 49 0.96 4.40 -15.10
CA HIS A 49 1.87 4.37 -16.24
C HIS A 49 2.88 3.23 -16.09
N PHE A 50 3.33 2.97 -14.86
CA PHE A 50 4.32 1.92 -14.62
C PHE A 50 3.75 0.81 -13.73
N VAL A 51 2.51 0.98 -13.30
CA VAL A 51 1.85 0.04 -12.40
C VAL A 51 0.62 -0.55 -13.06
N GLU A 52 0.43 -1.85 -12.86
CA GLU A 52 -0.63 -2.59 -13.53
C GLU A 52 -1.81 -2.82 -12.58
N LYS A 53 -1.58 -3.66 -11.57
CA LYS A 53 -2.62 -3.98 -10.60
C LYS A 53 -2.06 -3.87 -9.19
N VAL A 54 -2.90 -4.05 -8.20
CA VAL A 54 -2.51 -3.91 -6.82
C VAL A 54 -3.22 -4.96 -5.96
N VAL A 55 -2.60 -5.35 -4.86
CA VAL A 55 -3.15 -6.39 -4.00
C VAL A 55 -2.84 -6.08 -2.53
N PHE A 56 -3.77 -6.44 -1.67
CA PHE A 56 -3.62 -6.25 -0.24
C PHE A 56 -3.78 -7.58 0.47
N HIS A 57 -2.83 -7.92 1.32
CA HIS A 57 -2.94 -9.12 2.13
C HIS A 57 -3.26 -8.73 3.55
N LEU A 58 -4.55 -8.54 3.85
CA LEU A 58 -4.96 -8.18 5.20
C LEU A 58 -4.65 -9.34 6.16
N HIS A 59 -4.97 -9.17 7.43
CA HIS A 59 -4.65 -10.19 8.41
C HIS A 59 -5.60 -11.38 8.24
N GLU A 60 -5.07 -12.55 8.50
CA GLU A 60 -5.77 -13.82 8.33
C GLU A 60 -7.08 -13.88 9.11
N SER A 61 -7.20 -13.01 10.11
CA SER A 61 -8.43 -12.86 10.87
C SER A 61 -9.54 -12.28 10.00
N PHE A 62 -9.14 -11.64 8.89
CA PHE A 62 -10.09 -11.04 7.97
C PHE A 62 -10.49 -12.05 6.91
N PRO A 63 -11.79 -12.25 6.69
CA PRO A 63 -12.30 -13.14 5.64
C PRO A 63 -11.90 -12.66 4.25
N ARG A 64 -11.23 -13.53 3.49
CA ARG A 64 -10.69 -13.18 2.17
C ARG A 64 -9.87 -11.90 2.25
N PRO A 65 -8.70 -11.94 2.91
CA PRO A 65 -7.92 -10.75 3.19
C PRO A 65 -7.25 -10.15 1.96
N LYS A 66 -7.07 -10.96 0.93
CA LYS A 66 -6.44 -10.48 -0.28
C LYS A 66 -7.44 -9.72 -1.14
N ARG A 67 -7.28 -8.41 -1.16
CA ARG A 67 -8.12 -7.55 -1.97
C ARG A 67 -7.31 -7.02 -3.13
N VAL A 68 -7.88 -7.00 -4.32
CA VAL A 68 -7.13 -6.55 -5.48
C VAL A 68 -7.75 -5.25 -6.03
N CYS A 69 -6.88 -4.38 -6.51
CA CYS A 69 -7.31 -3.13 -7.13
C CYS A 69 -6.60 -2.97 -8.48
N LYS A 70 -7.36 -2.96 -9.56
CA LYS A 70 -6.79 -2.88 -10.90
C LYS A 70 -6.98 -1.49 -11.49
N ASP A 71 -7.65 -0.63 -10.74
CA ASP A 71 -8.04 0.68 -11.23
C ASP A 71 -7.32 1.78 -10.45
N PRO A 72 -7.45 3.05 -10.89
CA PRO A 72 -7.05 4.25 -10.11
C PRO A 72 -7.29 4.13 -8.58
N PRO A 73 -6.98 5.19 -7.78
CA PRO A 73 -6.57 5.10 -6.38
C PRO A 73 -6.88 3.77 -5.70
N TYR A 74 -5.80 3.06 -5.42
CA TYR A 74 -5.85 1.70 -4.91
C TYR A 74 -6.01 1.73 -3.40
N LYS A 75 -7.02 1.04 -2.90
CA LYS A 75 -7.36 1.13 -1.49
C LYS A 75 -8.14 -0.09 -1.03
N VAL A 76 -8.03 -0.36 0.25
CA VAL A 76 -8.85 -1.36 0.90
C VAL A 76 -9.61 -0.75 2.06
N GLU A 77 -10.92 -0.89 2.04
CA GLU A 77 -11.76 -0.38 3.10
C GLU A 77 -12.31 -1.54 3.91
N GLU A 78 -11.92 -1.60 5.17
CA GLU A 78 -12.34 -2.69 6.02
C GLU A 78 -12.73 -2.21 7.41
N SER A 79 -13.35 -3.11 8.15
CA SER A 79 -13.83 -2.83 9.48
C SER A 79 -13.47 -4.01 10.41
N GLY A 80 -12.78 -3.73 11.49
CA GLY A 80 -12.30 -4.76 12.38
C GLY A 80 -12.19 -4.23 13.79
N TYR A 81 -11.30 -4.75 14.59
CA TYR A 81 -11.15 -4.26 15.96
C TYR A 81 -9.70 -4.26 16.43
N ALA A 82 -8.77 -4.27 15.49
CA ALA A 82 -7.35 -4.25 15.85
C ALA A 82 -6.47 -3.87 14.66
N GLY A 83 -5.23 -3.52 14.98
CA GLY A 83 -4.26 -3.18 13.96
C GLY A 83 -3.25 -4.29 13.74
N PHE A 84 -2.38 -4.11 12.76
CA PHE A 84 -1.43 -5.15 12.33
C PHE A 84 -0.62 -4.67 11.12
N ILE A 85 0.58 -5.21 10.96
CA ILE A 85 1.35 -4.99 9.74
C ILE A 85 0.59 -5.55 8.54
N LEU A 86 0.39 -4.72 7.53
CA LEU A 86 -0.32 -5.16 6.35
C LEU A 86 0.63 -5.21 5.15
N PRO A 87 0.97 -6.41 4.70
CA PRO A 87 1.83 -6.61 3.54
C PRO A 87 1.10 -6.26 2.25
N ILE A 88 1.37 -5.08 1.73
CA ILE A 88 0.71 -4.59 0.53
C ILE A 88 1.58 -4.84 -0.69
N GLU A 89 0.95 -5.08 -1.83
CA GLU A 89 1.68 -5.31 -3.06
C GLU A 89 1.19 -4.40 -4.17
N VAL A 90 2.13 -3.82 -4.88
CA VAL A 90 1.82 -3.09 -6.09
C VAL A 90 2.45 -3.81 -7.27
N TYR A 91 1.64 -4.14 -8.27
CA TYR A 91 2.14 -4.83 -9.45
C TYR A 91 2.66 -3.85 -10.48
N PHE A 92 3.81 -4.17 -11.02
CA PHE A 92 4.49 -3.30 -11.97
C PHE A 92 4.32 -3.83 -13.40
N LYS A 93 4.53 -2.97 -14.38
CA LYS A 93 4.49 -3.38 -15.78
C LYS A 93 5.90 -3.55 -16.33
N ASN A 94 6.42 -4.76 -16.24
CA ASN A 94 7.75 -5.04 -16.77
C ASN A 94 7.88 -6.51 -17.11
N LYS A 95 8.88 -6.84 -17.93
CA LYS A 95 9.16 -8.23 -18.27
C LYS A 95 10.50 -8.65 -17.65
N GLU A 96 11.18 -7.68 -17.09
CA GLU A 96 12.51 -7.85 -16.51
C GLU A 96 12.37 -7.94 -14.98
N GLU A 97 13.40 -7.48 -14.22
CA GLU A 97 13.42 -7.46 -12.74
C GLU A 97 12.04 -7.34 -12.06
N PRO A 98 11.96 -7.72 -10.76
CA PRO A 98 10.70 -7.95 -10.04
C PRO A 98 9.58 -7.00 -10.43
N ARG A 99 8.49 -7.60 -10.86
CA ARG A 99 7.36 -6.85 -11.40
C ARG A 99 6.31 -6.64 -10.31
N LYS A 100 6.76 -6.73 -9.08
CA LYS A 100 5.90 -6.52 -7.92
C LYS A 100 6.70 -5.91 -6.79
N VAL A 101 6.08 -5.03 -6.04
CA VAL A 101 6.72 -4.45 -4.88
C VAL A 101 5.86 -4.69 -3.64
N ARG A 102 6.51 -5.09 -2.56
CA ARG A 102 5.82 -5.44 -1.33
C ARG A 102 6.13 -4.43 -0.24
N PHE A 103 5.12 -3.71 0.19
CA PHE A 103 5.27 -2.72 1.23
C PHE A 103 4.58 -3.19 2.51
N ASP A 104 5.37 -3.45 3.55
CA ASP A 104 4.80 -3.84 4.84
C ASP A 104 4.44 -2.59 5.62
N TYR A 105 3.23 -2.12 5.42
CA TYR A 105 2.76 -0.89 6.05
C TYR A 105 2.09 -1.20 7.37
N ASP A 106 2.39 -0.42 8.40
CA ASP A 106 1.83 -0.65 9.72
C ASP A 106 0.43 -0.07 9.82
N LEU A 107 -0.57 -0.94 9.95
CA LEU A 107 -1.93 -0.50 10.16
C LEU A 107 -2.19 -0.28 11.64
N PHE A 108 -2.17 0.96 12.07
CA PHE A 108 -2.43 1.28 13.46
C PHE A 108 -3.76 2.03 13.58
N LEU A 109 -4.54 1.66 14.57
CA LEU A 109 -5.82 2.33 14.82
C LEU A 109 -5.73 3.07 16.15
N HIS A 110 -6.40 4.19 16.27
CA HIS A 110 -6.38 4.95 17.53
C HIS A 110 -7.53 4.47 18.42
N LEU A 111 -7.44 4.77 19.71
CA LEU A 111 -8.38 4.24 20.70
C LEU A 111 -9.85 4.49 20.36
N GLU A 112 -10.65 3.46 20.66
CA GLU A 112 -12.09 3.50 20.52
C GLU A 112 -12.68 4.73 21.20
N GLY A 113 -13.40 5.52 20.43
CA GLY A 113 -14.01 6.72 20.96
C GLY A 113 -13.53 7.96 20.23
N HIS A 114 -12.22 8.12 20.11
CA HIS A 114 -11.67 9.27 19.43
C HIS A 114 -10.40 8.90 18.66
N PRO A 115 -10.53 8.22 17.52
CA PRO A 115 -9.40 7.93 16.66
C PRO A 115 -9.38 8.80 15.39
N PRO A 116 -8.46 9.77 15.33
CA PRO A 116 -8.14 10.48 14.11
C PRO A 116 -6.87 9.93 13.48
N VAL A 117 -7.00 9.05 12.50
CA VAL A 117 -5.82 8.49 11.87
C VAL A 117 -5.83 8.74 10.36
N ASN A 118 -4.82 9.44 9.88
CA ASN A 118 -4.63 9.67 8.46
C ASN A 118 -3.14 9.72 8.15
N HIS A 119 -2.58 8.63 7.64
CA HIS A 119 -1.14 8.56 7.41
C HIS A 119 -0.83 8.16 5.96
N LEU A 120 0.15 8.83 5.37
CA LEU A 120 0.62 8.55 4.02
C LEU A 120 2.14 8.75 3.92
N ARG A 121 2.83 7.77 3.35
CA ARG A 121 4.29 7.81 3.26
C ARG A 121 4.76 7.31 1.89
N CYS A 122 5.75 7.98 1.32
CA CYS A 122 6.22 7.65 -0.02
C CYS A 122 7.46 6.75 0.01
N GLU A 123 7.39 5.68 -0.76
CA GLU A 123 8.51 4.79 -0.99
C GLU A 123 9.15 5.13 -2.34
N LYS A 124 10.41 4.77 -2.51
CA LYS A 124 11.12 5.12 -3.73
C LYS A 124 11.82 3.91 -4.32
N LEU A 125 11.55 3.66 -5.59
CA LEU A 125 12.12 2.53 -6.29
C LEU A 125 13.06 3.00 -7.41
N THR A 126 14.36 2.89 -7.18
CA THR A 126 15.34 3.27 -8.19
C THR A 126 15.77 2.05 -9.00
N PHE A 127 15.58 2.13 -10.31
CA PHE A 127 15.95 1.04 -11.20
C PHE A 127 17.17 1.43 -12.02
N ASN A 128 18.29 0.78 -11.73
CA ASN A 128 19.55 1.09 -12.38
C ASN A 128 19.65 0.41 -13.74
N ASN A 129 19.76 1.22 -14.78
CA ASN A 129 19.95 0.75 -16.15
C ASN A 129 18.84 -0.22 -16.59
N PRO A 130 17.61 0.29 -16.71
CA PRO A 130 16.48 -0.53 -17.13
C PRO A 130 16.33 -0.57 -18.64
N THR A 131 15.51 -1.49 -19.13
CA THR A 131 15.18 -1.56 -20.55
C THR A 131 14.40 -0.30 -20.95
N GLU A 132 14.42 0.05 -22.22
CA GLU A 132 13.79 1.30 -22.65
C GLU A 132 12.31 1.30 -22.32
N ASP A 133 11.65 0.15 -22.55
CA ASP A 133 10.22 0.00 -22.31
C ASP A 133 9.88 0.39 -20.87
N PHE A 134 10.69 -0.08 -19.94
CA PHE A 134 10.45 0.16 -18.53
C PHE A 134 10.67 1.63 -18.21
N ARG A 135 11.84 2.14 -18.60
CA ARG A 135 12.20 3.53 -18.36
C ARG A 135 11.13 4.46 -18.92
N ARG A 136 10.71 4.16 -20.14
CA ARG A 136 9.64 4.87 -20.82
C ARG A 136 8.44 5.10 -19.91
N LYS A 137 7.94 4.01 -19.32
CA LYS A 137 6.78 4.09 -18.45
C LYS A 137 7.09 4.90 -17.20
N LEU A 138 8.23 4.59 -16.59
CA LEU A 138 8.67 5.25 -15.37
C LEU A 138 8.78 6.77 -15.56
N LEU A 139 9.21 7.18 -16.75
CA LEU A 139 9.39 8.59 -17.06
C LEU A 139 8.07 9.27 -17.40
N LYS A 140 7.12 8.50 -17.90
CA LYS A 140 5.79 9.01 -18.23
C LYS A 140 5.00 9.30 -16.97
N ALA A 141 5.34 8.58 -15.91
CA ALA A 141 4.66 8.70 -14.62
C ALA A 141 4.51 10.16 -14.18
N GLY B 1 -1.21 2.64 26.94
CA GLY B 1 -0.49 1.92 25.87
C GLY B 1 -0.04 2.84 24.76
N GLY B 2 -0.98 3.25 23.91
CA GLY B 2 -0.66 4.14 22.83
C GLY B 2 -1.72 4.09 21.75
N LYS B 3 -1.74 3.01 21.00
CA LYS B 3 -2.74 2.82 19.97
C LYS B 3 -3.79 1.81 20.43
N ALA B 4 -4.74 1.51 19.56
CA ALA B 4 -5.77 0.50 19.85
C ALA B 4 -5.15 -0.88 19.93
N PRO B 5 -5.90 -1.90 20.41
CA PRO B 5 -5.41 -3.28 20.45
C PRO B 5 -4.99 -3.77 19.07
N ARG B 6 -4.10 -4.74 19.04
CA ARG B 6 -3.60 -5.27 17.78
C ARG B 6 -3.53 -6.79 17.82
N GLN B 8 -1.80 -9.81 17.48
CA GLN B 8 -0.49 -10.45 17.44
C GLN B 8 -0.65 -11.94 17.15
N LEU B 9 -1.90 -12.38 17.07
CA LEU B 9 -2.19 -13.78 16.78
C LEU B 9 -2.37 -13.96 15.28
N ALA B 10 -1.56 -14.83 14.71
CA ALA B 10 -1.62 -15.12 13.29
C ALA B 10 -2.27 -16.48 13.06
N THR B 11 -1.72 -17.50 13.70
CA THR B 11 -2.21 -18.85 13.54
C THR B 11 -2.46 -19.50 14.89
N LYS B 12 -3.54 -20.26 14.98
CA LYS B 12 -3.89 -20.95 16.21
C LYS B 12 -3.19 -22.30 16.27
N ALA B 13 -3.04 -22.92 15.11
CA ALA B 13 -2.37 -24.20 15.01
C ALA B 13 -0.88 -24.02 14.76
N GLY A 1 34.94 -1.12 -22.55
CA GLY A 1 33.59 -1.15 -21.94
C GLY A 1 33.38 -0.02 -20.96
N SER A 2 32.31 0.73 -21.15
CA SER A 2 32.00 1.83 -20.26
C SER A 2 30.49 1.86 -19.98
N HIS A 3 30.07 1.08 -19.00
CA HIS A 3 28.66 0.99 -18.64
C HIS A 3 28.42 1.67 -17.29
N MET A 4 29.50 2.01 -16.61
CA MET A 4 29.42 2.68 -15.32
C MET A 4 29.61 4.19 -15.49
N ALA A 5 29.93 4.59 -16.72
CA ALA A 5 30.10 5.99 -17.05
C ALA A 5 28.75 6.70 -17.06
N SER A 6 27.80 6.13 -17.77
CA SER A 6 26.45 6.67 -17.82
C SER A 6 25.47 5.68 -17.19
N SER A 7 25.14 5.92 -15.93
CA SER A 7 24.20 5.08 -15.21
C SER A 7 22.89 5.83 -15.02
N CYS A 8 21.85 5.38 -15.72
CA CYS A 8 20.56 6.04 -15.64
C CYS A 8 19.64 5.29 -14.70
N ALA A 9 19.42 5.86 -13.54
CA ALA A 9 18.54 5.27 -12.56
C ALA A 9 17.24 6.03 -12.47
N VAL A 10 16.16 5.38 -12.84
CA VAL A 10 14.85 6.00 -12.82
C VAL A 10 14.13 5.61 -11.54
N GLN A 11 13.78 6.61 -10.75
CA GLN A 11 13.16 6.37 -9.45
C GLN A 11 11.66 6.62 -9.53
N VAL A 12 10.90 5.67 -9.05
CA VAL A 12 9.47 5.80 -8.97
C VAL A 12 9.03 5.80 -7.52
N LYS A 13 8.22 6.77 -7.14
CA LYS A 13 7.72 6.85 -5.78
C LYS A 13 6.32 6.28 -5.67
N LEU A 14 6.16 5.32 -4.78
CA LEU A 14 4.85 4.78 -4.45
C LEU A 14 4.50 5.17 -3.02
N GLU A 15 3.26 5.47 -2.79
CA GLU A 15 2.82 6.04 -1.53
C GLU A 15 1.96 5.04 -0.75
N LEU A 16 2.36 4.81 0.50
CA LEU A 16 1.58 3.98 1.42
C LEU A 16 0.72 4.89 2.26
N GLY A 17 -0.47 4.43 2.59
CA GLY A 17 -1.35 5.24 3.38
C GLY A 17 -2.41 4.44 4.08
N HIS A 18 -3.09 5.09 5.01
CA HIS A 18 -4.24 4.49 5.68
C HIS A 18 -4.89 5.52 6.60
N ARG A 19 -6.19 5.40 6.74
CA ARG A 19 -6.94 6.20 7.68
C ARG A 19 -7.70 5.24 8.60
N ALA A 20 -8.05 5.69 9.78
CA ALA A 20 -8.78 4.85 10.72
C ALA A 20 -9.78 5.66 11.52
N GLN A 21 -10.96 5.10 11.69
CA GLN A 21 -12.00 5.69 12.51
C GLN A 21 -12.74 4.61 13.28
N VAL A 22 -13.26 4.95 14.43
CA VAL A 22 -14.08 4.01 15.18
C VAL A 22 -15.54 4.38 15.09
N ARG A 23 -16.38 3.39 14.82
CA ARG A 23 -17.82 3.59 14.90
C ARG A 23 -18.27 3.30 16.32
N LYS A 24 -19.10 4.17 16.86
CA LYS A 24 -19.53 4.06 18.25
C LYS A 24 -20.44 2.86 18.44
N LYS A 25 -20.80 2.23 17.33
CA LYS A 25 -21.59 1.03 17.34
C LYS A 25 -20.98 0.02 16.36
N PRO A 26 -20.35 -1.04 16.90
CA PRO A 26 -19.75 -2.11 16.09
C PRO A 26 -20.77 -2.78 15.16
N THR A 27 -20.28 -3.38 14.09
CA THR A 27 -21.14 -4.01 13.12
C THR A 27 -21.73 -5.30 13.71
N VAL A 28 -22.57 -5.97 12.95
CA VAL A 28 -23.22 -7.21 13.39
C VAL A 28 -22.23 -8.20 14.03
N GLU A 29 -21.03 -8.29 13.47
CA GLU A 29 -20.03 -9.25 13.95
C GLU A 29 -19.13 -8.63 15.02
N GLY A 30 -19.41 -7.39 15.39
CA GLY A 30 -18.71 -6.75 16.48
C GLY A 30 -17.39 -6.14 16.09
N PHE A 31 -17.31 -5.64 14.86
CA PHE A 31 -16.13 -4.94 14.41
C PHE A 31 -16.29 -3.46 14.70
N THR A 32 -15.34 -2.90 15.44
CA THR A 32 -15.47 -1.55 15.98
C THR A 32 -14.72 -0.51 15.16
N HIS A 33 -13.59 -0.89 14.61
CA HIS A 33 -12.69 0.05 13.97
C HIS A 33 -12.69 -0.12 12.45
N ASP A 34 -13.00 0.96 11.75
CA ASP A 34 -13.01 0.95 10.30
C ASP A 34 -11.79 1.71 9.78
N TRP A 35 -11.15 1.16 8.77
CA TRP A 35 -9.97 1.79 8.21
C TRP A 35 -9.91 1.64 6.70
N MET A 36 -9.06 2.43 6.09
CA MET A 36 -8.84 2.39 4.65
C MET A 36 -7.36 2.52 4.36
N VAL A 37 -6.85 1.70 3.44
CA VAL A 37 -5.44 1.74 3.07
C VAL A 37 -5.22 2.36 1.71
N PHE A 38 -4.02 2.89 1.53
CA PHE A 38 -3.62 3.60 0.33
C PHE A 38 -2.35 3.01 -0.28
N VAL A 39 -2.39 2.75 -1.59
CA VAL A 39 -1.19 2.62 -2.39
C VAL A 39 -1.40 3.34 -3.72
N ARG A 40 -0.53 4.29 -4.01
CA ARG A 40 -0.65 5.09 -5.23
C ARG A 40 0.64 5.85 -5.48
N GLY A 41 0.63 6.69 -6.48
CA GLY A 41 1.73 7.59 -6.69
C GLY A 41 1.39 8.98 -6.22
N PRO A 42 2.39 9.78 -5.83
CA PRO A 42 2.19 11.14 -5.32
C PRO A 42 1.39 12.02 -6.27
N GLU A 43 0.81 13.07 -5.71
CA GLU A 43 0.05 14.03 -6.49
C GLU A 43 0.83 14.50 -7.72
N HIS A 44 0.27 14.22 -8.91
CA HIS A 44 0.83 14.59 -10.23
C HIS A 44 1.65 13.45 -10.83
N SER A 45 2.09 12.52 -10.01
CA SER A 45 2.77 11.33 -10.52
C SER A 45 1.79 10.16 -10.57
N ASN A 46 1.44 9.73 -11.78
CA ASN A 46 0.54 8.60 -11.95
C ASN A 46 1.33 7.31 -12.06
N ILE A 47 0.97 6.34 -11.23
CA ILE A 47 1.70 5.09 -11.22
C ILE A 47 1.13 4.12 -12.23
N GLN A 48 -0.10 4.35 -12.68
CA GLN A 48 -0.77 3.48 -13.64
C GLN A 48 0.04 3.36 -14.94
N HIS A 49 1.06 4.21 -15.05
CA HIS A 49 1.97 4.16 -16.18
C HIS A 49 2.97 3.03 -16.02
N PHE A 50 3.47 2.82 -14.80
CA PHE A 50 4.48 1.79 -14.55
C PHE A 50 3.93 0.70 -13.63
N VAL A 51 2.70 0.88 -13.18
CA VAL A 51 2.05 -0.04 -12.26
C VAL A 51 0.79 -0.60 -12.91
N GLU A 52 0.62 -1.90 -12.79
CA GLU A 52 -0.43 -2.62 -13.50
C GLU A 52 -1.63 -2.88 -12.59
N LYS A 53 -1.39 -3.57 -11.49
CA LYS A 53 -2.44 -3.89 -10.53
C LYS A 53 -1.89 -3.81 -9.11
N VAL A 54 -2.76 -4.03 -8.14
CA VAL A 54 -2.39 -3.90 -6.74
C VAL A 54 -3.16 -4.91 -5.89
N VAL A 55 -2.58 -5.32 -4.78
CA VAL A 55 -3.20 -6.33 -3.94
C VAL A 55 -2.94 -6.02 -2.46
N PHE A 56 -3.90 -6.36 -1.63
CA PHE A 56 -3.78 -6.16 -0.19
C PHE A 56 -3.99 -7.48 0.52
N HIS A 57 -3.07 -7.85 1.39
CA HIS A 57 -3.24 -9.05 2.20
C HIS A 57 -3.61 -8.65 3.60
N LEU A 58 -4.91 -8.48 3.85
CA LEU A 58 -5.37 -8.15 5.19
C LEU A 58 -5.07 -9.31 6.16
N HIS A 59 -5.47 -9.16 7.41
CA HIS A 59 -5.20 -10.18 8.40
C HIS A 59 -6.10 -11.38 8.16
N GLU A 60 -5.59 -12.56 8.47
CA GLU A 60 -6.28 -13.83 8.22
C GLU A 60 -7.67 -13.88 8.83
N SER A 61 -7.90 -13.08 9.86
CA SER A 61 -9.20 -12.98 10.51
C SER A 61 -10.22 -12.36 9.56
N PHE A 62 -9.74 -11.65 8.56
CA PHE A 62 -10.60 -11.01 7.58
C PHE A 62 -10.93 -11.99 6.46
N PRO A 63 -12.22 -12.29 6.26
CA PRO A 63 -12.66 -13.17 5.18
C PRO A 63 -12.35 -12.57 3.81
N ARG A 64 -11.66 -13.35 2.97
CA ARG A 64 -11.16 -12.86 1.68
C ARG A 64 -10.27 -11.63 1.90
N PRO A 65 -9.10 -11.80 2.53
CA PRO A 65 -8.26 -10.67 2.92
C PRO A 65 -7.52 -10.03 1.76
N LYS A 66 -7.31 -10.79 0.70
CA LYS A 66 -6.60 -10.30 -0.46
C LYS A 66 -7.54 -9.52 -1.36
N ARG A 67 -7.41 -8.20 -1.32
CA ARG A 67 -8.23 -7.34 -2.15
C ARG A 67 -7.38 -6.78 -3.30
N VAL A 68 -7.85 -6.96 -4.52
CA VAL A 68 -7.08 -6.49 -5.68
C VAL A 68 -7.67 -5.20 -6.23
N CYS A 69 -6.80 -4.33 -6.71
CA CYS A 69 -7.21 -3.11 -7.40
C CYS A 69 -6.45 -3.00 -8.72
N LYS A 70 -7.17 -3.06 -9.83
CA LYS A 70 -6.55 -3.07 -11.16
C LYS A 70 -6.74 -1.73 -11.84
N ASP A 71 -7.24 -0.77 -11.07
CA ASP A 71 -7.61 0.53 -11.59
C ASP A 71 -6.99 1.63 -10.73
N PRO A 72 -7.20 2.92 -11.09
CA PRO A 72 -6.90 4.10 -10.24
C PRO A 72 -7.17 3.88 -8.72
N PRO A 73 -7.01 4.93 -7.86
CA PRO A 73 -6.72 4.81 -6.43
C PRO A 73 -6.96 3.44 -5.82
N TYR A 74 -5.84 2.83 -5.47
CA TYR A 74 -5.81 1.50 -4.91
C TYR A 74 -5.96 1.61 -3.41
N LYS A 75 -7.02 1.01 -2.90
CA LYS A 75 -7.38 1.17 -1.50
C LYS A 75 -8.23 0.02 -1.03
N VAL A 76 -8.16 -0.22 0.26
CA VAL A 76 -9.01 -1.22 0.91
C VAL A 76 -9.74 -0.58 2.09
N GLU A 77 -11.06 -0.71 2.09
CA GLU A 77 -11.87 -0.19 3.18
C GLU A 77 -12.48 -1.35 3.95
N GLU A 78 -12.06 -1.50 5.19
CA GLU A 78 -12.49 -2.63 6.00
C GLU A 78 -12.78 -2.22 7.44
N SER A 79 -13.22 -3.19 8.21
CA SER A 79 -13.58 -2.97 9.59
C SER A 79 -13.13 -4.14 10.45
N GLY A 80 -12.67 -3.84 11.66
CA GLY A 80 -12.14 -4.84 12.56
C GLY A 80 -12.07 -4.29 13.97
N TYR A 81 -11.13 -4.75 14.78
CA TYR A 81 -11.01 -4.23 16.14
C TYR A 81 -9.57 -4.27 16.64
N ALA A 82 -8.61 -4.32 15.72
CA ALA A 82 -7.21 -4.35 16.08
C ALA A 82 -6.32 -3.97 14.90
N GLY A 83 -5.07 -3.64 15.19
CA GLY A 83 -4.11 -3.29 14.16
C GLY A 83 -3.17 -4.44 13.84
N PHE A 84 -2.37 -4.28 12.79
CA PHE A 84 -1.50 -5.35 12.30
C PHE A 84 -0.69 -4.87 11.08
N ILE A 85 0.48 -5.49 10.86
CA ILE A 85 1.22 -5.27 9.63
C ILE A 85 0.42 -5.80 8.44
N LEU A 86 0.28 -4.97 7.42
CA LEU A 86 -0.46 -5.36 6.24
C LEU A 86 0.45 -5.35 5.02
N PRO A 87 0.81 -6.55 4.52
CA PRO A 87 1.66 -6.68 3.34
C PRO A 87 0.94 -6.23 2.06
N ILE A 88 1.24 -5.02 1.63
CA ILE A 88 0.61 -4.46 0.45
C ILE A 88 1.49 -4.68 -0.77
N GLU A 89 0.87 -4.94 -1.91
CA GLU A 89 1.61 -5.18 -3.14
C GLU A 89 1.20 -4.21 -4.23
N VAL A 90 2.20 -3.65 -4.89
CA VAL A 90 1.97 -2.79 -6.04
C VAL A 90 2.63 -3.45 -7.25
N TYR A 91 1.81 -4.01 -8.13
CA TYR A 91 2.32 -4.76 -9.28
C TYR A 91 2.89 -3.82 -10.32
N PHE A 92 4.01 -4.21 -10.87
CA PHE A 92 4.74 -3.37 -11.82
C PHE A 92 4.59 -3.89 -13.25
N LYS A 93 4.81 -3.04 -14.23
CA LYS A 93 4.80 -3.46 -15.64
C LYS A 93 6.23 -3.57 -16.15
N ASN A 94 6.83 -4.75 -16.05
CA ASN A 94 8.18 -4.95 -16.55
C ASN A 94 8.44 -6.42 -16.88
N LYS A 95 9.35 -6.64 -17.80
CA LYS A 95 9.77 -7.99 -18.17
C LYS A 95 11.13 -8.28 -17.57
N GLU A 96 11.65 -7.29 -16.86
CA GLU A 96 12.95 -7.36 -16.22
C GLU A 96 12.77 -7.47 -14.71
N GLU A 97 13.75 -6.92 -13.97
CA GLU A 97 13.78 -6.89 -12.50
C GLU A 97 12.39 -6.77 -11.83
N PRO A 98 12.32 -6.98 -10.48
CA PRO A 98 11.08 -7.22 -9.73
C PRO A 98 9.81 -6.65 -10.34
N ARG A 99 8.86 -7.54 -10.60
CA ARG A 99 7.60 -7.19 -11.22
C ARG A 99 6.54 -6.86 -10.18
N LYS A 100 6.98 -6.84 -8.94
CA LYS A 100 6.14 -6.45 -7.83
C LYS A 100 6.97 -5.81 -6.73
N VAL A 101 6.34 -4.96 -5.97
CA VAL A 101 6.94 -4.43 -4.76
C VAL A 101 5.99 -4.67 -3.60
N ARG A 102 6.53 -5.09 -2.47
CA ARG A 102 5.72 -5.36 -1.31
C ARG A 102 6.03 -4.37 -0.21
N PHE A 103 5.02 -3.65 0.21
CA PHE A 103 5.19 -2.68 1.27
C PHE A 103 4.49 -3.17 2.53
N ASP A 104 5.27 -3.63 3.50
CA ASP A 104 4.73 -4.06 4.77
C ASP A 104 4.35 -2.85 5.60
N TYR A 105 3.15 -2.34 5.37
CA TYR A 105 2.71 -1.12 6.01
C TYR A 105 2.01 -1.43 7.33
N ASP A 106 2.39 -0.69 8.37
CA ASP A 106 1.85 -0.93 9.69
C ASP A 106 0.48 -0.28 9.85
N LEU A 107 -0.56 -1.08 9.94
CA LEU A 107 -1.89 -0.57 10.15
C LEU A 107 -2.13 -0.34 11.64
N PHE A 108 -2.07 0.90 12.07
CA PHE A 108 -2.38 1.22 13.45
C PHE A 108 -3.74 1.89 13.52
N LEU A 109 -4.50 1.57 14.56
CA LEU A 109 -5.77 2.22 14.80
C LEU A 109 -5.67 2.92 16.15
N HIS A 110 -6.35 4.05 16.31
CA HIS A 110 -6.30 4.77 17.58
C HIS A 110 -7.55 4.48 18.42
N LEU A 111 -7.52 4.96 19.66
CA LEU A 111 -8.56 4.63 20.64
C LEU A 111 -9.85 5.39 20.40
N GLU A 112 -10.95 4.80 20.86
CA GLU A 112 -12.29 5.39 20.75
C GLU A 112 -12.29 6.80 21.35
N GLY A 113 -12.46 7.80 20.50
CA GLY A 113 -12.37 9.18 20.94
C GLY A 113 -11.16 9.88 20.33
N HIS A 114 -10.64 9.29 19.28
CA HIS A 114 -9.45 9.82 18.60
C HIS A 114 -9.88 10.69 17.39
N PRO A 115 -9.25 11.86 17.18
CA PRO A 115 -9.39 12.58 15.92
C PRO A 115 -9.02 11.68 14.73
N PRO A 116 -9.67 11.87 13.56
CA PRO A 116 -9.45 11.04 12.36
C PRO A 116 -7.99 10.65 12.13
N VAL A 117 -7.77 9.35 11.93
CA VAL A 117 -6.44 8.81 11.66
C VAL A 117 -6.15 8.99 10.19
N ASN A 118 -5.07 9.65 9.87
CA ASN A 118 -4.73 9.89 8.49
C ASN A 118 -3.22 9.89 8.31
N HIS A 119 -2.69 8.85 7.69
CA HIS A 119 -1.25 8.74 7.47
C HIS A 119 -0.94 8.38 6.04
N LEU A 120 0.12 8.98 5.51
CA LEU A 120 0.63 8.69 4.17
C LEU A 120 2.14 8.88 4.13
N ARG A 121 2.81 7.98 3.41
CA ARG A 121 4.26 8.01 3.31
C ARG A 121 4.71 7.53 1.92
N CYS A 122 5.78 8.12 1.40
CA CYS A 122 6.22 7.80 0.05
C CYS A 122 7.49 6.95 0.05
N GLU A 123 7.44 5.88 -0.75
CA GLU A 123 8.59 5.01 -0.96
C GLU A 123 9.23 5.32 -2.30
N LYS A 124 10.49 4.93 -2.47
CA LYS A 124 11.19 5.17 -3.72
C LYS A 124 11.82 3.88 -4.23
N LEU A 125 11.69 3.67 -5.53
CA LEU A 125 12.29 2.53 -6.18
C LEU A 125 13.21 3.02 -7.30
N THR A 126 14.52 2.91 -7.09
CA THR A 126 15.50 3.35 -8.08
C THR A 126 15.92 2.18 -8.97
N PHE A 127 15.65 2.30 -10.25
CA PHE A 127 16.01 1.24 -11.20
C PHE A 127 17.18 1.69 -12.07
N ASN A 128 18.32 1.06 -11.87
CA ASN A 128 19.54 1.43 -12.57
C ASN A 128 19.61 0.75 -13.93
N ASN A 129 19.62 1.57 -14.98
CA ASN A 129 19.74 1.11 -16.36
C ASN A 129 18.64 0.10 -16.73
N PRO A 130 17.38 0.56 -16.80
CA PRO A 130 16.27 -0.29 -17.20
C PRO A 130 16.08 -0.29 -18.72
N THR A 131 15.47 -1.36 -19.23
CA THR A 131 15.19 -1.47 -20.66
C THR A 131 14.25 -0.36 -21.10
N GLU A 132 14.26 -0.01 -22.40
CA GLU A 132 13.46 1.11 -22.91
C GLU A 132 12.02 1.02 -22.43
N ASP A 133 11.44 -0.17 -22.52
CA ASP A 133 10.02 -0.38 -22.15
C ASP A 133 9.76 0.07 -20.72
N PHE A 134 10.56 -0.44 -19.79
CA PHE A 134 10.40 -0.09 -18.39
C PHE A 134 10.70 1.38 -18.19
N ARG A 135 11.83 1.79 -18.73
CA ARG A 135 12.28 3.17 -18.71
C ARG A 135 11.19 4.14 -19.17
N ARG A 136 10.58 3.83 -20.30
CA ARG A 136 9.54 4.64 -20.89
C ARG A 136 8.38 4.85 -19.94
N LYS A 137 7.92 3.76 -19.34
CA LYS A 137 6.77 3.82 -18.44
C LYS A 137 7.10 4.67 -17.21
N LEU A 138 8.27 4.40 -16.66
CA LEU A 138 8.75 5.13 -15.48
C LEU A 138 8.84 6.63 -15.76
N LEU A 139 9.36 6.97 -16.93
CA LEU A 139 9.55 8.37 -17.32
C LEU A 139 8.21 9.05 -17.63
N LYS A 140 7.26 8.25 -18.11
CA LYS A 140 5.91 8.76 -18.41
C LYS A 140 5.15 9.11 -17.15
N ALA A 141 5.49 8.44 -16.07
CA ALA A 141 4.88 8.69 -14.77
C ALA A 141 5.17 10.11 -14.29
N GLY B 1 -5.59 9.83 23.91
CA GLY B 1 -4.89 9.26 22.75
C GLY B 1 -4.17 7.98 23.09
N GLY B 2 -4.21 7.00 22.19
CA GLY B 2 -3.52 5.76 22.43
C GLY B 2 -3.52 4.85 21.23
N LYS B 3 -2.68 3.84 21.26
CA LYS B 3 -2.61 2.84 20.21
C LYS B 3 -3.57 1.71 20.53
N ALA B 4 -4.49 1.42 19.61
CA ALA B 4 -5.44 0.34 19.80
C ALA B 4 -4.71 -1.00 19.81
N PRO B 5 -5.26 -1.99 20.53
CA PRO B 5 -4.67 -3.32 20.62
C PRO B 5 -4.53 -3.98 19.26
N ARG B 6 -3.63 -4.95 19.16
CA ARG B 6 -3.35 -5.59 17.90
C ARG B 6 -3.47 -7.09 18.01
N GLN B 8 -1.26 -9.41 17.38
CA GLN B 8 0.07 -10.02 17.38
C GLN B 8 0.50 -10.34 18.81
N LEU B 9 -0.40 -10.96 19.55
CA LEU B 9 -0.10 -11.35 20.92
C LEU B 9 0.56 -12.73 20.94
N ALA B 10 0.16 -13.56 19.98
CA ALA B 10 0.74 -14.88 19.82
C ALA B 10 1.61 -14.93 18.57
N THR B 11 1.15 -14.24 17.54
CA THR B 11 1.87 -14.15 16.28
C THR B 11 2.81 -12.95 16.28
N LYS B 12 3.69 -12.88 15.30
CA LYS B 12 4.63 -11.77 15.18
C LYS B 12 4.79 -11.40 13.72
N ALA B 13 4.53 -10.13 13.42
CA ALA B 13 4.60 -9.64 12.05
C ALA B 13 5.43 -8.38 11.97
N GLY A 1 30.07 -5.79 -22.99
CA GLY A 1 30.38 -4.40 -23.40
C GLY A 1 29.39 -3.41 -22.84
N SER A 2 29.77 -2.76 -21.75
CA SER A 2 28.90 -1.80 -21.09
C SER A 2 29.71 -0.59 -20.62
N HIS A 3 30.09 0.25 -21.57
CA HIS A 3 30.89 1.44 -21.26
C HIS A 3 30.63 2.55 -22.28
N MET A 4 29.63 2.34 -23.14
CA MET A 4 29.34 3.30 -24.19
C MET A 4 27.84 3.58 -24.27
N ALA A 5 27.09 3.12 -23.27
CA ALA A 5 25.67 3.36 -23.24
C ALA A 5 25.32 4.41 -22.22
N SER A 6 24.06 4.78 -22.19
CA SER A 6 23.55 5.76 -21.26
C SER A 6 22.96 5.06 -20.03
N SER A 7 23.81 4.80 -19.04
CA SER A 7 23.36 4.15 -17.83
C SER A 7 22.56 5.12 -16.97
N CYS A 8 21.25 4.90 -16.90
CA CYS A 8 20.37 5.82 -16.19
C CYS A 8 19.40 5.09 -15.30
N ALA A 9 19.47 5.40 -14.00
CA ALA A 9 18.54 4.85 -13.05
C ALA A 9 17.27 5.68 -13.04
N VAL A 10 16.14 5.03 -13.31
CA VAL A 10 14.86 5.72 -13.30
C VAL A 10 14.16 5.44 -11.98
N GLN A 11 13.67 6.50 -11.36
CA GLN A 11 13.09 6.40 -10.03
C GLN A 11 11.59 6.59 -10.09
N VAL A 12 10.87 5.65 -9.50
CA VAL A 12 9.44 5.74 -9.39
C VAL A 12 9.08 5.93 -7.93
N LYS A 13 7.97 6.59 -7.63
CA LYS A 13 7.65 6.86 -6.24
C LYS A 13 6.23 6.37 -5.96
N LEU A 14 6.09 5.56 -4.92
CA LEU A 14 4.80 5.06 -4.51
C LEU A 14 4.47 5.60 -3.12
N GLU A 15 3.24 5.41 -2.68
CA GLU A 15 2.79 5.96 -1.41
C GLU A 15 1.90 4.98 -0.66
N LEU A 16 2.21 4.78 0.61
CA LEU A 16 1.39 3.96 1.50
C LEU A 16 0.57 4.88 2.37
N GLY A 17 -0.65 4.47 2.68
CA GLY A 17 -1.48 5.27 3.53
C GLY A 17 -2.53 4.46 4.21
N HIS A 18 -3.20 5.06 5.18
CA HIS A 18 -4.33 4.43 5.83
C HIS A 18 -4.97 5.41 6.82
N ARG A 19 -6.28 5.35 6.92
CA ARG A 19 -7.01 6.10 7.91
C ARG A 19 -7.71 5.14 8.84
N ALA A 20 -8.10 5.61 10.02
CA ALA A 20 -8.88 4.79 10.94
C ALA A 20 -9.79 5.64 11.79
N GLN A 21 -11.01 5.14 11.95
CA GLN A 21 -11.99 5.73 12.86
C GLN A 21 -12.77 4.61 13.53
N VAL A 22 -13.31 4.89 14.70
CA VAL A 22 -14.14 3.91 15.38
C VAL A 22 -15.61 4.29 15.28
N ARG A 23 -16.45 3.31 15.05
CA ARG A 23 -17.89 3.52 15.06
C ARG A 23 -18.40 3.29 16.48
N LYS A 24 -19.44 4.03 16.85
CA LYS A 24 -19.96 4.01 18.21
C LYS A 24 -20.75 2.72 18.48
N LYS A 25 -20.87 1.90 17.45
CA LYS A 25 -21.51 0.61 17.58
C LYS A 25 -20.86 -0.38 16.60
N PRO A 26 -20.24 -1.46 17.12
CA PRO A 26 -19.67 -2.51 16.29
C PRO A 26 -20.71 -3.15 15.39
N THR A 27 -20.25 -3.71 14.28
CA THR A 27 -21.15 -4.32 13.31
C THR A 27 -21.64 -5.68 13.82
N VAL A 28 -22.45 -6.35 13.01
CA VAL A 28 -23.01 -7.66 13.36
C VAL A 28 -21.94 -8.62 13.89
N GLU A 29 -20.76 -8.59 13.31
CA GLU A 29 -19.70 -9.52 13.70
C GLU A 29 -18.74 -8.89 14.71
N GLY A 30 -19.11 -7.71 15.20
CA GLY A 30 -18.39 -7.12 16.32
C GLY A 30 -17.13 -6.38 15.89
N PHE A 31 -17.17 -5.79 14.71
CA PHE A 31 -16.04 -5.01 14.22
C PHE A 31 -16.25 -3.55 14.62
N THR A 32 -15.29 -3.01 15.36
CA THR A 32 -15.43 -1.70 15.98
C THR A 32 -14.74 -0.60 15.18
N HIS A 33 -13.63 -0.94 14.54
CA HIS A 33 -12.77 0.06 13.91
C HIS A 33 -12.79 -0.09 12.39
N ASP A 34 -13.07 1.02 11.71
CA ASP A 34 -13.07 1.04 10.24
C ASP A 34 -11.83 1.75 9.73
N TRP A 35 -11.18 1.15 8.75
CA TRP A 35 -9.98 1.73 8.20
C TRP A 35 -9.92 1.60 6.68
N MET A 36 -9.08 2.42 6.08
CA MET A 36 -8.86 2.41 4.64
C MET A 36 -7.37 2.55 4.35
N VAL A 37 -6.85 1.75 3.42
CA VAL A 37 -5.44 1.81 3.06
C VAL A 37 -5.21 2.43 1.71
N PHE A 38 -4.02 2.99 1.52
CA PHE A 38 -3.62 3.72 0.33
C PHE A 38 -2.39 3.10 -0.33
N VAL A 39 -2.46 2.93 -1.65
CA VAL A 39 -1.27 2.73 -2.47
C VAL A 39 -1.43 3.48 -3.80
N ARG A 40 -0.52 4.41 -4.05
CA ARG A 40 -0.57 5.26 -5.24
C ARG A 40 0.77 5.94 -5.42
N GLY A 41 0.86 6.86 -6.37
CA GLY A 41 2.08 7.62 -6.53
C GLY A 41 1.90 9.05 -6.05
N PRO A 42 3.01 9.80 -5.88
CA PRO A 42 2.98 11.19 -5.42
C PRO A 42 2.12 12.09 -6.29
N GLU A 43 1.78 13.24 -5.74
CA GLU A 43 1.01 14.23 -6.44
C GLU A 43 1.69 14.59 -7.76
N HIS A 44 0.95 14.38 -8.85
CA HIS A 44 1.35 14.76 -10.22
C HIS A 44 2.10 13.63 -10.93
N SER A 45 2.51 12.62 -10.18
CA SER A 45 3.13 11.43 -10.78
C SER A 45 2.11 10.30 -10.89
N ASN A 46 1.76 9.95 -12.12
CA ASN A 46 0.91 8.79 -12.39
C ASN A 46 1.70 7.52 -12.07
N ILE A 47 1.07 6.54 -11.47
CA ILE A 47 1.70 5.23 -11.40
C ILE A 47 1.18 4.27 -12.46
N GLN A 48 -0.03 4.53 -12.98
CA GLN A 48 -0.71 3.61 -13.90
C GLN A 48 0.12 3.36 -15.17
N HIS A 49 1.16 4.16 -15.36
CA HIS A 49 2.05 3.98 -16.49
C HIS A 49 3.09 2.91 -16.20
N PHE A 50 3.54 2.81 -14.96
CA PHE A 50 4.53 1.80 -14.61
C PHE A 50 3.95 0.76 -13.65
N VAL A 51 2.69 0.95 -13.28
CA VAL A 51 1.99 0.06 -12.36
C VAL A 51 0.73 -0.47 -13.03
N GLU A 52 0.41 -1.72 -12.75
CA GLU A 52 -0.68 -2.40 -13.45
C GLU A 52 -1.86 -2.63 -12.51
N LYS A 53 -1.61 -3.40 -11.46
CA LYS A 53 -2.63 -3.71 -10.48
C LYS A 53 -2.04 -3.62 -9.08
N VAL A 54 -2.86 -3.88 -8.09
CA VAL A 54 -2.46 -3.75 -6.70
C VAL A 54 -3.18 -4.79 -5.86
N VAL A 55 -2.56 -5.21 -4.77
CA VAL A 55 -3.14 -6.26 -3.94
C VAL A 55 -2.86 -5.99 -2.47
N PHE A 56 -3.79 -6.38 -1.63
CA PHE A 56 -3.66 -6.24 -0.19
C PHE A 56 -3.89 -7.59 0.45
N HIS A 57 -2.95 -8.04 1.27
CA HIS A 57 -3.15 -9.27 2.02
C HIS A 57 -3.49 -8.93 3.45
N LEU A 58 -4.77 -8.70 3.71
CA LEU A 58 -5.22 -8.42 5.07
C LEU A 58 -5.03 -9.70 5.92
N HIS A 59 -5.43 -9.66 7.17
CA HIS A 59 -5.30 -10.84 8.01
C HIS A 59 -6.42 -11.83 7.71
N GLU A 60 -6.13 -13.09 7.98
CA GLU A 60 -7.06 -14.18 7.75
C GLU A 60 -8.37 -13.99 8.53
N SER A 61 -8.30 -13.17 9.57
CA SER A 61 -9.46 -12.76 10.33
C SER A 61 -10.44 -11.97 9.44
N PHE A 62 -9.92 -11.48 8.32
CA PHE A 62 -10.71 -10.75 7.34
C PHE A 62 -11.13 -11.70 6.21
N PRO A 63 -12.44 -11.82 5.96
CA PRO A 63 -12.96 -12.64 4.86
C PRO A 63 -12.48 -12.12 3.50
N ARG A 64 -11.89 -13.01 2.70
CA ARG A 64 -11.23 -12.62 1.45
C ARG A 64 -10.20 -11.53 1.73
N PRO A 65 -9.08 -11.87 2.40
CA PRO A 65 -8.13 -10.87 2.85
C PRO A 65 -7.35 -10.23 1.70
N LYS A 66 -7.23 -10.94 0.60
CA LYS A 66 -6.52 -10.43 -0.55
C LYS A 66 -7.46 -9.64 -1.46
N ARG A 67 -7.35 -8.33 -1.38
CA ARG A 67 -8.14 -7.45 -2.22
C ARG A 67 -7.27 -6.93 -3.35
N VAL A 68 -7.79 -6.98 -4.58
CA VAL A 68 -7.02 -6.49 -5.71
C VAL A 68 -7.66 -5.23 -6.27
N CYS A 69 -6.83 -4.27 -6.64
CA CYS A 69 -7.28 -3.03 -7.22
C CYS A 69 -6.59 -2.83 -8.58
N LYS A 70 -7.39 -2.74 -9.62
CA LYS A 70 -6.87 -2.62 -10.98
C LYS A 70 -7.05 -1.21 -11.52
N ASP A 71 -7.65 -0.36 -10.71
CA ASP A 71 -8.02 0.98 -11.14
C ASP A 71 -7.17 2.02 -10.41
N PRO A 72 -7.23 3.30 -10.85
CA PRO A 72 -6.72 4.47 -10.08
C PRO A 72 -6.97 4.37 -8.54
N PRO A 73 -6.63 5.43 -7.74
CA PRO A 73 -6.25 5.31 -6.33
C PRO A 73 -6.62 4.00 -5.66
N TYR A 74 -5.59 3.22 -5.39
CA TYR A 74 -5.73 1.85 -4.90
C TYR A 74 -5.90 1.87 -3.39
N LYS A 75 -6.93 1.19 -2.93
CA LYS A 75 -7.30 1.26 -1.52
C LYS A 75 -8.11 0.05 -1.10
N VAL A 76 -8.03 -0.25 0.18
CA VAL A 76 -8.88 -1.25 0.81
C VAL A 76 -9.64 -0.61 1.95
N GLU A 77 -10.96 -0.78 1.95
CA GLU A 77 -11.81 -0.24 2.99
C GLU A 77 -12.41 -1.39 3.77
N GLU A 78 -12.05 -1.49 5.04
CA GLU A 78 -12.49 -2.61 5.85
C GLU A 78 -12.84 -2.18 7.26
N SER A 79 -13.23 -3.14 8.07
CA SER A 79 -13.61 -2.89 9.44
C SER A 79 -13.19 -4.08 10.30
N GLY A 80 -12.70 -3.78 11.51
CA GLY A 80 -12.15 -4.79 12.38
C GLY A 80 -12.09 -4.29 13.81
N TYR A 81 -11.16 -4.76 14.61
CA TYR A 81 -11.07 -4.29 15.99
C TYR A 81 -9.63 -4.13 16.49
N ALA A 82 -8.65 -4.29 15.60
CA ALA A 82 -7.25 -4.15 16.00
C ALA A 82 -6.35 -3.98 14.78
N GLY A 83 -5.11 -3.61 15.04
CA GLY A 83 -4.18 -3.34 13.96
C GLY A 83 -3.26 -4.52 13.66
N PHE A 84 -2.33 -4.31 12.73
CA PHE A 84 -1.41 -5.35 12.25
C PHE A 84 -0.59 -4.83 11.08
N ILE A 85 0.60 -5.40 10.88
CA ILE A 85 1.37 -5.12 9.68
C ILE A 85 0.63 -5.66 8.46
N LEU A 86 0.36 -4.80 7.49
CA LEU A 86 -0.35 -5.23 6.31
C LEU A 86 0.58 -5.22 5.11
N PRO A 87 0.99 -6.42 4.66
CA PRO A 87 1.78 -6.60 3.45
C PRO A 87 1.02 -6.17 2.20
N ILE A 88 1.31 -4.97 1.73
CA ILE A 88 0.67 -4.44 0.54
C ILE A 88 1.55 -4.64 -0.68
N GLU A 89 0.95 -4.92 -1.82
CA GLU A 89 1.69 -5.13 -3.04
C GLU A 89 1.22 -4.21 -4.14
N VAL A 90 2.17 -3.60 -4.83
CA VAL A 90 1.88 -2.87 -6.04
C VAL A 90 2.50 -3.59 -7.21
N TYR A 91 1.67 -3.95 -8.18
CA TYR A 91 2.16 -4.67 -9.36
C TYR A 91 2.73 -3.70 -10.37
N PHE A 92 3.88 -4.05 -10.90
CA PHE A 92 4.59 -3.22 -11.84
C PHE A 92 4.42 -3.75 -13.25
N LYS A 93 4.71 -2.91 -14.25
CA LYS A 93 4.67 -3.35 -15.65
C LYS A 93 6.09 -3.58 -16.14
N ASN A 94 6.58 -4.80 -16.02
CA ASN A 94 7.91 -5.12 -16.51
C ASN A 94 8.04 -6.61 -16.81
N LYS A 95 9.07 -6.93 -17.57
CA LYS A 95 9.41 -8.32 -17.91
C LYS A 95 10.73 -8.65 -17.22
N GLU A 96 11.22 -7.63 -16.55
CA GLU A 96 12.52 -7.63 -15.92
C GLU A 96 12.38 -7.88 -14.42
N GLU A 97 13.33 -7.36 -13.64
CA GLU A 97 13.34 -7.47 -12.17
C GLU A 97 11.94 -7.27 -11.55
N PRO A 98 11.77 -7.57 -10.23
CA PRO A 98 10.47 -7.82 -9.58
C PRO A 98 9.29 -7.05 -10.17
N ARG A 99 8.25 -7.80 -10.52
CA ARG A 99 7.05 -7.26 -11.14
C ARG A 99 6.06 -6.85 -10.06
N LYS A 100 6.57 -6.80 -8.86
CA LYS A 100 5.80 -6.44 -7.69
C LYS A 100 6.68 -5.81 -6.64
N VAL A 101 6.13 -4.85 -5.92
CA VAL A 101 6.80 -4.28 -4.77
C VAL A 101 5.92 -4.49 -3.55
N ARG A 102 6.52 -4.95 -2.46
CA ARG A 102 5.78 -5.24 -1.26
C ARG A 102 6.10 -4.23 -0.18
N PHE A 103 5.08 -3.53 0.26
CA PHE A 103 5.21 -2.55 1.31
C PHE A 103 4.52 -3.04 2.56
N ASP A 104 5.30 -3.44 3.56
CA ASP A 104 4.75 -3.88 4.84
C ASP A 104 4.34 -2.67 5.65
N TYR A 105 3.13 -2.20 5.41
CA TYR A 105 2.67 -0.98 6.03
C TYR A 105 2.00 -1.30 7.37
N ASP A 106 2.37 -0.55 8.40
CA ASP A 106 1.84 -0.78 9.74
C ASP A 106 0.43 -0.21 9.85
N LEU A 107 -0.55 -1.10 10.01
CA LEU A 107 -1.92 -0.67 10.21
C LEU A 107 -2.20 -0.49 11.69
N PHE A 108 -2.19 0.74 12.16
CA PHE A 108 -2.55 1.01 13.54
C PHE A 108 -3.88 1.74 13.60
N LEU A 109 -4.66 1.44 14.61
CA LEU A 109 -5.93 2.11 14.82
C LEU A 109 -5.85 2.84 16.15
N HIS A 110 -6.54 3.97 16.28
CA HIS A 110 -6.47 4.71 17.55
C HIS A 110 -7.58 4.28 18.49
N LEU A 111 -7.41 4.64 19.76
CA LEU A 111 -8.25 4.12 20.85
C LEU A 111 -9.72 4.51 20.73
N GLU A 112 -10.56 3.52 21.01
CA GLU A 112 -12.02 3.63 20.97
C GLU A 112 -12.51 4.88 21.69
N GLY A 113 -13.26 5.68 20.97
CA GLY A 113 -13.83 6.89 21.52
C GLY A 113 -13.39 8.12 20.77
N HIS A 114 -12.08 8.27 20.58
CA HIS A 114 -11.55 9.41 19.83
C HIS A 114 -10.30 9.01 19.05
N PRO A 115 -10.47 8.32 17.92
CA PRO A 115 -9.37 7.96 17.06
C PRO A 115 -9.25 8.87 15.83
N PRO A 116 -8.23 9.74 15.79
CA PRO A 116 -7.89 10.47 14.59
C PRO A 116 -6.75 9.79 13.84
N VAL A 117 -7.08 8.99 12.82
CA VAL A 117 -6.04 8.31 12.07
C VAL A 117 -6.08 8.69 10.60
N ASN A 118 -5.05 9.40 10.16
CA ASN A 118 -4.81 9.67 8.76
C ASN A 118 -3.31 9.70 8.50
N HIS A 119 -2.76 8.59 8.01
CA HIS A 119 -1.32 8.48 7.85
C HIS A 119 -0.95 8.14 6.42
N LEU A 120 0.15 8.72 5.96
CA LEU A 120 0.68 8.49 4.62
C LEU A 120 2.20 8.56 4.63
N ARG A 121 2.83 7.67 3.86
CA ARG A 121 4.29 7.63 3.74
C ARG A 121 4.68 7.25 2.32
N CYS A 122 5.68 7.91 1.77
CA CYS A 122 6.04 7.72 0.39
C CYS A 122 7.28 6.84 0.24
N GLU A 123 7.24 5.95 -0.73
CA GLU A 123 8.33 5.01 -1.01
C GLU A 123 8.96 5.31 -2.35
N LYS A 124 10.23 4.99 -2.49
CA LYS A 124 10.98 5.32 -3.69
C LYS A 124 11.67 4.09 -4.24
N LEU A 125 11.57 3.89 -5.54
CA LEU A 125 12.20 2.75 -6.20
C LEU A 125 13.10 3.24 -7.32
N THR A 126 14.40 2.95 -7.24
CA THR A 126 15.33 3.35 -8.28
C THR A 126 15.79 2.14 -9.08
N PHE A 127 15.56 2.16 -10.38
CA PHE A 127 15.94 1.06 -11.25
C PHE A 127 17.13 1.49 -12.11
N ASN A 128 18.29 0.93 -11.78
CA ASN A 128 19.54 1.36 -12.43
C ASN A 128 19.65 0.81 -13.84
N ASN A 129 19.66 1.74 -14.80
CA ASN A 129 19.80 1.43 -16.22
C ASN A 129 18.92 0.25 -16.65
N PRO A 130 17.60 0.45 -16.74
CA PRO A 130 16.68 -0.59 -17.16
C PRO A 130 16.51 -0.64 -18.68
N THR A 131 15.78 -1.63 -19.17
CA THR A 131 15.46 -1.72 -20.58
C THR A 131 14.59 -0.52 -20.99
N GLU A 132 14.58 -0.18 -22.27
CA GLU A 132 13.88 1.03 -22.73
C GLU A 132 12.40 0.95 -22.35
N ASP A 133 11.77 -0.21 -22.63
CA ASP A 133 10.35 -0.41 -22.35
C ASP A 133 10.01 -0.02 -20.91
N PHE A 134 10.86 -0.42 -19.98
CA PHE A 134 10.61 -0.15 -18.58
C PHE A 134 10.81 1.33 -18.29
N ARG A 135 11.98 1.83 -18.63
CA ARG A 135 12.31 3.25 -18.46
C ARG A 135 11.24 4.14 -19.08
N ARG A 136 10.89 3.80 -20.30
CA ARG A 136 9.89 4.49 -21.09
C ARG A 136 8.59 4.71 -20.30
N LYS A 137 8.12 3.65 -19.63
CA LYS A 137 6.91 3.78 -18.82
C LYS A 137 7.19 4.62 -17.58
N LEU A 138 8.30 4.32 -16.92
CA LEU A 138 8.71 5.04 -15.70
C LEU A 138 8.82 6.55 -15.96
N LEU A 139 9.33 6.90 -17.14
CA LEU A 139 9.52 8.30 -17.50
C LEU A 139 8.21 8.99 -17.86
N LYS A 140 7.27 8.23 -18.40
CA LYS A 140 5.94 8.77 -18.72
C LYS A 140 5.20 9.13 -17.45
N ALA A 141 5.62 8.51 -16.35
CA ALA A 141 5.05 8.79 -15.05
C ALA A 141 5.54 10.15 -14.51
N GLY B 1 1.23 6.17 23.78
CA GLY B 1 0.04 5.31 23.57
C GLY B 1 -0.87 5.87 22.50
N GLY B 2 -2.15 5.55 22.57
CA GLY B 2 -3.11 6.07 21.62
C GLY B 2 -3.48 5.06 20.57
N LYS B 3 -2.62 4.07 20.38
CA LYS B 3 -2.86 3.03 19.40
C LYS B 3 -3.57 1.85 20.04
N ALA B 4 -4.60 1.36 19.36
CA ALA B 4 -5.36 0.21 19.79
C ALA B 4 -4.52 -1.06 19.66
N PRO B 5 -4.95 -2.16 20.31
CA PRO B 5 -4.24 -3.44 20.24
C PRO B 5 -4.08 -3.96 18.81
N ARG B 6 -3.31 -5.02 18.64
CA ARG B 6 -3.05 -5.56 17.31
C ARG B 6 -2.92 -7.08 17.35
N GLN B 8 -1.14 -9.86 16.75
CA GLN B 8 0.16 -10.48 16.53
C GLN B 8 0.04 -11.99 16.64
N LEU B 9 -0.10 -12.66 15.48
CA LEU B 9 -0.29 -14.11 15.43
C LEU B 9 -1.56 -14.51 16.15
N ALA B 10 -2.61 -13.72 15.97
CA ALA B 10 -3.89 -14.00 16.61
C ALA B 10 -4.58 -15.16 15.91
N THR B 11 -4.94 -16.17 16.70
CA THR B 11 -5.58 -17.38 16.20
C THR B 11 -4.56 -18.28 15.46
N LYS B 12 -3.93 -17.76 14.42
CA LYS B 12 -2.97 -18.53 13.66
C LYS B 12 -1.54 -18.15 14.05
N ALA B 13 -0.96 -18.92 14.94
CA ALA B 13 0.42 -18.69 15.37
C ALA B 13 1.33 -19.76 14.79
N GLY A 1 35.74 5.03 -23.48
CA GLY A 1 36.28 5.46 -24.79
C GLY A 1 35.84 6.86 -25.16
N SER A 2 35.57 7.06 -26.44
CA SER A 2 35.15 8.36 -26.95
C SER A 2 33.73 8.67 -26.50
N HIS A 3 32.84 7.70 -26.67
CA HIS A 3 31.44 7.88 -26.28
C HIS A 3 31.17 7.22 -24.94
N MET A 4 30.95 8.03 -23.92
CA MET A 4 30.67 7.51 -22.59
C MET A 4 29.21 7.72 -22.23
N ALA A 5 28.52 6.63 -21.97
CA ALA A 5 27.11 6.68 -21.63
C ALA A 5 26.93 6.98 -20.15
N SER A 6 25.83 7.61 -19.81
CA SER A 6 25.57 8.02 -18.45
C SER A 6 24.60 7.06 -17.78
N SER A 7 24.94 6.61 -16.57
CA SER A 7 24.09 5.72 -15.81
C SER A 7 22.82 6.46 -15.41
N CYS A 8 21.71 6.06 -16.01
CA CYS A 8 20.43 6.73 -15.76
C CYS A 8 19.51 5.83 -14.95
N ALA A 9 19.38 6.14 -13.68
CA ALA A 9 18.47 5.42 -12.81
C ALA A 9 17.15 6.16 -12.71
N VAL A 10 16.07 5.47 -13.05
CA VAL A 10 14.75 6.07 -12.98
C VAL A 10 14.08 5.63 -11.70
N GLN A 11 13.65 6.59 -10.89
CA GLN A 11 13.05 6.30 -9.60
C GLN A 11 11.56 6.53 -9.66
N VAL A 12 10.83 5.54 -9.18
CA VAL A 12 9.40 5.64 -9.09
C VAL A 12 9.03 5.81 -7.62
N LYS A 13 7.98 6.58 -7.34
CA LYS A 13 7.63 6.87 -5.95
C LYS A 13 6.25 6.30 -5.65
N LEU A 14 6.18 5.33 -4.77
CA LEU A 14 4.90 4.79 -4.36
C LEU A 14 4.62 5.22 -2.92
N GLU A 15 3.37 5.43 -2.63
CA GLU A 15 2.96 6.03 -1.38
C GLU A 15 2.02 5.11 -0.62
N LEU A 16 2.36 4.86 0.65
CA LEU A 16 1.47 4.13 1.54
C LEU A 16 0.72 5.12 2.40
N GLY A 17 -0.56 4.92 2.51
CA GLY A 17 -1.38 5.77 3.35
C GLY A 17 -2.55 5.03 3.90
N HIS A 18 -2.99 5.39 5.10
CA HIS A 18 -4.12 4.74 5.72
C HIS A 18 -4.76 5.65 6.75
N ARG A 19 -6.07 5.54 6.85
CA ARG A 19 -6.84 6.28 7.85
C ARG A 19 -7.62 5.29 8.69
N ALA A 20 -7.99 5.70 9.89
CA ALA A 20 -8.83 4.87 10.75
C ALA A 20 -9.80 5.71 11.54
N GLN A 21 -11.03 5.21 11.65
CA GLN A 21 -12.06 5.84 12.44
C GLN A 21 -12.87 4.76 13.14
N VAL A 22 -13.53 5.11 14.23
CA VAL A 22 -14.40 4.17 14.88
C VAL A 22 -15.86 4.52 14.61
N ARG A 23 -16.66 3.52 14.31
CA ARG A 23 -18.10 3.72 14.16
C ARG A 23 -18.75 3.65 15.53
N LYS A 24 -19.77 4.47 15.72
CA LYS A 24 -20.39 4.65 17.03
C LYS A 24 -21.12 3.39 17.50
N LYS A 25 -21.21 2.41 16.62
CA LYS A 25 -21.76 1.11 16.97
C LYS A 25 -21.13 0.03 16.10
N PRO A 26 -20.53 -1.00 16.73
CA PRO A 26 -19.95 -2.14 16.00
C PRO A 26 -20.99 -2.86 15.16
N THR A 27 -20.52 -3.54 14.13
CA THR A 27 -21.41 -4.25 13.23
C THR A 27 -21.89 -5.54 13.89
N VAL A 28 -22.71 -6.31 13.18
CA VAL A 28 -23.26 -7.57 13.70
C VAL A 28 -22.18 -8.46 14.32
N GLU A 29 -21.01 -8.49 13.72
CA GLU A 29 -19.93 -9.36 14.16
C GLU A 29 -18.99 -8.65 15.13
N GLY A 30 -19.35 -7.44 15.53
CA GLY A 30 -18.64 -6.74 16.59
C GLY A 30 -17.37 -6.06 16.12
N PHE A 31 -17.37 -5.59 14.89
CA PHE A 31 -16.24 -4.85 14.36
C PHE A 31 -16.44 -3.36 14.66
N THR A 32 -15.51 -2.78 15.38
CA THR A 32 -15.66 -1.42 15.89
C THR A 32 -14.93 -0.38 15.03
N HIS A 33 -13.78 -0.75 14.51
CA HIS A 33 -12.89 0.19 13.84
C HIS A 33 -12.88 -0.01 12.34
N ASP A 34 -13.13 1.06 11.62
CA ASP A 34 -13.12 1.04 10.16
C ASP A 34 -11.92 1.80 9.65
N TRP A 35 -11.23 1.25 8.69
CA TRP A 35 -10.03 1.88 8.18
C TRP A 35 -9.96 1.81 6.67
N MET A 36 -9.10 2.64 6.10
CA MET A 36 -8.90 2.69 4.66
C MET A 36 -7.42 2.83 4.34
N VAL A 37 -6.95 2.04 3.41
CA VAL A 37 -5.58 2.14 2.91
C VAL A 37 -5.58 2.62 1.48
N PHE A 38 -4.60 3.44 1.12
CA PHE A 38 -4.47 3.88 -0.26
C PHE A 38 -2.99 3.88 -0.68
N VAL A 39 -2.72 3.14 -1.75
CA VAL A 39 -1.40 3.04 -2.35
C VAL A 39 -1.42 3.77 -3.69
N ARG A 40 -0.39 4.55 -3.99
CA ARG A 40 -0.41 5.38 -5.19
C ARG A 40 0.95 6.01 -5.44
N GLY A 41 1.01 6.88 -6.44
CA GLY A 41 2.20 7.65 -6.69
C GLY A 41 2.00 9.12 -6.34
N PRO A 42 3.08 9.92 -6.33
CA PRO A 42 3.03 11.35 -6.01
C PRO A 42 2.07 12.16 -6.89
N GLU A 43 1.89 13.42 -6.51
CA GLU A 43 1.02 14.32 -7.22
C GLU A 43 1.42 14.42 -8.69
N HIS A 44 0.45 14.14 -9.55
CA HIS A 44 0.57 14.29 -11.01
C HIS A 44 1.29 13.10 -11.65
N SER A 45 2.08 12.37 -10.87
CA SER A 45 2.72 11.17 -11.37
C SER A 45 1.76 9.99 -11.27
N ASN A 46 1.34 9.47 -12.41
CA ASN A 46 0.40 8.35 -12.44
C ASN A 46 1.18 7.06 -12.44
N ILE A 47 0.83 6.16 -11.51
CA ILE A 47 1.57 4.92 -11.39
C ILE A 47 1.03 3.88 -12.34
N GLN A 48 -0.22 4.04 -12.78
CA GLN A 48 -0.85 3.09 -13.71
C GLN A 48 -0.04 2.94 -14.99
N HIS A 49 0.96 3.81 -15.14
CA HIS A 49 1.88 3.75 -16.26
C HIS A 49 2.95 2.69 -16.03
N PHE A 50 3.47 2.61 -14.81
CA PHE A 50 4.51 1.63 -14.50
C PHE A 50 4.01 0.57 -13.53
N VAL A 51 2.74 0.71 -13.14
CA VAL A 51 2.09 -0.20 -12.21
C VAL A 51 0.83 -0.76 -12.86
N GLU A 52 0.57 -2.04 -12.63
CA GLU A 52 -0.48 -2.75 -13.35
C GLU A 52 -1.67 -3.04 -12.44
N LYS A 53 -1.40 -3.76 -11.37
CA LYS A 53 -2.43 -4.11 -10.42
C LYS A 53 -1.89 -3.95 -9.01
N VAL A 54 -2.78 -3.99 -8.04
CA VAL A 54 -2.39 -3.81 -6.65
C VAL A 54 -3.13 -4.81 -5.78
N VAL A 55 -2.52 -5.18 -4.67
CA VAL A 55 -3.10 -6.21 -3.83
C VAL A 55 -2.86 -5.90 -2.37
N PHE A 56 -3.80 -6.31 -1.54
CA PHE A 56 -3.70 -6.12 -0.10
C PHE A 56 -3.95 -7.44 0.58
N HIS A 57 -2.96 -7.93 1.31
CA HIS A 57 -3.13 -9.16 2.07
C HIS A 57 -3.52 -8.78 3.50
N LEU A 58 -4.80 -8.52 3.69
CA LEU A 58 -5.27 -8.13 5.01
C LEU A 58 -5.12 -9.30 5.98
N HIS A 59 -5.47 -9.08 7.24
CA HIS A 59 -5.28 -10.08 8.27
C HIS A 59 -6.20 -11.26 7.98
N GLU A 60 -5.70 -12.46 8.24
CA GLU A 60 -6.41 -13.70 7.92
C GLU A 60 -7.77 -13.77 8.60
N SER A 61 -7.93 -13.03 9.68
CA SER A 61 -9.22 -12.93 10.37
C SER A 61 -10.25 -12.23 9.51
N PHE A 62 -9.79 -11.53 8.49
CA PHE A 62 -10.67 -10.83 7.56
C PHE A 62 -11.09 -11.77 6.44
N PRO A 63 -12.40 -11.84 6.15
CA PRO A 63 -12.92 -12.65 5.05
C PRO A 63 -12.39 -12.19 3.70
N ARG A 64 -11.79 -13.13 2.96
CA ARG A 64 -11.16 -12.84 1.68
C ARG A 64 -10.20 -11.66 1.81
N PRO A 65 -9.10 -11.83 2.55
CA PRO A 65 -8.25 -10.71 2.94
C PRO A 65 -7.50 -10.08 1.77
N LYS A 66 -7.27 -10.85 0.72
CA LYS A 66 -6.59 -10.35 -0.46
C LYS A 66 -7.54 -9.49 -1.29
N ARG A 67 -7.37 -8.19 -1.19
CA ARG A 67 -8.17 -7.26 -1.94
C ARG A 67 -7.34 -6.70 -3.09
N VAL A 68 -7.75 -6.96 -4.31
CA VAL A 68 -6.96 -6.56 -5.46
C VAL A 68 -7.58 -5.36 -6.15
N CYS A 69 -6.75 -4.50 -6.70
CA CYS A 69 -7.22 -3.44 -7.57
C CYS A 69 -6.50 -3.48 -8.89
N LYS A 70 -7.27 -3.52 -9.96
CA LYS A 70 -6.73 -3.47 -11.31
C LYS A 70 -7.05 -2.13 -11.92
N ASP A 71 -7.55 -1.21 -11.09
CA ASP A 71 -8.06 0.06 -11.58
C ASP A 71 -7.27 1.24 -10.98
N PRO A 72 -7.56 2.49 -11.37
CA PRO A 72 -7.13 3.72 -10.66
C PRO A 72 -7.28 3.64 -9.10
N PRO A 73 -7.17 4.79 -8.34
CA PRO A 73 -6.90 4.83 -6.90
C PRO A 73 -7.14 3.54 -6.13
N TYR A 74 -6.03 2.99 -5.65
CA TYR A 74 -5.97 1.68 -5.02
C TYR A 74 -6.24 1.79 -3.54
N LYS A 75 -7.22 1.06 -3.06
CA LYS A 75 -7.61 1.15 -1.66
C LYS A 75 -8.36 -0.07 -1.17
N VAL A 76 -8.25 -0.28 0.13
CA VAL A 76 -9.03 -1.26 0.86
C VAL A 76 -9.73 -0.56 2.01
N GLU A 77 -11.04 -0.70 2.08
CA GLU A 77 -11.81 -0.11 3.16
C GLU A 77 -12.51 -1.21 3.93
N GLU A 78 -12.03 -1.42 5.14
CA GLU A 78 -12.48 -2.55 5.93
C GLU A 78 -12.87 -2.14 7.33
N SER A 79 -13.28 -3.12 8.11
CA SER A 79 -13.73 -2.90 9.47
C SER A 79 -13.28 -4.06 10.34
N GLY A 80 -12.91 -3.75 11.57
CA GLY A 80 -12.37 -4.74 12.49
C GLY A 80 -12.27 -4.16 13.89
N TYR A 81 -11.33 -4.62 14.69
CA TYR A 81 -11.18 -4.08 16.03
C TYR A 81 -9.73 -4.05 16.50
N ALA A 82 -8.79 -4.19 15.57
CA ALA A 82 -7.37 -4.17 15.91
C ALA A 82 -6.51 -3.88 14.68
N GLY A 83 -5.25 -3.55 14.94
CA GLY A 83 -4.31 -3.29 13.87
C GLY A 83 -3.42 -4.48 13.60
N PHE A 84 -2.53 -4.36 12.62
CA PHE A 84 -1.66 -5.45 12.19
C PHE A 84 -0.79 -5.01 11.02
N ILE A 85 0.35 -5.69 10.84
CA ILE A 85 1.15 -5.48 9.63
C ILE A 85 0.37 -5.91 8.41
N LEU A 86 0.22 -5.01 7.47
CA LEU A 86 -0.50 -5.32 6.25
C LEU A 86 0.45 -5.30 5.07
N PRO A 87 0.77 -6.48 4.54
CA PRO A 87 1.65 -6.62 3.39
C PRO A 87 0.96 -6.15 2.12
N ILE A 88 1.21 -4.92 1.74
CA ILE A 88 0.62 -4.33 0.56
C ILE A 88 1.52 -4.55 -0.64
N GLU A 89 0.93 -4.88 -1.76
CA GLU A 89 1.72 -5.15 -2.95
C GLU A 89 1.25 -4.30 -4.12
N VAL A 90 2.22 -3.66 -4.76
CA VAL A 90 1.95 -2.84 -5.92
C VAL A 90 2.64 -3.46 -7.13
N TYR A 91 1.85 -4.05 -8.01
CA TYR A 91 2.39 -4.79 -9.15
C TYR A 91 2.91 -3.83 -10.22
N PHE A 92 4.06 -4.15 -10.76
CA PHE A 92 4.73 -3.31 -11.72
C PHE A 92 4.51 -3.85 -13.14
N LYS A 93 4.81 -3.02 -14.13
CA LYS A 93 4.71 -3.47 -15.52
C LYS A 93 6.12 -3.67 -16.04
N ASN A 94 6.65 -4.87 -15.89
CA ASN A 94 8.02 -5.13 -16.27
C ASN A 94 8.21 -6.62 -16.52
N LYS A 95 9.20 -6.98 -17.33
CA LYS A 95 9.58 -8.37 -17.50
C LYS A 95 11.00 -8.61 -16.98
N GLU A 96 11.65 -7.53 -16.61
CA GLU A 96 12.99 -7.58 -16.05
C GLU A 96 12.88 -7.51 -14.53
N GLU A 97 13.89 -6.91 -13.86
CA GLU A 97 13.92 -6.76 -12.39
C GLU A 97 12.54 -6.67 -11.74
N PRO A 98 12.44 -7.03 -10.44
CA PRO A 98 11.19 -7.39 -9.77
C PRO A 98 9.96 -6.65 -10.29
N ARG A 99 8.98 -7.42 -10.72
CA ARG A 99 7.79 -6.86 -11.33
C ARG A 99 6.73 -6.61 -10.26
N LYS A 100 7.17 -6.53 -9.02
CA LYS A 100 6.29 -6.25 -7.90
C LYS A 100 7.07 -5.69 -6.73
N VAL A 101 6.39 -4.93 -5.90
CA VAL A 101 6.99 -4.40 -4.68
C VAL A 101 6.07 -4.66 -3.50
N ARG A 102 6.64 -5.02 -2.35
CA ARG A 102 5.85 -5.32 -1.18
C ARG A 102 6.12 -4.34 -0.06
N PHE A 103 5.11 -3.53 0.27
CA PHE A 103 5.23 -2.56 1.34
C PHE A 103 4.53 -3.07 2.59
N ASP A 104 5.31 -3.60 3.53
CA ASP A 104 4.78 -4.05 4.82
C ASP A 104 4.37 -2.85 5.66
N TYR A 105 3.14 -2.42 5.48
CA TYR A 105 2.67 -1.23 6.12
C TYR A 105 1.95 -1.57 7.44
N ASP A 106 2.40 -0.94 8.52
CA ASP A 106 1.80 -1.15 9.82
C ASP A 106 0.45 -0.45 9.90
N LEU A 107 -0.62 -1.24 9.99
CA LEU A 107 -1.95 -0.69 10.12
C LEU A 107 -2.29 -0.47 11.59
N PHE A 108 -2.19 0.76 12.06
CA PHE A 108 -2.55 1.05 13.44
C PHE A 108 -3.85 1.84 13.50
N LEU A 109 -4.65 1.56 14.51
CA LEU A 109 -5.89 2.28 14.72
C LEU A 109 -5.77 3.04 16.04
N HIS A 110 -6.52 4.11 16.22
CA HIS A 110 -6.50 4.83 17.49
C HIS A 110 -7.68 4.41 18.36
N LEU A 111 -7.70 4.89 19.60
CA LEU A 111 -8.62 4.38 20.62
C LEU A 111 -10.09 4.64 20.32
N GLU A 112 -10.88 3.60 20.57
CA GLU A 112 -12.33 3.62 20.46
C GLU A 112 -12.93 4.83 21.18
N GLY A 113 -13.68 5.62 20.44
CA GLY A 113 -14.30 6.82 20.97
C GLY A 113 -13.78 8.06 20.29
N HIS A 114 -12.45 8.19 20.22
CA HIS A 114 -11.86 9.33 19.54
C HIS A 114 -10.56 8.94 18.83
N PRO A 115 -10.66 8.25 17.69
CA PRO A 115 -9.51 7.96 16.86
C PRO A 115 -9.47 8.82 15.59
N PRO A 116 -8.55 9.80 15.54
CA PRO A 116 -8.21 10.47 14.30
C PRO A 116 -6.96 9.86 13.69
N VAL A 117 -7.14 8.98 12.71
CA VAL A 117 -6.01 8.31 12.09
C VAL A 117 -5.87 8.72 10.63
N ASN A 118 -4.77 9.38 10.33
CA ASN A 118 -4.40 9.68 8.95
C ASN A 118 -2.88 9.63 8.83
N HIS A 119 -2.34 8.54 8.28
CA HIS A 119 -0.90 8.38 8.20
C HIS A 119 -0.45 8.13 6.76
N LEU A 120 0.73 8.64 6.42
CA LEU A 120 1.29 8.51 5.09
C LEU A 120 2.80 8.36 5.14
N ARG A 121 3.34 7.63 4.17
CA ARG A 121 4.78 7.52 3.98
C ARG A 121 5.10 7.13 2.54
N CYS A 122 6.23 7.59 2.04
CA CYS A 122 6.56 7.43 0.63
C CYS A 122 7.76 6.51 0.43
N GLU A 123 7.62 5.58 -0.51
CA GLU A 123 8.69 4.67 -0.85
C GLU A 123 9.34 5.09 -2.17
N LYS A 124 10.59 4.73 -2.34
CA LYS A 124 11.34 5.12 -3.52
C LYS A 124 12.02 3.92 -4.15
N LEU A 125 11.77 3.69 -5.44
CA LEU A 125 12.36 2.57 -6.15
C LEU A 125 13.22 3.07 -7.30
N THR A 126 14.53 2.89 -7.18
CA THR A 126 15.48 3.35 -8.21
C THR A 126 15.88 2.19 -9.11
N PHE A 127 15.74 2.39 -10.41
CA PHE A 127 16.12 1.37 -11.38
C PHE A 127 17.25 1.88 -12.28
N ASN A 128 18.45 1.42 -11.99
CA ASN A 128 19.65 1.82 -12.74
C ASN A 128 19.66 1.21 -14.13
N ASN A 129 19.64 2.07 -15.14
CA ASN A 129 19.72 1.66 -16.55
C ASN A 129 18.68 0.59 -16.89
N PRO A 130 17.39 0.96 -16.90
CA PRO A 130 16.33 0.05 -17.28
C PRO A 130 16.08 0.08 -18.79
N THR A 131 15.65 -1.05 -19.34
CA THR A 131 15.36 -1.16 -20.77
C THR A 131 14.34 -0.10 -21.19
N GLU A 132 14.29 0.20 -22.48
CA GLU A 132 13.44 1.29 -22.99
C GLU A 132 12.01 1.13 -22.50
N ASP A 133 11.44 -0.06 -22.65
CA ASP A 133 10.04 -0.31 -22.27
C ASP A 133 9.78 0.10 -20.83
N PHE A 134 10.70 -0.28 -19.94
CA PHE A 134 10.52 -0.01 -18.54
C PHE A 134 10.70 1.46 -18.26
N ARG A 135 11.83 1.99 -18.70
CA ARG A 135 12.16 3.40 -18.53
C ARG A 135 11.04 4.28 -19.09
N ARG A 136 10.64 3.95 -20.30
CA ARG A 136 9.57 4.63 -21.02
C ARG A 136 8.32 4.80 -20.16
N LYS A 137 7.93 3.72 -19.48
CA LYS A 137 6.75 3.77 -18.62
C LYS A 137 7.03 4.60 -17.37
N LEU A 138 8.18 4.35 -16.75
CA LEU A 138 8.61 5.08 -15.56
C LEU A 138 8.62 6.58 -15.80
N LEU A 139 9.04 6.97 -17.00
CA LEU A 139 9.15 8.38 -17.37
C LEU A 139 7.79 8.99 -17.69
N LYS A 140 6.84 8.16 -18.15
CA LYS A 140 5.50 8.63 -18.47
C LYS A 140 4.69 8.90 -17.22
N ALA A 141 5.10 8.28 -16.12
CA ALA A 141 4.43 8.45 -14.82
C ALA A 141 4.10 9.91 -14.51
N GLY B 1 -0.08 4.27 25.03
CA GLY B 1 -0.21 4.98 23.73
C GLY B 1 -1.66 5.11 23.32
N GLY B 2 -1.91 5.91 22.30
CA GLY B 2 -3.27 6.12 21.84
C GLY B 2 -3.67 5.16 20.73
N LYS B 3 -2.85 4.15 20.51
CA LYS B 3 -3.14 3.15 19.50
C LYS B 3 -3.99 2.04 20.08
N ALA B 4 -4.96 1.60 19.29
CA ALA B 4 -5.84 0.52 19.67
C ALA B 4 -5.10 -0.81 19.63
N PRO B 5 -5.66 -1.88 20.24
CA PRO B 5 -5.03 -3.20 20.23
C PRO B 5 -4.71 -3.69 18.82
N ARG B 6 -3.89 -4.72 18.72
CA ARG B 6 -3.50 -5.24 17.43
C ARG B 6 -3.32 -6.76 17.46
N GLN B 8 -1.38 -9.93 16.38
CA GLN B 8 -0.02 -10.29 15.98
C GLN B 8 0.19 -11.80 16.07
N LEU B 9 -0.89 -12.55 16.14
CA LEU B 9 -0.80 -14.01 16.25
C LEU B 9 -1.08 -14.68 14.91
N ALA B 10 -0.69 -14.02 13.83
CA ALA B 10 -0.87 -14.58 12.49
C ALA B 10 0.45 -14.65 11.74
N THR B 11 1.53 -14.26 12.40
CA THR B 11 2.85 -14.34 11.82
C THR B 11 3.29 -15.79 11.75
N LYS B 12 3.14 -16.50 12.87
CA LYS B 12 3.44 -17.93 12.94
C LYS B 12 4.83 -18.22 12.39
N ALA B 13 5.82 -17.51 12.90
CA ALA B 13 7.20 -17.70 12.45
C ALA B 13 7.92 -18.69 13.34
N GLY A 1 30.08 -8.58 -23.30
CA GLY A 1 29.31 -7.43 -22.78
C GLY A 1 30.02 -6.78 -21.60
N SER A 2 30.44 -5.54 -21.79
CA SER A 2 31.14 -4.81 -20.75
C SER A 2 30.17 -4.00 -19.90
N HIS A 3 30.51 -3.83 -18.62
CA HIS A 3 29.65 -3.08 -17.70
C HIS A 3 30.03 -1.61 -17.68
N MET A 4 30.19 -1.02 -18.86
CA MET A 4 30.52 0.38 -18.96
C MET A 4 29.48 1.10 -19.80
N ALA A 5 28.63 1.88 -19.15
CA ALA A 5 27.56 2.61 -19.82
C ALA A 5 27.13 3.77 -18.95
N SER A 6 26.67 4.85 -19.59
CA SER A 6 26.18 6.02 -18.89
C SER A 6 25.00 5.65 -18.00
N SER A 7 25.29 5.41 -16.73
CA SER A 7 24.31 4.90 -15.80
C SER A 7 23.23 5.93 -15.50
N CYS A 8 21.98 5.52 -15.70
CA CYS A 8 20.84 6.36 -15.41
C CYS A 8 19.72 5.53 -14.79
N ALA A 9 19.60 5.63 -13.48
CA ALA A 9 18.57 4.93 -12.73
C ALA A 9 17.31 5.77 -12.69
N VAL A 10 16.19 5.17 -13.03
CA VAL A 10 14.91 5.86 -12.95
C VAL A 10 14.21 5.45 -11.67
N GLN A 11 13.86 6.44 -10.86
CA GLN A 11 13.34 6.17 -9.54
C GLN A 11 11.85 6.49 -9.47
N VAL A 12 11.08 5.53 -8.98
CA VAL A 12 9.66 5.71 -8.83
C VAL A 12 9.29 5.71 -7.35
N LYS A 13 8.32 6.53 -6.98
CA LYS A 13 7.87 6.58 -5.61
C LYS A 13 6.44 6.10 -5.48
N LEU A 14 6.24 5.16 -4.58
CA LEU A 14 4.90 4.67 -4.28
C LEU A 14 4.52 5.08 -2.87
N GLU A 15 3.27 5.41 -2.70
CA GLU A 15 2.77 5.99 -1.46
C GLU A 15 1.89 5.00 -0.71
N LEU A 16 2.26 4.72 0.52
CA LEU A 16 1.44 3.89 1.41
C LEU A 16 0.59 4.81 2.25
N GLY A 17 -0.63 4.41 2.50
CA GLY A 17 -1.51 5.23 3.29
C GLY A 17 -2.55 4.42 3.99
N HIS A 18 -3.21 5.04 4.96
CA HIS A 18 -4.36 4.46 5.60
C HIS A 18 -4.97 5.44 6.58
N ARG A 19 -6.27 5.39 6.69
CA ARG A 19 -7.00 6.18 7.66
C ARG A 19 -7.74 5.25 8.59
N ALA A 20 -8.05 5.72 9.78
CA ALA A 20 -8.86 4.95 10.71
C ALA A 20 -9.78 5.86 11.50
N GLN A 21 -11.01 5.39 11.66
CA GLN A 21 -12.02 6.06 12.45
C GLN A 21 -12.89 5.02 13.14
N VAL A 22 -13.35 5.31 14.33
CA VAL A 22 -14.18 4.36 15.05
C VAL A 22 -15.64 4.80 15.00
N ARG A 23 -16.51 3.82 14.83
CA ARG A 23 -17.94 4.06 14.89
C ARG A 23 -18.43 3.74 16.28
N LYS A 24 -19.34 4.57 16.79
CA LYS A 24 -19.83 4.45 18.15
C LYS A 24 -20.69 3.20 18.30
N LYS A 25 -21.05 2.62 17.17
CA LYS A 25 -21.86 1.42 17.16
C LYS A 25 -21.22 0.40 16.21
N PRO A 26 -20.56 -0.63 16.79
CA PRO A 26 -19.94 -1.70 16.01
C PRO A 26 -20.97 -2.40 15.12
N THR A 27 -20.48 -2.99 14.04
CA THR A 27 -21.36 -3.66 13.07
C THR A 27 -21.95 -4.93 13.69
N VAL A 28 -22.73 -5.65 12.90
CA VAL A 28 -23.39 -6.88 13.34
C VAL A 28 -22.44 -7.82 14.10
N GLU A 29 -21.20 -7.91 13.64
CA GLU A 29 -20.23 -8.81 14.25
C GLU A 29 -19.28 -8.10 15.21
N GLY A 30 -19.58 -6.85 15.50
CA GLY A 30 -18.88 -6.14 16.55
C GLY A 30 -17.56 -5.54 16.11
N PHE A 31 -17.48 -5.14 14.85
CA PHE A 31 -16.29 -4.47 14.35
C PHE A 31 -16.43 -2.97 14.62
N THR A 32 -15.45 -2.43 15.33
CA THR A 32 -15.53 -1.06 15.84
C THR A 32 -14.78 -0.06 14.96
N HIS A 33 -13.65 -0.49 14.41
CA HIS A 33 -12.74 0.41 13.72
C HIS A 33 -12.77 0.20 12.22
N ASP A 34 -13.11 1.26 11.49
CA ASP A 34 -13.12 1.23 10.04
C ASP A 34 -11.84 1.88 9.53
N TRP A 35 -11.18 1.24 8.59
CA TRP A 35 -9.96 1.80 8.03
C TRP A 35 -9.88 1.63 6.53
N MET A 36 -9.07 2.48 5.91
CA MET A 36 -8.88 2.48 4.47
C MET A 36 -7.41 2.64 4.15
N VAL A 37 -6.87 1.77 3.31
CA VAL A 37 -5.46 1.82 2.93
C VAL A 37 -5.25 2.44 1.56
N PHE A 38 -4.07 3.01 1.39
CA PHE A 38 -3.66 3.71 0.17
C PHE A 38 -2.40 3.09 -0.42
N VAL A 39 -2.44 2.81 -1.71
CA VAL A 39 -1.23 2.54 -2.48
C VAL A 39 -1.33 3.22 -3.85
N ARG A 40 -0.50 4.22 -4.06
CA ARG A 40 -0.56 5.04 -5.28
C ARG A 40 0.73 5.83 -5.41
N GLY A 41 0.79 6.73 -6.37
CA GLY A 41 1.94 7.59 -6.49
C GLY A 41 1.68 8.98 -5.95
N PRO A 42 2.74 9.70 -5.58
CA PRO A 42 2.65 11.07 -5.03
C PRO A 42 1.93 12.04 -5.94
N GLU A 43 1.73 13.25 -5.44
CA GLU A 43 1.08 14.31 -6.19
C GLU A 43 1.65 14.43 -7.59
N HIS A 44 0.76 14.31 -8.57
CA HIS A 44 1.06 14.53 -9.99
C HIS A 44 1.81 13.33 -10.62
N SER A 45 2.47 12.54 -9.80
CA SER A 45 3.11 11.32 -10.28
C SER A 45 2.11 10.18 -10.33
N ASN A 46 1.81 9.70 -11.53
CA ASN A 46 0.84 8.63 -11.68
C ASN A 46 1.54 7.28 -11.76
N ILE A 47 1.11 6.35 -10.93
CA ILE A 47 1.75 5.05 -10.88
C ILE A 47 1.14 4.10 -11.88
N GLN A 48 -0.11 4.33 -12.25
CA GLN A 48 -0.81 3.45 -13.19
C GLN A 48 -0.10 3.40 -14.55
N HIS A 49 0.91 4.25 -14.71
CA HIS A 49 1.76 4.22 -15.89
C HIS A 49 2.80 3.10 -15.80
N PHE A 50 3.36 2.88 -14.61
CA PHE A 50 4.37 1.84 -14.42
C PHE A 50 3.89 0.74 -13.48
N VAL A 51 2.67 0.91 -13.00
CA VAL A 51 2.05 0.00 -12.05
C VAL A 51 0.77 -0.57 -12.67
N GLU A 52 0.59 -1.87 -12.52
CA GLU A 52 -0.46 -2.60 -13.23
C GLU A 52 -1.66 -2.81 -12.34
N LYS A 53 -1.49 -3.66 -11.35
CA LYS A 53 -2.56 -3.99 -10.43
C LYS A 53 -2.03 -3.91 -9.00
N VAL A 54 -2.89 -4.13 -8.04
CA VAL A 54 -2.51 -4.02 -6.64
C VAL A 54 -3.21 -5.07 -5.80
N VAL A 55 -2.59 -5.46 -4.71
CA VAL A 55 -3.15 -6.48 -3.85
C VAL A 55 -2.86 -6.16 -2.38
N PHE A 56 -3.80 -6.50 -1.53
CA PHE A 56 -3.67 -6.30 -0.10
C PHE A 56 -3.87 -7.61 0.63
N HIS A 57 -2.89 -8.02 1.42
CA HIS A 57 -3.03 -9.22 2.22
C HIS A 57 -3.40 -8.80 3.64
N LEU A 58 -4.69 -8.61 3.89
CA LEU A 58 -5.14 -8.26 5.24
C LEU A 58 -4.89 -9.43 6.19
N HIS A 59 -5.28 -9.27 7.44
CA HIS A 59 -5.07 -10.31 8.44
C HIS A 59 -6.08 -11.42 8.22
N GLU A 60 -5.67 -12.65 8.49
CA GLU A 60 -6.47 -13.85 8.24
C GLU A 60 -7.80 -13.80 8.99
N SER A 61 -7.83 -13.00 10.04
CA SER A 61 -9.06 -12.75 10.80
C SER A 61 -10.12 -12.09 9.92
N PHE A 62 -9.67 -11.49 8.82
CA PHE A 62 -10.56 -10.85 7.87
C PHE A 62 -11.00 -11.84 6.81
N PRO A 63 -12.30 -11.89 6.49
CA PRO A 63 -12.84 -12.78 5.46
C PRO A 63 -12.33 -12.40 4.07
N ARG A 64 -11.62 -13.33 3.42
CA ARG A 64 -10.99 -13.07 2.12
C ARG A 64 -10.11 -11.84 2.21
N PRO A 65 -8.97 -11.93 2.92
CA PRO A 65 -8.15 -10.76 3.24
C PRO A 65 -7.42 -10.19 2.02
N LYS A 66 -7.21 -11.00 1.02
CA LYS A 66 -6.54 -10.54 -0.18
C LYS A 66 -7.49 -9.77 -1.08
N ARG A 67 -7.32 -8.46 -1.07
CA ARG A 67 -8.12 -7.59 -1.90
C ARG A 67 -7.28 -7.10 -3.06
N VAL A 68 -7.85 -7.11 -4.25
CA VAL A 68 -7.10 -6.71 -5.41
C VAL A 68 -7.68 -5.42 -5.99
N CYS A 69 -6.80 -4.57 -6.48
CA CYS A 69 -7.22 -3.31 -7.07
C CYS A 69 -6.58 -3.14 -8.44
N LYS A 70 -7.39 -3.24 -9.48
CA LYS A 70 -6.91 -3.17 -10.86
C LYS A 70 -7.34 -1.84 -11.47
N ASP A 71 -7.84 -0.99 -10.61
CA ASP A 71 -8.47 0.26 -11.00
C ASP A 71 -7.55 1.45 -10.69
N PRO A 72 -7.96 2.69 -11.03
CA PRO A 72 -7.35 3.94 -10.48
C PRO A 72 -7.18 3.86 -8.93
N PRO A 73 -6.82 5.00 -8.23
CA PRO A 73 -6.33 5.01 -6.85
C PRO A 73 -6.64 3.76 -6.04
N TYR A 74 -5.58 3.02 -5.72
CA TYR A 74 -5.67 1.70 -5.14
C TYR A 74 -5.88 1.80 -3.63
N LYS A 75 -6.90 1.11 -3.13
CA LYS A 75 -7.29 1.21 -1.72
C LYS A 75 -8.08 0.00 -1.27
N VAL A 76 -7.99 -0.27 0.02
CA VAL A 76 -8.85 -1.26 0.67
C VAL A 76 -9.60 -0.61 1.82
N GLU A 77 -10.90 -0.79 1.84
CA GLU A 77 -11.71 -0.31 2.96
C GLU A 77 -12.30 -1.46 3.72
N GLU A 78 -11.97 -1.53 4.98
CA GLU A 78 -12.39 -2.64 5.82
C GLU A 78 -12.80 -2.15 7.19
N SER A 79 -13.19 -3.10 8.03
CA SER A 79 -13.66 -2.79 9.36
C SER A 79 -13.31 -3.94 10.31
N GLY A 80 -12.86 -3.60 11.50
CA GLY A 80 -12.38 -4.57 12.46
C GLY A 80 -12.27 -3.96 13.82
N TYR A 81 -11.36 -4.45 14.65
CA TYR A 81 -11.19 -3.88 15.99
C TYR A 81 -9.74 -3.95 16.47
N ALA A 82 -8.80 -4.11 15.55
CA ALA A 82 -7.39 -4.19 15.91
C ALA A 82 -6.48 -3.88 14.72
N GLY A 83 -5.23 -3.56 15.00
CA GLY A 83 -4.27 -3.24 13.95
C GLY A 83 -3.27 -4.36 13.72
N PHE A 84 -2.40 -4.19 12.72
CA PHE A 84 -1.45 -5.23 12.30
C PHE A 84 -0.63 -4.76 11.10
N ILE A 85 0.57 -5.32 10.93
CA ILE A 85 1.35 -5.09 9.72
C ILE A 85 0.61 -5.66 8.53
N LEU A 86 0.39 -4.84 7.51
CA LEU A 86 -0.33 -5.28 6.33
C LEU A 86 0.61 -5.31 5.13
N PRO A 87 0.98 -6.51 4.67
CA PRO A 87 1.84 -6.68 3.51
C PRO A 87 1.10 -6.30 2.22
N ILE A 88 1.39 -5.12 1.72
CA ILE A 88 0.73 -4.60 0.54
C ILE A 88 1.58 -4.82 -0.70
N GLU A 89 0.95 -5.13 -1.81
CA GLU A 89 1.67 -5.33 -3.05
C GLU A 89 1.19 -4.39 -4.13
N VAL A 90 2.15 -3.74 -4.78
CA VAL A 90 1.87 -2.86 -5.90
C VAL A 90 2.53 -3.46 -7.14
N TYR A 91 1.71 -4.02 -8.02
CA TYR A 91 2.21 -4.72 -9.20
C TYR A 91 2.74 -3.73 -10.22
N PHE A 92 3.85 -4.08 -10.83
CA PHE A 92 4.50 -3.21 -11.78
C PHE A 92 4.30 -3.73 -13.20
N LYS A 93 4.53 -2.88 -14.19
CA LYS A 93 4.47 -3.31 -15.59
C LYS A 93 5.89 -3.42 -16.12
N ASN A 94 6.46 -4.61 -16.04
CA ASN A 94 7.85 -4.79 -16.42
C ASN A 94 8.09 -6.22 -16.85
N LYS A 95 9.11 -6.45 -17.66
CA LYS A 95 9.50 -7.79 -18.04
C LYS A 95 10.89 -8.08 -17.51
N GLU A 96 11.43 -7.08 -16.85
CA GLU A 96 12.76 -7.10 -16.29
C GLU A 96 12.65 -7.42 -14.80
N GLU A 97 13.61 -6.91 -14.02
CA GLU A 97 13.59 -7.03 -12.55
C GLU A 97 12.18 -6.99 -11.93
N PRO A 98 12.04 -7.43 -10.66
CA PRO A 98 10.76 -7.73 -10.02
C PRO A 98 9.59 -6.85 -10.48
N ARG A 99 8.55 -7.52 -10.96
CA ARG A 99 7.37 -6.84 -11.49
C ARG A 99 6.36 -6.60 -10.37
N LYS A 100 6.86 -6.63 -9.15
CA LYS A 100 6.04 -6.42 -7.98
C LYS A 100 6.87 -5.85 -6.85
N VAL A 101 6.23 -5.07 -6.00
CA VAL A 101 6.87 -4.57 -4.80
C VAL A 101 5.99 -4.86 -3.59
N ARG A 102 6.61 -5.20 -2.47
CA ARG A 102 5.85 -5.55 -1.27
C ARG A 102 6.14 -4.53 -0.17
N PHE A 103 5.14 -3.73 0.17
CA PHE A 103 5.30 -2.74 1.22
C PHE A 103 4.62 -3.22 2.49
N ASP A 104 5.40 -3.37 3.55
CA ASP A 104 4.86 -3.83 4.82
C ASP A 104 4.42 -2.62 5.62
N TYR A 105 3.20 -2.18 5.40
CA TYR A 105 2.70 -0.96 6.01
C TYR A 105 2.05 -1.28 7.35
N ASP A 106 2.37 -0.48 8.36
CA ASP A 106 1.85 -0.72 9.70
C ASP A 106 0.46 -0.12 9.83
N LEU A 107 -0.54 -0.98 9.92
CA LEU A 107 -1.91 -0.54 10.08
C LEU A 107 -2.21 -0.26 11.54
N PHE A 108 -2.01 0.99 11.96
CA PHE A 108 -2.32 1.37 13.34
C PHE A 108 -3.68 2.05 13.41
N LEU A 109 -4.47 1.66 14.38
CA LEU A 109 -5.75 2.31 14.61
C LEU A 109 -5.66 3.06 15.94
N HIS A 110 -6.28 4.22 16.04
CA HIS A 110 -6.23 4.99 17.28
C HIS A 110 -7.33 4.54 18.23
N LEU A 111 -7.31 5.05 19.45
CA LEU A 111 -8.12 4.53 20.54
C LEU A 111 -9.61 4.74 20.33
N GLU A 112 -10.35 3.70 20.72
CA GLU A 112 -11.80 3.67 20.63
C GLU A 112 -12.42 4.87 21.36
N GLY A 113 -13.13 5.69 20.62
CA GLY A 113 -13.75 6.88 21.18
C GLY A 113 -13.28 8.13 20.48
N HIS A 114 -11.96 8.28 20.34
CA HIS A 114 -11.41 9.45 19.66
C HIS A 114 -10.16 9.06 18.86
N PRO A 115 -10.34 8.41 17.70
CA PRO A 115 -9.25 8.04 16.83
C PRO A 115 -9.13 8.92 15.59
N PRO A 116 -8.10 9.77 15.54
CA PRO A 116 -7.73 10.50 14.34
C PRO A 116 -6.60 9.82 13.59
N VAL A 117 -6.93 9.07 12.55
CA VAL A 117 -5.89 8.39 11.78
C VAL A 117 -5.93 8.76 10.30
N ASN A 118 -4.91 9.48 9.85
CA ASN A 118 -4.73 9.76 8.43
C ASN A 118 -3.24 9.80 8.12
N HIS A 119 -2.68 8.70 7.64
CA HIS A 119 -1.24 8.60 7.43
C HIS A 119 -0.91 8.22 5.99
N LEU A 120 0.12 8.86 5.45
CA LEU A 120 0.65 8.57 4.12
C LEU A 120 2.16 8.66 4.13
N ARG A 121 2.81 7.78 3.37
CA ARG A 121 4.27 7.69 3.35
C ARG A 121 4.76 7.21 1.99
N CYS A 122 5.86 7.77 1.51
CA CYS A 122 6.35 7.44 0.17
C CYS A 122 7.58 6.54 0.21
N GLU A 123 7.51 5.46 -0.56
CA GLU A 123 8.62 4.55 -0.75
C GLU A 123 9.33 4.88 -2.05
N LYS A 124 10.57 4.46 -2.19
CA LYS A 124 11.35 4.80 -3.36
C LYS A 124 11.97 3.56 -3.99
N LEU A 125 11.79 3.42 -5.30
CA LEU A 125 12.34 2.30 -6.03
C LEU A 125 13.28 2.81 -7.13
N THR A 126 14.55 2.49 -7.05
CA THR A 126 15.51 2.94 -8.04
C THR A 126 15.88 1.82 -8.99
N PHE A 127 15.69 2.05 -10.28
CA PHE A 127 16.00 1.05 -11.28
C PHE A 127 17.16 1.51 -12.13
N ASN A 128 18.35 1.01 -11.82
CA ASN A 128 19.56 1.41 -12.51
C ASN A 128 19.56 0.86 -13.93
N ASN A 129 19.56 1.77 -14.89
CA ASN A 129 19.62 1.44 -16.31
C ASN A 129 18.54 0.43 -16.71
N PRO A 130 17.28 0.88 -16.80
CA PRO A 130 16.18 0.05 -17.25
C PRO A 130 16.04 0.09 -18.77
N THR A 131 15.39 -0.92 -19.32
CA THR A 131 15.18 -0.99 -20.76
C THR A 131 14.17 0.08 -21.20
N GLU A 132 14.14 0.38 -22.49
CA GLU A 132 13.30 1.48 -23.01
C GLU A 132 11.86 1.37 -22.52
N ASP A 133 11.30 0.16 -22.59
CA ASP A 133 9.89 -0.04 -22.22
C ASP A 133 9.64 0.38 -20.78
N PHE A 134 10.54 -0.02 -19.88
CA PHE A 134 10.39 0.30 -18.48
C PHE A 134 10.65 1.78 -18.27
N ARG A 135 11.77 2.23 -18.80
CA ARG A 135 12.14 3.65 -18.83
C ARG A 135 10.96 4.51 -19.27
N ARG A 136 10.33 4.09 -20.34
CA ARG A 136 9.18 4.77 -20.92
C ARG A 136 8.10 5.01 -19.90
N LYS A 137 7.71 3.94 -19.22
CA LYS A 137 6.61 4.00 -18.27
C LYS A 137 6.98 4.89 -17.10
N LEU A 138 8.15 4.63 -16.56
CA LEU A 138 8.67 5.39 -15.42
C LEU A 138 8.73 6.88 -15.70
N LEU A 139 9.10 7.23 -16.94
CA LEU A 139 9.20 8.63 -17.35
C LEU A 139 7.82 9.26 -17.55
N LYS A 140 6.86 8.45 -17.98
CA LYS A 140 5.50 8.94 -18.19
C LYS A 140 4.78 9.18 -16.87
N ALA A 141 5.22 8.48 -15.85
CA ALA A 141 4.64 8.56 -14.51
C ALA A 141 4.43 10.00 -14.06
N GLY B 1 -1.47 5.08 24.33
CA GLY B 1 -2.13 6.39 24.14
C GLY B 1 -2.93 6.46 22.86
N GLY B 2 -2.27 6.20 21.74
CA GLY B 2 -2.94 6.29 20.45
C GLY B 2 -2.92 4.99 19.68
N LYS B 3 -2.22 3.99 20.20
CA LYS B 3 -2.15 2.70 19.54
C LYS B 3 -3.19 1.74 20.12
N ALA B 4 -4.25 1.51 19.36
CA ALA B 4 -5.30 0.57 19.76
C ALA B 4 -4.74 -0.85 19.79
N PRO B 5 -5.43 -1.76 20.50
CA PRO B 5 -5.01 -3.17 20.58
C PRO B 5 -4.89 -3.78 19.19
N ARG B 6 -4.01 -4.75 19.04
CA ARG B 6 -3.73 -5.30 17.72
C ARG B 6 -3.55 -6.81 17.77
N GLN B 8 -1.43 -8.70 16.59
CA GLN B 8 -0.08 -8.94 16.13
C GLN B 8 0.92 -8.26 17.07
N LEU B 9 1.21 -8.94 18.17
CA LEU B 9 2.12 -8.39 19.17
C LEU B 9 2.99 -9.49 19.75
N ALA B 10 4.23 -9.17 20.04
CA ALA B 10 5.19 -10.12 20.57
C ALA B 10 5.46 -9.85 22.04
N THR B 11 4.49 -9.26 22.71
CA THR B 11 4.61 -8.94 24.12
C THR B 11 3.69 -9.80 24.99
N LYS B 12 3.34 -10.97 24.48
CA LYS B 12 2.51 -11.90 25.24
C LYS B 12 3.40 -12.80 26.08
N ALA B 13 4.39 -13.38 25.42
CA ALA B 13 5.33 -14.26 26.09
C ALA B 13 6.75 -13.95 25.62
N GLY A 1 31.29 4.14 -13.56
CA GLY A 1 30.89 2.88 -14.24
C GLY A 1 30.25 1.91 -13.28
N SER A 2 29.01 1.55 -13.55
CA SER A 2 28.27 0.63 -12.71
C SER A 2 28.34 -0.78 -13.26
N HIS A 3 28.25 -0.90 -14.59
CA HIS A 3 28.22 -2.21 -15.23
C HIS A 3 28.44 -2.10 -16.74
N MET A 4 27.58 -1.36 -17.42
CA MET A 4 27.67 -1.24 -18.87
C MET A 4 28.47 0.00 -19.27
N ALA A 5 27.86 1.17 -19.14
CA ALA A 5 28.51 2.41 -19.52
C ALA A 5 27.91 3.60 -18.77
N SER A 6 26.85 4.15 -19.32
CA SER A 6 26.14 5.25 -18.69
C SER A 6 24.87 4.75 -18.02
N SER A 7 24.98 4.40 -16.75
CA SER A 7 23.87 3.81 -16.03
C SER A 7 22.93 4.89 -15.50
N CYS A 8 21.75 4.95 -16.08
CA CYS A 8 20.75 5.90 -15.64
C CYS A 8 19.63 5.18 -14.88
N ALA A 9 19.63 5.35 -13.57
CA ALA A 9 18.61 4.74 -12.72
C ALA A 9 17.34 5.58 -12.72
N VAL A 10 16.23 4.95 -13.03
CA VAL A 10 14.94 5.64 -12.99
C VAL A 10 14.21 5.25 -11.72
N GLN A 11 13.76 6.24 -10.98
CA GLN A 11 13.20 5.99 -9.66
C GLN A 11 11.73 6.32 -9.64
N VAL A 12 10.94 5.42 -9.07
CA VAL A 12 9.52 5.62 -8.95
C VAL A 12 9.13 5.67 -7.48
N LYS A 13 8.18 6.52 -7.14
CA LYS A 13 7.70 6.61 -5.77
C LYS A 13 6.29 6.09 -5.65
N LEU A 14 6.12 5.16 -4.73
CA LEU A 14 4.81 4.65 -4.39
C LEU A 14 4.46 5.09 -2.98
N GLU A 15 3.21 5.38 -2.77
CA GLU A 15 2.76 5.97 -1.52
C GLU A 15 1.91 4.98 -0.73
N LEU A 16 2.31 4.74 0.50
CA LEU A 16 1.53 3.90 1.42
C LEU A 16 0.66 4.81 2.25
N GLY A 17 -0.54 4.37 2.54
CA GLY A 17 -1.44 5.18 3.31
C GLY A 17 -2.51 4.36 3.96
N HIS A 18 -3.23 4.99 4.87
CA HIS A 18 -4.39 4.38 5.49
C HIS A 18 -5.09 5.37 6.41
N ARG A 19 -6.39 5.24 6.48
CA ARG A 19 -7.20 6.04 7.37
C ARG A 19 -7.78 5.14 8.45
N ALA A 20 -8.19 5.72 9.57
CA ALA A 20 -8.87 4.96 10.60
C ALA A 20 -9.77 5.86 11.44
N GLN A 21 -10.99 5.40 11.67
CA GLN A 21 -11.90 6.03 12.58
C GLN A 21 -12.76 4.94 13.23
N VAL A 22 -13.39 5.24 14.34
CA VAL A 22 -14.21 4.25 15.02
C VAL A 22 -15.69 4.51 14.76
N ARG A 23 -16.42 3.46 14.44
CA ARG A 23 -17.86 3.54 14.32
C ARG A 23 -18.47 3.12 15.65
N LYS A 24 -19.47 3.87 16.10
CA LYS A 24 -20.04 3.65 17.42
C LYS A 24 -20.83 2.34 17.45
N LYS A 25 -21.05 1.78 16.27
CA LYS A 25 -21.73 0.51 16.17
C LYS A 25 -20.92 -0.45 15.32
N PRO A 26 -20.36 -1.51 15.94
CA PRO A 26 -19.63 -2.55 15.23
C PRO A 26 -20.54 -3.34 14.29
N THR A 27 -19.93 -4.19 13.50
CA THR A 27 -20.69 -5.08 12.63
C THR A 27 -21.15 -6.30 13.42
N VAL A 28 -21.88 -7.19 12.77
CA VAL A 28 -22.38 -8.42 13.40
C VAL A 28 -21.27 -9.14 14.19
N GLU A 29 -20.08 -9.21 13.62
CA GLU A 29 -18.99 -9.95 14.22
C GLU A 29 -18.19 -9.11 15.22
N GLY A 30 -18.62 -7.87 15.43
CA GLY A 30 -18.05 -7.04 16.48
C GLY A 30 -16.80 -6.30 16.05
N PHE A 31 -16.73 -5.90 14.79
CA PHE A 31 -15.63 -5.10 14.30
C PHE A 31 -15.97 -3.61 14.50
N THR A 32 -15.13 -2.92 15.28
CA THR A 32 -15.46 -1.57 15.76
C THR A 32 -14.73 -0.46 14.98
N HIS A 33 -13.54 -0.75 14.50
CA HIS A 33 -12.69 0.26 13.88
C HIS A 33 -12.65 0.08 12.37
N ASP A 34 -12.95 1.15 11.64
CA ASP A 34 -12.92 1.11 10.18
C ASP A 34 -11.63 1.73 9.71
N TRP A 35 -11.07 1.20 8.64
CA TRP A 35 -9.88 1.78 8.05
C TRP A 35 -9.86 1.59 6.54
N MET A 36 -9.10 2.47 5.89
CA MET A 36 -8.93 2.42 4.44
C MET A 36 -7.46 2.60 4.09
N VAL A 37 -6.90 1.66 3.34
CA VAL A 37 -5.49 1.73 2.96
C VAL A 37 -5.28 2.36 1.59
N PHE A 38 -4.12 2.98 1.44
CA PHE A 38 -3.70 3.71 0.24
C PHE A 38 -2.45 3.09 -0.36
N VAL A 39 -2.51 2.72 -1.64
CA VAL A 39 -1.29 2.53 -2.42
C VAL A 39 -1.45 3.24 -3.76
N ARG A 40 -0.57 4.18 -4.04
CA ARG A 40 -0.67 5.01 -5.25
C ARG A 40 0.63 5.77 -5.47
N GLY A 41 0.63 6.65 -6.45
CA GLY A 41 1.75 7.53 -6.65
C GLY A 41 1.46 8.95 -6.19
N PRO A 42 2.47 9.68 -5.72
CA PRO A 42 2.32 11.04 -5.19
C PRO A 42 1.73 12.03 -6.19
N GLU A 43 1.46 13.23 -5.70
CA GLU A 43 0.88 14.28 -6.52
C GLU A 43 1.72 14.54 -7.76
N HIS A 44 1.07 14.39 -8.92
CA HIS A 44 1.65 14.63 -10.24
C HIS A 44 2.40 13.41 -10.77
N SER A 45 2.72 12.49 -9.88
CA SER A 45 3.28 11.22 -10.31
C SER A 45 2.19 10.16 -10.35
N ASN A 46 1.83 9.70 -11.54
CA ASN A 46 0.82 8.68 -11.69
C ASN A 46 1.46 7.33 -11.93
N ILE A 47 1.07 6.35 -11.12
CA ILE A 47 1.71 5.06 -11.17
C ILE A 47 1.09 4.16 -12.20
N GLN A 48 -0.13 4.46 -12.64
CA GLN A 48 -0.84 3.64 -13.62
C GLN A 48 -0.04 3.54 -14.92
N HIS A 49 0.99 4.36 -15.02
CA HIS A 49 1.89 4.34 -16.16
C HIS A 49 2.89 3.20 -16.05
N PHE A 50 3.35 2.91 -14.84
CA PHE A 50 4.35 1.85 -14.65
C PHE A 50 3.83 0.74 -13.73
N VAL A 51 2.59 0.91 -13.26
CA VAL A 51 1.97 -0.04 -12.34
C VAL A 51 0.71 -0.64 -12.98
N GLU A 52 0.58 -1.94 -12.85
CA GLU A 52 -0.48 -2.70 -13.53
C GLU A 52 -1.67 -2.92 -12.62
N LYS A 53 -1.46 -3.66 -11.54
CA LYS A 53 -2.50 -3.95 -10.58
C LYS A 53 -1.93 -3.89 -9.17
N VAL A 54 -2.80 -4.10 -8.18
CA VAL A 54 -2.41 -3.99 -6.79
C VAL A 54 -3.17 -5.01 -5.95
N VAL A 55 -2.58 -5.43 -4.84
CA VAL A 55 -3.20 -6.44 -3.98
C VAL A 55 -2.91 -6.14 -2.51
N PHE A 56 -3.86 -6.49 -1.65
CA PHE A 56 -3.70 -6.31 -0.22
C PHE A 56 -3.92 -7.63 0.47
N HIS A 57 -3.08 -7.97 1.42
CA HIS A 57 -3.28 -9.18 2.22
C HIS A 57 -3.54 -8.77 3.66
N LEU A 58 -4.79 -8.51 3.97
CA LEU A 58 -5.16 -8.12 5.32
C LEU A 58 -4.95 -9.32 6.25
N HIS A 59 -5.26 -9.17 7.53
CA HIS A 59 -5.06 -10.28 8.46
C HIS A 59 -6.08 -11.36 8.15
N GLU A 60 -5.64 -12.61 8.27
CA GLU A 60 -6.45 -13.77 7.88
C GLU A 60 -7.76 -13.86 8.66
N SER A 61 -7.80 -13.20 9.81
CA SER A 61 -9.01 -13.07 10.58
C SER A 61 -10.08 -12.28 9.80
N PHE A 62 -9.62 -11.45 8.87
CA PHE A 62 -10.51 -10.67 8.01
C PHE A 62 -11.10 -11.55 6.92
N PRO A 63 -12.41 -11.47 6.70
CA PRO A 63 -13.07 -12.22 5.63
C PRO A 63 -12.59 -11.77 4.25
N ARG A 64 -11.99 -12.70 3.50
CA ARG A 64 -11.35 -12.38 2.22
C ARG A 64 -10.32 -11.27 2.40
N PRO A 65 -9.16 -11.58 2.97
CA PRO A 65 -8.17 -10.55 3.28
C PRO A 65 -7.45 -9.99 2.05
N LYS A 66 -7.44 -10.76 0.98
CA LYS A 66 -6.79 -10.33 -0.23
C LYS A 66 -7.75 -9.56 -1.11
N ARG A 67 -7.51 -8.26 -1.19
CA ARG A 67 -8.28 -7.40 -2.06
C ARG A 67 -7.40 -6.93 -3.20
N VAL A 68 -7.94 -6.90 -4.40
CA VAL A 68 -7.16 -6.51 -5.56
C VAL A 68 -7.70 -5.21 -6.14
N CYS A 69 -6.81 -4.35 -6.59
CA CYS A 69 -7.19 -3.10 -7.21
C CYS A 69 -6.51 -2.96 -8.57
N LYS A 70 -7.31 -2.92 -9.63
CA LYS A 70 -6.79 -2.83 -10.99
C LYS A 70 -7.04 -1.43 -11.56
N ASP A 71 -7.48 -0.53 -10.70
CA ASP A 71 -7.89 0.80 -11.11
C ASP A 71 -7.14 1.87 -10.34
N PRO A 72 -7.29 3.16 -10.73
CA PRO A 72 -6.86 4.33 -9.93
C PRO A 72 -7.05 4.17 -8.40
N PRO A 73 -6.69 5.20 -7.58
CA PRO A 73 -6.27 5.05 -6.18
C PRO A 73 -6.63 3.72 -5.55
N TYR A 74 -5.59 2.93 -5.35
CA TYR A 74 -5.71 1.56 -4.90
C TYR A 74 -5.92 1.56 -3.40
N LYS A 75 -7.00 0.94 -2.97
CA LYS A 75 -7.45 1.08 -1.60
C LYS A 75 -8.20 -0.15 -1.12
N VAL A 76 -8.14 -0.36 0.17
CA VAL A 76 -8.94 -1.36 0.83
C VAL A 76 -9.69 -0.74 2.00
N GLU A 77 -11.00 -0.93 2.03
CA GLU A 77 -11.81 -0.46 3.14
C GLU A 77 -12.37 -1.63 3.90
N GLU A 78 -11.97 -1.71 5.14
CA GLU A 78 -12.37 -2.82 6.00
C GLU A 78 -12.66 -2.35 7.41
N SER A 79 -13.00 -3.30 8.25
CA SER A 79 -13.37 -3.02 9.62
C SER A 79 -12.86 -4.13 10.53
N GLY A 80 -12.42 -3.75 11.72
CA GLY A 80 -11.84 -4.69 12.66
C GLY A 80 -11.81 -4.10 14.05
N TYR A 81 -10.93 -4.59 14.90
CA TYR A 81 -10.86 -4.04 16.26
C TYR A 81 -9.42 -3.97 16.78
N ALA A 82 -8.45 -3.98 15.86
CA ALA A 82 -7.04 -3.87 16.22
C ALA A 82 -6.18 -3.59 15.00
N GLY A 83 -4.94 -3.16 15.25
CA GLY A 83 -4.01 -2.88 14.18
C GLY A 83 -3.05 -4.02 13.93
N PHE A 84 -2.23 -3.88 12.90
CA PHE A 84 -1.30 -4.92 12.46
C PHE A 84 -0.52 -4.45 11.24
N ILE A 85 0.65 -5.05 11.00
CA ILE A 85 1.37 -4.83 9.75
C ILE A 85 0.59 -5.43 8.60
N LEU A 86 0.33 -4.63 7.59
CA LEU A 86 -0.39 -5.11 6.42
C LEU A 86 0.52 -5.18 5.21
N PRO A 87 0.91 -6.41 4.83
CA PRO A 87 1.69 -6.65 3.61
C PRO A 87 0.94 -6.24 2.35
N ILE A 88 1.28 -5.09 1.81
CA ILE A 88 0.65 -4.60 0.60
C ILE A 88 1.56 -4.87 -0.59
N GLU A 89 0.96 -5.14 -1.74
CA GLU A 89 1.73 -5.43 -2.94
C GLU A 89 1.27 -4.58 -4.12
N VAL A 90 2.21 -3.99 -4.81
CA VAL A 90 1.92 -3.27 -6.03
C VAL A 90 2.55 -4.00 -7.21
N TYR A 91 1.75 -4.26 -8.24
CA TYR A 91 2.24 -4.94 -9.44
C TYR A 91 2.78 -3.95 -10.45
N PHE A 92 3.94 -4.25 -10.99
CA PHE A 92 4.62 -3.38 -11.92
C PHE A 92 4.47 -3.90 -13.36
N LYS A 93 4.70 -3.04 -14.34
CA LYS A 93 4.69 -3.45 -15.74
C LYS A 93 6.12 -3.47 -16.29
N ASN A 94 6.78 -4.60 -16.21
CA ASN A 94 8.14 -4.69 -16.75
C ASN A 94 8.58 -6.12 -17.06
N LYS A 95 9.64 -6.19 -17.85
CA LYS A 95 10.36 -7.43 -18.13
C LYS A 95 11.70 -7.37 -17.38
N GLU A 96 11.78 -6.35 -16.55
CA GLU A 96 12.98 -6.00 -15.80
C GLU A 96 12.92 -6.55 -14.38
N GLU A 97 13.62 -5.86 -13.46
CA GLU A 97 13.61 -6.16 -12.02
C GLU A 97 12.23 -6.56 -11.48
N PRO A 98 12.15 -7.06 -10.22
CA PRO A 98 10.91 -7.59 -9.64
C PRO A 98 9.65 -6.86 -10.09
N ARG A 99 8.70 -7.64 -10.59
CA ARG A 99 7.48 -7.11 -11.17
C ARG A 99 6.43 -6.86 -10.10
N LYS A 100 6.87 -6.98 -8.87
CA LYS A 100 5.99 -6.78 -7.74
C LYS A 100 6.78 -6.29 -6.54
N VAL A 101 6.21 -5.32 -5.85
CA VAL A 101 6.85 -4.75 -4.68
C VAL A 101 5.97 -4.96 -3.46
N ARG A 102 6.58 -5.27 -2.33
CA ARG A 102 5.86 -5.57 -1.12
C ARG A 102 6.13 -4.54 -0.05
N PHE A 103 5.11 -3.79 0.32
CA PHE A 103 5.24 -2.77 1.34
C PHE A 103 4.55 -3.22 2.62
N ASP A 104 5.33 -3.49 3.65
CA ASP A 104 4.79 -3.84 4.95
C ASP A 104 4.36 -2.57 5.67
N TYR A 105 3.12 -2.15 5.42
CA TYR A 105 2.64 -0.91 5.99
C TYR A 105 1.95 -1.13 7.33
N ASP A 106 2.35 -0.36 8.32
CA ASP A 106 1.80 -0.47 9.66
C ASP A 106 0.39 0.13 9.72
N LEU A 107 -0.58 -0.74 9.96
CA LEU A 107 -1.97 -0.31 10.11
C LEU A 107 -2.25 0.03 11.57
N PHE A 108 -2.15 1.30 11.92
CA PHE A 108 -2.45 1.71 13.29
C PHE A 108 -3.82 2.36 13.37
N LEU A 109 -4.57 1.99 14.39
CA LEU A 109 -5.88 2.59 14.62
C LEU A 109 -5.83 3.34 15.94
N HIS A 110 -6.37 4.56 15.98
CA HIS A 110 -6.34 5.34 17.21
C HIS A 110 -7.52 4.98 18.12
N LEU A 111 -7.50 5.50 19.34
CA LEU A 111 -8.41 5.07 20.39
C LEU A 111 -9.89 5.23 20.03
N GLU A 112 -10.66 4.22 20.44
CA GLU A 112 -12.11 4.23 20.27
C GLU A 112 -12.71 5.42 20.96
N GLY A 113 -13.40 6.25 20.20
CA GLY A 113 -13.97 7.46 20.75
C GLY A 113 -13.42 8.69 20.06
N HIS A 114 -12.10 8.75 19.93
CA HIS A 114 -11.46 9.89 19.28
C HIS A 114 -10.24 9.45 18.47
N PRO A 115 -10.48 8.83 17.30
CA PRO A 115 -9.42 8.42 16.41
C PRO A 115 -9.33 9.31 15.15
N PRO A 116 -8.29 10.15 15.06
CA PRO A 116 -7.95 10.84 13.82
C PRO A 116 -6.83 10.11 13.08
N VAL A 117 -7.17 9.30 12.09
CA VAL A 117 -6.14 8.60 11.33
C VAL A 117 -6.29 8.81 9.82
N ASN A 118 -5.34 9.55 9.26
CA ASN A 118 -5.15 9.61 7.81
C ASN A 118 -3.65 9.77 7.54
N HIS A 119 -2.95 8.68 7.27
CA HIS A 119 -1.51 8.73 7.16
C HIS A 119 -1.04 8.29 5.78
N LEU A 120 0.03 8.91 5.29
CA LEU A 120 0.62 8.58 4.01
C LEU A 120 2.14 8.73 4.04
N ARG A 121 2.83 7.85 3.33
CA ARG A 121 4.29 7.87 3.27
C ARG A 121 4.76 7.39 1.89
N CYS A 122 5.89 7.91 1.44
CA CYS A 122 6.35 7.63 0.09
C CYS A 122 7.57 6.72 0.08
N GLU A 123 7.48 5.66 -0.73
CA GLU A 123 8.58 4.73 -0.93
C GLU A 123 9.29 5.03 -2.24
N LYS A 124 10.52 4.58 -2.35
CA LYS A 124 11.33 4.88 -3.53
C LYS A 124 11.92 3.61 -4.12
N LEU A 125 11.64 3.38 -5.38
CA LEU A 125 12.17 2.23 -6.09
C LEU A 125 13.11 2.70 -7.19
N THR A 126 14.38 2.37 -7.07
CA THR A 126 15.37 2.77 -8.06
C THR A 126 15.68 1.61 -8.99
N PHE A 127 15.59 1.87 -10.29
CA PHE A 127 15.90 0.86 -11.28
C PHE A 127 17.09 1.30 -12.10
N ASN A 128 18.24 0.72 -11.79
CA ASN A 128 19.50 1.11 -12.41
C ASN A 128 19.55 0.64 -13.85
N ASN A 129 19.62 1.62 -14.76
CA ASN A 129 19.77 1.38 -16.20
C ASN A 129 18.73 0.39 -16.73
N PRO A 130 17.45 0.79 -16.77
CA PRO A 130 16.37 -0.06 -17.27
C PRO A 130 16.19 0.08 -18.77
N THR A 131 15.60 -0.93 -19.38
CA THR A 131 15.35 -0.93 -20.82
C THR A 131 14.33 0.15 -21.18
N GLU A 132 14.31 0.56 -22.45
CA GLU A 132 13.50 1.71 -22.88
C GLU A 132 12.05 1.56 -22.44
N ASP A 133 11.46 0.38 -22.66
CA ASP A 133 10.03 0.17 -22.36
C ASP A 133 9.71 0.56 -20.91
N PHE A 134 10.49 0.02 -19.99
CA PHE A 134 10.28 0.28 -18.56
C PHE A 134 10.56 1.74 -18.28
N ARG A 135 11.75 2.16 -18.67
CA ARG A 135 12.19 3.56 -18.59
C ARG A 135 11.11 4.52 -19.08
N ARG A 136 10.58 4.21 -20.24
CA ARG A 136 9.59 5.02 -20.94
C ARG A 136 8.35 5.25 -20.09
N LYS A 137 7.88 4.20 -19.44
CA LYS A 137 6.72 4.31 -18.57
C LYS A 137 7.07 5.02 -17.27
N LEU A 138 8.22 4.68 -16.71
CA LEU A 138 8.72 5.33 -15.49
C LEU A 138 8.83 6.84 -15.66
N LEU A 139 9.16 7.27 -16.89
CA LEU A 139 9.32 8.69 -17.19
C LEU A 139 7.97 9.38 -17.35
N LYS A 140 7.00 8.67 -17.90
CA LYS A 140 5.66 9.20 -18.10
C LYS A 140 4.93 9.40 -16.78
N ALA A 141 5.37 8.65 -15.78
CA ALA A 141 4.78 8.68 -14.44
C ALA A 141 4.67 10.11 -13.88
N GLY B 1 -3.20 11.93 22.36
CA GLY B 1 -2.99 10.88 21.32
C GLY B 1 -2.74 9.51 21.94
N GLY B 2 -3.21 8.48 21.27
CA GLY B 2 -3.02 7.13 21.77
C GLY B 2 -3.36 6.09 20.73
N LYS B 3 -2.68 4.96 20.78
CA LYS B 3 -2.90 3.88 19.82
C LYS B 3 -3.84 2.84 20.42
N ALA B 4 -4.81 2.41 19.63
CA ALA B 4 -5.79 1.43 20.07
C ALA B 4 -5.18 0.03 20.03
N PRO B 5 -5.86 -0.98 20.61
CA PRO B 5 -5.35 -2.35 20.69
C PRO B 5 -4.84 -2.90 19.36
N ARG B 6 -3.94 -3.86 19.44
CA ARG B 6 -3.30 -4.42 18.26
C ARG B 6 -3.13 -5.92 18.41
N GLN B 8 -0.80 -7.69 17.27
CA GLN B 8 0.61 -8.05 17.35
C GLN B 8 0.97 -8.36 18.79
N LEU B 9 1.20 -9.63 19.07
CA LEU B 9 1.44 -10.10 20.43
C LEU B 9 0.25 -9.78 21.32
N ALA B 10 -0.95 -9.98 20.78
CA ALA B 10 -2.17 -9.78 21.53
C ALA B 10 -2.37 -10.93 22.51
N THR B 11 -2.09 -12.13 22.04
CA THR B 11 -2.12 -13.31 22.88
C THR B 11 -0.77 -13.49 23.56
N LYS B 12 -0.48 -12.59 24.49
CA LYS B 12 0.78 -12.58 25.19
C LYS B 12 0.57 -12.16 26.64
N ALA B 13 1.40 -12.68 27.53
CA ALA B 13 1.36 -12.27 28.92
C ALA B 13 2.45 -11.23 29.18
N GLY A 1 16.20 20.77 -26.43
CA GLY A 1 16.07 19.57 -25.57
C GLY A 1 16.32 18.30 -26.35
N SER A 2 17.14 17.43 -25.80
CA SER A 2 17.48 16.18 -26.45
C SER A 2 16.27 15.25 -26.56
N HIS A 3 16.17 14.58 -27.70
CA HIS A 3 15.04 13.68 -27.97
C HIS A 3 15.48 12.23 -27.83
N MET A 4 16.32 11.98 -26.84
CA MET A 4 16.86 10.64 -26.61
C MET A 4 16.85 10.34 -25.12
N ALA A 5 16.89 9.05 -24.78
CA ALA A 5 16.94 8.65 -23.40
C ALA A 5 18.38 8.44 -22.96
N SER A 6 18.65 8.76 -21.72
CA SER A 6 19.99 8.64 -21.17
C SER A 6 20.05 7.47 -20.21
N SER A 7 21.16 6.74 -20.25
CA SER A 7 21.38 5.62 -19.35
C SER A 7 21.47 6.12 -17.91
N CYS A 8 20.46 5.80 -17.11
CA CYS A 8 20.39 6.31 -15.75
C CYS A 8 19.40 5.50 -14.92
N ALA A 9 19.44 5.71 -13.61
CA ALA A 9 18.48 5.09 -12.72
C ALA A 9 17.19 5.89 -12.70
N VAL A 10 16.09 5.25 -13.07
CA VAL A 10 14.80 5.91 -13.07
C VAL A 10 14.06 5.54 -11.79
N GLN A 11 13.60 6.55 -11.07
CA GLN A 11 12.97 6.33 -9.77
C GLN A 11 11.47 6.45 -9.89
N VAL A 12 10.76 5.59 -9.19
CA VAL A 12 9.32 5.68 -9.09
C VAL A 12 8.96 5.87 -7.61
N LYS A 13 7.91 6.64 -7.35
CA LYS A 13 7.56 6.95 -5.96
C LYS A 13 6.18 6.39 -5.67
N LEU A 14 6.09 5.47 -4.73
CA LEU A 14 4.81 4.95 -4.31
C LEU A 14 4.51 5.40 -2.89
N GLU A 15 3.27 5.59 -2.60
CA GLU A 15 2.84 6.09 -1.31
C GLU A 15 1.93 5.11 -0.59
N LEU A 16 2.29 4.77 0.64
CA LEU A 16 1.47 3.91 1.49
C LEU A 16 0.61 4.79 2.38
N GLY A 17 -0.61 4.37 2.59
CA GLY A 17 -1.51 5.18 3.38
C GLY A 17 -2.55 4.37 4.08
N HIS A 18 -3.19 4.99 5.05
CA HIS A 18 -4.31 4.40 5.74
C HIS A 18 -4.91 5.41 6.71
N ARG A 19 -6.22 5.35 6.85
CA ARG A 19 -6.93 6.14 7.85
C ARG A 19 -7.66 5.20 8.77
N ALA A 20 -7.97 5.64 9.97
CA ALA A 20 -8.77 4.83 10.87
C ALA A 20 -9.77 5.69 11.62
N GLN A 21 -10.97 5.12 11.79
CA GLN A 21 -12.05 5.76 12.53
C GLN A 21 -12.88 4.68 13.22
N VAL A 22 -13.35 4.98 14.42
CA VAL A 22 -14.13 4.01 15.17
C VAL A 22 -15.60 4.36 15.10
N ARG A 23 -16.44 3.35 14.96
CA ARG A 23 -17.86 3.52 15.08
C ARG A 23 -18.27 3.15 16.50
N LYS A 24 -19.00 4.03 17.15
CA LYS A 24 -19.32 3.89 18.56
C LYS A 24 -20.15 2.63 18.80
N LYS A 25 -20.69 2.07 17.73
CA LYS A 25 -21.38 0.82 17.80
C LYS A 25 -20.76 -0.17 16.82
N PRO A 26 -20.10 -1.21 17.36
CA PRO A 26 -19.50 -2.27 16.54
C PRO A 26 -20.55 -2.93 15.67
N THR A 27 -20.10 -3.54 14.59
CA THR A 27 -21.00 -4.22 13.68
C THR A 27 -21.47 -5.52 14.30
N VAL A 28 -22.33 -6.24 13.61
CA VAL A 28 -22.88 -7.50 14.11
C VAL A 28 -21.80 -8.44 14.67
N GLU A 29 -20.63 -8.47 14.02
CA GLU A 29 -19.56 -9.37 14.44
C GLU A 29 -18.58 -8.68 15.39
N GLY A 30 -18.92 -7.47 15.82
CA GLY A 30 -18.16 -6.80 16.86
C GLY A 30 -16.91 -6.11 16.36
N PHE A 31 -16.96 -5.62 15.14
CA PHE A 31 -15.85 -4.87 14.58
C PHE A 31 -16.06 -3.39 14.89
N THR A 32 -15.10 -2.80 15.59
CA THR A 32 -15.25 -1.43 16.08
C THR A 32 -14.52 -0.41 15.21
N HIS A 33 -13.37 -0.80 14.67
CA HIS A 33 -12.49 0.14 13.98
C HIS A 33 -12.53 -0.07 12.48
N ASP A 34 -12.91 0.97 11.77
CA ASP A 34 -12.94 0.95 10.32
C ASP A 34 -11.75 1.69 9.79
N TRP A 35 -11.04 1.10 8.86
CA TRP A 35 -9.88 1.72 8.28
C TRP A 35 -9.87 1.62 6.77
N MET A 36 -9.01 2.42 6.16
CA MET A 36 -8.88 2.46 4.71
C MET A 36 -7.42 2.64 4.33
N VAL A 37 -6.92 1.80 3.43
CA VAL A 37 -5.50 1.85 3.03
C VAL A 37 -5.32 2.48 1.65
N PHE A 38 -4.10 2.95 1.42
CA PHE A 38 -3.72 3.67 0.20
C PHE A 38 -2.44 3.11 -0.41
N VAL A 39 -2.44 2.88 -1.72
CA VAL A 39 -1.21 2.76 -2.49
C VAL A 39 -1.31 3.58 -3.80
N ARG A 40 -0.46 4.59 -3.94
CA ARG A 40 -0.53 5.55 -5.06
C ARG A 40 0.85 6.11 -5.39
N GLY A 41 0.89 7.06 -6.32
CA GLY A 41 2.11 7.78 -6.64
C GLY A 41 1.99 9.27 -6.30
N PRO A 42 3.08 10.05 -6.43
CA PRO A 42 3.07 11.50 -6.18
C PRO A 42 2.14 12.27 -7.10
N GLU A 43 1.99 13.55 -6.79
CA GLU A 43 1.13 14.44 -7.55
C GLU A 43 1.58 14.55 -8.99
N HIS A 44 0.65 14.25 -9.89
CA HIS A 44 0.82 14.44 -11.33
C HIS A 44 1.60 13.27 -11.95
N SER A 45 2.36 12.56 -11.13
CA SER A 45 3.00 11.34 -11.57
C SER A 45 2.02 10.18 -11.41
N ASN A 46 1.58 9.63 -12.53
CA ASN A 46 0.60 8.55 -12.49
C ASN A 46 1.30 7.20 -12.49
N ILE A 47 0.96 6.37 -11.53
CA ILE A 47 1.62 5.09 -11.39
C ILE A 47 1.06 4.08 -12.35
N GLN A 48 -0.18 4.30 -12.79
CA GLN A 48 -0.87 3.39 -13.70
C GLN A 48 -0.09 3.22 -15.00
N HIS A 49 0.95 4.03 -15.17
CA HIS A 49 1.84 3.92 -16.30
C HIS A 49 2.87 2.82 -16.08
N PHE A 50 3.38 2.70 -14.85
CA PHE A 50 4.39 1.70 -14.54
C PHE A 50 3.85 0.65 -13.58
N VAL A 51 2.61 0.84 -13.17
CA VAL A 51 1.92 -0.03 -12.23
C VAL A 51 0.64 -0.56 -12.87
N GLU A 52 0.45 -1.87 -12.80
CA GLU A 52 -0.65 -2.52 -13.51
C GLU A 52 -1.82 -2.78 -12.57
N LYS A 53 -1.56 -3.56 -11.53
CA LYS A 53 -2.57 -3.91 -10.56
C LYS A 53 -2.00 -3.79 -9.15
N VAL A 54 -2.85 -3.95 -8.18
CA VAL A 54 -2.46 -3.81 -6.79
C VAL A 54 -3.19 -4.83 -5.94
N VAL A 55 -2.60 -5.24 -4.83
CA VAL A 55 -3.21 -6.25 -3.98
C VAL A 55 -2.92 -5.96 -2.51
N PHE A 56 -3.88 -6.28 -1.67
CA PHE A 56 -3.74 -6.11 -0.24
C PHE A 56 -3.97 -7.43 0.46
N HIS A 57 -2.96 -7.93 1.15
CA HIS A 57 -3.13 -9.16 1.91
C HIS A 57 -3.47 -8.82 3.35
N LEU A 58 -4.76 -8.59 3.61
CA LEU A 58 -5.20 -8.30 4.96
C LEU A 58 -5.08 -9.57 5.82
N HIS A 59 -5.49 -9.50 7.08
CA HIS A 59 -5.38 -10.68 7.95
C HIS A 59 -6.47 -11.68 7.64
N GLU A 60 -6.15 -12.94 7.93
CA GLU A 60 -7.01 -14.08 7.58
C GLU A 60 -8.39 -13.99 8.22
N SER A 61 -8.46 -13.25 9.33
CA SER A 61 -9.73 -13.03 10.02
C SER A 61 -10.68 -12.19 9.15
N PHE A 62 -10.11 -11.51 8.17
CA PHE A 62 -10.87 -10.70 7.24
C PHE A 62 -11.32 -11.57 6.07
N PRO A 63 -12.63 -11.58 5.76
CA PRO A 63 -13.18 -12.37 4.66
C PRO A 63 -12.55 -12.00 3.33
N ARG A 64 -11.88 -12.98 2.70
CA ARG A 64 -11.15 -12.74 1.46
C ARG A 64 -10.18 -11.60 1.64
N PRO A 65 -9.09 -11.81 2.39
CA PRO A 65 -8.20 -10.72 2.82
C PRO A 65 -7.50 -10.05 1.65
N LYS A 66 -7.31 -10.79 0.58
CA LYS A 66 -6.67 -10.26 -0.62
C LYS A 66 -7.62 -9.37 -1.39
N ARG A 67 -7.42 -8.07 -1.27
CA ARG A 67 -8.23 -7.10 -2.00
C ARG A 67 -7.40 -6.54 -3.15
N VAL A 68 -7.88 -6.74 -4.36
CA VAL A 68 -7.12 -6.33 -5.54
C VAL A 68 -7.68 -5.03 -6.11
N CYS A 69 -6.80 -4.21 -6.67
CA CYS A 69 -7.21 -3.01 -7.38
C CYS A 69 -6.53 -2.97 -8.75
N LYS A 70 -7.32 -3.05 -9.80
CA LYS A 70 -6.80 -3.05 -11.17
C LYS A 70 -7.12 -1.71 -11.84
N ASP A 71 -7.62 -0.79 -11.03
CA ASP A 71 -8.10 0.50 -11.51
C ASP A 71 -7.35 1.63 -10.80
N PRO A 72 -7.64 2.92 -11.12
CA PRO A 72 -7.21 4.09 -10.31
C PRO A 72 -7.40 3.89 -8.78
N PRO A 73 -7.29 4.96 -7.92
CA PRO A 73 -6.94 4.86 -6.50
C PRO A 73 -7.08 3.48 -5.88
N TYR A 74 -5.92 2.92 -5.58
CA TYR A 74 -5.80 1.59 -5.05
C TYR A 74 -5.92 1.65 -3.54
N LYS A 75 -6.93 1.02 -3.02
CA LYS A 75 -7.28 1.16 -1.62
C LYS A 75 -8.12 -0.01 -1.14
N VAL A 76 -8.26 -0.09 0.16
CA VAL A 76 -9.08 -1.10 0.82
C VAL A 76 -9.90 -0.47 1.95
N GLU A 77 -11.19 -0.80 1.98
CA GLU A 77 -12.08 -0.29 3.02
C GLU A 77 -12.54 -1.44 3.89
N GLU A 78 -12.07 -1.47 5.13
CA GLU A 78 -12.36 -2.60 6.01
C GLU A 78 -12.71 -2.16 7.41
N SER A 79 -13.01 -3.15 8.25
CA SER A 79 -13.39 -2.92 9.62
C SER A 79 -12.92 -4.09 10.48
N GLY A 80 -12.58 -3.80 11.72
CA GLY A 80 -12.07 -4.80 12.62
C GLY A 80 -11.94 -4.22 14.02
N TYR A 81 -11.01 -4.71 14.82
CA TYR A 81 -10.85 -4.17 16.16
C TYR A 81 -9.38 -4.14 16.59
N ALA A 82 -8.47 -4.30 15.64
CA ALA A 82 -7.05 -4.29 15.95
C ALA A 82 -6.23 -3.93 14.72
N GLY A 83 -5.00 -3.51 14.94
CA GLY A 83 -4.10 -3.20 13.85
C GLY A 83 -3.13 -4.34 13.59
N PHE A 84 -2.24 -4.13 12.61
CA PHE A 84 -1.31 -5.19 12.17
C PHE A 84 -0.51 -4.72 10.96
N ILE A 85 0.68 -5.28 10.78
CA ILE A 85 1.44 -5.07 9.56
C ILE A 85 0.68 -5.66 8.38
N LEU A 86 0.39 -4.83 7.39
CA LEU A 86 -0.35 -5.29 6.23
C LEU A 86 0.58 -5.32 5.02
N PRO A 87 0.90 -6.54 4.54
CA PRO A 87 1.75 -6.72 3.37
C PRO A 87 1.03 -6.32 2.08
N ILE A 88 1.30 -5.11 1.62
CA ILE A 88 0.66 -4.59 0.43
C ILE A 88 1.55 -4.83 -0.78
N GLU A 89 0.93 -5.16 -1.90
CA GLU A 89 1.67 -5.38 -3.13
C GLU A 89 1.22 -4.43 -4.22
N VAL A 90 2.19 -3.82 -4.87
CA VAL A 90 1.92 -3.05 -6.06
C VAL A 90 2.54 -3.76 -7.25
N TYR A 91 1.71 -4.15 -8.20
CA TYR A 91 2.19 -4.85 -9.38
C TYR A 91 2.70 -3.87 -10.39
N PHE A 92 3.91 -4.12 -10.83
CA PHE A 92 4.58 -3.26 -11.78
C PHE A 92 4.42 -3.84 -13.19
N LYS A 93 4.59 -3.02 -14.21
CA LYS A 93 4.56 -3.52 -15.58
C LYS A 93 5.98 -3.71 -16.07
N ASN A 94 6.53 -4.90 -15.90
CA ASN A 94 7.91 -5.12 -16.30
C ASN A 94 8.18 -6.59 -16.60
N LYS A 95 8.98 -6.83 -17.63
CA LYS A 95 9.42 -8.18 -17.98
C LYS A 95 10.83 -8.41 -17.48
N GLU A 96 11.33 -7.38 -16.82
CA GLU A 96 12.69 -7.36 -16.27
C GLU A 96 12.64 -7.62 -14.77
N GLU A 97 13.65 -7.10 -14.03
CA GLU A 97 13.68 -7.10 -12.56
C GLU A 97 12.29 -7.02 -11.90
N PRO A 98 12.20 -7.37 -10.60
CA PRO A 98 10.93 -7.64 -9.91
C PRO A 98 9.80 -6.69 -10.29
N ARG A 99 8.80 -7.28 -10.94
CA ARG A 99 7.64 -6.54 -11.40
C ARG A 99 6.58 -6.45 -10.32
N LYS A 100 7.02 -6.59 -9.07
CA LYS A 100 6.15 -6.39 -7.93
C LYS A 100 6.94 -5.81 -6.79
N VAL A 101 6.28 -5.01 -5.98
CA VAL A 101 6.90 -4.48 -4.78
C VAL A 101 5.99 -4.76 -3.59
N ARG A 102 6.58 -5.13 -2.45
CA ARG A 102 5.79 -5.39 -1.27
C ARG A 102 6.07 -4.34 -0.23
N PHE A 103 5.03 -3.68 0.22
CA PHE A 103 5.16 -2.70 1.26
C PHE A 103 4.48 -3.17 2.53
N ASP A 104 5.27 -3.58 3.49
CA ASP A 104 4.76 -3.99 4.79
C ASP A 104 4.37 -2.74 5.58
N TYR A 105 3.16 -2.27 5.37
CA TYR A 105 2.70 -1.04 5.98
C TYR A 105 2.02 -1.33 7.31
N ASP A 106 2.41 -0.59 8.34
CA ASP A 106 1.87 -0.82 9.67
C ASP A 106 0.50 -0.18 9.80
N LEU A 107 -0.53 -1.02 9.86
CA LEU A 107 -1.88 -0.55 10.05
C LEU A 107 -2.13 -0.29 11.53
N PHE A 108 -1.94 0.95 11.96
CA PHE A 108 -2.18 1.28 13.36
C PHE A 108 -3.51 2.01 13.51
N LEU A 109 -4.26 1.66 14.53
CA LEU A 109 -5.54 2.29 14.80
C LEU A 109 -5.46 3.04 16.12
N HIS A 110 -6.15 4.17 16.22
CA HIS A 110 -6.13 4.95 17.45
C HIS A 110 -7.25 4.48 18.38
N LEU A 111 -7.09 4.73 19.67
CA LEU A 111 -8.01 4.22 20.70
C LEU A 111 -9.49 4.45 20.39
N GLU A 112 -10.26 3.39 20.62
CA GLU A 112 -11.70 3.36 20.43
C GLU A 112 -12.37 4.52 21.16
N GLY A 113 -13.28 5.17 20.46
CA GLY A 113 -13.95 6.32 21.01
C GLY A 113 -13.57 7.59 20.28
N HIS A 114 -12.26 7.84 20.15
CA HIS A 114 -11.79 9.03 19.46
C HIS A 114 -10.47 8.79 18.73
N PRO A 115 -10.51 8.09 17.58
CA PRO A 115 -9.36 7.88 16.75
C PRO A 115 -9.37 8.73 15.48
N PRO A 116 -8.53 9.77 15.39
CA PRO A 116 -8.28 10.46 14.15
C PRO A 116 -7.00 9.97 13.49
N VAL A 117 -7.14 9.05 12.53
CA VAL A 117 -5.97 8.47 11.90
C VAL A 117 -5.95 8.78 10.41
N ASN A 118 -4.89 9.46 9.98
CA ASN A 118 -4.65 9.73 8.58
C ASN A 118 -3.15 9.72 8.30
N HIS A 119 -2.63 8.61 7.79
CA HIS A 119 -1.19 8.50 7.56
C HIS A 119 -0.90 8.13 6.10
N LEU A 120 0.07 8.82 5.54
CA LEU A 120 0.54 8.57 4.18
C LEU A 120 2.06 8.77 4.12
N ARG A 121 2.77 7.74 3.66
CA ARG A 121 4.23 7.76 3.64
C ARG A 121 4.76 7.40 2.26
N CYS A 122 6.00 7.79 1.99
CA CYS A 122 6.57 7.69 0.65
C CYS A 122 7.62 6.58 0.56
N GLU A 123 7.51 5.78 -0.49
CA GLU A 123 8.52 4.80 -0.82
C GLU A 123 9.19 5.18 -2.13
N LYS A 124 10.43 4.78 -2.28
CA LYS A 124 11.22 5.15 -3.45
C LYS A 124 11.86 3.93 -4.07
N LEU A 125 11.61 3.72 -5.35
CA LEU A 125 12.20 2.60 -6.06
C LEU A 125 13.08 3.10 -7.19
N THR A 126 14.38 3.13 -6.96
CA THR A 126 15.33 3.53 -7.99
C THR A 126 15.75 2.32 -8.81
N PHE A 127 15.47 2.34 -10.09
CA PHE A 127 15.88 1.26 -10.98
C PHE A 127 17.07 1.70 -11.80
N ASN A 128 18.22 1.12 -11.49
CA ASN A 128 19.47 1.54 -12.12
C ASN A 128 19.56 1.01 -13.54
N ASN A 129 19.58 1.93 -14.50
CA ASN A 129 19.69 1.60 -15.92
C ASN A 129 18.70 0.53 -16.34
N PRO A 130 17.42 0.89 -16.47
CA PRO A 130 16.39 -0.03 -16.92
C PRO A 130 16.29 -0.08 -18.44
N THR A 131 15.67 -1.13 -18.96
CA THR A 131 15.50 -1.27 -20.40
C THR A 131 14.50 -0.21 -20.90
N GLU A 132 14.56 0.12 -22.19
CA GLU A 132 13.74 1.21 -22.74
C GLU A 132 12.27 1.05 -22.36
N ASP A 133 11.74 -0.16 -22.50
CA ASP A 133 10.33 -0.42 -22.20
C ASP A 133 9.97 0.03 -20.79
N PHE A 134 10.79 -0.37 -19.83
CA PHE A 134 10.53 -0.05 -18.45
C PHE A 134 10.71 1.45 -18.21
N ARG A 135 11.86 1.95 -18.65
CA ARG A 135 12.19 3.36 -18.51
C ARG A 135 11.10 4.24 -19.12
N ARG A 136 10.67 3.86 -20.31
CA ARG A 136 9.58 4.50 -21.02
C ARG A 136 8.39 4.76 -20.12
N LYS A 137 7.91 3.71 -19.48
CA LYS A 137 6.73 3.82 -18.62
C LYS A 137 7.04 4.62 -17.36
N LEU A 138 8.20 4.37 -16.78
CA LEU A 138 8.65 5.11 -15.59
C LEU A 138 8.69 6.62 -15.86
N LEU A 139 9.07 6.99 -17.08
CA LEU A 139 9.18 8.39 -17.48
C LEU A 139 7.81 9.00 -17.80
N LYS A 140 6.91 8.18 -18.31
CA LYS A 140 5.57 8.63 -18.64
C LYS A 140 4.77 8.95 -17.39
N ALA A 141 5.17 8.30 -16.29
CA ALA A 141 4.52 8.47 -15.00
C ALA A 141 4.33 9.94 -14.64
N GLY B 1 -1.14 1.31 26.71
CA GLY B 1 -2.15 2.24 26.18
C GLY B 1 -1.57 3.19 25.14
N GLY B 2 -0.83 2.65 24.19
CA GLY B 2 -0.27 3.47 23.13
C GLY B 2 -1.28 3.70 22.03
N LYS B 3 -1.37 2.74 21.11
CA LYS B 3 -2.41 2.76 20.09
C LYS B 3 -3.49 1.77 20.48
N ALA B 4 -4.43 1.54 19.59
CA ALA B 4 -5.44 0.51 19.81
C ALA B 4 -4.78 -0.86 19.80
N PRO B 5 -5.47 -1.91 20.28
CA PRO B 5 -4.94 -3.27 20.26
C PRO B 5 -4.58 -3.69 18.83
N ARG B 6 -3.65 -4.63 18.69
CA ARG B 6 -3.24 -5.06 17.38
C ARG B 6 -2.94 -6.55 17.35
N GLN B 8 -0.82 -9.09 16.36
CA GLN B 8 0.53 -9.37 15.93
C GLN B 8 0.59 -10.70 15.18
N LEU B 9 -0.08 -11.70 15.74
CA LEU B 9 -0.19 -13.02 15.12
C LEU B 9 1.17 -13.53 14.64
N ALA B 10 2.04 -13.83 15.58
CA ALA B 10 3.36 -14.33 15.25
C ALA B 10 3.59 -15.69 15.92
N THR B 11 3.06 -16.73 15.30
CA THR B 11 3.17 -18.07 15.83
C THR B 11 4.59 -18.59 15.63
N LYS B 12 5.11 -19.28 16.63
CA LYS B 12 6.47 -19.80 16.57
C LYS B 12 6.59 -21.10 17.37
N ALA B 13 6.79 -22.19 16.65
CA ALA B 13 6.96 -23.50 17.25
C ALA B 13 8.29 -24.11 16.83
N GLY A 1 33.35 -1.66 -9.86
CA GLY A 1 34.23 -0.62 -10.44
C GLY A 1 33.52 0.23 -11.48
N SER A 2 33.24 -0.36 -12.64
CA SER A 2 32.58 0.36 -13.70
C SER A 2 31.09 0.56 -13.39
N HIS A 3 30.56 1.70 -13.78
CA HIS A 3 29.15 2.01 -13.55
C HIS A 3 28.47 2.32 -14.87
N MET A 4 28.95 1.66 -15.93
CA MET A 4 28.45 1.89 -17.29
C MET A 4 28.64 3.34 -17.68
N ALA A 5 29.73 3.93 -17.17
CA ALA A 5 30.02 5.37 -17.29
C ALA A 5 29.04 6.18 -16.45
N SER A 6 27.78 6.14 -16.85
CA SER A 6 26.74 6.87 -16.16
C SER A 6 25.53 5.98 -15.96
N SER A 7 25.36 5.47 -14.74
CA SER A 7 24.22 4.63 -14.43
C SER A 7 22.94 5.46 -14.38
N CYS A 8 22.09 5.27 -15.37
CA CYS A 8 20.84 6.00 -15.44
C CYS A 8 19.76 5.24 -14.68
N ALA A 9 19.47 5.69 -13.48
CA ALA A 9 18.47 5.07 -12.64
C ALA A 9 17.18 5.86 -12.69
N VAL A 10 16.09 5.18 -13.02
CA VAL A 10 14.79 5.82 -13.05
C VAL A 10 14.07 5.50 -11.75
N GLN A 11 13.67 6.54 -11.05
CA GLN A 11 13.10 6.38 -9.73
C GLN A 11 11.61 6.64 -9.78
N VAL A 12 10.84 5.68 -9.29
CA VAL A 12 9.42 5.84 -9.21
C VAL A 12 8.99 5.94 -7.75
N LYS A 13 8.11 6.87 -7.47
CA LYS A 13 7.62 7.03 -6.11
C LYS A 13 6.19 6.55 -5.99
N LEU A 14 6.00 5.64 -5.06
CA LEU A 14 4.68 5.17 -4.69
C LEU A 14 4.32 5.79 -3.35
N GLU A 15 3.10 5.59 -2.89
CA GLU A 15 2.65 6.19 -1.66
C GLU A 15 1.76 5.23 -0.87
N LEU A 16 2.18 4.93 0.36
CA LEU A 16 1.37 4.14 1.29
C LEU A 16 0.57 5.07 2.16
N GLY A 17 -0.63 4.64 2.49
CA GLY A 17 -1.47 5.42 3.34
C GLY A 17 -2.47 4.58 4.08
N HIS A 18 -3.13 5.18 5.07
CA HIS A 18 -4.20 4.51 5.77
C HIS A 18 -4.84 5.47 6.77
N ARG A 19 -6.14 5.37 6.91
CA ARG A 19 -6.88 6.14 7.89
C ARG A 19 -7.62 5.19 8.80
N ALA A 20 -7.96 5.64 10.00
CA ALA A 20 -8.75 4.83 10.91
C ALA A 20 -9.70 5.70 11.71
N GLN A 21 -10.93 5.20 11.85
CA GLN A 21 -11.97 5.85 12.62
C GLN A 21 -12.88 4.79 13.22
N VAL A 22 -13.42 5.05 14.40
CA VAL A 22 -14.25 4.06 15.08
C VAL A 22 -15.73 4.42 14.94
N ARG A 23 -16.54 3.42 14.64
CA ARG A 23 -17.98 3.59 14.65
C ARG A 23 -18.48 3.52 16.08
N LYS A 24 -19.66 4.06 16.31
CA LYS A 24 -20.18 4.21 17.67
C LYS A 24 -20.87 2.93 18.12
N LYS A 25 -20.94 1.99 17.19
CA LYS A 25 -21.54 0.68 17.45
C LYS A 25 -20.90 -0.38 16.56
N PRO A 26 -20.30 -1.42 17.16
CA PRO A 26 -19.77 -2.55 16.40
C PRO A 26 -20.84 -3.24 15.57
N THR A 27 -20.42 -3.92 14.53
CA THR A 27 -21.36 -4.63 13.67
C THR A 27 -21.70 -5.98 14.27
N VAL A 28 -22.62 -6.71 13.64
CA VAL A 28 -23.05 -8.02 14.09
C VAL A 28 -21.87 -8.93 14.47
N GLU A 29 -20.77 -8.80 13.73
CA GLU A 29 -19.62 -9.67 13.94
C GLU A 29 -18.61 -9.05 14.91
N GLY A 30 -18.96 -7.90 15.48
CA GLY A 30 -18.18 -7.30 16.53
C GLY A 30 -16.98 -6.52 16.03
N PHE A 31 -17.14 -5.89 14.88
CA PHE A 31 -16.07 -5.07 14.33
C PHE A 31 -16.31 -3.62 14.73
N THR A 32 -15.34 -3.04 15.42
CA THR A 32 -15.48 -1.72 16.00
C THR A 32 -14.77 -0.62 15.19
N HIS A 33 -13.62 -0.96 14.63
CA HIS A 33 -12.76 0.01 13.99
C HIS A 33 -12.78 -0.12 12.48
N ASP A 34 -12.98 0.99 11.79
CA ASP A 34 -13.00 1.02 10.34
C ASP A 34 -11.72 1.69 9.87
N TRP A 35 -11.13 1.16 8.81
CA TRP A 35 -9.92 1.76 8.27
C TRP A 35 -9.86 1.62 6.77
N MET A 36 -9.01 2.44 6.16
CA MET A 36 -8.80 2.43 4.72
C MET A 36 -7.32 2.57 4.42
N VAL A 37 -6.83 1.77 3.47
CA VAL A 37 -5.43 1.81 3.08
C VAL A 37 -5.23 2.43 1.72
N PHE A 38 -4.06 3.01 1.52
CA PHE A 38 -3.71 3.73 0.29
C PHE A 38 -2.47 3.12 -0.36
N VAL A 39 -2.58 2.82 -1.65
CA VAL A 39 -1.40 2.61 -2.49
C VAL A 39 -1.58 3.34 -3.82
N ARG A 40 -0.72 4.31 -4.08
CA ARG A 40 -0.83 5.13 -5.29
C ARG A 40 0.45 5.90 -5.51
N GLY A 41 0.45 6.78 -6.50
CA GLY A 41 1.57 7.67 -6.69
C GLY A 41 1.24 9.08 -6.23
N PRO A 42 2.28 9.89 -5.96
CA PRO A 42 2.12 11.28 -5.48
C PRO A 42 1.35 12.16 -6.46
N GLU A 43 1.11 13.39 -6.01
CA GLU A 43 0.41 14.40 -6.78
C GLU A 43 1.05 14.54 -8.16
N HIS A 44 0.23 14.30 -9.19
CA HIS A 44 0.58 14.55 -10.59
C HIS A 44 1.36 13.39 -11.21
N SER A 45 1.81 12.46 -10.38
CA SER A 45 2.47 11.26 -10.88
C SER A 45 1.49 10.10 -10.95
N ASN A 46 1.18 9.66 -12.16
CA ASN A 46 0.32 8.51 -12.36
C ASN A 46 1.15 7.24 -12.33
N ILE A 47 0.78 6.29 -11.48
CA ILE A 47 1.53 5.06 -11.39
C ILE A 47 1.04 4.04 -12.39
N GLN A 48 -0.21 4.19 -12.85
CA GLN A 48 -0.81 3.26 -13.81
C GLN A 48 0.06 3.09 -15.07
N HIS A 49 1.03 3.96 -15.22
CA HIS A 49 1.95 3.89 -16.34
C HIS A 49 3.01 2.81 -16.10
N PHE A 50 3.46 2.68 -14.87
CA PHE A 50 4.47 1.69 -14.54
C PHE A 50 3.91 0.62 -13.59
N VAL A 51 2.67 0.81 -13.19
CA VAL A 51 1.98 -0.08 -12.28
C VAL A 51 0.70 -0.60 -12.94
N GLU A 52 0.46 -1.89 -12.83
CA GLU A 52 -0.64 -2.53 -13.52
C GLU A 52 -1.82 -2.77 -12.58
N LYS A 53 -1.55 -3.48 -11.50
CA LYS A 53 -2.60 -3.83 -10.54
C LYS A 53 -2.05 -3.74 -9.13
N VAL A 54 -2.90 -3.99 -8.16
CA VAL A 54 -2.53 -3.86 -6.76
C VAL A 54 -3.26 -4.88 -5.91
N VAL A 55 -2.66 -5.26 -4.80
CA VAL A 55 -3.24 -6.28 -3.94
C VAL A 55 -2.97 -5.95 -2.47
N PHE A 56 -3.89 -6.35 -1.62
CA PHE A 56 -3.75 -6.15 -0.19
C PHE A 56 -3.92 -7.48 0.52
N HIS A 57 -2.92 -7.89 1.28
CA HIS A 57 -3.04 -9.10 2.07
C HIS A 57 -3.40 -8.72 3.50
N LEU A 58 -4.68 -8.50 3.75
CA LEU A 58 -5.13 -8.12 5.07
C LEU A 58 -4.89 -9.28 6.04
N HIS A 59 -5.23 -9.09 7.31
CA HIS A 59 -4.99 -10.12 8.30
C HIS A 59 -5.85 -11.33 7.97
N GLU A 60 -5.27 -12.51 8.08
CA GLU A 60 -5.92 -13.75 7.67
C GLU A 60 -7.21 -14.01 8.44
N SER A 61 -7.36 -13.36 9.58
CA SER A 61 -8.60 -13.39 10.34
C SER A 61 -9.73 -12.72 9.56
N PHE A 62 -9.36 -11.90 8.58
CA PHE A 62 -10.32 -11.25 7.70
C PHE A 62 -10.71 -12.23 6.59
N PRO A 63 -12.01 -12.36 6.31
CA PRO A 63 -12.50 -13.25 5.25
C PRO A 63 -12.00 -12.82 3.88
N ARG A 64 -11.23 -13.70 3.24
CA ARG A 64 -10.60 -13.41 1.95
C ARG A 64 -9.84 -12.09 2.03
N PRO A 65 -8.71 -12.07 2.73
CA PRO A 65 -7.99 -10.82 3.05
C PRO A 65 -7.35 -10.17 1.83
N LYS A 66 -7.12 -10.95 0.78
CA LYS A 66 -6.49 -10.44 -0.42
C LYS A 66 -7.48 -9.65 -1.25
N ARG A 67 -7.37 -8.33 -1.16
CA ARG A 67 -8.23 -7.44 -1.92
C ARG A 67 -7.44 -6.84 -3.06
N VAL A 68 -7.87 -7.11 -4.29
CA VAL A 68 -7.13 -6.65 -5.45
C VAL A 68 -7.77 -5.40 -6.05
N CYS A 69 -6.94 -4.47 -6.47
CA CYS A 69 -7.40 -3.24 -7.11
C CYS A 69 -6.67 -3.05 -8.43
N LYS A 70 -7.42 -3.08 -9.53
CA LYS A 70 -6.84 -2.96 -10.86
C LYS A 70 -7.17 -1.60 -11.45
N ASP A 71 -7.75 -0.75 -10.63
CA ASP A 71 -8.26 0.55 -11.06
C ASP A 71 -7.48 1.70 -10.42
N PRO A 72 -7.75 2.96 -10.85
CA PRO A 72 -7.30 4.19 -10.15
C PRO A 72 -7.34 4.10 -8.60
N PRO A 73 -6.96 5.19 -7.88
CA PRO A 73 -6.49 5.15 -6.49
C PRO A 73 -6.83 3.89 -5.72
N TYR A 74 -5.79 3.11 -5.48
CA TYR A 74 -5.91 1.77 -4.94
C TYR A 74 -6.06 1.84 -3.43
N LYS A 75 -7.08 1.19 -2.91
CA LYS A 75 -7.40 1.28 -1.50
C LYS A 75 -8.22 0.09 -1.04
N VAL A 76 -8.09 -0.22 0.23
CA VAL A 76 -8.93 -1.21 0.88
C VAL A 76 -9.66 -0.55 2.05
N GLU A 77 -10.97 -0.71 2.09
CA GLU A 77 -11.77 -0.17 3.16
C GLU A 77 -12.42 -1.30 3.92
N GLU A 78 -12.03 -1.44 5.16
CA GLU A 78 -12.46 -2.58 5.97
C GLU A 78 -12.86 -2.16 7.36
N SER A 79 -13.25 -3.16 8.14
CA SER A 79 -13.70 -2.95 9.50
C SER A 79 -13.31 -4.16 10.35
N GLY A 80 -12.87 -3.89 11.58
CA GLY A 80 -12.34 -4.92 12.45
C GLY A 80 -12.20 -4.40 13.87
N TYR A 81 -11.27 -4.94 14.64
CA TYR A 81 -11.10 -4.48 16.02
C TYR A 81 -9.65 -4.55 16.49
N ALA A 82 -8.70 -4.52 15.56
CA ALA A 82 -7.29 -4.54 15.91
C ALA A 82 -6.40 -4.18 14.72
N GLY A 83 -5.14 -3.84 15.02
CA GLY A 83 -4.18 -3.50 13.98
C GLY A 83 -3.20 -4.63 13.73
N PHE A 84 -2.34 -4.43 12.73
CA PHE A 84 -1.41 -5.48 12.27
C PHE A 84 -0.58 -4.97 11.10
N ILE A 85 0.59 -5.59 10.86
CA ILE A 85 1.35 -5.34 9.65
C ILE A 85 0.57 -5.84 8.44
N LEU A 86 0.42 -4.99 7.45
CA LEU A 86 -0.31 -5.36 6.26
C LEU A 86 0.62 -5.37 5.05
N PRO A 87 0.95 -6.57 4.56
CA PRO A 87 1.81 -6.74 3.39
C PRO A 87 1.08 -6.38 2.11
N ILE A 88 1.31 -5.16 1.64
CA ILE A 88 0.63 -4.65 0.47
C ILE A 88 1.50 -4.82 -0.77
N GLU A 89 0.87 -5.03 -1.91
CA GLU A 89 1.59 -5.22 -3.16
C GLU A 89 1.14 -4.22 -4.22
N VAL A 90 2.11 -3.63 -4.88
CA VAL A 90 1.85 -2.75 -6.00
C VAL A 90 2.50 -3.35 -7.24
N TYR A 91 1.69 -3.91 -8.13
CA TYR A 91 2.20 -4.65 -9.27
C TYR A 91 2.78 -3.72 -10.32
N PHE A 92 3.93 -4.08 -10.81
CA PHE A 92 4.65 -3.28 -11.79
C PHE A 92 4.50 -3.89 -13.19
N LYS A 93 4.71 -3.07 -14.21
CA LYS A 93 4.72 -3.55 -15.58
C LYS A 93 6.15 -3.73 -16.05
N ASN A 94 6.69 -4.92 -15.88
CA ASN A 94 8.10 -5.16 -16.17
C ASN A 94 8.28 -6.33 -17.11
N LYS A 95 9.28 -6.23 -17.97
CA LYS A 95 9.73 -7.37 -18.77
C LYS A 95 11.09 -7.81 -18.26
N GLU A 96 11.54 -7.11 -17.23
CA GLU A 96 12.80 -7.36 -16.57
C GLU A 96 12.55 -7.64 -15.08
N GLU A 97 13.54 -7.31 -14.24
CA GLU A 97 13.50 -7.53 -12.78
C GLU A 97 12.12 -7.32 -12.13
N PRO A 98 11.96 -7.77 -10.84
CA PRO A 98 10.66 -7.97 -10.17
C PRO A 98 9.54 -7.02 -10.59
N ARG A 99 8.41 -7.62 -10.96
CA ARG A 99 7.26 -6.89 -11.43
C ARG A 99 6.31 -6.60 -10.28
N LYS A 100 6.84 -6.65 -9.07
CA LYS A 100 6.04 -6.38 -7.89
C LYS A 100 6.89 -5.78 -6.78
N VAL A 101 6.30 -4.86 -6.04
CA VAL A 101 6.90 -4.35 -4.83
C VAL A 101 5.97 -4.65 -3.67
N ARG A 102 6.53 -5.06 -2.54
CA ARG A 102 5.72 -5.43 -1.40
C ARG A 102 6.00 -4.50 -0.24
N PHE A 103 5.02 -3.70 0.10
CA PHE A 103 5.16 -2.73 1.16
C PHE A 103 4.50 -3.24 2.43
N ASP A 104 5.32 -3.56 3.42
CA ASP A 104 4.81 -4.04 4.70
C ASP A 104 4.45 -2.83 5.55
N TYR A 105 3.24 -2.34 5.34
CA TYR A 105 2.78 -1.12 5.99
C TYR A 105 2.16 -1.44 7.33
N ASP A 106 2.47 -0.63 8.34
CA ASP A 106 1.96 -0.86 9.68
C ASP A 106 0.57 -0.26 9.86
N LEU A 107 -0.43 -1.10 9.97
CA LEU A 107 -1.79 -0.65 10.19
C LEU A 107 -2.07 -0.45 11.68
N PHE A 108 -2.06 0.79 12.14
CA PHE A 108 -2.40 1.07 13.52
C PHE A 108 -3.73 1.81 13.61
N LEU A 109 -4.52 1.47 14.60
CA LEU A 109 -5.77 2.14 14.85
C LEU A 109 -5.68 2.88 16.18
N HIS A 110 -6.40 3.98 16.34
CA HIS A 110 -6.38 4.70 17.60
C HIS A 110 -7.54 4.25 18.49
N LEU A 111 -7.54 4.72 19.73
CA LEU A 111 -8.41 4.16 20.77
C LEU A 111 -9.88 4.44 20.53
N GLU A 112 -10.69 3.46 20.93
CA GLU A 112 -12.12 3.49 20.79
C GLU A 112 -12.72 4.73 21.45
N GLY A 113 -13.45 5.48 20.66
CA GLY A 113 -14.08 6.68 21.15
C GLY A 113 -13.63 7.91 20.39
N HIS A 114 -12.32 8.08 20.28
CA HIS A 114 -11.79 9.24 19.56
C HIS A 114 -10.50 8.88 18.83
N PRO A 115 -10.59 8.20 17.68
CA PRO A 115 -9.43 7.86 16.89
C PRO A 115 -9.26 8.77 15.68
N PRO A 116 -8.25 9.65 15.69
CA PRO A 116 -7.85 10.41 14.52
C PRO A 116 -6.67 9.74 13.80
N VAL A 117 -6.95 8.99 12.74
CA VAL A 117 -5.88 8.37 11.99
C VAL A 117 -5.93 8.75 10.51
N ASN A 118 -4.94 9.50 10.07
CA ASN A 118 -4.79 9.85 8.67
C ASN A 118 -3.30 9.93 8.31
N HIS A 119 -2.75 8.87 7.74
CA HIS A 119 -1.32 8.83 7.45
C HIS A 119 -1.04 8.50 5.99
N LEU A 120 0.00 9.12 5.45
CA LEU A 120 0.50 8.87 4.11
C LEU A 120 2.01 9.11 4.04
N ARG A 121 2.68 8.38 3.18
CA ARG A 121 4.14 8.50 2.98
C ARG A 121 4.46 8.11 1.55
N CYS A 122 5.46 8.74 0.93
CA CYS A 122 5.90 8.31 -0.40
C CYS A 122 7.18 7.47 -0.34
N GLU A 123 7.17 6.32 -1.01
CA GLU A 123 8.33 5.44 -1.11
C GLU A 123 9.06 5.69 -2.43
N LYS A 124 10.30 5.23 -2.54
CA LYS A 124 11.08 5.46 -3.73
C LYS A 124 11.69 4.16 -4.22
N LEU A 125 11.53 3.89 -5.51
CA LEU A 125 12.12 2.71 -6.12
C LEU A 125 13.09 3.14 -7.23
N THR A 126 14.37 2.85 -7.06
CA THR A 126 15.37 3.26 -8.05
C THR A 126 15.83 2.08 -8.89
N PHE A 127 15.66 2.20 -10.20
CA PHE A 127 16.06 1.14 -11.11
C PHE A 127 17.23 1.59 -11.98
N ASN A 128 18.42 1.13 -11.64
CA ASN A 128 19.65 1.52 -12.32
C ASN A 128 19.83 0.76 -13.63
N ASN A 129 19.84 1.50 -14.73
CA ASN A 129 20.11 0.93 -16.07
C ASN A 129 19.07 -0.12 -16.47
N PRO A 130 17.80 0.29 -16.66
CA PRO A 130 16.74 -0.61 -17.10
C PRO A 130 16.56 -0.59 -18.62
N THR A 131 15.71 -1.47 -19.13
CA THR A 131 15.42 -1.48 -20.56
C THR A 131 14.55 -0.28 -20.92
N GLU A 132 14.55 0.12 -22.19
CA GLU A 132 13.82 1.30 -22.62
C GLU A 132 12.35 1.18 -22.25
N ASP A 133 11.75 0.03 -22.54
CA ASP A 133 10.33 -0.20 -22.26
C ASP A 133 9.98 0.13 -20.81
N PHE A 134 10.87 -0.24 -19.89
CA PHE A 134 10.65 0.05 -18.49
C PHE A 134 10.83 1.54 -18.21
N ARG A 135 12.04 2.02 -18.53
CA ARG A 135 12.38 3.45 -18.46
C ARG A 135 11.26 4.33 -19.01
N ARG A 136 10.83 3.99 -20.21
CA ARG A 136 9.79 4.69 -20.93
C ARG A 136 8.51 4.84 -20.11
N LYS A 137 8.06 3.75 -19.49
CA LYS A 137 6.85 3.81 -18.67
C LYS A 137 7.10 4.62 -17.40
N LEU A 138 8.23 4.36 -16.77
CA LEU A 138 8.64 5.08 -15.55
C LEU A 138 8.67 6.59 -15.79
N LEU A 139 9.08 6.98 -17.00
CA LEU A 139 9.23 8.39 -17.34
C LEU A 139 7.90 9.01 -17.76
N LYS A 140 6.95 8.21 -18.22
CA LYS A 140 5.64 8.72 -18.56
C LYS A 140 4.84 9.03 -17.31
N ALA A 141 5.21 8.36 -16.23
CA ALA A 141 4.58 8.57 -14.93
C ALA A 141 4.66 10.04 -14.50
N GLY B 1 -1.10 9.73 21.18
CA GLY B 1 -0.97 8.27 21.36
C GLY B 1 -2.30 7.56 21.29
N GLY B 2 -2.41 6.44 21.98
CA GLY B 2 -3.65 5.69 21.98
C GLY B 2 -3.61 4.56 20.99
N LYS B 3 -2.71 3.62 21.22
CA LYS B 3 -2.52 2.49 20.32
C LYS B 3 -3.55 1.41 20.61
N ALA B 4 -4.50 1.24 19.70
CA ALA B 4 -5.52 0.23 19.84
C ALA B 4 -4.92 -1.18 19.76
N PRO B 5 -5.63 -2.18 20.29
CA PRO B 5 -5.17 -3.58 20.30
C PRO B 5 -4.80 -4.10 18.91
N ARG B 6 -4.01 -5.15 18.88
CA ARG B 6 -3.59 -5.77 17.64
C ARG B 6 -3.72 -7.28 17.68
N GLN B 8 -1.42 -9.46 16.40
CA GLN B 8 -0.13 -10.06 16.07
C GLN B 8 0.38 -10.87 17.24
N LEU B 9 0.26 -10.30 18.44
CA LEU B 9 0.69 -10.97 19.66
C LEU B 9 -0.50 -11.67 20.33
N ALA B 10 -1.60 -11.74 19.61
CA ALA B 10 -2.82 -12.33 20.13
C ALA B 10 -2.96 -13.78 19.68
N THR B 11 -1.88 -14.55 19.82
CA THR B 11 -1.88 -15.96 19.45
C THR B 11 -2.13 -16.14 17.95
N LYS B 12 -1.18 -15.67 17.16
CA LYS B 12 -1.24 -15.78 15.70
C LYS B 12 0.14 -16.08 15.14
N ALA B 13 0.89 -16.92 15.85
CA ALA B 13 2.24 -17.27 15.44
C ALA B 13 2.57 -18.70 15.86
N GLY A 1 25.12 3.60 -32.54
CA GLY A 1 25.23 5.05 -32.22
C GLY A 1 23.90 5.64 -31.84
N SER A 2 23.48 6.69 -32.56
CA SER A 2 22.19 7.35 -32.33
C SER A 2 22.19 8.09 -30.99
N HIS A 3 22.19 7.34 -29.89
CA HIS A 3 22.17 7.92 -28.55
C HIS A 3 20.93 8.78 -28.36
N MET A 4 19.80 8.28 -28.85
CA MET A 4 18.53 8.95 -28.69
C MET A 4 17.99 8.71 -27.29
N ALA A 5 18.30 7.53 -26.77
CA ALA A 5 17.90 7.17 -25.41
C ALA A 5 19.10 7.26 -24.49
N SER A 6 18.82 7.46 -23.20
CA SER A 6 19.87 7.56 -22.21
C SER A 6 19.51 6.76 -20.97
N SER A 7 20.35 5.81 -20.61
CA SER A 7 20.09 4.96 -19.46
C SER A 7 20.63 5.61 -18.18
N CYS A 8 19.83 5.49 -17.12
CA CYS A 8 20.19 5.99 -15.80
C CYS A 8 19.28 5.34 -14.78
N ALA A 9 19.48 5.64 -13.51
CA ALA A 9 18.62 5.12 -12.46
C ALA A 9 17.31 5.90 -12.44
N VAL A 10 16.22 5.21 -12.76
CA VAL A 10 14.91 5.85 -12.79
C VAL A 10 14.18 5.54 -11.50
N GLN A 11 13.67 6.58 -10.87
CA GLN A 11 13.11 6.46 -9.54
C GLN A 11 11.62 6.75 -9.56
N VAL A 12 10.82 5.75 -9.22
CA VAL A 12 9.39 5.92 -9.11
C VAL A 12 8.97 5.88 -7.66
N LYS A 13 8.02 6.73 -7.30
CA LYS A 13 7.56 6.79 -5.93
C LYS A 13 6.14 6.29 -5.79
N LEU A 14 5.95 5.34 -4.89
CA LEU A 14 4.63 4.83 -4.58
C LEU A 14 4.27 5.23 -3.16
N GLU A 15 3.03 5.55 -2.96
CA GLU A 15 2.58 6.12 -1.70
C GLU A 15 1.73 5.14 -0.92
N LEU A 16 2.14 4.85 0.31
CA LEU A 16 1.37 4.01 1.22
C LEU A 16 0.52 4.90 2.09
N GLY A 17 -0.65 4.45 2.42
CA GLY A 17 -1.52 5.23 3.24
C GLY A 17 -2.51 4.40 4.00
N HIS A 18 -3.10 5.00 5.01
CA HIS A 18 -4.19 4.38 5.74
C HIS A 18 -4.80 5.37 6.69
N ARG A 19 -6.08 5.25 6.88
CA ARG A 19 -6.80 6.06 7.84
C ARG A 19 -7.54 5.15 8.78
N ALA A 20 -7.85 5.63 9.95
CA ALA A 20 -8.62 4.86 10.90
C ALA A 20 -9.47 5.77 11.77
N GLN A 21 -10.73 5.39 11.94
CA GLN A 21 -11.61 6.06 12.86
C GLN A 21 -12.47 5.00 13.54
N VAL A 22 -13.07 5.33 14.66
CA VAL A 22 -13.93 4.38 15.34
C VAL A 22 -15.40 4.75 15.12
N ARG A 23 -16.22 3.76 14.88
CA ARG A 23 -17.65 3.97 14.83
C ARG A 23 -18.25 3.66 16.20
N LYS A 24 -19.16 4.51 16.65
CA LYS A 24 -19.71 4.40 18.01
C LYS A 24 -20.60 3.18 18.15
N LYS A 25 -20.81 2.47 17.05
CA LYS A 25 -21.61 1.27 17.06
C LYS A 25 -20.96 0.20 16.19
N PRO A 26 -20.31 -0.78 16.84
CA PRO A 26 -19.72 -1.93 16.14
C PRO A 26 -20.78 -2.73 15.39
N THR A 27 -20.33 -3.49 14.40
CA THR A 27 -21.24 -4.33 13.64
C THR A 27 -21.61 -5.57 14.44
N VAL A 28 -22.45 -6.42 13.87
CA VAL A 28 -22.89 -7.66 14.52
C VAL A 28 -21.70 -8.46 15.05
N GLU A 29 -20.61 -8.47 14.29
CA GLU A 29 -19.44 -9.26 14.64
C GLU A 29 -18.49 -8.48 15.56
N GLY A 30 -18.88 -7.26 15.90
CA GLY A 30 -18.15 -6.49 16.90
C GLY A 30 -16.94 -5.79 16.35
N PHE A 31 -17.03 -5.35 15.10
CA PHE A 31 -15.97 -4.57 14.49
C PHE A 31 -16.18 -3.09 14.85
N THR A 32 -15.24 -2.51 15.58
CA THR A 32 -15.37 -1.15 16.09
C THR A 32 -14.63 -0.12 15.25
N HIS A 33 -13.49 -0.52 14.70
CA HIS A 33 -12.58 0.41 14.02
C HIS A 33 -12.57 0.16 12.52
N ASP A 34 -12.81 1.22 11.76
CA ASP A 34 -12.76 1.15 10.31
C ASP A 34 -11.50 1.80 9.82
N TRP A 35 -10.87 1.19 8.83
CA TRP A 35 -9.66 1.73 8.26
C TRP A 35 -9.65 1.56 6.75
N MET A 36 -8.86 2.39 6.09
CA MET A 36 -8.72 2.37 4.65
C MET A 36 -7.26 2.51 4.28
N VAL A 37 -6.78 1.63 3.40
CA VAL A 37 -5.39 1.65 2.98
C VAL A 37 -5.22 2.26 1.60
N PHE A 38 -4.03 2.83 1.39
CA PHE A 38 -3.67 3.52 0.15
C PHE A 38 -2.43 2.90 -0.50
N VAL A 39 -2.52 2.67 -1.80
CA VAL A 39 -1.32 2.53 -2.64
C VAL A 39 -1.55 3.27 -3.95
N ARG A 40 -0.76 4.30 -4.19
CA ARG A 40 -0.91 5.15 -5.37
C ARG A 40 0.37 5.92 -5.60
N GLY A 41 0.35 6.83 -6.56
CA GLY A 41 1.48 7.71 -6.77
C GLY A 41 1.21 9.09 -6.22
N PRO A 42 2.27 9.80 -5.80
CA PRO A 42 2.16 11.16 -5.25
C PRO A 42 1.57 12.16 -6.21
N GLU A 43 1.33 13.36 -5.70
CA GLU A 43 0.83 14.47 -6.49
C GLU A 43 1.59 14.59 -7.81
N HIS A 44 0.83 14.55 -8.90
CA HIS A 44 1.33 14.81 -10.26
C HIS A 44 2.03 13.58 -10.86
N SER A 45 2.40 12.62 -10.03
CA SER A 45 3.00 11.38 -10.51
C SER A 45 1.94 10.30 -10.66
N ASN A 46 1.70 9.86 -11.90
CA ASN A 46 0.73 8.81 -12.15
C ASN A 46 1.43 7.46 -12.22
N ILE A 47 0.96 6.51 -11.44
CA ILE A 47 1.62 5.22 -11.37
C ILE A 47 1.07 4.26 -12.42
N GLN A 48 -0.14 4.50 -12.91
CA GLN A 48 -0.78 3.61 -13.88
C GLN A 48 0.09 3.46 -15.14
N HIS A 49 1.10 4.31 -15.24
CA HIS A 49 2.02 4.26 -16.35
C HIS A 49 3.06 3.15 -16.17
N PHE A 50 3.45 2.90 -14.92
CA PHE A 50 4.44 1.86 -14.62
C PHE A 50 3.85 0.77 -13.70
N VAL A 51 2.59 0.94 -13.33
CA VAL A 51 1.91 0.04 -12.42
C VAL A 51 0.63 -0.50 -13.06
N GLU A 52 0.39 -1.79 -12.88
CA GLU A 52 -0.74 -2.46 -13.52
C GLU A 52 -1.85 -2.73 -12.51
N LYS A 53 -1.58 -3.61 -11.56
CA LYS A 53 -2.57 -4.02 -10.58
C LYS A 53 -1.99 -3.96 -9.18
N VAL A 54 -2.80 -4.28 -8.19
CA VAL A 54 -2.42 -4.15 -6.80
C VAL A 54 -3.16 -5.18 -5.96
N VAL A 55 -2.58 -5.56 -4.83
CA VAL A 55 -3.18 -6.57 -3.97
C VAL A 55 -2.93 -6.23 -2.51
N PHE A 56 -3.88 -6.58 -1.66
CA PHE A 56 -3.76 -6.37 -0.24
C PHE A 56 -3.96 -7.69 0.49
N HIS A 57 -2.96 -8.11 1.25
CA HIS A 57 -3.10 -9.31 2.07
C HIS A 57 -3.45 -8.90 3.48
N LEU A 58 -4.72 -8.70 3.74
CA LEU A 58 -5.14 -8.40 5.11
C LEU A 58 -4.90 -9.65 5.95
N HIS A 59 -5.09 -9.58 7.25
CA HIS A 59 -4.77 -10.73 8.08
C HIS A 59 -5.94 -11.70 8.15
N GLU A 60 -5.60 -12.93 8.47
CA GLU A 60 -6.48 -14.10 8.37
C GLU A 60 -7.82 -13.88 9.05
N SER A 61 -7.86 -13.05 10.09
CA SER A 61 -9.09 -12.72 10.79
C SER A 61 -10.08 -12.03 9.84
N PHE A 62 -9.56 -11.50 8.76
CA PHE A 62 -10.35 -10.79 7.76
C PHE A 62 -10.76 -11.77 6.66
N PRO A 63 -12.06 -11.92 6.42
CA PRO A 63 -12.58 -12.82 5.38
C PRO A 63 -12.15 -12.38 3.98
N ARG A 64 -11.64 -13.33 3.21
CA ARG A 64 -11.08 -13.05 1.88
C ARG A 64 -10.11 -11.89 1.95
N PRO A 65 -9.00 -12.03 2.68
CA PRO A 65 -8.14 -10.90 3.05
C PRO A 65 -7.40 -10.31 1.86
N LYS A 66 -7.24 -11.09 0.81
CA LYS A 66 -6.59 -10.61 -0.39
C LYS A 66 -7.56 -9.79 -1.23
N ARG A 67 -7.38 -8.48 -1.15
CA ARG A 67 -8.22 -7.56 -1.90
C ARG A 67 -7.42 -7.00 -3.07
N VAL A 68 -7.84 -7.31 -4.26
CA VAL A 68 -7.10 -6.87 -5.45
C VAL A 68 -7.72 -5.59 -6.01
N CYS A 69 -6.87 -4.72 -6.52
CA CYS A 69 -7.32 -3.50 -7.16
C CYS A 69 -6.58 -3.35 -8.50
N LYS A 70 -7.34 -3.39 -9.59
CA LYS A 70 -6.73 -3.34 -10.93
C LYS A 70 -7.00 -1.97 -11.56
N ASP A 71 -7.54 -1.08 -10.76
CA ASP A 71 -7.95 0.24 -11.25
C ASP A 71 -7.20 1.33 -10.51
N PRO A 72 -7.31 2.60 -10.99
CA PRO A 72 -6.86 3.82 -10.27
C PRO A 72 -7.05 3.75 -8.73
N PRO A 73 -6.67 4.84 -7.98
CA PRO A 73 -6.27 4.78 -6.57
C PRO A 73 -6.67 3.51 -5.83
N TYR A 74 -5.64 2.72 -5.54
CA TYR A 74 -5.80 1.39 -4.98
C TYR A 74 -5.98 1.50 -3.48
N LYS A 75 -7.01 0.85 -2.96
CA LYS A 75 -7.38 1.01 -1.57
C LYS A 75 -8.21 -0.15 -1.06
N VAL A 76 -8.10 -0.39 0.22
CA VAL A 76 -8.95 -1.34 0.91
C VAL A 76 -9.66 -0.66 2.07
N GLU A 77 -10.96 -0.80 2.12
CA GLU A 77 -11.76 -0.22 3.19
C GLU A 77 -12.41 -1.32 3.99
N GLU A 78 -11.96 -1.45 5.21
CA GLU A 78 -12.40 -2.53 6.07
C GLU A 78 -12.77 -2.05 7.44
N SER A 79 -13.20 -2.99 8.27
CA SER A 79 -13.60 -2.70 9.62
C SER A 79 -13.27 -3.89 10.51
N GLY A 80 -12.84 -3.60 11.73
CA GLY A 80 -12.35 -4.60 12.63
C GLY A 80 -12.19 -4.03 14.02
N TYR A 81 -11.27 -4.54 14.81
CA TYR A 81 -11.08 -4.00 16.16
C TYR A 81 -9.63 -4.01 16.59
N ALA A 82 -8.70 -4.14 15.64
CA ALA A 82 -7.28 -4.17 15.99
C ALA A 82 -6.41 -3.77 14.80
N GLY A 83 -5.16 -3.40 15.10
CA GLY A 83 -4.21 -3.03 14.08
C GLY A 83 -3.21 -4.13 13.81
N PHE A 84 -2.44 -3.99 12.74
CA PHE A 84 -1.51 -5.04 12.30
C PHE A 84 -0.72 -4.60 11.09
N ILE A 85 0.46 -5.19 10.90
CA ILE A 85 1.20 -5.04 9.65
C ILE A 85 0.41 -5.64 8.50
N LEU A 86 0.21 -4.86 7.46
CA LEU A 86 -0.51 -5.30 6.30
C LEU A 86 0.42 -5.30 5.09
N PRO A 87 0.75 -6.48 4.57
CA PRO A 87 1.62 -6.62 3.41
C PRO A 87 0.90 -6.21 2.13
N ILE A 88 1.15 -4.99 1.68
CA ILE A 88 0.54 -4.48 0.46
C ILE A 88 1.46 -4.72 -0.72
N GLU A 89 0.89 -4.98 -1.87
CA GLU A 89 1.68 -5.25 -3.07
C GLU A 89 1.21 -4.42 -4.24
N VAL A 90 2.15 -3.80 -4.92
CA VAL A 90 1.85 -3.09 -6.14
C VAL A 90 2.50 -3.81 -7.32
N TYR A 91 1.69 -4.16 -8.30
CA TYR A 91 2.19 -4.83 -9.50
C TYR A 91 2.69 -3.83 -10.52
N PHE A 92 3.85 -4.12 -11.06
CA PHE A 92 4.51 -3.23 -12.00
C PHE A 92 4.31 -3.74 -13.43
N LYS A 93 4.59 -2.89 -14.42
CA LYS A 93 4.55 -3.31 -15.82
C LYS A 93 5.98 -3.41 -16.36
N ASN A 94 6.59 -4.57 -16.23
CA ASN A 94 7.97 -4.74 -16.65
C ASN A 94 8.33 -6.19 -16.92
N LYS A 95 9.45 -6.38 -17.60
CA LYS A 95 9.96 -7.70 -17.97
C LYS A 95 11.26 -7.99 -17.21
N GLU A 96 11.81 -6.94 -16.64
CA GLU A 96 13.13 -6.96 -16.01
C GLU A 96 12.98 -7.04 -14.49
N GLU A 97 13.97 -6.47 -13.77
CA GLU A 97 14.01 -6.43 -12.29
C GLU A 97 12.62 -6.27 -11.64
N PRO A 98 12.51 -6.47 -10.29
CA PRO A 98 11.25 -6.74 -9.59
C PRO A 98 10.00 -6.20 -10.27
N ARG A 99 9.11 -7.11 -10.58
CA ARG A 99 7.89 -6.81 -11.32
C ARG A 99 6.75 -6.58 -10.35
N LYS A 100 7.09 -6.62 -9.08
CA LYS A 100 6.13 -6.45 -8.01
C LYS A 100 6.84 -5.96 -6.76
N VAL A 101 6.21 -5.03 -6.06
CA VAL A 101 6.81 -4.46 -4.87
C VAL A 101 5.91 -4.71 -3.67
N ARG A 102 6.52 -5.04 -2.54
CA ARG A 102 5.79 -5.36 -1.33
C ARG A 102 6.06 -4.34 -0.25
N PHE A 103 5.02 -3.64 0.16
CA PHE A 103 5.14 -2.64 1.20
C PHE A 103 4.45 -3.13 2.47
N ASP A 104 5.26 -3.42 3.49
CA ASP A 104 4.72 -3.87 4.77
C ASP A 104 4.25 -2.68 5.58
N TYR A 105 2.99 -2.29 5.38
CA TYR A 105 2.47 -1.10 6.00
C TYR A 105 1.76 -1.43 7.30
N ASP A 106 2.01 -0.64 8.32
CA ASP A 106 1.44 -0.88 9.64
C ASP A 106 0.12 -0.14 9.79
N LEU A 107 -0.98 -0.87 9.94
CA LEU A 107 -2.26 -0.23 10.19
C LEU A 107 -2.40 0.04 11.68
N PHE A 108 -1.98 1.19 12.13
CA PHE A 108 -2.23 1.57 13.52
C PHE A 108 -3.60 2.22 13.63
N LEU A 109 -4.38 1.78 14.60
CA LEU A 109 -5.67 2.39 14.88
C LEU A 109 -5.57 3.04 16.25
N HIS A 110 -6.13 4.23 16.42
CA HIS A 110 -6.10 4.87 17.74
C HIS A 110 -7.29 4.45 18.57
N LEU A 111 -7.29 4.80 19.84
CA LEU A 111 -8.23 4.25 20.81
C LEU A 111 -9.68 4.56 20.49
N GLU A 112 -10.54 3.59 20.80
CA GLU A 112 -11.98 3.72 20.67
C GLU A 112 -12.46 4.94 21.45
N GLY A 113 -13.06 5.88 20.74
CA GLY A 113 -13.52 7.10 21.36
C GLY A 113 -12.92 8.33 20.72
N HIS A 114 -11.60 8.35 20.56
CA HIS A 114 -10.93 9.48 19.92
C HIS A 114 -9.72 9.01 19.11
N PRO A 115 -9.95 8.42 17.93
CA PRO A 115 -8.89 8.03 17.04
C PRO A 115 -8.76 8.94 15.82
N PRO A 116 -7.70 9.75 15.76
CA PRO A 116 -7.36 10.50 14.57
C PRO A 116 -6.28 9.79 13.76
N VAL A 117 -6.67 9.05 12.74
CA VAL A 117 -5.70 8.34 11.93
C VAL A 117 -5.81 8.71 10.45
N ASN A 118 -4.82 9.44 9.98
CA ASN A 118 -4.69 9.76 8.56
C ASN A 118 -3.22 9.82 8.18
N HIS A 119 -2.69 8.74 7.62
CA HIS A 119 -1.27 8.68 7.33
C HIS A 119 -1.00 8.30 5.88
N LEU A 120 0.03 8.92 5.32
CA LEU A 120 0.51 8.63 3.98
C LEU A 120 2.03 8.77 3.93
N ARG A 121 2.68 7.87 3.20
CA ARG A 121 4.14 7.87 3.10
C ARG A 121 4.58 7.37 1.73
N CYS A 122 5.47 8.11 1.09
CA CYS A 122 5.95 7.74 -0.23
C CYS A 122 7.23 6.90 -0.17
N GLU A 123 7.22 5.80 -0.89
CA GLU A 123 8.38 4.92 -1.03
C GLU A 123 9.10 5.23 -2.33
N LYS A 124 10.35 4.81 -2.45
CA LYS A 124 11.14 5.13 -3.62
C LYS A 124 11.77 3.86 -4.21
N LEU A 125 11.58 3.67 -5.50
CA LEU A 125 12.15 2.55 -6.21
C LEU A 125 13.10 3.05 -7.28
N THR A 126 14.40 2.83 -7.09
CA THR A 126 15.40 3.28 -8.06
C THR A 126 15.90 2.10 -8.90
N PHE A 127 15.70 2.19 -10.21
CA PHE A 127 16.12 1.13 -11.11
C PHE A 127 17.29 1.59 -11.97
N ASN A 128 18.44 1.01 -11.72
CA ASN A 128 19.68 1.42 -12.39
C ASN A 128 19.72 0.91 -13.82
N ASN A 129 19.77 1.86 -14.76
CA ASN A 129 19.95 1.56 -16.19
C ASN A 129 19.00 0.47 -16.68
N PRO A 130 17.70 0.78 -16.78
CA PRO A 130 16.71 -0.15 -17.32
C PRO A 130 16.54 0.01 -18.83
N THR A 131 15.85 -0.93 -19.44
CA THR A 131 15.58 -0.90 -20.87
C THR A 131 14.47 0.12 -21.16
N GLU A 132 14.31 0.53 -22.43
CA GLU A 132 13.34 1.58 -22.77
C GLU A 132 11.97 1.27 -22.22
N ASP A 133 11.45 0.07 -22.45
CA ASP A 133 10.08 -0.25 -22.09
C ASP A 133 9.80 0.16 -20.64
N PHE A 134 10.73 -0.20 -19.76
CA PHE A 134 10.58 0.13 -18.36
C PHE A 134 10.85 1.60 -18.13
N ARG A 135 12.02 2.05 -18.57
CA ARG A 135 12.44 3.46 -18.49
C ARG A 135 11.35 4.41 -18.97
N ARG A 136 10.78 4.06 -20.11
CA ARG A 136 9.81 4.88 -20.81
C ARG A 136 8.52 4.99 -20.01
N LYS A 137 8.09 3.91 -19.35
CA LYS A 137 6.90 3.97 -18.51
C LYS A 137 7.19 4.81 -17.26
N LEU A 138 8.29 4.47 -16.60
CA LEU A 138 8.72 5.16 -15.38
C LEU A 138 8.80 6.67 -15.58
N LEU A 139 9.28 7.08 -16.75
CA LEU A 139 9.47 8.50 -17.04
C LEU A 139 8.15 9.20 -17.37
N LYS A 140 7.20 8.47 -17.95
CA LYS A 140 5.89 9.05 -18.24
C LYS A 140 5.08 9.27 -16.98
N ALA A 141 5.42 8.53 -15.93
CA ALA A 141 4.72 8.61 -14.66
C ALA A 141 4.60 10.04 -14.16
N GLY B 1 -1.22 9.55 23.09
CA GLY B 1 -1.84 8.40 23.80
C GLY B 1 -3.04 7.88 23.07
N GLY B 2 -3.25 6.57 23.14
CA GLY B 2 -4.41 5.98 22.52
C GLY B 2 -4.05 4.99 21.44
N LYS B 3 -3.29 3.96 21.79
CA LYS B 3 -2.97 2.91 20.84
C LYS B 3 -3.92 1.74 21.02
N ALA B 4 -4.75 1.52 20.02
CA ALA B 4 -5.75 0.45 20.07
C ALA B 4 -5.09 -0.93 20.04
N PRO B 5 -5.80 -1.96 20.54
CA PRO B 5 -5.28 -3.33 20.54
C PRO B 5 -4.90 -3.81 19.15
N ARG B 6 -4.06 -4.82 19.08
CA ARG B 6 -3.57 -5.33 17.81
C ARG B 6 -3.58 -6.85 17.77
N GLN B 8 -1.47 -9.46 16.92
CA GLN B 8 -0.11 -9.87 16.64
C GLN B 8 0.00 -11.39 16.70
N LEU B 9 -0.88 -12.00 17.47
CA LEU B 9 -0.99 -13.45 17.52
C LEU B 9 -2.30 -13.87 16.87
N ALA B 10 -3.36 -13.12 17.17
CA ALA B 10 -4.68 -13.37 16.62
C ALA B 10 -5.10 -14.83 16.86
N THR B 11 -4.83 -15.31 18.06
CA THR B 11 -5.17 -16.67 18.44
C THR B 11 -6.50 -16.72 19.16
N LYS B 12 -7.56 -17.03 18.40
CA LYS B 12 -8.90 -17.07 18.94
C LYS B 12 -9.24 -18.46 19.49
N ALA B 13 -8.31 -19.00 20.27
CA ALA B 13 -8.48 -20.34 20.83
C ALA B 13 -8.50 -20.27 22.35
N GLY A 1 26.45 8.22 -9.08
CA GLY A 1 27.43 7.12 -9.13
C GLY A 1 27.83 6.78 -10.55
N SER A 2 28.99 6.17 -10.71
CA SER A 2 29.51 5.81 -12.02
C SER A 2 29.39 4.31 -12.24
N HIS A 3 28.20 3.87 -12.64
CA HIS A 3 27.97 2.46 -12.91
C HIS A 3 27.64 2.24 -14.37
N MET A 4 28.50 1.48 -15.04
CA MET A 4 28.39 1.22 -16.49
C MET A 4 28.72 2.47 -17.30
N ALA A 5 28.71 2.35 -18.61
CA ALA A 5 29.03 3.48 -19.48
C ALA A 5 27.94 4.54 -19.42
N SER A 6 26.72 4.11 -19.66
CA SER A 6 25.56 5.00 -19.58
C SER A 6 24.87 4.79 -18.24
N SER A 7 25.04 5.73 -17.33
CA SER A 7 24.49 5.61 -16.00
C SER A 7 23.18 6.38 -15.89
N CYS A 8 22.08 5.65 -15.78
CA CYS A 8 20.76 6.24 -15.64
C CYS A 8 19.87 5.37 -14.77
N ALA A 9 19.49 5.91 -13.62
CA ALA A 9 18.58 5.20 -12.74
C ALA A 9 17.27 5.95 -12.65
N VAL A 10 16.20 5.26 -13.03
CA VAL A 10 14.86 5.84 -12.94
C VAL A 10 14.19 5.30 -11.69
N GLN A 11 13.63 6.18 -10.87
CA GLN A 11 12.99 5.74 -9.65
C GLN A 11 11.56 6.23 -9.56
N VAL A 12 10.71 5.30 -9.20
CA VAL A 12 9.30 5.56 -9.08
C VAL A 12 8.91 5.61 -7.61
N LYS A 13 8.05 6.55 -7.25
CA LYS A 13 7.62 6.67 -5.88
C LYS A 13 6.20 6.17 -5.69
N LEU A 14 6.08 5.21 -4.79
CA LEU A 14 4.79 4.66 -4.41
C LEU A 14 4.50 5.02 -2.97
N GLU A 15 3.28 5.42 -2.73
CA GLU A 15 2.89 5.97 -1.45
C GLU A 15 2.01 4.99 -0.68
N LEU A 16 2.38 4.71 0.56
CA LEU A 16 1.58 3.90 1.44
C LEU A 16 0.75 4.82 2.29
N GLY A 17 -0.47 4.42 2.56
CA GLY A 17 -1.34 5.25 3.35
C GLY A 17 -2.42 4.47 4.02
N HIS A 18 -3.12 5.11 4.93
CA HIS A 18 -4.26 4.53 5.60
C HIS A 18 -4.91 5.56 6.51
N ARG A 19 -6.22 5.47 6.63
CA ARG A 19 -6.98 6.28 7.55
C ARG A 19 -7.75 5.37 8.47
N ALA A 20 -8.20 5.87 9.61
CA ALA A 20 -8.96 5.07 10.54
C ALA A 20 -9.99 5.89 11.28
N GLN A 21 -11.16 5.29 11.47
CA GLN A 21 -12.27 5.91 12.19
C GLN A 21 -13.11 4.81 12.84
N VAL A 22 -13.73 5.13 13.96
CA VAL A 22 -14.51 4.14 14.70
C VAL A 22 -16.00 4.33 14.46
N ARG A 23 -16.72 3.22 14.36
CA ARG A 23 -18.16 3.26 14.37
C ARG A 23 -18.63 2.97 15.78
N LYS A 24 -19.56 3.79 16.25
CA LYS A 24 -20.03 3.69 17.64
C LYS A 24 -20.80 2.39 17.87
N LYS A 25 -21.10 1.68 16.79
CA LYS A 25 -21.77 0.41 16.90
C LYS A 25 -21.10 -0.62 15.99
N PRO A 26 -20.48 -1.66 16.58
CA PRO A 26 -19.86 -2.75 15.82
C PRO A 26 -20.86 -3.46 14.91
N THR A 27 -20.33 -4.08 13.86
CA THR A 27 -21.16 -4.79 12.89
C THR A 27 -21.62 -6.13 13.48
N VAL A 28 -22.44 -6.85 12.74
CA VAL A 28 -22.89 -8.19 13.13
C VAL A 28 -21.73 -9.05 13.61
N GLU A 29 -20.58 -8.91 12.96
CA GLU A 29 -19.43 -9.75 13.26
C GLU A 29 -18.56 -9.13 14.36
N GLY A 30 -18.99 -7.99 14.88
CA GLY A 30 -18.35 -7.40 16.04
C GLY A 30 -17.09 -6.63 15.71
N PHE A 31 -17.09 -6.01 14.55
CA PHE A 31 -15.96 -5.20 14.13
C PHE A 31 -16.25 -3.73 14.45
N THR A 32 -15.36 -3.11 15.21
CA THR A 32 -15.58 -1.78 15.79
C THR A 32 -14.92 -0.66 15.01
N HIS A 33 -13.79 -0.95 14.40
CA HIS A 33 -12.98 0.08 13.75
C HIS A 33 -12.97 -0.08 12.24
N ASP A 34 -13.14 1.03 11.54
CA ASP A 34 -13.13 1.03 10.08
C ASP A 34 -11.87 1.73 9.62
N TRP A 35 -11.24 1.19 8.59
CA TRP A 35 -10.05 1.82 8.05
C TRP A 35 -9.97 1.65 6.54
N MET A 36 -9.10 2.44 5.93
CA MET A 36 -8.83 2.38 4.51
C MET A 36 -7.35 2.54 4.26
N VAL A 37 -6.79 1.75 3.35
CA VAL A 37 -5.38 1.84 3.01
C VAL A 37 -5.17 2.44 1.64
N PHE A 38 -3.98 2.99 1.44
CA PHE A 38 -3.59 3.70 0.23
C PHE A 38 -2.33 3.11 -0.39
N VAL A 39 -2.38 2.82 -1.68
CA VAL A 39 -1.18 2.59 -2.47
C VAL A 39 -1.31 3.30 -3.82
N ARG A 40 -0.47 4.29 -4.04
CA ARG A 40 -0.56 5.14 -5.24
C ARG A 40 0.73 5.92 -5.40
N GLY A 41 0.75 6.82 -6.37
CA GLY A 41 1.89 7.70 -6.53
C GLY A 41 1.58 9.11 -6.09
N PRO A 42 2.58 9.84 -5.57
CA PRO A 42 2.42 11.24 -5.14
C PRO A 42 1.77 12.12 -6.19
N GLU A 43 1.20 13.24 -5.72
CA GLU A 43 0.43 14.15 -6.55
C GLU A 43 1.07 14.41 -7.90
N HIS A 44 0.28 14.19 -8.94
CA HIS A 44 0.65 14.44 -10.35
C HIS A 44 1.33 13.24 -10.98
N SER A 45 1.84 12.35 -10.16
CA SER A 45 2.48 11.14 -10.66
C SER A 45 1.48 10.00 -10.71
N ASN A 46 1.15 9.55 -11.90
CA ASN A 46 0.26 8.42 -12.04
C ASN A 46 1.08 7.14 -12.09
N ILE A 47 0.78 6.21 -11.19
CA ILE A 47 1.52 4.97 -11.15
C ILE A 47 0.97 3.99 -12.16
N GLN A 48 -0.27 4.23 -12.59
CA GLN A 48 -0.96 3.37 -13.56
C GLN A 48 -0.17 3.29 -14.88
N HIS A 49 0.85 4.12 -14.99
CA HIS A 49 1.75 4.08 -16.13
C HIS A 49 2.77 2.96 -16.00
N PHE A 50 3.29 2.74 -14.80
CA PHE A 50 4.29 1.71 -14.59
C PHE A 50 3.77 0.61 -13.66
N VAL A 51 2.53 0.77 -13.21
CA VAL A 51 1.89 -0.14 -12.29
C VAL A 51 0.60 -0.69 -12.90
N GLU A 52 0.44 -2.01 -12.83
CA GLU A 52 -0.63 -2.70 -13.52
C GLU A 52 -1.81 -2.94 -12.57
N LYS A 53 -1.54 -3.71 -11.52
CA LYS A 53 -2.57 -4.02 -10.53
C LYS A 53 -1.98 -3.89 -9.14
N VAL A 54 -2.82 -4.05 -8.14
CA VAL A 54 -2.42 -3.92 -6.76
C VAL A 54 -3.13 -4.94 -5.90
N VAL A 55 -2.51 -5.34 -4.80
CA VAL A 55 -3.07 -6.36 -3.93
C VAL A 55 -2.78 -6.07 -2.46
N PHE A 56 -3.72 -6.46 -1.61
CA PHE A 56 -3.57 -6.31 -0.17
C PHE A 56 -3.82 -7.65 0.48
N HIS A 57 -2.92 -8.08 1.35
CA HIS A 57 -3.13 -9.30 2.13
C HIS A 57 -3.43 -8.92 3.56
N LEU A 58 -4.70 -8.67 3.85
CA LEU A 58 -5.13 -8.31 5.20
C LEU A 58 -4.96 -9.51 6.13
N HIS A 59 -5.35 -9.37 7.39
CA HIS A 59 -5.23 -10.47 8.33
C HIS A 59 -6.28 -11.52 8.00
N GLU A 60 -5.90 -12.78 8.12
CA GLU A 60 -6.70 -13.92 7.66
C GLU A 60 -8.12 -13.95 8.24
N SER A 61 -8.29 -13.36 9.42
CA SER A 61 -9.59 -13.28 10.05
C SER A 61 -10.52 -12.35 9.26
N PHE A 62 -9.94 -11.48 8.45
CA PHE A 62 -10.71 -10.62 7.57
C PHE A 62 -11.24 -11.46 6.42
N PRO A 63 -12.53 -11.31 6.08
CA PRO A 63 -13.14 -12.07 4.98
C PRO A 63 -12.40 -11.82 3.67
N ARG A 64 -11.83 -12.88 3.11
CA ARG A 64 -11.10 -12.80 1.84
C ARG A 64 -10.08 -11.66 1.90
N PRO A 65 -9.00 -11.83 2.69
CA PRO A 65 -8.10 -10.74 3.06
C PRO A 65 -7.34 -10.15 1.87
N LYS A 66 -7.27 -10.90 0.80
CA LYS A 66 -6.62 -10.42 -0.40
C LYS A 66 -7.56 -9.56 -1.21
N ARG A 67 -7.30 -8.27 -1.21
CA ARG A 67 -8.09 -7.34 -2.00
C ARG A 67 -7.24 -6.83 -3.15
N VAL A 68 -7.78 -6.88 -4.35
CA VAL A 68 -7.04 -6.47 -5.52
C VAL A 68 -7.60 -5.16 -6.08
N CYS A 69 -6.74 -4.32 -6.59
CA CYS A 69 -7.17 -3.09 -7.22
C CYS A 69 -6.55 -2.97 -8.60
N LYS A 70 -7.40 -3.10 -9.62
CA LYS A 70 -6.98 -2.99 -11.00
C LYS A 70 -7.36 -1.58 -11.52
N ASP A 71 -7.84 -0.76 -10.60
CA ASP A 71 -8.42 0.54 -10.92
C ASP A 71 -7.48 1.68 -10.52
N PRO A 72 -7.83 2.94 -10.84
CA PRO A 72 -7.25 4.15 -10.19
C PRO A 72 -7.17 4.03 -8.64
N PRO A 73 -6.89 5.14 -7.87
CA PRO A 73 -6.43 5.10 -6.48
C PRO A 73 -6.70 3.80 -5.75
N TYR A 74 -5.63 3.08 -5.51
CA TYR A 74 -5.67 1.72 -4.99
C TYR A 74 -5.83 1.77 -3.49
N LYS A 75 -6.83 1.07 -2.98
CA LYS A 75 -7.21 1.18 -1.59
C LYS A 75 -7.96 -0.05 -1.12
N VAL A 76 -7.93 -0.26 0.18
CA VAL A 76 -8.76 -1.28 0.82
C VAL A 76 -9.56 -0.65 1.95
N GLU A 77 -10.86 -0.80 1.87
CA GLU A 77 -11.76 -0.33 2.91
C GLU A 77 -12.29 -1.51 3.70
N GLU A 78 -11.96 -1.57 4.97
CA GLU A 78 -12.34 -2.71 5.79
C GLU A 78 -12.77 -2.29 7.19
N SER A 79 -13.09 -3.28 7.99
CA SER A 79 -13.55 -3.06 9.33
C SER A 79 -13.07 -4.20 10.24
N GLY A 80 -12.67 -3.85 11.45
CA GLY A 80 -12.11 -4.83 12.37
C GLY A 80 -12.08 -4.26 13.77
N TYR A 81 -11.15 -4.71 14.61
CA TYR A 81 -11.08 -4.18 15.97
C TYR A 81 -9.64 -4.07 16.47
N ALA A 82 -8.67 -4.11 15.57
CA ALA A 82 -7.27 -3.99 15.96
C ALA A 82 -6.38 -3.67 14.76
N GLY A 83 -5.17 -3.21 15.06
CA GLY A 83 -4.20 -2.90 14.02
C GLY A 83 -3.19 -4.03 13.85
N PHE A 84 -2.35 -3.91 12.84
CA PHE A 84 -1.43 -4.99 12.45
C PHE A 84 -0.60 -4.57 11.23
N ILE A 85 0.56 -5.19 11.06
CA ILE A 85 1.33 -5.04 9.83
C ILE A 85 0.54 -5.62 8.66
N LEU A 86 0.32 -4.81 7.65
CA LEU A 86 -0.42 -5.24 6.49
C LEU A 86 0.50 -5.30 5.27
N PRO A 87 0.88 -6.51 4.85
CA PRO A 87 1.66 -6.74 3.63
C PRO A 87 0.92 -6.29 2.37
N ILE A 88 1.30 -5.14 1.83
CA ILE A 88 0.70 -4.61 0.63
C ILE A 88 1.61 -4.88 -0.57
N GLU A 89 1.00 -5.13 -1.72
CA GLU A 89 1.77 -5.41 -2.93
C GLU A 89 1.30 -4.55 -4.08
N VAL A 90 2.25 -3.97 -4.80
CA VAL A 90 1.94 -3.25 -6.01
C VAL A 90 2.55 -3.97 -7.20
N TYR A 91 1.75 -4.21 -8.23
CA TYR A 91 2.23 -4.91 -9.42
C TYR A 91 2.75 -3.94 -10.45
N PHE A 92 3.90 -4.27 -11.00
CA PHE A 92 4.60 -3.41 -11.94
C PHE A 92 4.45 -3.95 -13.37
N LYS A 93 4.60 -3.08 -14.37
CA LYS A 93 4.52 -3.51 -15.76
C LYS A 93 5.91 -3.65 -16.37
N ASN A 94 6.51 -4.83 -16.29
CA ASN A 94 7.78 -5.05 -16.93
C ASN A 94 8.03 -6.53 -17.18
N LYS A 95 9.07 -6.82 -17.96
CA LYS A 95 9.49 -8.18 -18.26
C LYS A 95 10.84 -8.45 -17.62
N GLU A 96 11.35 -7.41 -16.98
CA GLU A 96 12.65 -7.42 -16.33
C GLU A 96 12.47 -7.59 -14.81
N GLU A 97 13.40 -7.01 -14.03
CA GLU A 97 13.44 -7.10 -12.56
C GLU A 97 12.05 -7.14 -11.89
N PRO A 98 11.98 -7.55 -10.59
CA PRO A 98 10.73 -7.88 -9.89
C PRO A 98 9.53 -7.04 -10.29
N ARG A 99 8.50 -7.73 -10.76
CA ARG A 99 7.29 -7.10 -11.27
C ARG A 99 6.32 -6.82 -10.14
N LYS A 100 6.84 -6.88 -8.95
CA LYS A 100 6.04 -6.68 -7.76
C LYS A 100 6.87 -6.12 -6.62
N VAL A 101 6.27 -5.22 -5.88
CA VAL A 101 6.90 -4.64 -4.73
C VAL A 101 6.02 -4.86 -3.50
N ARG A 102 6.63 -5.14 -2.36
CA ARG A 102 5.88 -5.38 -1.15
C ARG A 102 6.17 -4.32 -0.13
N PHE A 103 5.12 -3.67 0.33
CA PHE A 103 5.24 -2.68 1.36
C PHE A 103 4.53 -3.17 2.63
N ASP A 104 5.30 -3.63 3.59
CA ASP A 104 4.74 -4.06 4.87
C ASP A 104 4.38 -2.84 5.70
N TYR A 105 3.17 -2.34 5.47
CA TYR A 105 2.73 -1.10 6.07
C TYR A 105 2.07 -1.36 7.41
N ASP A 106 2.46 -0.59 8.41
CA ASP A 106 1.93 -0.73 9.75
C ASP A 106 0.54 -0.08 9.85
N LEU A 107 -0.48 -0.88 10.05
CA LEU A 107 -1.83 -0.38 10.22
C LEU A 107 -2.13 -0.16 11.69
N PHE A 108 -2.30 1.10 12.10
CA PHE A 108 -2.68 1.39 13.48
C PHE A 108 -4.02 2.11 13.51
N LEU A 109 -4.78 1.90 14.57
CA LEU A 109 -6.07 2.55 14.74
C LEU A 109 -6.06 3.32 16.07
N HIS A 110 -6.90 4.33 16.20
CA HIS A 110 -6.97 5.09 17.45
C HIS A 110 -8.15 4.65 18.30
N LEU A 111 -8.19 5.13 19.53
CA LEU A 111 -9.16 4.67 20.53
C LEU A 111 -10.61 4.94 20.13
N GLU A 112 -11.44 3.94 20.41
CA GLU A 112 -12.87 4.00 20.15
C GLU A 112 -13.48 5.24 20.78
N GLY A 113 -14.15 6.03 19.97
CA GLY A 113 -14.77 7.24 20.43
C GLY A 113 -14.26 8.46 19.69
N HIS A 114 -12.94 8.61 19.62
CA HIS A 114 -12.36 9.74 18.91
C HIS A 114 -11.05 9.37 18.21
N PRO A 115 -11.12 8.64 17.10
CA PRO A 115 -9.95 8.35 16.29
C PRO A 115 -9.90 9.17 15.00
N PRO A 116 -9.02 10.17 14.92
CA PRO A 116 -8.65 10.81 13.67
C PRO A 116 -7.34 10.26 13.14
N VAL A 117 -7.39 9.32 12.20
CA VAL A 117 -6.15 8.74 11.71
C VAL A 117 -6.01 8.93 10.21
N ASN A 118 -4.96 9.61 9.81
CA ASN A 118 -4.62 9.78 8.41
C ASN A 118 -3.10 9.76 8.26
N HIS A 119 -2.59 8.84 7.45
CA HIS A 119 -1.14 8.70 7.31
C HIS A 119 -0.76 8.30 5.89
N LEU A 120 0.33 8.89 5.39
CA LEU A 120 0.83 8.61 4.05
C LEU A 120 2.35 8.78 3.99
N ARG A 121 2.99 8.00 3.13
CA ARG A 121 4.45 8.08 2.95
C ARG A 121 4.86 7.60 1.57
N CYS A 122 5.70 8.36 0.90
CA CYS A 122 6.21 7.97 -0.41
C CYS A 122 7.45 7.09 -0.30
N GLU A 123 7.40 5.93 -0.92
CA GLU A 123 8.55 5.04 -1.04
C GLU A 123 9.17 5.24 -2.41
N LYS A 124 10.40 4.79 -2.58
CA LYS A 124 11.10 5.01 -3.83
C LYS A 124 11.72 3.72 -4.34
N LEU A 125 11.56 3.48 -5.62
CA LEU A 125 12.12 2.30 -6.27
C LEU A 125 13.05 2.75 -7.40
N THR A 126 14.36 2.76 -7.14
CA THR A 126 15.34 3.16 -8.14
C THR A 126 15.74 1.97 -8.99
N PHE A 127 15.56 2.09 -10.29
CA PHE A 127 15.92 1.04 -11.22
C PHE A 127 17.12 1.48 -12.03
N ASN A 128 18.27 0.90 -11.72
CA ASN A 128 19.51 1.26 -12.37
C ASN A 128 19.58 0.65 -13.76
N ASN A 129 19.65 1.52 -14.75
CA ASN A 129 19.78 1.12 -16.15
C ASN A 129 18.74 0.08 -16.57
N PRO A 130 17.48 0.52 -16.74
CA PRO A 130 16.41 -0.34 -17.23
C PRO A 130 16.28 -0.27 -18.76
N THR A 131 15.51 -1.19 -19.33
CA THR A 131 15.23 -1.14 -20.76
C THR A 131 14.36 0.09 -21.09
N GLU A 132 14.32 0.47 -22.36
CA GLU A 132 13.61 1.68 -22.75
C GLU A 132 12.14 1.59 -22.38
N ASP A 133 11.52 0.45 -22.67
CA ASP A 133 10.09 0.24 -22.40
C ASP A 133 9.76 0.55 -20.95
N PHE A 134 10.59 0.06 -20.04
CA PHE A 134 10.36 0.26 -18.63
C PHE A 134 10.58 1.72 -18.25
N ARG A 135 11.74 2.25 -18.64
CA ARG A 135 12.09 3.65 -18.37
C ARG A 135 11.01 4.58 -18.89
N ARG A 136 10.56 4.30 -20.10
CA ARG A 136 9.47 5.03 -20.73
C ARG A 136 8.29 5.20 -19.80
N LYS A 137 7.80 4.09 -19.29
CA LYS A 137 6.64 4.10 -18.41
C LYS A 137 6.95 4.87 -17.12
N LEU A 138 8.12 4.56 -16.56
CA LEU A 138 8.58 5.20 -15.33
C LEU A 138 8.61 6.72 -15.45
N LEU A 139 8.98 7.20 -16.63
CA LEU A 139 9.09 8.63 -16.89
C LEU A 139 7.72 9.27 -17.20
N LYS A 140 6.82 8.46 -17.74
CA LYS A 140 5.48 8.95 -18.07
C LYS A 140 4.64 9.17 -16.83
N ALA A 141 4.98 8.43 -15.78
CA ALA A 141 4.31 8.50 -14.49
C ALA A 141 4.02 9.93 -14.06
N GLY B 1 -7.12 5.42 27.29
CA GLY B 1 -6.66 4.67 26.11
C GLY B 1 -5.77 5.51 25.21
N GLY B 2 -4.54 5.05 25.01
CA GLY B 2 -3.63 5.76 24.14
C GLY B 2 -3.64 5.17 22.74
N LYS B 3 -3.03 4.01 22.59
CA LYS B 3 -3.01 3.31 21.33
C LYS B 3 -4.00 2.17 21.37
N ALA B 4 -4.83 2.07 20.33
CA ALA B 4 -5.84 1.02 20.25
C ALA B 4 -5.17 -0.34 20.20
N PRO B 5 -5.85 -1.37 20.71
CA PRO B 5 -5.33 -2.74 20.72
C PRO B 5 -5.03 -3.25 19.31
N ARG B 6 -4.08 -4.17 19.22
CA ARG B 6 -3.61 -4.63 17.92
C ARG B 6 -3.47 -6.16 17.89
N GLN B 8 -1.27 -9.68 15.80
CA GLN B 8 0.05 -10.11 15.35
C GLN B 8 1.14 -9.70 16.34
N LEU B 9 1.17 -10.38 17.49
CA LEU B 9 2.19 -10.17 18.51
C LEU B 9 2.08 -8.77 19.12
N ALA B 10 0.86 -8.23 19.13
CA ALA B 10 0.61 -6.93 19.71
C ALA B 10 -0.76 -6.91 20.39
N THR B 11 -1.22 -8.10 20.76
CA THR B 11 -2.53 -8.26 21.36
C THR B 11 -2.43 -8.32 22.88
N LYS B 12 -3.40 -7.74 23.56
CA LYS B 12 -3.45 -7.75 25.03
C LYS B 12 -4.58 -8.65 25.51
N ALA B 13 -5.33 -9.18 24.56
CA ALA B 13 -6.42 -10.10 24.87
C ALA B 13 -6.02 -11.53 24.52
N GLY A 1 28.76 -5.81 -23.75
CA GLY A 1 28.85 -4.77 -22.70
C GLY A 1 29.09 -3.39 -23.29
N SER A 2 29.83 -2.57 -22.56
CA SER A 2 30.18 -1.22 -23.01
C SER A 2 28.92 -0.36 -23.19
N HIS A 3 27.96 -0.54 -22.30
CA HIS A 3 26.73 0.24 -22.32
C HIS A 3 26.44 0.81 -20.93
N MET A 4 27.50 1.30 -20.29
CA MET A 4 27.38 1.90 -18.97
C MET A 4 28.01 3.30 -18.97
N ALA A 5 27.84 4.01 -20.08
CA ALA A 5 28.38 5.36 -20.21
C ALA A 5 27.65 6.31 -19.27
N SER A 6 26.34 6.37 -19.41
CA SER A 6 25.53 7.29 -18.65
C SER A 6 24.70 6.54 -17.62
N SER A 7 25.13 6.57 -16.37
CA SER A 7 24.41 5.91 -15.30
C SER A 7 23.06 6.59 -15.09
N CYS A 8 22.00 5.91 -15.49
CA CYS A 8 20.67 6.48 -15.41
C CYS A 8 19.73 5.58 -14.64
N ALA A 9 19.39 6.00 -13.45
CA ALA A 9 18.46 5.25 -12.62
C ALA A 9 17.15 6.00 -12.54
N VAL A 10 16.07 5.34 -12.92
CA VAL A 10 14.76 5.95 -12.89
C VAL A 10 14.04 5.52 -11.63
N GLN A 11 13.71 6.50 -10.79
CA GLN A 11 13.11 6.21 -9.51
C GLN A 11 11.63 6.49 -9.53
N VAL A 12 10.87 5.50 -9.09
CA VAL A 12 9.44 5.65 -9.00
C VAL A 12 9.03 5.69 -7.53
N LYS A 13 8.08 6.55 -7.21
CA LYS A 13 7.63 6.66 -5.85
C LYS A 13 6.23 6.11 -5.70
N LEU A 14 6.08 5.18 -4.77
CA LEU A 14 4.78 4.64 -4.43
C LEU A 14 4.46 5.01 -3.00
N GLU A 15 3.23 5.41 -2.79
CA GLU A 15 2.84 5.98 -1.51
C GLU A 15 1.94 5.03 -0.74
N LEU A 16 2.33 4.74 0.49
CA LEU A 16 1.51 3.94 1.40
C LEU A 16 0.69 4.87 2.26
N GLY A 17 -0.53 4.50 2.52
CA GLY A 17 -1.39 5.32 3.31
C GLY A 17 -2.44 4.52 4.02
N HIS A 18 -3.12 5.15 4.96
CA HIS A 18 -4.22 4.53 5.65
C HIS A 18 -4.89 5.52 6.59
N ARG A 19 -6.20 5.38 6.72
CA ARG A 19 -6.97 6.13 7.67
C ARG A 19 -7.66 5.17 8.61
N ALA A 20 -8.04 5.63 9.78
CA ALA A 20 -8.79 4.81 10.72
C ALA A 20 -9.79 5.67 11.50
N GLN A 21 -11.01 5.17 11.60
CA GLN A 21 -12.03 5.85 12.38
C GLN A 21 -12.90 4.81 13.07
N VAL A 22 -13.30 5.10 14.30
CA VAL A 22 -14.08 4.15 15.07
C VAL A 22 -15.54 4.54 15.09
N ARG A 23 -16.40 3.54 15.01
CA ARG A 23 -17.84 3.75 15.16
C ARG A 23 -18.26 3.41 16.58
N LYS A 24 -19.11 4.25 17.15
CA LYS A 24 -19.53 4.09 18.55
C LYS A 24 -20.39 2.84 18.71
N LYS A 25 -20.76 2.23 17.59
CA LYS A 25 -21.48 0.98 17.63
C LYS A 25 -20.89 0.00 16.63
N PRO A 26 -20.30 -1.10 17.13
CA PRO A 26 -19.77 -2.17 16.29
C PRO A 26 -20.84 -2.76 15.37
N THR A 27 -20.40 -3.42 14.32
CA THR A 27 -21.32 -4.04 13.39
C THR A 27 -21.84 -5.36 13.98
N VAL A 28 -22.76 -6.00 13.28
CA VAL A 28 -23.33 -7.28 13.71
C VAL A 28 -22.24 -8.27 14.15
N GLU A 29 -21.14 -8.30 13.43
CA GLU A 29 -20.07 -9.25 13.71
C GLU A 29 -19.10 -8.70 14.76
N GLY A 30 -19.39 -7.51 15.28
CA GLY A 30 -18.63 -6.97 16.39
C GLY A 30 -17.33 -6.31 15.96
N PHE A 31 -17.35 -5.69 14.79
CA PHE A 31 -16.19 -4.96 14.31
C PHE A 31 -16.37 -3.48 14.64
N THR A 32 -15.40 -2.94 15.35
CA THR A 32 -15.52 -1.58 15.92
C THR A 32 -14.76 -0.54 15.10
N HIS A 33 -13.64 -0.93 14.52
CA HIS A 33 -12.73 0.01 13.86
C HIS A 33 -12.78 -0.13 12.35
N ASP A 34 -13.04 0.96 11.67
CA ASP A 34 -13.05 0.96 10.21
C ASP A 34 -11.85 1.72 9.69
N TRP A 35 -11.16 1.14 8.73
CA TRP A 35 -9.98 1.78 8.18
C TRP A 35 -9.94 1.66 6.65
N MET A 36 -9.06 2.45 6.07
CA MET A 36 -8.85 2.45 4.62
C MET A 36 -7.36 2.62 4.33
N VAL A 37 -6.84 1.82 3.42
CA VAL A 37 -5.43 1.89 3.04
C VAL A 37 -5.22 2.51 1.67
N PHE A 38 -4.02 3.04 1.47
CA PHE A 38 -3.65 3.75 0.25
C PHE A 38 -2.38 3.15 -0.37
N VAL A 39 -2.45 2.84 -1.64
CA VAL A 39 -1.26 2.63 -2.45
C VAL A 39 -1.42 3.34 -3.78
N ARG A 40 -0.54 4.30 -4.05
CA ARG A 40 -0.63 5.11 -5.27
C ARG A 40 0.68 5.82 -5.52
N GLY A 41 0.70 6.68 -6.53
CA GLY A 41 1.83 7.54 -6.74
C GLY A 41 1.54 8.95 -6.24
N PRO A 42 2.57 9.73 -5.92
CA PRO A 42 2.40 11.08 -5.38
C PRO A 42 2.03 12.11 -6.44
N GLU A 43 1.81 13.33 -5.98
CA GLU A 43 1.39 14.45 -6.83
C GLU A 43 2.05 14.42 -8.21
N HIS A 44 1.20 14.45 -9.24
CA HIS A 44 1.60 14.63 -10.65
C HIS A 44 2.14 13.33 -11.26
N SER A 45 2.60 12.40 -10.43
CA SER A 45 3.11 11.14 -10.93
C SER A 45 2.05 10.06 -10.84
N ASN A 46 1.61 9.57 -12.00
CA ASN A 46 0.62 8.50 -12.03
C ASN A 46 1.32 7.17 -12.18
N ILE A 47 1.00 6.23 -11.30
CA ILE A 47 1.69 4.95 -11.30
C ILE A 47 1.06 3.98 -12.26
N GLN A 48 -0.20 4.22 -12.64
CA GLN A 48 -0.92 3.32 -13.55
C GLN A 48 -0.15 3.13 -14.86
N HIS A 49 0.87 3.94 -15.05
CA HIS A 49 1.75 3.86 -16.20
C HIS A 49 2.73 2.69 -16.05
N PHE A 50 3.27 2.51 -14.85
CA PHE A 50 4.26 1.46 -14.59
C PHE A 50 3.76 0.46 -13.57
N VAL A 51 2.56 0.70 -13.06
CA VAL A 51 1.96 -0.19 -12.10
C VAL A 51 0.73 -0.82 -12.73
N GLU A 52 0.74 -2.14 -12.73
CA GLU A 52 -0.22 -2.92 -13.51
C GLU A 52 -1.50 -3.11 -12.69
N LYS A 53 -1.34 -3.68 -11.51
CA LYS A 53 -2.43 -3.92 -10.58
C LYS A 53 -1.92 -3.79 -9.16
N VAL A 54 -2.79 -4.00 -8.19
CA VAL A 54 -2.43 -3.86 -6.78
C VAL A 54 -3.17 -4.87 -5.93
N VAL A 55 -2.59 -5.26 -4.82
CA VAL A 55 -3.18 -6.26 -3.95
C VAL A 55 -2.91 -5.95 -2.49
N PHE A 56 -3.85 -6.33 -1.64
CA PHE A 56 -3.72 -6.19 -0.21
C PHE A 56 -3.98 -7.51 0.46
N HIS A 57 -3.06 -7.96 1.29
CA HIS A 57 -3.27 -9.18 2.05
C HIS A 57 -3.55 -8.80 3.49
N LEU A 58 -4.82 -8.56 3.81
CA LEU A 58 -5.21 -8.21 5.18
C LEU A 58 -4.89 -9.37 6.12
N HIS A 59 -5.16 -9.19 7.40
CA HIS A 59 -4.88 -10.23 8.39
C HIS A 59 -5.70 -11.49 8.05
N GLU A 60 -5.06 -12.64 8.22
CA GLU A 60 -5.62 -13.93 7.77
C GLU A 60 -6.98 -14.21 8.39
N SER A 61 -7.25 -13.58 9.53
CA SER A 61 -8.52 -13.73 10.22
C SER A 61 -9.66 -13.08 9.45
N PHE A 62 -9.32 -12.24 8.47
CA PHE A 62 -10.33 -11.52 7.69
C PHE A 62 -10.85 -12.40 6.55
N PRO A 63 -12.19 -12.50 6.42
CA PRO A 63 -12.81 -13.14 5.26
C PRO A 63 -12.55 -12.33 4.00
N ARG A 64 -11.99 -12.99 2.98
CA ARG A 64 -11.51 -12.30 1.77
C ARG A 64 -10.48 -11.24 2.13
N PRO A 65 -9.28 -11.64 2.60
CA PRO A 65 -8.27 -10.67 3.01
C PRO A 65 -7.48 -10.09 1.85
N LYS A 66 -7.42 -10.81 0.74
CA LYS A 66 -6.76 -10.32 -0.44
C LYS A 66 -7.70 -9.45 -1.25
N ARG A 67 -7.49 -8.15 -1.14
CA ARG A 67 -8.30 -7.19 -1.87
C ARG A 67 -7.48 -6.63 -3.00
N VAL A 68 -7.89 -6.90 -4.23
CA VAL A 68 -7.11 -6.49 -5.38
C VAL A 68 -7.69 -5.23 -6.00
N CYS A 69 -6.82 -4.34 -6.45
CA CYS A 69 -7.22 -3.12 -7.10
C CYS A 69 -6.53 -2.99 -8.45
N LYS A 70 -7.29 -3.08 -9.52
CA LYS A 70 -6.76 -2.97 -10.88
C LYS A 70 -7.11 -1.60 -11.45
N ASP A 71 -7.64 -0.74 -10.58
CA ASP A 71 -8.13 0.57 -10.98
C ASP A 71 -7.20 1.67 -10.49
N PRO A 72 -7.45 2.95 -10.87
CA PRO A 72 -6.88 4.14 -10.19
C PRO A 72 -6.91 4.07 -8.64
N PRO A 73 -6.61 5.18 -7.89
CA PRO A 73 -6.22 5.14 -6.46
C PRO A 73 -6.60 3.88 -5.73
N TYR A 74 -5.58 3.10 -5.43
CA TYR A 74 -5.74 1.77 -4.90
C TYR A 74 -5.93 1.83 -3.40
N LYS A 75 -6.97 1.19 -2.92
CA LYS A 75 -7.37 1.31 -1.53
C LYS A 75 -8.15 0.12 -1.05
N VAL A 76 -8.08 -0.13 0.24
CA VAL A 76 -8.90 -1.15 0.89
C VAL A 76 -9.67 -0.51 2.04
N GLU A 77 -10.98 -0.68 2.03
CA GLU A 77 -11.83 -0.16 3.09
C GLU A 77 -12.49 -1.30 3.82
N GLU A 78 -12.08 -1.50 5.03
CA GLU A 78 -12.54 -2.64 5.82
C GLU A 78 -12.78 -2.24 7.26
N SER A 79 -13.21 -3.20 8.05
CA SER A 79 -13.53 -2.97 9.44
C SER A 79 -13.05 -4.14 10.30
N GLY A 80 -12.74 -3.85 11.55
CA GLY A 80 -12.19 -4.83 12.45
C GLY A 80 -12.14 -4.31 13.87
N TYR A 81 -11.19 -4.76 14.67
CA TYR A 81 -11.08 -4.27 16.04
C TYR A 81 -9.64 -4.28 16.55
N ALA A 82 -8.68 -4.31 15.64
CA ALA A 82 -7.26 -4.32 16.02
C ALA A 82 -6.37 -3.93 14.85
N GLY A 83 -5.12 -3.57 15.16
CA GLY A 83 -4.17 -3.20 14.13
C GLY A 83 -3.14 -4.29 13.90
N PHE A 84 -2.40 -4.18 12.79
CA PHE A 84 -1.47 -5.23 12.38
C PHE A 84 -0.67 -4.78 11.16
N ILE A 85 0.52 -5.36 10.97
CA ILE A 85 1.28 -5.17 9.74
C ILE A 85 0.49 -5.70 8.56
N LEU A 86 0.36 -4.88 7.53
CA LEU A 86 -0.37 -5.29 6.35
C LEU A 86 0.56 -5.31 5.14
N PRO A 87 0.94 -6.51 4.72
CA PRO A 87 1.73 -6.72 3.51
C PRO A 87 0.97 -6.26 2.25
N ILE A 88 1.34 -5.10 1.74
CA ILE A 88 0.70 -4.54 0.56
C ILE A 88 1.56 -4.76 -0.66
N GLU A 89 0.93 -5.03 -1.79
CA GLU A 89 1.65 -5.25 -3.03
C GLU A 89 1.21 -4.29 -4.12
N VAL A 90 2.18 -3.69 -4.76
CA VAL A 90 1.93 -2.83 -5.90
C VAL A 90 2.58 -3.44 -7.12
N TYR A 91 1.78 -4.00 -8.01
CA TYR A 91 2.30 -4.74 -9.16
C TYR A 91 2.90 -3.81 -10.19
N PHE A 92 4.04 -4.19 -10.69
CA PHE A 92 4.75 -3.42 -11.69
C PHE A 92 4.55 -4.05 -13.06
N LYS A 93 4.54 -3.25 -14.10
CA LYS A 93 4.32 -3.77 -15.44
C LYS A 93 5.61 -3.74 -16.27
N ASN A 94 6.33 -4.86 -16.24
CA ASN A 94 7.62 -4.96 -16.90
C ASN A 94 7.93 -6.41 -17.27
N LYS A 95 8.67 -6.62 -18.35
CA LYS A 95 9.04 -7.96 -18.79
C LYS A 95 10.38 -8.38 -18.21
N GLU A 96 11.04 -7.43 -17.55
CA GLU A 96 12.33 -7.66 -16.94
C GLU A 96 12.14 -7.86 -15.43
N GLU A 97 13.12 -7.46 -14.61
CA GLU A 97 13.12 -7.61 -13.14
C GLU A 97 11.73 -7.47 -12.46
N PRO A 98 11.65 -7.89 -11.17
CA PRO A 98 10.39 -8.13 -10.41
C PRO A 98 9.22 -7.21 -10.78
N ARG A 99 8.07 -7.84 -11.03
CA ARG A 99 6.85 -7.13 -11.38
C ARG A 99 6.01 -6.84 -10.14
N LYS A 100 6.64 -6.87 -9.00
CA LYS A 100 5.94 -6.58 -7.75
C LYS A 100 6.86 -5.97 -6.71
N VAL A 101 6.30 -5.06 -5.93
CA VAL A 101 6.95 -4.55 -4.75
C VAL A 101 6.05 -4.83 -3.55
N ARG A 102 6.65 -5.15 -2.42
CA ARG A 102 5.88 -5.50 -1.23
C ARG A 102 6.15 -4.49 -0.13
N PHE A 103 5.15 -3.72 0.22
CA PHE A 103 5.28 -2.73 1.28
C PHE A 103 4.58 -3.23 2.54
N ASP A 104 5.37 -3.60 3.55
CA ASP A 104 4.82 -4.03 4.83
C ASP A 104 4.39 -2.80 5.63
N TYR A 105 3.17 -2.35 5.39
CA TYR A 105 2.70 -1.14 6.01
C TYR A 105 2.06 -1.43 7.36
N ASP A 106 2.48 -0.68 8.37
CA ASP A 106 1.97 -0.86 9.72
C ASP A 106 0.60 -0.21 9.88
N LEU A 107 -0.43 -1.04 9.93
CA LEU A 107 -1.79 -0.56 10.15
C LEU A 107 -2.05 -0.39 11.64
N PHE A 108 -2.16 0.84 12.11
CA PHE A 108 -2.54 1.08 13.49
C PHE A 108 -3.86 1.83 13.55
N LEU A 109 -4.60 1.61 14.62
CA LEU A 109 -5.90 2.25 14.80
C LEU A 109 -5.90 3.00 16.12
N HIS A 110 -6.72 4.04 16.22
CA HIS A 110 -6.80 4.84 17.44
C HIS A 110 -7.89 4.33 18.37
N LEU A 111 -7.92 4.88 19.58
CA LEU A 111 -8.89 4.46 20.59
C LEU A 111 -10.28 5.00 20.27
N GLU A 112 -11.28 4.35 20.86
CA GLU A 112 -12.67 4.69 20.61
C GLU A 112 -13.00 6.06 21.18
N GLY A 113 -13.18 7.04 20.30
CA GLY A 113 -13.52 8.37 20.75
C GLY A 113 -12.33 9.32 20.67
N HIS A 114 -11.35 8.96 19.86
CA HIS A 114 -10.16 9.80 19.69
C HIS A 114 -9.93 10.06 18.20
N PRO A 115 -9.66 11.34 17.81
CA PRO A 115 -9.46 11.78 16.42
C PRO A 115 -8.94 10.70 15.47
N PRO A 116 -9.60 10.56 14.30
CA PRO A 116 -9.23 9.56 13.27
C PRO A 116 -7.77 9.64 12.83
N VAL A 117 -7.36 8.66 12.06
CA VAL A 117 -5.99 8.52 11.61
C VAL A 117 -5.92 8.81 10.13
N ASN A 118 -4.92 9.57 9.72
CA ASN A 118 -4.72 9.85 8.31
C ASN A 118 -3.23 9.96 8.01
N HIS A 119 -2.65 8.92 7.45
CA HIS A 119 -1.20 8.88 7.19
C HIS A 119 -0.89 8.49 5.75
N LEU A 120 0.19 9.05 5.22
CA LEU A 120 0.71 8.72 3.90
C LEU A 120 2.23 8.86 3.89
N ARG A 121 2.89 8.11 3.01
CA ARG A 121 4.35 8.18 2.88
C ARG A 121 4.78 7.67 1.51
N CYS A 122 5.61 8.47 0.82
CA CYS A 122 6.15 8.06 -0.46
C CYS A 122 7.36 7.14 -0.29
N GLU A 123 7.33 6.00 -0.95
CA GLU A 123 8.45 5.07 -1.00
C GLU A 123 9.22 5.30 -2.30
N LYS A 124 10.45 4.83 -2.35
CA LYS A 124 11.31 5.11 -3.48
C LYS A 124 11.88 3.82 -4.06
N LEU A 125 11.66 3.60 -5.35
CA LEU A 125 12.22 2.45 -6.04
C LEU A 125 13.13 2.92 -7.16
N THR A 126 14.43 2.73 -7.01
CA THR A 126 15.39 3.18 -8.01
C THR A 126 15.82 2.02 -8.90
N PHE A 127 15.56 2.15 -10.20
CA PHE A 127 15.95 1.13 -11.16
C PHE A 127 17.12 1.63 -11.98
N ASN A 128 18.31 1.10 -11.71
CA ASN A 128 19.51 1.52 -12.39
C ASN A 128 19.57 0.97 -13.80
N ASN A 129 19.56 1.88 -14.78
CA ASN A 129 19.67 1.54 -16.19
C ASN A 129 18.59 0.55 -16.62
N PRO A 130 17.34 1.00 -16.69
CA PRO A 130 16.23 0.17 -17.15
C PRO A 130 16.13 0.17 -18.66
N THR A 131 15.53 -0.88 -19.22
CA THR A 131 15.36 -0.99 -20.66
C THR A 131 14.39 0.08 -21.16
N GLU A 132 14.47 0.42 -22.44
CA GLU A 132 13.66 1.51 -23.03
C GLU A 132 12.20 1.39 -22.62
N ASP A 133 11.67 0.17 -22.66
CA ASP A 133 10.26 -0.08 -22.38
C ASP A 133 9.90 0.31 -20.95
N PHE A 134 10.65 -0.22 -19.98
CA PHE A 134 10.40 0.10 -18.58
C PHE A 134 10.64 1.58 -18.35
N ARG A 135 11.79 2.03 -18.86
CA ARG A 135 12.18 3.43 -18.85
C ARG A 135 11.04 4.34 -19.31
N ARG A 136 10.45 4.01 -20.45
CA ARG A 136 9.37 4.78 -21.02
C ARG A 136 8.22 4.97 -20.04
N LYS A 137 7.77 3.87 -19.46
CA LYS A 137 6.62 3.91 -18.56
C LYS A 137 6.94 4.74 -17.32
N LEU A 138 8.11 4.46 -16.75
CA LEU A 138 8.59 5.18 -15.57
C LEU A 138 8.64 6.70 -15.82
N LEU A 139 9.03 7.09 -17.03
CA LEU A 139 9.13 8.50 -17.39
C LEU A 139 7.75 9.14 -17.52
N LYS A 140 6.81 8.35 -18.00
CA LYS A 140 5.44 8.80 -18.23
C LYS A 140 4.70 9.04 -16.93
N ALA A 141 5.16 8.38 -15.88
CA ALA A 141 4.56 8.49 -14.56
C ALA A 141 4.36 9.95 -14.14
N GLY B 1 2.07 5.13 16.53
CA GLY B 1 2.11 3.74 17.05
C GLY B 1 0.72 3.15 17.22
N GLY B 2 0.67 1.86 17.50
CA GLY B 2 -0.60 1.19 17.69
C GLY B 2 -1.21 1.48 19.04
N LYS B 3 -2.11 2.45 19.09
CA LYS B 3 -2.76 2.83 20.34
C LYS B 3 -3.80 1.80 20.75
N ALA B 4 -4.64 1.42 19.79
CA ALA B 4 -5.65 0.40 20.02
C ALA B 4 -5.00 -0.98 20.07
N PRO B 5 -5.67 -1.97 20.69
CA PRO B 5 -5.15 -3.34 20.78
C PRO B 5 -4.90 -3.93 19.38
N ARG B 6 -3.94 -4.84 19.29
CA ARG B 6 -3.53 -5.38 18.00
C ARG B 6 -3.49 -6.91 18.04
N GLN B 8 -1.45 -9.12 17.33
CA GLN B 8 -0.07 -9.54 17.19
C GLN B 8 0.59 -9.60 18.56
N LEU B 9 0.50 -8.49 19.30
CA LEU B 9 1.03 -8.44 20.66
C LEU B 9 0.00 -8.99 21.64
N ALA B 10 -0.24 -10.29 21.56
CA ALA B 10 -1.24 -10.93 22.41
C ALA B 10 -0.59 -11.49 23.68
N THR B 11 0.67 -11.15 23.89
CA THR B 11 1.39 -11.59 25.06
C THR B 11 0.97 -10.79 26.29
N LYS B 12 0.60 -11.50 27.36
CA LYS B 12 0.18 -10.87 28.61
C LYS B 12 -1.03 -9.97 28.40
N ALA B 13 -1.91 -10.37 27.49
CA ALA B 13 -3.10 -9.60 27.18
C ALA B 13 -4.31 -10.13 27.92
N GLY A 1 25.96 5.19 -30.68
CA GLY A 1 24.76 4.33 -30.53
C GLY A 1 24.64 3.78 -29.13
N SER A 2 23.40 3.52 -28.71
CA SER A 2 23.09 3.00 -27.37
C SER A 2 23.35 4.06 -26.30
N HIS A 3 22.55 4.03 -25.24
CA HIS A 3 22.72 4.96 -24.13
C HIS A 3 22.90 4.21 -22.82
N MET A 4 23.66 3.12 -22.89
CA MET A 4 23.97 2.34 -21.70
C MET A 4 25.32 2.77 -21.13
N ALA A 5 25.90 3.79 -21.75
CA ALA A 5 27.16 4.37 -21.28
C ALA A 5 26.90 5.26 -20.08
N SER A 6 25.84 6.04 -20.18
CA SER A 6 25.38 6.86 -19.07
C SER A 6 24.54 6.01 -18.13
N SER A 7 24.92 5.96 -16.88
CA SER A 7 24.22 5.17 -15.90
C SER A 7 23.03 5.96 -15.36
N CYS A 8 21.84 5.56 -15.75
CA CYS A 8 20.63 6.27 -15.39
C CYS A 8 19.68 5.42 -14.59
N ALA A 9 19.50 5.79 -13.35
CA ALA A 9 18.52 5.15 -12.50
C ALA A 9 17.22 5.93 -12.55
N VAL A 10 16.14 5.26 -12.92
CA VAL A 10 14.83 5.88 -12.93
C VAL A 10 14.10 5.48 -11.67
N GLN A 11 13.71 6.48 -10.88
CA GLN A 11 13.12 6.21 -9.59
C GLN A 11 11.64 6.50 -9.62
N VAL A 12 10.86 5.56 -9.09
CA VAL A 12 9.43 5.71 -9.01
C VAL A 12 9.00 5.83 -7.56
N LYS A 13 7.97 6.62 -7.30
CA LYS A 13 7.49 6.79 -5.94
C LYS A 13 6.10 6.23 -5.77
N LEU A 14 5.97 5.35 -4.80
CA LEU A 14 4.69 4.78 -4.43
C LEU A 14 4.35 5.21 -3.01
N GLU A 15 3.10 5.41 -2.74
CA GLU A 15 2.67 6.01 -1.49
C GLU A 15 1.80 5.05 -0.69
N LEU A 16 2.22 4.75 0.53
CA LEU A 16 1.42 3.94 1.44
C LEU A 16 0.63 4.86 2.33
N GLY A 17 -0.60 4.48 2.60
CA GLY A 17 -1.44 5.29 3.44
C GLY A 17 -2.48 4.47 4.14
N HIS A 18 -3.14 5.09 5.09
CA HIS A 18 -4.25 4.46 5.76
C HIS A 18 -4.89 5.44 6.74
N ARG A 19 -6.20 5.39 6.81
CA ARG A 19 -6.95 6.17 7.79
C ARG A 19 -7.74 5.22 8.65
N ALA A 20 -8.02 5.61 9.88
CA ALA A 20 -8.83 4.78 10.76
C ALA A 20 -9.88 5.61 11.48
N GLN A 21 -11.08 5.06 11.55
CA GLN A 21 -12.17 5.69 12.28
C GLN A 21 -12.84 4.65 13.17
N VAL A 22 -13.19 5.03 14.37
CA VAL A 22 -13.87 4.13 15.28
C VAL A 22 -15.35 4.46 15.35
N ARG A 23 -16.18 3.44 15.33
CA ARG A 23 -17.62 3.59 15.51
C ARG A 23 -17.99 3.03 16.87
N LYS A 24 -18.80 3.78 17.61
CA LYS A 24 -19.17 3.39 18.97
C LYS A 24 -20.09 2.18 18.96
N LYS A 25 -20.60 1.86 17.78
CA LYS A 25 -21.48 0.72 17.61
C LYS A 25 -20.89 -0.24 16.58
N PRO A 26 -20.27 -1.33 17.04
CA PRO A 26 -19.68 -2.35 16.17
C PRO A 26 -20.70 -3.00 15.25
N THR A 27 -20.21 -3.64 14.19
CA THR A 27 -21.07 -4.34 13.25
C THR A 27 -21.53 -5.66 13.87
N VAL A 28 -22.34 -6.40 13.13
CA VAL A 28 -22.85 -7.70 13.57
C VAL A 28 -21.75 -8.59 14.17
N GLU A 29 -20.60 -8.63 13.50
CA GLU A 29 -19.51 -9.50 13.91
C GLU A 29 -18.60 -8.84 14.95
N GLY A 30 -18.98 -7.64 15.37
CA GLY A 30 -18.29 -6.98 16.46
C GLY A 30 -17.02 -6.28 16.03
N PHE A 31 -17.00 -5.77 14.81
CA PHE A 31 -15.88 -5.00 14.34
C PHE A 31 -16.12 -3.53 14.69
N THR A 32 -15.16 -2.93 15.38
CA THR A 32 -15.33 -1.61 15.97
C THR A 32 -14.62 -0.50 15.18
N HIS A 33 -13.56 -0.86 14.50
CA HIS A 33 -12.67 0.12 13.86
C HIS A 33 -12.67 -0.05 12.34
N ASP A 34 -13.08 1.00 11.64
CA ASP A 34 -13.09 0.99 10.18
C ASP A 34 -11.87 1.73 9.67
N TRP A 35 -11.15 1.12 8.74
CA TRP A 35 -9.98 1.77 8.19
C TRP A 35 -9.97 1.68 6.67
N MET A 36 -9.07 2.47 6.08
CA MET A 36 -8.87 2.50 4.64
C MET A 36 -7.39 2.63 4.34
N VAL A 37 -6.88 1.79 3.47
CA VAL A 37 -5.46 1.82 3.10
C VAL A 37 -5.25 2.44 1.73
N PHE A 38 -4.08 3.05 1.57
CA PHE A 38 -3.70 3.77 0.35
C PHE A 38 -2.47 3.16 -0.29
N VAL A 39 -2.56 2.86 -1.58
CA VAL A 39 -1.37 2.64 -2.40
C VAL A 39 -1.55 3.37 -3.74
N ARG A 40 -0.67 4.33 -4.01
CA ARG A 40 -0.77 5.16 -5.20
C ARG A 40 0.55 5.88 -5.43
N GLY A 41 0.57 6.78 -6.41
CA GLY A 41 1.73 7.63 -6.61
C GLY A 41 1.44 9.05 -6.15
N PRO A 42 2.42 9.70 -5.51
CA PRO A 42 2.28 11.06 -4.98
C PRO A 42 1.87 12.09 -6.02
N GLU A 43 1.62 13.30 -5.54
CA GLU A 43 1.13 14.41 -6.34
C GLU A 43 1.72 14.45 -7.75
N HIS A 44 0.83 14.53 -8.71
CA HIS A 44 1.13 14.72 -10.15
C HIS A 44 1.84 13.51 -10.77
N SER A 45 2.17 12.50 -9.99
CA SER A 45 2.81 11.31 -10.53
C SER A 45 1.79 10.19 -10.69
N ASN A 46 1.50 9.83 -11.93
CA ASN A 46 0.71 8.65 -12.21
C ASN A 46 1.56 7.42 -11.92
N ILE A 47 0.99 6.41 -11.28
CA ILE A 47 1.67 5.14 -11.23
C ILE A 47 1.14 4.18 -12.30
N GLN A 48 -0.09 4.41 -12.77
CA GLN A 48 -0.78 3.51 -13.68
C GLN A 48 0.00 3.27 -14.98
N HIS A 49 1.04 4.06 -15.17
CA HIS A 49 1.90 3.92 -16.34
C HIS A 49 2.98 2.88 -16.10
N PHE A 50 3.37 2.69 -14.85
CA PHE A 50 4.39 1.69 -14.51
C PHE A 50 3.89 0.70 -13.47
N VAL A 51 2.65 0.87 -13.06
CA VAL A 51 2.02 -0.01 -12.10
C VAL A 51 0.82 -0.66 -12.74
N GLU A 52 0.79 -1.98 -12.69
CA GLU A 52 -0.16 -2.75 -13.48
C GLU A 52 -1.43 -3.01 -12.68
N LYS A 53 -1.26 -3.54 -11.48
CA LYS A 53 -2.36 -3.82 -10.58
C LYS A 53 -1.88 -3.71 -9.14
N VAL A 54 -2.77 -3.91 -8.19
CA VAL A 54 -2.43 -3.78 -6.78
C VAL A 54 -3.16 -4.83 -5.95
N VAL A 55 -2.57 -5.21 -4.83
CA VAL A 55 -3.14 -6.24 -3.98
C VAL A 55 -2.88 -5.91 -2.51
N PHE A 56 -3.81 -6.31 -1.67
CA PHE A 56 -3.67 -6.16 -0.23
C PHE A 56 -3.84 -7.51 0.43
N HIS A 57 -2.89 -7.88 1.27
CA HIS A 57 -3.02 -9.13 2.02
C HIS A 57 -3.37 -8.82 3.47
N LEU A 58 -4.66 -8.69 3.73
CA LEU A 58 -5.12 -8.51 5.09
C LEU A 58 -4.87 -9.79 5.88
N HIS A 59 -5.29 -9.84 7.13
CA HIS A 59 -5.12 -11.04 7.92
C HIS A 59 -6.30 -11.95 7.74
N GLU A 60 -6.05 -13.24 7.87
CA GLU A 60 -7.03 -14.29 7.54
C GLU A 60 -8.35 -14.15 8.32
N SER A 61 -8.31 -13.44 9.43
CA SER A 61 -9.52 -13.12 10.17
C SER A 61 -10.47 -12.29 9.29
N PHE A 62 -9.91 -11.68 8.25
CA PHE A 62 -10.67 -10.96 7.27
C PHE A 62 -11.01 -11.90 6.10
N PRO A 63 -12.30 -12.03 5.76
CA PRO A 63 -12.75 -12.93 4.69
C PRO A 63 -12.20 -12.51 3.32
N ARG A 64 -11.47 -13.41 2.67
CA ARG A 64 -10.80 -13.12 1.40
C ARG A 64 -9.89 -11.91 1.54
N PRO A 65 -8.84 -12.02 2.38
CA PRO A 65 -8.06 -10.87 2.82
C PRO A 65 -7.28 -10.20 1.69
N LYS A 66 -7.07 -10.96 0.63
CA LYS A 66 -6.43 -10.43 -0.55
C LYS A 66 -7.41 -9.57 -1.35
N ARG A 67 -7.27 -8.27 -1.20
CA ARG A 67 -8.11 -7.33 -1.92
C ARG A 67 -7.32 -6.76 -3.08
N VAL A 68 -7.75 -7.05 -4.29
CA VAL A 68 -7.01 -6.59 -5.46
C VAL A 68 -7.65 -5.31 -6.02
N CYS A 69 -6.81 -4.42 -6.52
CA CYS A 69 -7.28 -3.21 -7.16
C CYS A 69 -6.55 -3.03 -8.49
N LYS A 70 -7.29 -3.15 -9.58
CA LYS A 70 -6.72 -3.02 -10.92
C LYS A 70 -7.11 -1.68 -11.52
N ASP A 71 -7.77 -0.88 -10.70
CA ASP A 71 -8.32 0.41 -11.13
C ASP A 71 -7.50 1.54 -10.52
N PRO A 72 -7.76 2.81 -10.92
CA PRO A 72 -7.21 4.02 -10.24
C PRO A 72 -7.33 3.95 -8.68
N PRO A 73 -7.05 5.07 -7.93
CA PRO A 73 -6.66 5.05 -6.51
C PRO A 73 -6.97 3.75 -5.77
N TYR A 74 -5.88 3.05 -5.43
CA TYR A 74 -5.94 1.71 -4.88
C TYR A 74 -6.10 1.79 -3.37
N LYS A 75 -7.10 1.11 -2.85
CA LYS A 75 -7.43 1.20 -1.44
C LYS A 75 -8.21 -0.01 -0.96
N VAL A 76 -8.14 -0.24 0.34
CA VAL A 76 -9.03 -1.19 1.00
C VAL A 76 -9.81 -0.46 2.06
N GLU A 77 -11.13 -0.53 1.99
CA GLU A 77 -11.98 0.09 2.98
C GLU A 77 -12.76 -0.98 3.71
N GLU A 78 -12.38 -1.24 4.95
CA GLU A 78 -13.06 -2.26 5.72
C GLU A 78 -12.70 -2.19 7.20
N SER A 79 -13.35 -3.02 8.01
CA SER A 79 -13.42 -2.81 9.45
C SER A 79 -12.86 -4.01 10.23
N GLY A 80 -12.55 -3.76 11.50
CA GLY A 80 -11.99 -4.78 12.38
C GLY A 80 -11.95 -4.27 13.81
N TYR A 81 -11.06 -4.81 14.65
CA TYR A 81 -10.95 -4.31 16.03
C TYR A 81 -9.52 -4.33 16.55
N ALA A 82 -8.54 -4.33 15.64
CA ALA A 82 -7.15 -4.29 16.05
C ALA A 82 -6.26 -3.94 14.87
N GLY A 83 -5.01 -3.59 15.16
CA GLY A 83 -4.04 -3.30 14.12
C GLY A 83 -3.18 -4.51 13.80
N PHE A 84 -2.36 -4.38 12.76
CA PHE A 84 -1.50 -5.46 12.28
C PHE A 84 -0.66 -5.01 11.09
N ILE A 85 0.50 -5.64 10.90
CA ILE A 85 1.29 -5.44 9.70
C ILE A 85 0.51 -5.94 8.49
N LEU A 86 0.31 -5.07 7.53
CA LEU A 86 -0.41 -5.44 6.32
C LEU A 86 0.53 -5.42 5.13
N PRO A 87 0.91 -6.59 4.62
CA PRO A 87 1.80 -6.72 3.47
C PRO A 87 1.07 -6.32 2.19
N ILE A 88 1.35 -5.12 1.72
CA ILE A 88 0.68 -4.60 0.55
C ILE A 88 1.55 -4.77 -0.69
N GLU A 89 0.92 -5.06 -1.81
CA GLU A 89 1.62 -5.24 -3.06
C GLU A 89 1.19 -4.22 -4.09
N VAL A 90 2.17 -3.62 -4.74
CA VAL A 90 1.92 -2.75 -5.86
C VAL A 90 2.61 -3.35 -7.07
N TYR A 91 1.82 -3.89 -7.98
CA TYR A 91 2.36 -4.62 -9.13
C TYR A 91 2.96 -3.67 -10.15
N PHE A 92 4.10 -4.04 -10.66
CA PHE A 92 4.80 -3.24 -11.62
C PHE A 92 4.59 -3.83 -13.01
N LYS A 93 4.59 -2.99 -14.04
CA LYS A 93 4.33 -3.47 -15.37
C LYS A 93 5.62 -3.45 -16.21
N ASN A 94 6.33 -4.57 -16.18
CA ASN A 94 7.55 -4.76 -16.96
C ASN A 94 7.85 -6.23 -17.17
N LYS A 95 8.88 -6.51 -17.96
CA LYS A 95 9.34 -7.87 -18.20
C LYS A 95 10.71 -8.06 -17.57
N GLU A 96 11.17 -7.00 -16.91
CA GLU A 96 12.51 -6.93 -16.35
C GLU A 96 12.52 -7.20 -14.84
N GLU A 97 13.54 -6.64 -14.17
CA GLU A 97 13.67 -6.63 -12.69
C GLU A 97 12.32 -6.42 -11.96
N PRO A 98 12.29 -6.54 -10.60
CA PRO A 98 11.04 -6.81 -9.84
C PRO A 98 9.77 -6.22 -10.43
N ARG A 99 8.82 -7.11 -10.68
CA ARG A 99 7.55 -6.72 -11.27
C ARG A 99 6.50 -6.64 -10.18
N LYS A 100 6.98 -6.53 -8.94
CA LYS A 100 6.15 -6.35 -7.78
C LYS A 100 6.95 -5.79 -6.64
N VAL A 101 6.34 -4.94 -5.85
CA VAL A 101 6.96 -4.44 -4.64
C VAL A 101 6.05 -4.72 -3.45
N ARG A 102 6.64 -5.06 -2.32
CA ARG A 102 5.85 -5.34 -1.14
C ARG A 102 6.11 -4.29 -0.09
N PHE A 103 5.06 -3.69 0.38
CA PHE A 103 5.18 -2.69 1.42
C PHE A 103 4.50 -3.19 2.69
N ASP A 104 5.30 -3.58 3.66
CA ASP A 104 4.78 -4.06 4.94
C ASP A 104 4.36 -2.86 5.77
N TYR A 105 3.14 -2.41 5.54
CA TYR A 105 2.67 -1.19 6.17
C TYR A 105 1.99 -1.52 7.50
N ASP A 106 2.45 -0.89 8.55
CA ASP A 106 1.91 -1.11 9.88
C ASP A 106 0.55 -0.44 10.04
N LEU A 107 -0.50 -1.24 9.99
CA LEU A 107 -1.84 -0.74 10.19
C LEU A 107 -2.11 -0.53 11.67
N PHE A 108 -2.10 0.73 12.11
CA PHE A 108 -2.43 1.03 13.49
C PHE A 108 -3.75 1.78 13.56
N LEU A 109 -4.49 1.57 14.63
CA LEU A 109 -5.77 2.23 14.81
C LEU A 109 -5.74 3.01 16.13
N HIS A 110 -6.55 4.06 16.25
CA HIS A 110 -6.58 4.83 17.50
C HIS A 110 -7.77 4.43 18.35
N LEU A 111 -7.76 4.84 19.61
CA LEU A 111 -8.78 4.43 20.58
C LEU A 111 -10.17 4.94 20.22
N GLU A 112 -11.16 4.33 20.85
CA GLU A 112 -12.56 4.68 20.64
C GLU A 112 -12.83 6.06 21.22
N GLY A 113 -13.24 6.98 20.35
CA GLY A 113 -13.48 8.34 20.79
C GLY A 113 -12.20 9.11 20.97
N HIS A 114 -11.18 8.72 20.22
CA HIS A 114 -9.87 9.38 20.31
C HIS A 114 -9.48 9.85 18.91
N PRO A 115 -8.86 11.05 18.78
CA PRO A 115 -8.40 11.63 17.51
C PRO A 115 -8.09 10.60 16.41
N PRO A 116 -8.60 10.83 15.19
CA PRO A 116 -8.60 9.83 14.13
C PRO A 116 -7.23 9.63 13.49
N VAL A 117 -7.21 8.74 12.50
CA VAL A 117 -5.98 8.33 11.85
C VAL A 117 -5.96 8.76 10.39
N ASN A 118 -4.94 9.50 10.01
CA ASN A 118 -4.74 9.87 8.61
C ASN A 118 -3.24 9.92 8.30
N HIS A 119 -2.70 8.86 7.71
CA HIS A 119 -1.26 8.79 7.46
C HIS A 119 -0.94 8.38 6.02
N LEU A 120 0.15 8.92 5.50
CA LEU A 120 0.67 8.60 4.17
C LEU A 120 2.18 8.78 4.12
N ARG A 121 2.86 7.96 3.31
CA ARG A 121 4.32 8.05 3.16
C ARG A 121 4.72 7.69 1.73
N CYS A 122 5.63 8.48 1.15
CA CYS A 122 6.14 8.18 -0.19
C CYS A 122 7.36 7.24 -0.13
N GLU A 123 7.27 6.14 -0.86
CA GLU A 123 8.37 5.19 -0.98
C GLU A 123 9.12 5.43 -2.28
N LYS A 124 10.37 4.97 -2.33
CA LYS A 124 11.22 5.23 -3.46
C LYS A 124 11.80 3.94 -4.03
N LEU A 125 11.66 3.73 -5.33
CA LEU A 125 12.21 2.57 -5.98
C LEU A 125 13.14 3.00 -7.12
N THR A 126 14.42 2.66 -7.00
CA THR A 126 15.40 3.07 -8.00
C THR A 126 15.76 1.91 -8.91
N PHE A 127 15.67 2.14 -10.21
CA PHE A 127 16.02 1.12 -11.19
C PHE A 127 17.17 1.60 -12.05
N ASN A 128 18.33 1.02 -11.81
CA ASN A 128 19.56 1.43 -12.50
C ASN A 128 19.63 0.85 -13.90
N ASN A 129 19.64 1.74 -14.89
CA ASN A 129 19.78 1.39 -16.31
C ASN A 129 18.70 0.39 -16.75
N PRO A 130 17.43 0.85 -16.82
CA PRO A 130 16.32 0.03 -17.25
C PRO A 130 16.15 0.03 -18.78
N THR A 131 15.60 -1.06 -19.32
CA THR A 131 15.37 -1.18 -20.76
C THR A 131 14.37 -0.12 -21.22
N GLU A 132 14.36 0.19 -22.52
CA GLU A 132 13.52 1.27 -23.05
C GLU A 132 12.08 1.11 -22.57
N ASP A 133 11.51 -0.09 -22.69
CA ASP A 133 10.11 -0.32 -22.34
C ASP A 133 9.79 0.13 -20.92
N PHE A 134 10.60 -0.30 -19.96
CA PHE A 134 10.39 0.05 -18.56
C PHE A 134 10.66 1.54 -18.36
N ARG A 135 11.83 1.95 -18.82
CA ARG A 135 12.24 3.35 -18.84
C ARG A 135 11.13 4.25 -19.38
N ARG A 136 10.60 3.86 -20.51
CA ARG A 136 9.58 4.58 -21.24
C ARG A 136 8.35 4.85 -20.39
N LYS A 137 7.92 3.84 -19.64
CA LYS A 137 6.75 4.00 -18.78
C LYS A 137 7.07 4.81 -17.53
N LEU A 138 8.22 4.50 -16.92
CA LEU A 138 8.69 5.24 -15.74
C LEU A 138 8.79 6.74 -16.04
N LEU A 139 9.13 7.08 -17.28
CA LEU A 139 9.27 8.48 -17.70
C LEU A 139 7.91 9.13 -17.90
N LYS A 140 6.95 8.38 -18.44
CA LYS A 140 5.60 8.89 -18.65
C LYS A 140 4.91 9.20 -17.34
N ALA A 141 5.39 8.57 -16.29
CA ALA A 141 4.85 8.81 -14.96
C ALA A 141 5.43 10.08 -14.35
N GLY B 1 -5.13 4.36 26.62
CA GLY B 1 -4.43 5.44 25.89
C GLY B 1 -5.12 5.80 24.59
N GLY B 2 -4.35 6.11 23.57
CA GLY B 2 -4.90 6.46 22.28
C GLY B 2 -4.55 5.45 21.20
N LYS B 3 -3.76 4.46 21.56
CA LYS B 3 -3.32 3.43 20.63
C LYS B 3 -4.17 2.18 20.80
N ALA B 4 -4.95 1.84 19.78
CA ALA B 4 -5.83 0.68 19.83
C ALA B 4 -5.01 -0.61 19.87
N PRO B 5 -5.57 -1.68 20.46
CA PRO B 5 -4.87 -2.97 20.61
C PRO B 5 -4.55 -3.66 19.28
N ARG B 6 -3.79 -4.75 19.38
CA ARG B 6 -3.35 -5.48 18.20
C ARG B 6 -3.45 -6.98 18.44
N GLN B 8 -1.88 -9.73 16.45
CA GLN B 8 -0.66 -10.50 16.26
C GLN B 8 -1.02 -11.99 16.13
N LEU B 9 -1.92 -12.27 15.21
CA LEU B 9 -2.38 -13.62 14.95
C LEU B 9 -2.29 -13.93 13.47
N ALA B 10 -1.79 -15.12 13.14
CA ALA B 10 -1.65 -15.56 11.76
C ALA B 10 -0.74 -14.62 10.97
N THR B 11 0.56 -14.76 11.18
CA THR B 11 1.55 -14.01 10.43
C THR B 11 1.47 -14.32 8.94
N LYS B 12 1.28 -13.29 8.13
CA LYS B 12 1.17 -13.47 6.70
C LYS B 12 2.45 -13.02 6.01
N ALA B 13 3.43 -13.91 5.99
CA ALA B 13 4.71 -13.62 5.38
C ALA B 13 5.30 -14.90 4.78
N GLY A 1 28.89 -6.19 -27.41
CA GLY A 1 28.01 -5.77 -28.52
C GLY A 1 27.87 -4.27 -28.59
N SER A 2 27.30 -3.77 -29.69
CA SER A 2 27.15 -2.33 -29.89
C SER A 2 26.03 -1.77 -29.01
N HIS A 3 25.18 -2.66 -28.49
CA HIS A 3 24.11 -2.25 -27.59
C HIS A 3 24.66 -1.96 -26.20
N MET A 4 25.35 -0.83 -26.08
CA MET A 4 25.90 -0.40 -24.81
C MET A 4 25.05 0.71 -24.22
N ALA A 5 25.19 1.91 -24.76
CA ALA A 5 24.43 3.09 -24.34
C ALA A 5 24.76 3.50 -22.90
N SER A 6 24.28 4.67 -22.51
CA SER A 6 24.52 5.17 -21.18
C SER A 6 23.20 5.29 -20.42
N SER A 7 22.70 4.15 -19.97
CA SER A 7 21.46 4.11 -19.21
C SER A 7 21.75 4.44 -17.75
N CYS A 8 20.69 4.61 -16.97
CA CYS A 8 20.80 5.09 -15.60
C CYS A 8 19.66 4.55 -14.75
N ALA A 9 19.72 4.80 -13.45
CA ALA A 9 18.70 4.33 -12.53
C ALA A 9 17.47 5.24 -12.59
N VAL A 10 16.32 4.64 -12.87
CA VAL A 10 15.08 5.39 -12.91
C VAL A 10 14.31 5.14 -11.63
N GLN A 11 13.86 6.21 -10.99
CA GLN A 11 13.23 6.11 -9.69
C GLN A 11 11.75 6.47 -9.77
N VAL A 12 10.89 5.61 -9.25
CA VAL A 12 9.47 5.90 -9.15
C VAL A 12 9.03 5.86 -7.71
N LYS A 13 8.11 6.74 -7.34
CA LYS A 13 7.61 6.79 -5.99
C LYS A 13 6.19 6.25 -5.88
N LEU A 14 6.01 5.31 -4.96
CA LEU A 14 4.69 4.81 -4.60
C LEU A 14 4.37 5.23 -3.18
N GLU A 15 3.12 5.46 -2.89
CA GLU A 15 2.73 6.02 -1.61
C GLU A 15 1.85 5.05 -0.83
N LEU A 16 2.26 4.75 0.40
CA LEU A 16 1.45 3.94 1.31
C LEU A 16 0.65 4.85 2.19
N GLY A 17 -0.57 4.46 2.46
CA GLY A 17 -1.42 5.26 3.30
C GLY A 17 -2.47 4.44 3.97
N HIS A 18 -3.17 5.06 4.89
CA HIS A 18 -4.32 4.45 5.52
C HIS A 18 -4.98 5.44 6.48
N ARG A 19 -6.27 5.31 6.63
CA ARG A 19 -7.01 6.11 7.58
C ARG A 19 -7.68 5.18 8.56
N ALA A 20 -7.98 5.67 9.75
CA ALA A 20 -8.71 4.88 10.73
C ALA A 20 -9.68 5.76 11.50
N GLN A 21 -10.88 5.23 11.70
CA GLN A 21 -11.92 5.89 12.46
C GLN A 21 -12.72 4.85 13.23
N VAL A 22 -13.18 5.21 14.42
CA VAL A 22 -13.93 4.28 15.23
C VAL A 22 -15.42 4.58 15.16
N ARG A 23 -16.22 3.54 15.14
CA ARG A 23 -17.65 3.68 15.29
C ARG A 23 -17.99 3.39 16.74
N LYS A 24 -18.81 4.23 17.34
CA LYS A 24 -19.09 4.14 18.76
C LYS A 24 -19.94 2.90 19.07
N LYS A 25 -20.40 2.25 18.01
CA LYS A 25 -21.13 1.00 18.14
C LYS A 25 -20.55 -0.03 17.16
N PRO A 26 -19.93 -1.10 17.69
CA PRO A 26 -19.38 -2.18 16.87
C PRO A 26 -20.45 -2.91 16.08
N THR A 27 -20.04 -3.59 15.03
CA THR A 27 -20.95 -4.37 14.21
C THR A 27 -21.30 -5.67 14.92
N VAL A 28 -22.16 -6.48 14.30
CA VAL A 28 -22.57 -7.76 14.86
C VAL A 28 -21.39 -8.58 15.34
N GLU A 29 -20.31 -8.58 14.56
CA GLU A 29 -19.14 -9.39 14.85
C GLU A 29 -18.18 -8.66 15.80
N GLY A 30 -18.58 -7.48 16.24
CA GLY A 30 -17.84 -6.77 17.26
C GLY A 30 -16.63 -6.04 16.72
N PHE A 31 -16.74 -5.56 15.50
CA PHE A 31 -15.66 -4.78 14.91
C PHE A 31 -15.90 -3.30 15.20
N THR A 32 -14.93 -2.67 15.85
CA THR A 32 -15.07 -1.31 16.36
C THR A 32 -14.41 -0.27 15.44
N HIS A 33 -13.31 -0.65 14.81
CA HIS A 33 -12.47 0.28 14.09
C HIS A 33 -12.54 0.05 12.58
N ASP A 34 -12.91 1.08 11.84
CA ASP A 34 -12.97 1.02 10.39
C ASP A 34 -11.76 1.74 9.81
N TRP A 35 -11.07 1.09 8.90
CA TRP A 35 -9.91 1.69 8.29
C TRP A 35 -9.89 1.49 6.79
N MET A 36 -9.15 2.36 6.12
CA MET A 36 -8.93 2.27 4.69
C MET A 36 -7.46 2.41 4.39
N VAL A 37 -6.95 1.59 3.48
CA VAL A 37 -5.55 1.66 3.08
C VAL A 37 -5.37 2.30 1.73
N PHE A 38 -4.19 2.87 1.54
CA PHE A 38 -3.83 3.64 0.35
C PHE A 38 -2.58 3.08 -0.31
N VAL A 39 -2.67 2.77 -1.59
CA VAL A 39 -1.49 2.61 -2.43
C VAL A 39 -1.70 3.35 -3.74
N ARG A 40 -0.80 4.27 -4.05
CA ARG A 40 -0.91 5.10 -5.25
C ARG A 40 0.40 5.82 -5.49
N GLY A 41 0.42 6.71 -6.46
CA GLY A 41 1.55 7.59 -6.64
C GLY A 41 1.28 8.95 -6.06
N PRO A 42 2.33 9.72 -5.74
CA PRO A 42 2.21 11.08 -5.19
C PRO A 42 1.43 12.03 -6.09
N GLU A 43 1.24 13.23 -5.58
CA GLU A 43 0.56 14.29 -6.31
C GLU A 43 1.10 14.40 -7.73
N HIS A 44 0.19 14.27 -8.68
CA HIS A 44 0.46 14.51 -10.11
C HIS A 44 1.21 13.34 -10.77
N SER A 45 1.90 12.54 -9.99
CA SER A 45 2.58 11.36 -10.52
C SER A 45 1.59 10.21 -10.66
N ASN A 46 1.30 9.81 -11.90
CA ASN A 46 0.38 8.71 -12.14
C ASN A 46 1.16 7.42 -12.26
N ILE A 47 0.77 6.43 -11.47
CA ILE A 47 1.49 5.18 -11.42
C ILE A 47 0.93 4.17 -12.42
N GLN A 48 -0.30 4.40 -12.87
CA GLN A 48 -0.96 3.49 -13.82
C GLN A 48 -0.14 3.34 -15.10
N HIS A 49 0.90 4.17 -15.20
CA HIS A 49 1.83 4.11 -16.30
C HIS A 49 2.84 2.99 -16.10
N PHE A 50 3.33 2.82 -14.86
CA PHE A 50 4.33 1.80 -14.57
C PHE A 50 3.77 0.72 -13.64
N VAL A 51 2.50 0.89 -13.25
CA VAL A 51 1.84 -0.03 -12.34
C VAL A 51 0.59 -0.61 -13.00
N GLU A 52 0.41 -1.91 -12.83
CA GLU A 52 -0.63 -2.67 -13.53
C GLU A 52 -1.85 -2.89 -12.64
N LYS A 53 -1.61 -3.54 -11.51
CA LYS A 53 -2.67 -3.88 -10.56
C LYS A 53 -2.13 -3.78 -9.15
N VAL A 54 -2.98 -4.01 -8.16
CA VAL A 54 -2.58 -3.90 -6.78
C VAL A 54 -3.29 -4.96 -5.94
N VAL A 55 -2.67 -5.34 -4.83
CA VAL A 55 -3.24 -6.35 -3.96
C VAL A 55 -2.95 -6.03 -2.50
N PHE A 56 -3.87 -6.40 -1.64
CA PHE A 56 -3.72 -6.23 -0.21
C PHE A 56 -3.91 -7.57 0.46
N HIS A 57 -2.98 -7.95 1.32
CA HIS A 57 -3.14 -9.17 2.09
C HIS A 57 -3.46 -8.81 3.54
N LEU A 58 -4.73 -8.58 3.82
CA LEU A 58 -5.15 -8.21 5.17
C LEU A 58 -4.95 -9.39 6.12
N HIS A 59 -5.32 -9.22 7.37
CA HIS A 59 -5.16 -10.28 8.36
C HIS A 59 -6.21 -11.36 8.11
N GLU A 60 -5.80 -12.60 8.34
CA GLU A 60 -6.63 -13.78 8.05
C GLU A 60 -8.00 -13.71 8.72
N SER A 61 -8.09 -12.97 9.81
CA SER A 61 -9.36 -12.77 10.51
C SER A 61 -10.34 -12.00 9.62
N PHE A 62 -9.80 -11.26 8.67
CA PHE A 62 -10.61 -10.52 7.71
C PHE A 62 -11.00 -11.45 6.58
N PRO A 63 -12.31 -11.64 6.36
CA PRO A 63 -12.81 -12.51 5.29
C PRO A 63 -12.31 -12.08 3.92
N ARG A 64 -11.70 -13.02 3.21
CA ARG A 64 -11.12 -12.75 1.89
C ARG A 64 -10.16 -11.57 1.98
N PRO A 65 -9.02 -11.73 2.66
CA PRO A 65 -8.15 -10.61 3.00
C PRO A 65 -7.43 -10.01 1.81
N LYS A 66 -7.30 -10.79 0.75
CA LYS A 66 -6.64 -10.33 -0.45
C LYS A 66 -7.59 -9.54 -1.34
N ARG A 67 -7.43 -8.23 -1.31
CA ARG A 67 -8.24 -7.36 -2.13
C ARG A 67 -7.40 -6.82 -3.29
N VAL A 68 -7.87 -7.02 -4.52
CA VAL A 68 -7.12 -6.59 -5.68
C VAL A 68 -7.77 -5.35 -6.31
N CYS A 69 -6.93 -4.45 -6.80
CA CYS A 69 -7.42 -3.31 -7.57
C CYS A 69 -6.67 -3.21 -8.88
N LYS A 70 -7.43 -3.15 -9.96
CA LYS A 70 -6.88 -2.96 -11.28
C LYS A 70 -7.20 -1.54 -11.74
N ASP A 71 -7.73 -0.74 -10.82
CA ASP A 71 -8.19 0.61 -11.14
C ASP A 71 -7.21 1.66 -10.64
N PRO A 72 -7.43 2.94 -10.98
CA PRO A 72 -6.81 4.11 -10.30
C PRO A 72 -6.82 3.98 -8.74
N PRO A 73 -6.50 5.09 -7.97
CA PRO A 73 -6.19 5.04 -6.53
C PRO A 73 -6.67 3.79 -5.80
N TYR A 74 -5.69 2.99 -5.40
CA TYR A 74 -5.91 1.65 -4.87
C TYR A 74 -6.13 1.71 -3.37
N LYS A 75 -7.15 1.01 -2.89
CA LYS A 75 -7.50 1.06 -1.48
C LYS A 75 -8.17 -0.22 -1.02
N VAL A 76 -8.22 -0.36 0.28
CA VAL A 76 -9.02 -1.38 0.94
C VAL A 76 -9.77 -0.77 2.10
N GLU A 77 -11.07 -0.99 2.16
CA GLU A 77 -11.89 -0.46 3.23
C GLU A 77 -12.44 -1.60 4.06
N GLU A 78 -12.02 -1.69 5.31
CA GLU A 78 -12.42 -2.79 6.17
C GLU A 78 -12.68 -2.32 7.58
N SER A 79 -13.09 -3.26 8.42
CA SER A 79 -13.40 -2.97 9.80
C SER A 79 -12.88 -4.10 10.69
N GLY A 80 -12.50 -3.73 11.91
CA GLY A 80 -11.89 -4.67 12.83
C GLY A 80 -11.76 -4.04 14.20
N TYR A 81 -10.77 -4.44 14.98
CA TYR A 81 -10.58 -3.84 16.30
C TYR A 81 -9.11 -3.76 16.70
N ALA A 82 -8.20 -4.01 15.76
CA ALA A 82 -6.78 -3.95 16.07
C ALA A 82 -5.95 -3.71 14.81
N GLY A 83 -4.71 -3.30 15.03
CA GLY A 83 -3.80 -3.04 13.94
C GLY A 83 -2.87 -4.22 13.68
N PHE A 84 -2.02 -4.08 12.67
CA PHE A 84 -1.12 -5.15 12.23
C PHE A 84 -0.34 -4.70 11.00
N ILE A 85 0.81 -5.31 10.77
CA ILE A 85 1.55 -5.10 9.55
C ILE A 85 0.77 -5.67 8.37
N LEU A 86 0.45 -4.83 7.42
CA LEU A 86 -0.30 -5.26 6.26
C LEU A 86 0.60 -5.28 5.04
N PRO A 87 0.94 -6.49 4.56
CA PRO A 87 1.77 -6.67 3.37
C PRO A 87 1.03 -6.27 2.10
N ILE A 88 1.33 -5.09 1.60
CA ILE A 88 0.66 -4.56 0.43
C ILE A 88 1.51 -4.77 -0.81
N GLU A 89 0.88 -5.04 -1.94
CA GLU A 89 1.58 -5.24 -3.19
C GLU A 89 1.11 -4.29 -4.26
N VAL A 90 2.06 -3.64 -4.92
CA VAL A 90 1.76 -2.79 -6.05
C VAL A 90 2.42 -3.42 -7.29
N TYR A 91 1.59 -3.98 -8.16
CA TYR A 91 2.09 -4.69 -9.34
C TYR A 91 2.67 -3.74 -10.36
N PHE A 92 3.80 -4.12 -10.91
CA PHE A 92 4.53 -3.30 -11.85
C PHE A 92 4.41 -3.88 -13.26
N LYS A 93 4.64 -3.04 -14.27
CA LYS A 93 4.64 -3.51 -15.66
C LYS A 93 6.08 -3.68 -16.14
N ASN A 94 6.62 -4.87 -15.99
CA ASN A 94 8.02 -5.13 -16.33
C ASN A 94 8.14 -6.37 -17.18
N LYS A 95 9.20 -6.44 -17.97
CA LYS A 95 9.61 -7.68 -18.59
C LYS A 95 10.94 -8.11 -17.99
N GLU A 96 11.40 -7.28 -17.06
CA GLU A 96 12.64 -7.50 -16.34
C GLU A 96 12.33 -7.77 -14.86
N GLU A 97 13.29 -7.42 -13.99
CA GLU A 97 13.22 -7.68 -12.54
C GLU A 97 11.83 -7.41 -11.92
N PRO A 98 11.61 -7.84 -10.65
CA PRO A 98 10.30 -8.04 -10.01
C PRO A 98 9.19 -7.08 -10.47
N ARG A 99 8.10 -7.69 -10.92
CA ARG A 99 6.92 -6.98 -11.39
C ARG A 99 5.96 -6.70 -10.25
N LYS A 100 6.51 -6.72 -9.06
CA LYS A 100 5.74 -6.43 -7.85
C LYS A 100 6.64 -5.76 -6.82
N VAL A 101 6.06 -4.87 -6.06
CA VAL A 101 6.73 -4.34 -4.89
C VAL A 101 5.89 -4.63 -3.67
N ARG A 102 6.55 -5.00 -2.58
CA ARG A 102 5.84 -5.37 -1.37
C ARG A 102 6.12 -4.36 -0.27
N PHE A 103 5.08 -3.69 0.17
CA PHE A 103 5.20 -2.71 1.21
C PHE A 103 4.51 -3.19 2.48
N ASP A 104 5.30 -3.60 3.46
CA ASP A 104 4.77 -4.00 4.75
C ASP A 104 4.37 -2.76 5.54
N TYR A 105 3.15 -2.31 5.30
CA TYR A 105 2.69 -1.07 5.90
C TYR A 105 2.06 -1.33 7.27
N ASP A 106 2.52 -0.60 8.26
CA ASP A 106 2.01 -0.71 9.62
C ASP A 106 0.64 -0.08 9.72
N LEU A 107 -0.39 -0.91 9.83
CA LEU A 107 -1.74 -0.43 10.01
C LEU A 107 -1.97 -0.09 11.48
N PHE A 108 -1.90 1.19 11.81
CA PHE A 108 -2.11 1.61 13.19
C PHE A 108 -3.47 2.28 13.34
N LEU A 109 -4.20 1.88 14.36
CA LEU A 109 -5.48 2.49 14.68
C LEU A 109 -5.33 3.26 15.99
N HIS A 110 -6.15 4.29 16.19
CA HIS A 110 -6.09 5.04 17.43
C HIS A 110 -7.22 4.61 18.37
N LEU A 111 -7.15 5.07 19.61
CA LEU A 111 -8.04 4.61 20.67
C LEU A 111 -9.52 4.82 20.38
N GLU A 112 -10.31 3.80 20.74
CA GLU A 112 -11.76 3.82 20.59
C GLU A 112 -12.34 5.03 21.30
N GLY A 113 -13.04 5.87 20.56
CA GLY A 113 -13.62 7.06 21.11
C GLY A 113 -13.12 8.31 20.41
N HIS A 114 -11.81 8.43 20.27
CA HIS A 114 -11.25 9.60 19.60
C HIS A 114 -10.00 9.21 18.80
N PRO A 115 -10.17 8.55 17.65
CA PRO A 115 -9.09 8.23 16.76
C PRO A 115 -9.08 9.05 15.47
N PRO A 116 -8.15 10.00 15.34
CA PRO A 116 -7.90 10.66 14.07
C PRO A 116 -6.72 10.03 13.33
N VAL A 117 -7.00 9.16 12.37
CA VAL A 117 -5.93 8.52 11.63
C VAL A 117 -5.96 8.89 10.15
N ASN A 118 -4.93 9.59 9.71
CA ASN A 118 -4.72 9.90 8.30
C ASN A 118 -3.22 9.93 8.04
N HIS A 119 -2.67 8.93 7.36
CA HIS A 119 -1.23 8.87 7.15
C HIS A 119 -0.87 8.41 5.74
N LEU A 120 0.19 8.99 5.18
CA LEU A 120 0.72 8.61 3.88
C LEU A 120 2.23 8.81 3.84
N ARG A 121 2.91 7.98 3.05
CA ARG A 121 4.37 8.05 2.91
C ARG A 121 4.79 7.59 1.50
N CYS A 122 5.65 8.36 0.86
CA CYS A 122 6.17 8.00 -0.45
C CYS A 122 7.40 7.10 -0.34
N GLU A 123 7.38 6.00 -1.08
CA GLU A 123 8.49 5.07 -1.14
C GLU A 123 9.25 5.28 -2.44
N LYS A 124 10.51 4.88 -2.44
CA LYS A 124 11.40 5.14 -3.55
C LYS A 124 11.90 3.86 -4.17
N LEU A 125 11.56 3.65 -5.44
CA LEU A 125 12.03 2.48 -6.16
C LEU A 125 13.02 2.89 -7.24
N THR A 126 14.30 2.65 -6.99
CA THR A 126 15.34 2.96 -7.95
C THR A 126 15.70 1.72 -8.75
N PHE A 127 15.66 1.83 -10.07
CA PHE A 127 16.01 0.72 -10.94
C PHE A 127 17.22 1.08 -11.78
N ASN A 128 18.37 0.53 -11.40
CA ASN A 128 19.62 0.83 -12.07
C ASN A 128 19.64 0.22 -13.47
N ASN A 129 19.75 1.09 -14.47
CA ASN A 129 19.94 0.69 -15.85
C ASN A 129 18.87 -0.31 -16.32
N PRO A 130 17.61 0.14 -16.42
CA PRO A 130 16.51 -0.70 -16.87
C PRO A 130 16.35 -0.67 -18.39
N THR A 131 15.49 -1.52 -18.92
CA THR A 131 15.24 -1.54 -20.35
C THR A 131 14.44 -0.29 -20.76
N GLU A 132 14.50 0.08 -22.04
CA GLU A 132 13.81 1.28 -22.53
C GLU A 132 12.33 1.21 -22.17
N ASP A 133 11.74 0.01 -22.31
CA ASP A 133 10.32 -0.20 -21.99
C ASP A 133 10.02 0.24 -20.57
N PHE A 134 10.89 -0.13 -19.64
CA PHE A 134 10.66 0.20 -18.24
C PHE A 134 10.92 1.67 -18.02
N ARG A 135 12.07 2.14 -18.49
CA ARG A 135 12.42 3.56 -18.49
C ARG A 135 11.26 4.40 -19.03
N ARG A 136 10.66 3.94 -20.10
CA ARG A 136 9.56 4.61 -20.77
C ARG A 136 8.44 4.91 -19.80
N LYS A 137 7.96 3.85 -19.16
CA LYS A 137 6.82 3.95 -18.26
C LYS A 137 7.14 4.85 -17.08
N LEU A 138 8.26 4.54 -16.45
CA LEU A 138 8.73 5.26 -15.26
C LEU A 138 8.81 6.77 -15.51
N LEU A 139 9.26 7.15 -16.70
CA LEU A 139 9.40 8.55 -17.07
C LEU A 139 8.04 9.20 -17.33
N LYS A 140 7.10 8.42 -17.85
CA LYS A 140 5.78 8.94 -18.20
C LYS A 140 4.95 9.24 -16.96
N ALA A 141 5.26 8.55 -15.87
CA ALA A 141 4.52 8.67 -14.62
C ALA A 141 4.29 10.11 -14.20
N GLY B 1 3.52 1.90 14.27
CA GLY B 1 3.22 1.70 15.71
C GLY B 1 1.84 2.19 16.05
N GLY B 2 1.12 1.43 16.87
CA GLY B 2 -0.24 1.78 17.19
C GLY B 2 -0.49 1.88 18.68
N LYS B 3 -1.16 2.94 19.09
CA LYS B 3 -1.56 3.11 20.47
C LYS B 3 -2.66 2.11 20.83
N ALA B 4 -3.56 1.88 19.88
CA ALA B 4 -4.61 0.90 20.05
C ALA B 4 -4.03 -0.51 19.96
N PRO B 5 -4.75 -1.52 20.46
CA PRO B 5 -4.29 -2.91 20.41
C PRO B 5 -4.03 -3.38 18.98
N ARG B 6 -3.11 -4.32 18.85
CA ARG B 6 -2.81 -4.89 17.54
C ARG B 6 -2.58 -6.39 17.64
N GLN B 8 -0.45 -8.30 16.08
CA GLN B 8 0.90 -8.80 15.84
C GLN B 8 1.40 -9.51 17.09
N LEU B 9 0.81 -9.14 18.21
CA LEU B 9 1.11 -9.75 19.49
C LEU B 9 -0.17 -10.25 20.13
N ALA B 10 -0.12 -11.40 20.77
CA ALA B 10 -1.30 -12.02 21.35
C ALA B 10 -1.31 -11.86 22.87
N THR B 11 -0.15 -12.05 23.47
CA THR B 11 0.01 -11.90 24.92
C THR B 11 -1.03 -12.76 25.66
N LYS B 12 -0.93 -14.07 25.46
CA LYS B 12 -1.83 -15.00 26.13
C LYS B 12 -1.32 -15.33 27.52
N ALA B 13 -0.04 -15.05 27.75
CA ALA B 13 0.59 -15.25 29.03
C ALA B 13 1.62 -14.17 29.27
N GLY A 1 34.10 6.60 -11.64
CA GLY A 1 35.36 5.86 -11.79
C GLY A 1 36.08 6.21 -13.06
N SER A 2 37.14 5.48 -13.38
CA SER A 2 37.92 5.76 -14.58
C SER A 2 37.08 5.47 -15.81
N HIS A 3 37.17 6.36 -16.80
CA HIS A 3 36.42 6.25 -18.05
C HIS A 3 34.94 6.62 -17.84
N MET A 4 34.55 6.77 -16.57
CA MET A 4 33.17 7.11 -16.20
C MET A 4 32.20 6.03 -16.66
N ALA A 5 30.92 6.28 -16.47
CA ALA A 5 29.87 5.37 -16.92
C ALA A 5 28.55 6.09 -17.01
N SER A 6 27.71 5.66 -17.94
CA SER A 6 26.39 6.24 -18.10
C SER A 6 25.40 5.55 -17.19
N SER A 7 25.46 5.87 -15.90
CA SER A 7 24.56 5.29 -14.92
C SER A 7 23.26 6.06 -14.89
N CYS A 8 22.21 5.46 -15.42
CA CYS A 8 20.92 6.12 -15.48
C CYS A 8 19.88 5.36 -14.68
N ALA A 9 19.59 5.87 -13.51
CA ALA A 9 18.61 5.26 -12.64
C ALA A 9 17.30 6.03 -12.70
N VAL A 10 16.23 5.34 -13.01
CA VAL A 10 14.91 5.95 -13.05
C VAL A 10 14.18 5.64 -11.76
N GLN A 11 13.82 6.67 -11.02
CA GLN A 11 13.17 6.50 -9.74
C GLN A 11 11.68 6.74 -9.86
N VAL A 12 10.92 5.82 -9.32
CA VAL A 12 9.48 5.95 -9.28
C VAL A 12 9.01 6.06 -7.83
N LYS A 13 8.04 6.91 -7.58
CA LYS A 13 7.54 7.09 -6.24
C LYS A 13 6.14 6.53 -6.08
N LEU A 14 5.99 5.67 -5.10
CA LEU A 14 4.70 5.15 -4.72
C LEU A 14 4.30 5.74 -3.37
N GLU A 15 3.10 5.48 -2.91
CA GLU A 15 2.61 6.05 -1.67
C GLU A 15 1.77 5.04 -0.88
N LEU A 16 2.19 4.77 0.36
CA LEU A 16 1.39 3.98 1.29
C LEU A 16 0.58 4.90 2.16
N GLY A 17 -0.61 4.48 2.49
CA GLY A 17 -1.45 5.26 3.35
C GLY A 17 -2.50 4.44 4.04
N HIS A 18 -3.15 5.04 5.01
CA HIS A 18 -4.27 4.43 5.69
C HIS A 18 -4.88 5.43 6.66
N ARG A 19 -6.19 5.37 6.78
CA ARG A 19 -6.90 6.16 7.76
C ARG A 19 -7.67 5.21 8.68
N ALA A 20 -8.02 5.67 9.86
CA ALA A 20 -8.81 4.88 10.78
C ALA A 20 -9.74 5.75 11.61
N GLN A 21 -10.95 5.26 11.80
CA GLN A 21 -11.88 5.86 12.73
C GLN A 21 -12.72 4.75 13.35
N VAL A 22 -13.40 5.05 14.43
CA VAL A 22 -14.27 4.06 15.04
C VAL A 22 -15.72 4.37 14.70
N ARG A 23 -16.45 3.36 14.30
CA ARG A 23 -17.87 3.50 14.07
C ARG A 23 -18.59 3.23 15.37
N LYS A 24 -19.61 4.02 15.66
CA LYS A 24 -20.29 3.97 16.95
C LYS A 24 -21.12 2.70 17.10
N LYS A 25 -21.23 1.97 16.01
CA LYS A 25 -21.96 0.72 16.00
C LYS A 25 -21.18 -0.32 15.22
N PRO A 26 -20.56 -1.28 15.94
CA PRO A 26 -19.87 -2.41 15.33
C PRO A 26 -20.82 -3.24 14.47
N THR A 27 -20.26 -3.92 13.50
CA THR A 27 -21.05 -4.74 12.59
C THR A 27 -21.57 -5.97 13.32
N VAL A 28 -22.38 -6.78 12.65
CA VAL A 28 -22.92 -8.01 13.20
C VAL A 28 -21.82 -8.85 13.90
N GLU A 29 -20.64 -8.86 13.32
CA GLU A 29 -19.55 -9.68 13.83
C GLU A 29 -18.71 -8.91 14.86
N GLY A 30 -19.10 -7.69 15.15
CA GLY A 30 -18.50 -6.93 16.24
C GLY A 30 -17.20 -6.27 15.85
N PHE A 31 -17.11 -5.83 14.61
CA PHE A 31 -15.96 -5.08 14.16
C PHE A 31 -16.23 -3.59 14.38
N THR A 32 -15.39 -2.95 15.19
CA THR A 32 -15.66 -1.61 15.70
C THR A 32 -14.86 -0.53 14.96
N HIS A 33 -13.68 -0.88 14.48
CA HIS A 33 -12.78 0.09 13.87
C HIS A 33 -12.73 -0.08 12.37
N ASP A 34 -12.99 1.00 11.64
CA ASP A 34 -12.96 0.97 10.20
C ASP A 34 -11.74 1.71 9.71
N TRP A 35 -11.09 1.13 8.73
CA TRP A 35 -9.89 1.74 8.19
C TRP A 35 -9.85 1.60 6.67
N MET A 36 -9.14 2.52 6.05
CA MET A 36 -8.96 2.53 4.61
C MET A 36 -7.48 2.69 4.29
N VAL A 37 -6.96 1.81 3.44
CA VAL A 37 -5.56 1.85 3.06
C VAL A 37 -5.35 2.48 1.70
N PHE A 38 -4.14 2.98 1.49
CA PHE A 38 -3.74 3.71 0.29
C PHE A 38 -2.50 3.09 -0.34
N VAL A 39 -2.58 2.82 -1.63
CA VAL A 39 -1.41 2.59 -2.45
C VAL A 39 -1.59 3.30 -3.79
N ARG A 40 -0.69 4.23 -4.09
CA ARG A 40 -0.82 5.04 -5.31
C ARG A 40 0.44 5.86 -5.51
N GLY A 41 0.42 6.73 -6.50
CA GLY A 41 1.52 7.65 -6.69
C GLY A 41 1.18 9.05 -6.22
N PRO A 42 2.19 9.84 -5.83
CA PRO A 42 2.02 11.20 -5.33
C PRO A 42 1.42 12.15 -6.36
N GLU A 43 1.19 13.38 -5.90
CA GLU A 43 0.68 14.44 -6.74
C GLU A 43 1.47 14.55 -8.04
N HIS A 44 0.73 14.45 -9.15
CA HIS A 44 1.25 14.68 -10.51
C HIS A 44 1.93 13.44 -11.08
N SER A 45 2.37 12.54 -10.21
CA SER A 45 2.98 11.30 -10.64
C SER A 45 1.91 10.22 -10.79
N ASN A 46 1.68 9.80 -12.03
CA ASN A 46 0.74 8.72 -12.29
C ASN A 46 1.48 7.40 -12.28
N ILE A 47 1.03 6.46 -11.47
CA ILE A 47 1.73 5.18 -11.37
C ILE A 47 1.18 4.18 -12.35
N GLN A 48 -0.04 4.39 -12.83
CA GLN A 48 -0.71 3.47 -13.76
C GLN A 48 0.11 3.30 -15.04
N HIS A 49 1.14 4.13 -15.16
CA HIS A 49 2.07 4.05 -16.28
C HIS A 49 3.05 2.92 -16.07
N PHE A 50 3.56 2.76 -14.85
CA PHE A 50 4.55 1.74 -14.56
C PHE A 50 3.98 0.67 -13.61
N VAL A 51 2.74 0.89 -13.19
CA VAL A 51 2.05 -0.01 -12.27
C VAL A 51 0.77 -0.52 -12.91
N GLU A 52 0.51 -1.81 -12.73
CA GLU A 52 -0.60 -2.47 -13.41
C GLU A 52 -1.76 -2.70 -12.45
N LYS A 53 -1.54 -3.51 -11.45
CA LYS A 53 -2.56 -3.88 -10.50
C LYS A 53 -2.01 -3.79 -9.09
N VAL A 54 -2.87 -4.03 -8.11
CA VAL A 54 -2.49 -3.90 -6.71
C VAL A 54 -3.23 -4.91 -5.87
N VAL A 55 -2.63 -5.32 -4.76
CA VAL A 55 -3.21 -6.34 -3.91
C VAL A 55 -2.91 -6.04 -2.44
N PHE A 56 -3.85 -6.38 -1.60
CA PHE A 56 -3.74 -6.18 -0.17
C PHE A 56 -3.92 -7.51 0.53
N HIS A 57 -3.02 -7.85 1.45
CA HIS A 57 -3.17 -9.07 2.24
C HIS A 57 -3.52 -8.69 3.66
N LEU A 58 -4.81 -8.52 3.92
CA LEU A 58 -5.27 -8.18 5.26
C LEU A 58 -5.10 -9.38 6.19
N HIS A 59 -5.52 -9.22 7.45
CA HIS A 59 -5.40 -10.28 8.45
C HIS A 59 -6.36 -11.41 8.11
N GLU A 60 -5.90 -12.64 8.30
CA GLU A 60 -6.61 -13.85 7.85
C GLU A 60 -8.02 -13.96 8.42
N SER A 61 -8.26 -13.32 9.56
CA SER A 61 -9.60 -13.28 10.14
C SER A 61 -10.57 -12.53 9.23
N PHE A 62 -10.03 -11.67 8.38
CA PHE A 62 -10.85 -10.90 7.45
C PHE A 62 -11.25 -11.80 6.28
N PRO A 63 -12.56 -11.94 6.00
CA PRO A 63 -13.05 -12.71 4.86
C PRO A 63 -12.53 -12.15 3.55
N ARG A 64 -11.84 -13.00 2.78
CA ARG A 64 -11.13 -12.56 1.58
C ARG A 64 -10.18 -11.40 1.92
N PRO A 65 -9.06 -11.69 2.61
CA PRO A 65 -8.14 -10.66 3.05
C PRO A 65 -7.34 -10.08 1.88
N LYS A 66 -7.23 -10.84 0.81
CA LYS A 66 -6.58 -10.36 -0.38
C LYS A 66 -7.53 -9.53 -1.20
N ARG A 67 -7.33 -8.23 -1.14
CA ARG A 67 -8.16 -7.30 -1.88
C ARG A 67 -7.37 -6.81 -3.08
N VAL A 68 -7.99 -6.79 -4.24
CA VAL A 68 -7.27 -6.43 -5.44
C VAL A 68 -7.83 -5.13 -6.04
N CYS A 69 -6.94 -4.31 -6.57
CA CYS A 69 -7.32 -3.09 -7.24
C CYS A 69 -6.66 -3.03 -8.61
N LYS A 70 -7.48 -3.01 -9.65
CA LYS A 70 -6.98 -2.99 -11.03
C LYS A 70 -7.14 -1.60 -11.62
N ASP A 71 -7.54 -0.66 -10.77
CA ASP A 71 -7.89 0.68 -11.21
C ASP A 71 -7.05 1.73 -10.51
N PRO A 72 -7.14 3.01 -10.96
CA PRO A 72 -6.65 4.21 -10.24
C PRO A 72 -6.79 4.14 -8.69
N PRO A 73 -6.41 5.24 -7.94
CA PRO A 73 -6.06 5.20 -6.52
C PRO A 73 -6.54 3.95 -5.79
N TYR A 74 -5.57 3.12 -5.45
CA TYR A 74 -5.81 1.78 -4.95
C TYR A 74 -6.03 1.84 -3.44
N LYS A 75 -7.00 1.09 -2.95
CA LYS A 75 -7.40 1.18 -1.56
C LYS A 75 -8.08 -0.09 -1.08
N VAL A 76 -8.17 -0.18 0.22
CA VAL A 76 -9.00 -1.18 0.89
C VAL A 76 -9.76 -0.53 2.04
N GLU A 77 -11.07 -0.72 2.04
CA GLU A 77 -11.91 -0.17 3.10
C GLU A 77 -12.53 -1.31 3.87
N GLU A 78 -12.04 -1.52 5.08
CA GLU A 78 -12.48 -2.65 5.87
C GLU A 78 -12.75 -2.26 7.31
N SER A 79 -13.19 -3.24 8.08
CA SER A 79 -13.55 -3.02 9.47
C SER A 79 -13.05 -4.17 10.33
N GLY A 80 -12.63 -3.83 11.54
CA GLY A 80 -12.09 -4.81 12.45
C GLY A 80 -12.07 -4.24 13.86
N TYR A 81 -11.14 -4.67 14.70
CA TYR A 81 -11.08 -4.13 16.05
C TYR A 81 -9.64 -4.09 16.57
N ALA A 82 -8.67 -4.17 15.67
CA ALA A 82 -7.26 -4.15 16.04
C ALA A 82 -6.38 -3.87 14.83
N GLY A 83 -5.13 -3.51 15.08
CA GLY A 83 -4.19 -3.24 14.02
C GLY A 83 -3.25 -4.41 13.77
N PHE A 84 -2.38 -4.27 12.78
CA PHE A 84 -1.47 -5.34 12.36
C PHE A 84 -0.64 -4.88 11.15
N ILE A 85 0.51 -5.50 10.94
CA ILE A 85 1.28 -5.27 9.72
C ILE A 85 0.49 -5.79 8.52
N LEU A 86 0.29 -4.95 7.53
CA LEU A 86 -0.42 -5.34 6.35
C LEU A 86 0.52 -5.34 5.16
N PRO A 87 0.88 -6.53 4.66
CA PRO A 87 1.71 -6.64 3.47
C PRO A 87 0.94 -6.17 2.25
N ILE A 88 1.49 -5.20 1.56
CA ILE A 88 0.80 -4.55 0.47
C ILE A 88 1.60 -4.74 -0.80
N GLU A 89 0.94 -4.96 -1.90
CA GLU A 89 1.64 -5.19 -3.15
C GLU A 89 1.18 -4.23 -4.24
N VAL A 90 2.15 -3.60 -4.87
CA VAL A 90 1.89 -2.72 -5.99
C VAL A 90 2.56 -3.33 -7.22
N TYR A 91 1.74 -3.89 -8.10
CA TYR A 91 2.25 -4.65 -9.26
C TYR A 91 2.84 -3.72 -10.30
N PHE A 92 3.97 -4.11 -10.83
CA PHE A 92 4.69 -3.30 -11.79
C PHE A 92 4.56 -3.87 -13.20
N LYS A 93 4.75 -3.03 -14.21
CA LYS A 93 4.70 -3.47 -15.60
C LYS A 93 6.11 -3.60 -16.17
N ASN A 94 6.67 -4.80 -16.14
CA ASN A 94 7.98 -5.02 -16.73
C ASN A 94 8.16 -6.47 -17.13
N LYS A 95 9.17 -6.73 -17.94
CA LYS A 95 9.55 -8.08 -18.33
C LYS A 95 10.89 -8.39 -17.69
N GLU A 96 11.40 -7.40 -16.99
CA GLU A 96 12.69 -7.44 -16.33
C GLU A 96 12.49 -7.70 -14.84
N GLU A 97 13.41 -7.19 -14.02
CA GLU A 97 13.38 -7.36 -12.56
C GLU A 97 11.97 -7.25 -11.94
N PRO A 98 11.82 -7.62 -10.64
CA PRO A 98 10.51 -7.88 -9.98
C PRO A 98 9.32 -7.05 -10.48
N ARG A 99 8.23 -7.75 -10.81
CA ARG A 99 6.98 -7.11 -11.25
C ARG A 99 6.09 -6.75 -10.08
N LYS A 100 6.69 -6.68 -8.92
CA LYS A 100 5.95 -6.36 -7.72
C LYS A 100 6.85 -5.73 -6.67
N VAL A 101 6.29 -4.81 -5.92
CA VAL A 101 6.94 -4.29 -4.74
C VAL A 101 6.06 -4.58 -3.53
N ARG A 102 6.67 -5.04 -2.45
CA ARG A 102 5.89 -5.43 -1.29
C ARG A 102 6.16 -4.47 -0.13
N PHE A 103 5.18 -3.64 0.17
CA PHE A 103 5.30 -2.68 1.23
C PHE A 103 4.59 -3.18 2.47
N ASP A 104 5.37 -3.46 3.52
CA ASP A 104 4.79 -3.94 4.77
C ASP A 104 4.32 -2.76 5.60
N TYR A 105 3.09 -2.33 5.36
CA TYR A 105 2.59 -1.12 5.98
C TYR A 105 1.99 -1.42 7.35
N ASP A 106 2.40 -0.67 8.35
CA ASP A 106 1.90 -0.84 9.70
C ASP A 106 0.51 -0.21 9.84
N LEU A 107 -0.50 -1.06 9.96
CA LEU A 107 -1.87 -0.59 10.15
C LEU A 107 -2.13 -0.32 11.63
N PHE A 108 -2.06 0.94 12.03
CA PHE A 108 -2.35 1.29 13.41
C PHE A 108 -3.69 2.02 13.49
N LEU A 109 -4.48 1.69 14.50
CA LEU A 109 -5.74 2.36 14.73
C LEU A 109 -5.64 3.17 16.03
N HIS A 110 -6.43 4.23 16.14
CA HIS A 110 -6.43 5.00 17.39
C HIS A 110 -7.64 4.58 18.25
N LEU A 111 -7.61 4.98 19.51
CA LEU A 111 -8.54 4.45 20.52
C LEU A 111 -10.01 4.67 20.18
N GLU A 112 -10.78 3.62 20.44
CA GLU A 112 -12.22 3.63 20.27
C GLU A 112 -12.85 4.76 21.07
N GLY A 113 -13.54 5.64 20.37
CA GLY A 113 -14.13 6.78 21.02
C GLY A 113 -13.63 8.08 20.41
N HIS A 114 -12.32 8.22 20.28
CA HIS A 114 -11.73 9.41 19.67
C HIS A 114 -10.51 9.04 18.84
N PRO A 115 -10.69 8.46 17.65
CA PRO A 115 -9.60 8.10 16.77
C PRO A 115 -9.48 8.99 15.53
N PRO A 116 -8.47 9.87 15.50
CA PRO A 116 -8.07 10.56 14.29
C PRO A 116 -6.86 9.87 13.63
N VAL A 117 -7.11 9.07 12.60
CA VAL A 117 -6.00 8.42 11.91
C VAL A 117 -5.97 8.78 10.43
N ASN A 118 -4.90 9.44 10.02
CA ASN A 118 -4.65 9.73 8.61
C ASN A 118 -3.15 9.70 8.36
N HIS A 119 -2.63 8.58 7.85
CA HIS A 119 -1.19 8.44 7.68
C HIS A 119 -0.84 8.07 6.24
N LEU A 120 0.14 8.77 5.69
CA LEU A 120 0.63 8.54 4.34
C LEU A 120 2.13 8.79 4.23
N ARG A 121 2.77 8.14 3.27
CA ARG A 121 4.20 8.29 3.02
C ARG A 121 4.49 7.95 1.56
N CYS A 122 5.45 8.62 0.93
CA CYS A 122 5.87 8.24 -0.42
C CYS A 122 7.18 7.47 -0.42
N GLU A 123 7.20 6.33 -1.11
CA GLU A 123 8.38 5.47 -1.22
C GLU A 123 9.13 5.76 -2.51
N LYS A 124 10.38 5.30 -2.58
CA LYS A 124 11.21 5.53 -3.75
C LYS A 124 11.76 4.21 -4.27
N LEU A 125 11.56 3.96 -5.55
CA LEU A 125 12.13 2.79 -6.19
C LEU A 125 13.09 3.21 -7.30
N THR A 126 14.37 2.96 -7.12
CA THR A 126 15.37 3.34 -8.11
C THR A 126 15.78 2.14 -8.94
N PHE A 127 15.64 2.26 -10.25
CA PHE A 127 16.03 1.19 -11.15
C PHE A 127 17.22 1.64 -11.98
N ASN A 128 18.39 1.08 -11.69
CA ASN A 128 19.62 1.45 -12.36
C ASN A 128 19.70 0.81 -13.74
N ASN A 129 19.74 1.65 -14.76
CA ASN A 129 19.87 1.23 -16.16
C ASN A 129 18.76 0.28 -16.56
N PRO A 130 17.52 0.78 -16.70
CA PRO A 130 16.39 -0.01 -17.14
C PRO A 130 16.27 -0.02 -18.68
N THR A 131 15.80 -1.14 -19.22
CA THR A 131 15.60 -1.26 -20.67
C THR A 131 14.56 -0.23 -21.14
N GLU A 132 14.58 0.09 -22.44
CA GLU A 132 13.77 1.19 -22.98
C GLU A 132 12.30 1.08 -22.56
N ASP A 133 11.74 -0.13 -22.67
CA ASP A 133 10.32 -0.33 -22.37
C ASP A 133 9.98 0.06 -20.93
N PHE A 134 10.77 -0.44 -19.98
CA PHE A 134 10.55 -0.13 -18.58
C PHE A 134 10.82 1.35 -18.35
N ARG A 135 11.97 1.79 -18.84
CA ARG A 135 12.40 3.17 -18.80
C ARG A 135 11.30 4.11 -19.29
N ARG A 136 10.71 3.77 -20.41
CA ARG A 136 9.65 4.54 -21.03
C ARG A 136 8.51 4.79 -20.08
N LYS A 137 7.99 3.72 -19.50
CA LYS A 137 6.83 3.82 -18.62
C LYS A 137 7.18 4.61 -17.37
N LEU A 138 8.34 4.31 -16.80
CA LEU A 138 8.83 5.02 -15.62
C LEU A 138 8.95 6.53 -15.88
N LEU A 139 9.47 6.87 -17.05
CA LEU A 139 9.68 8.26 -17.43
C LEU A 139 8.37 8.97 -17.73
N LYS A 140 7.37 8.21 -18.17
CA LYS A 140 6.05 8.76 -18.46
C LYS A 140 5.34 9.15 -17.17
N ALA A 141 5.68 8.45 -16.10
CA ALA A 141 5.12 8.71 -14.79
C ALA A 141 5.40 10.15 -14.33
N GLY B 1 2.32 4.57 15.64
CA GLY B 1 1.89 4.70 17.06
C GLY B 1 0.57 3.99 17.31
N GLY B 2 0.65 2.67 17.50
CA GLY B 2 -0.54 1.89 17.74
C GLY B 2 -0.92 1.90 19.20
N LYS B 3 -1.69 2.90 19.59
CA LYS B 3 -2.14 3.02 20.97
C LYS B 3 -3.35 2.14 21.22
N ALA B 4 -4.03 1.77 20.15
CA ALA B 4 -5.15 0.83 20.23
C ALA B 4 -4.62 -0.60 20.21
N PRO B 5 -5.44 -1.59 20.63
CA PRO B 5 -5.03 -2.98 20.58
C PRO B 5 -4.75 -3.45 19.17
N ARG B 6 -3.76 -4.32 19.01
CA ARG B 6 -3.46 -4.89 17.71
C ARG B 6 -3.21 -6.38 17.84
N GLN B 8 -1.05 -8.63 17.37
CA GLN B 8 0.35 -8.99 17.23
C GLN B 8 0.53 -10.48 17.40
N LEU B 9 -0.30 -11.07 18.25
CA LEU B 9 -0.32 -12.50 18.44
C LEU B 9 -1.33 -13.12 17.49
N ALA B 10 -0.82 -13.72 16.43
CA ALA B 10 -1.67 -14.29 15.40
C ALA B 10 -1.58 -15.82 15.43
N THR B 11 -2.70 -16.47 15.12
CA THR B 11 -2.75 -17.93 15.05
C THR B 11 -2.51 -18.54 16.44
N LYS B 12 -2.90 -17.81 17.47
CA LYS B 12 -2.73 -18.23 18.85
C LYS B 12 -3.53 -17.32 19.78
N ALA B 13 -4.27 -17.92 20.70
CA ALA B 13 -5.09 -17.15 21.62
C ALA B 13 -5.05 -17.76 23.01
N GLY A 1 29.69 -1.61 -9.00
CA GLY A 1 28.46 -0.87 -9.36
C GLY A 1 27.84 -1.38 -10.65
N SER A 2 26.70 -0.83 -11.00
CA SER A 2 26.02 -1.22 -12.23
C SER A 2 25.73 0.00 -13.11
N HIS A 3 26.25 -0.03 -14.33
CA HIS A 3 26.00 1.03 -15.29
C HIS A 3 26.00 0.47 -16.72
N MET A 4 25.00 0.86 -17.50
CA MET A 4 24.92 0.44 -18.88
C MET A 4 25.17 1.65 -19.78
N ALA A 5 26.40 1.75 -20.28
CA ALA A 5 26.89 2.93 -21.01
C ALA A 5 26.99 4.13 -20.07
N SER A 6 25.83 4.65 -19.71
CA SER A 6 25.74 5.77 -18.79
C SER A 6 24.66 5.46 -17.76
N SER A 7 25.05 5.38 -16.50
CA SER A 7 24.15 4.96 -15.44
C SER A 7 23.01 5.96 -15.27
N CYS A 8 21.82 5.53 -15.66
CA CYS A 8 20.62 6.35 -15.50
C CYS A 8 19.60 5.60 -14.66
N ALA A 9 19.42 6.06 -13.43
CA ALA A 9 18.50 5.41 -12.51
C ALA A 9 17.16 6.14 -12.50
N VAL A 10 16.11 5.43 -12.87
CA VAL A 10 14.78 5.97 -12.86
C VAL A 10 14.08 5.51 -11.60
N GLN A 11 13.74 6.44 -10.74
CA GLN A 11 13.15 6.09 -9.46
C GLN A 11 11.72 6.55 -9.38
N VAL A 12 10.85 5.59 -9.08
CA VAL A 12 9.44 5.83 -8.99
C VAL A 12 9.03 5.85 -7.52
N LYS A 13 8.11 6.72 -7.17
CA LYS A 13 7.67 6.82 -5.80
C LYS A 13 6.24 6.36 -5.64
N LEU A 14 6.07 5.44 -4.71
CA LEU A 14 4.75 4.97 -4.36
C LEU A 14 4.48 5.37 -2.92
N GLU A 15 3.24 5.68 -2.64
CA GLU A 15 2.88 6.22 -1.35
C GLU A 15 1.93 5.30 -0.62
N LEU A 16 2.29 4.95 0.61
CA LEU A 16 1.43 4.16 1.47
C LEU A 16 0.66 5.11 2.38
N GLY A 17 -0.62 4.92 2.46
CA GLY A 17 -1.43 5.75 3.33
C GLY A 17 -2.62 5.01 3.85
N HIS A 18 -3.04 5.34 5.05
CA HIS A 18 -4.18 4.69 5.66
C HIS A 18 -4.83 5.61 6.68
N ARG A 19 -6.13 5.49 6.79
CA ARG A 19 -6.89 6.25 7.77
C ARG A 19 -7.69 5.28 8.62
N ALA A 20 -7.99 5.67 9.85
CA ALA A 20 -8.79 4.84 10.72
C ALA A 20 -9.82 5.66 11.49
N GLN A 21 -11.01 5.12 11.59
CA GLN A 21 -12.09 5.72 12.34
C GLN A 21 -12.75 4.67 13.22
N VAL A 22 -13.27 5.09 14.36
CA VAL A 22 -14.01 4.16 15.18
C VAL A 22 -15.52 4.46 15.11
N ARG A 23 -16.31 3.41 15.05
CA ARG A 23 -17.75 3.54 15.16
C ARG A 23 -18.16 3.16 16.57
N LYS A 24 -19.01 3.98 17.18
CA LYS A 24 -19.39 3.78 18.58
C LYS A 24 -20.34 2.59 18.70
N LYS A 25 -20.74 2.04 17.57
CA LYS A 25 -21.59 0.87 17.54
C LYS A 25 -20.99 -0.18 16.61
N PRO A 26 -20.31 -1.19 17.19
CA PRO A 26 -19.72 -2.29 16.43
C PRO A 26 -20.77 -3.03 15.60
N THR A 27 -20.30 -3.68 14.55
CA THR A 27 -21.18 -4.42 13.66
C THR A 27 -21.64 -5.71 14.33
N VAL A 28 -22.47 -6.48 13.65
CA VAL A 28 -22.99 -7.74 14.15
C VAL A 28 -21.88 -8.63 14.72
N GLU A 29 -20.72 -8.61 14.09
CA GLU A 29 -19.61 -9.48 14.47
C GLU A 29 -18.67 -8.79 15.45
N GLY A 30 -19.01 -7.57 15.86
CA GLY A 30 -18.28 -6.89 16.91
C GLY A 30 -17.02 -6.21 16.41
N PHE A 31 -17.07 -5.71 15.20
CA PHE A 31 -15.95 -4.95 14.65
C PHE A 31 -16.17 -3.47 14.96
N THR A 32 -15.23 -2.88 15.69
CA THR A 32 -15.40 -1.53 16.23
C THR A 32 -14.69 -0.47 15.39
N HIS A 33 -13.58 -0.84 14.78
CA HIS A 33 -12.71 0.11 14.09
C HIS A 33 -12.74 -0.09 12.59
N ASP A 34 -12.96 0.98 11.85
CA ASP A 34 -12.96 0.94 10.39
C ASP A 34 -11.72 1.64 9.89
N TRP A 35 -11.16 1.16 8.79
CA TRP A 35 -9.99 1.78 8.22
C TRP A 35 -9.96 1.67 6.71
N MET A 36 -9.15 2.53 6.11
CA MET A 36 -8.97 2.56 4.67
C MET A 36 -7.48 2.72 4.33
N VAL A 37 -7.02 1.96 3.36
CA VAL A 37 -5.66 2.09 2.85
C VAL A 37 -5.67 2.58 1.42
N PHE A 38 -4.67 3.36 1.02
CA PHE A 38 -4.56 3.81 -0.35
C PHE A 38 -3.09 3.84 -0.81
N VAL A 39 -2.84 3.18 -1.95
CA VAL A 39 -1.50 3.04 -2.53
C VAL A 39 -1.44 3.71 -3.92
N ARG A 40 -0.62 4.75 -4.06
CA ARG A 40 -0.59 5.59 -5.28
C ARG A 40 0.73 6.33 -5.42
N GLY A 41 0.94 6.98 -6.56
CA GLY A 41 2.09 7.83 -6.73
C GLY A 41 1.82 9.26 -6.33
N PRO A 42 2.87 10.05 -6.11
CA PRO A 42 2.78 11.48 -5.74
C PRO A 42 2.13 12.36 -6.80
N GLU A 43 2.00 13.64 -6.45
CA GLU A 43 1.40 14.64 -7.32
C GLU A 43 1.92 14.52 -8.75
N HIS A 44 0.96 14.38 -9.66
CA HIS A 44 1.20 14.40 -11.12
C HIS A 44 1.79 13.09 -11.62
N SER A 45 2.38 12.30 -10.74
CA SER A 45 2.92 11.02 -11.16
C SER A 45 1.83 9.96 -11.11
N ASN A 46 1.44 9.46 -12.27
CA ASN A 46 0.46 8.39 -12.34
C ASN A 46 1.18 7.06 -12.33
N ILE A 47 0.81 6.18 -11.42
CA ILE A 47 1.53 4.93 -11.29
C ILE A 47 0.99 3.90 -12.26
N GLN A 48 -0.24 4.08 -12.73
CA GLN A 48 -0.86 3.12 -13.66
C GLN A 48 -0.01 2.95 -14.91
N HIS A 49 0.94 3.84 -15.10
CA HIS A 49 1.86 3.77 -16.22
C HIS A 49 2.89 2.67 -16.01
N PHE A 50 3.41 2.57 -14.79
CA PHE A 50 4.43 1.57 -14.49
C PHE A 50 3.90 0.51 -13.53
N VAL A 51 2.67 0.71 -13.08
CA VAL A 51 2.01 -0.18 -12.15
C VAL A 51 0.74 -0.73 -12.78
N GLU A 52 0.65 -2.04 -12.85
CA GLU A 52 -0.44 -2.69 -13.58
C GLU A 52 -1.64 -2.90 -12.65
N LYS A 53 -1.41 -3.63 -11.57
CA LYS A 53 -2.45 -3.97 -10.63
C LYS A 53 -1.93 -3.82 -9.21
N VAL A 54 -2.81 -3.97 -8.23
CA VAL A 54 -2.45 -3.80 -6.83
C VAL A 54 -3.20 -4.80 -5.98
N VAL A 55 -2.59 -5.19 -4.86
CA VAL A 55 -3.17 -6.21 -4.01
C VAL A 55 -2.91 -5.90 -2.53
N PHE A 56 -3.84 -6.30 -1.69
CA PHE A 56 -3.70 -6.14 -0.26
C PHE A 56 -3.89 -7.48 0.42
N HIS A 57 -2.98 -7.86 1.28
CA HIS A 57 -3.14 -9.09 2.05
C HIS A 57 -3.49 -8.73 3.47
N LEU A 58 -4.79 -8.54 3.73
CA LEU A 58 -5.24 -8.21 5.08
C LEU A 58 -4.99 -9.39 6.03
N HIS A 59 -5.40 -9.24 7.27
CA HIS A 59 -5.23 -10.31 8.26
C HIS A 59 -6.26 -11.39 7.98
N GLU A 60 -5.86 -12.64 8.22
CA GLU A 60 -6.68 -13.82 7.89
C GLU A 60 -8.07 -13.78 8.54
N SER A 61 -8.19 -13.05 9.64
CA SER A 61 -9.50 -12.85 10.27
C SER A 61 -10.45 -12.13 9.32
N PHE A 62 -9.88 -11.35 8.40
CA PHE A 62 -10.66 -10.60 7.44
C PHE A 62 -11.04 -11.50 6.28
N PRO A 63 -12.33 -11.52 5.92
CA PRO A 63 -12.84 -12.38 4.85
C PRO A 63 -12.27 -12.00 3.49
N ARG A 64 -11.69 -12.99 2.80
CA ARG A 64 -11.00 -12.78 1.53
C ARG A 64 -10.05 -11.60 1.64
N PRO A 65 -8.98 -11.75 2.43
CA PRO A 65 -8.13 -10.62 2.82
C PRO A 65 -7.37 -10.02 1.66
N LYS A 66 -7.20 -10.78 0.60
CA LYS A 66 -6.53 -10.30 -0.58
C LYS A 66 -7.48 -9.48 -1.44
N ARG A 67 -7.33 -8.17 -1.37
CA ARG A 67 -8.16 -7.27 -2.14
C ARG A 67 -7.34 -6.69 -3.28
N VAL A 68 -7.78 -6.95 -4.49
CA VAL A 68 -7.03 -6.52 -5.66
C VAL A 68 -7.65 -5.26 -6.26
N CYS A 69 -6.80 -4.38 -6.77
CA CYS A 69 -7.25 -3.20 -7.48
C CYS A 69 -6.56 -3.11 -8.83
N LYS A 70 -7.33 -3.20 -9.91
CA LYS A 70 -6.79 -3.20 -11.27
C LYS A 70 -7.05 -1.85 -11.94
N ASP A 71 -7.62 -0.94 -11.17
CA ASP A 71 -8.11 0.32 -11.69
C ASP A 71 -7.40 1.50 -11.02
N PRO A 72 -7.78 2.76 -11.36
CA PRO A 72 -7.46 3.95 -10.55
C PRO A 72 -7.54 3.73 -9.01
N PRO A 73 -7.48 4.82 -8.17
CA PRO A 73 -7.16 4.76 -6.73
C PRO A 73 -7.33 3.40 -6.07
N TYR A 74 -6.19 2.85 -5.68
CA TYR A 74 -6.09 1.52 -5.11
C TYR A 74 -6.31 1.60 -3.61
N LYS A 75 -7.27 0.84 -3.09
CA LYS A 75 -7.65 0.97 -1.70
C LYS A 75 -8.34 -0.26 -1.15
N VAL A 76 -8.36 -0.35 0.16
CA VAL A 76 -9.11 -1.34 0.90
C VAL A 76 -9.83 -0.67 2.06
N GLU A 77 -11.14 -0.90 2.15
CA GLU A 77 -11.93 -0.35 3.26
C GLU A 77 -12.45 -1.50 4.09
N GLU A 78 -11.97 -1.59 5.32
CA GLU A 78 -12.34 -2.72 6.15
C GLU A 78 -12.70 -2.30 7.56
N SER A 79 -13.11 -3.29 8.35
CA SER A 79 -13.55 -3.05 9.70
C SER A 79 -13.10 -4.21 10.59
N GLY A 80 -12.69 -3.88 11.81
CA GLY A 80 -12.13 -4.84 12.72
C GLY A 80 -12.00 -4.25 14.11
N TYR A 81 -11.02 -4.71 14.89
CA TYR A 81 -10.85 -4.17 16.24
C TYR A 81 -9.38 -4.19 16.68
N ALA A 82 -8.47 -4.28 15.72
CA ALA A 82 -7.05 -4.29 16.03
C ALA A 82 -6.23 -3.99 14.78
N GLY A 83 -4.97 -3.61 14.99
CA GLY A 83 -4.08 -3.32 13.87
C GLY A 83 -3.18 -4.50 13.55
N PHE A 84 -2.29 -4.32 12.57
CA PHE A 84 -1.39 -5.38 12.11
C PHE A 84 -0.55 -4.90 10.94
N ILE A 85 0.59 -5.53 10.72
CA ILE A 85 1.37 -5.30 9.50
C ILE A 85 0.58 -5.79 8.30
N LEU A 86 0.34 -4.91 7.35
CA LEU A 86 -0.41 -5.28 6.16
C LEU A 86 0.50 -5.26 4.95
N PRO A 87 0.82 -6.45 4.41
CA PRO A 87 1.66 -6.59 3.24
C PRO A 87 0.94 -6.14 1.98
N ILE A 88 1.19 -4.91 1.56
CA ILE A 88 0.56 -4.35 0.39
C ILE A 88 1.44 -4.56 -0.83
N GLU A 89 0.83 -4.91 -1.93
CA GLU A 89 1.57 -5.15 -3.16
C GLU A 89 1.14 -4.19 -4.25
N VAL A 90 2.12 -3.59 -4.87
CA VAL A 90 1.88 -2.73 -6.01
C VAL A 90 2.58 -3.35 -7.22
N TYR A 91 1.79 -3.96 -8.10
CA TYR A 91 2.33 -4.72 -9.23
C TYR A 91 2.90 -3.79 -10.27
N PHE A 92 4.05 -4.16 -10.76
CA PHE A 92 4.77 -3.35 -11.71
C PHE A 92 4.73 -3.97 -13.09
N LYS A 93 4.84 -3.14 -14.14
CA LYS A 93 4.97 -3.67 -15.49
C LYS A 93 6.45 -3.77 -15.84
N ASN A 94 7.04 -4.93 -15.58
CA ASN A 94 8.47 -5.12 -15.83
C ASN A 94 8.70 -6.31 -16.73
N LYS A 95 9.69 -6.19 -17.59
CA LYS A 95 10.15 -7.31 -18.40
C LYS A 95 11.49 -7.78 -17.84
N GLU A 96 11.88 -7.13 -16.76
CA GLU A 96 13.14 -7.38 -16.09
C GLU A 96 12.90 -7.59 -14.60
N GLU A 97 13.88 -7.21 -13.77
CA GLU A 97 13.85 -7.36 -12.30
C GLU A 97 12.45 -7.15 -11.67
N PRO A 98 12.28 -7.53 -10.37
CA PRO A 98 10.98 -7.79 -9.73
C PRO A 98 9.81 -6.97 -10.26
N ARG A 99 8.78 -7.68 -10.67
CA ARG A 99 7.60 -7.08 -11.27
C ARG A 99 6.56 -6.76 -10.20
N LYS A 100 7.03 -6.68 -8.96
CA LYS A 100 6.17 -6.32 -7.83
C LYS A 100 6.98 -5.65 -6.75
N VAL A 101 6.30 -4.86 -5.94
CA VAL A 101 6.86 -4.35 -4.72
C VAL A 101 5.91 -4.64 -3.58
N ARG A 102 6.45 -5.02 -2.42
CA ARG A 102 5.60 -5.35 -1.29
C ARG A 102 5.90 -4.40 -0.15
N PHE A 103 4.96 -3.50 0.09
CA PHE A 103 5.12 -2.52 1.15
C PHE A 103 4.44 -3.03 2.40
N ASP A 104 5.24 -3.55 3.34
CA ASP A 104 4.72 -4.01 4.61
C ASP A 104 4.32 -2.81 5.45
N TYR A 105 3.12 -2.33 5.23
CA TYR A 105 2.69 -1.12 5.87
C TYR A 105 2.03 -1.42 7.20
N ASP A 106 2.52 -0.76 8.23
CA ASP A 106 2.01 -0.93 9.57
C ASP A 106 0.63 -0.30 9.70
N LEU A 107 -0.38 -1.12 9.89
CA LEU A 107 -1.74 -0.64 10.08
C LEU A 107 -2.04 -0.46 11.57
N PHE A 108 -2.11 0.78 12.03
CA PHE A 108 -2.51 1.02 13.42
C PHE A 108 -3.82 1.78 13.46
N LEU A 109 -4.59 1.55 14.51
CA LEU A 109 -5.87 2.22 14.68
C LEU A 109 -5.82 3.06 15.94
N HIS A 110 -6.60 4.13 16.00
CA HIS A 110 -6.57 5.02 17.16
C HIS A 110 -7.55 4.56 18.23
N LEU A 111 -7.23 4.90 19.47
CA LEU A 111 -8.09 4.61 20.61
C LEU A 111 -9.47 5.24 20.45
N GLU A 112 -10.47 4.56 21.00
CA GLU A 112 -11.84 5.04 21.00
C GLU A 112 -11.91 6.36 21.77
N GLY A 113 -12.07 7.46 21.05
CA GLY A 113 -12.07 8.76 21.67
C GLY A 113 -10.72 9.44 21.60
N HIS A 114 -10.00 9.17 20.51
CA HIS A 114 -8.66 9.73 20.32
C HIS A 114 -8.52 10.22 18.87
N PRO A 115 -7.86 11.39 18.66
CA PRO A 115 -7.55 11.96 17.34
C PRO A 115 -7.55 10.95 16.18
N PRO A 116 -8.46 11.13 15.19
CA PRO A 116 -8.52 10.31 13.97
C PRO A 116 -7.16 9.96 13.37
N VAL A 117 -7.15 8.88 12.59
CA VAL A 117 -5.93 8.34 12.05
C VAL A 117 -5.79 8.67 10.57
N ASN A 118 -4.71 9.34 10.23
CA ASN A 118 -4.40 9.61 8.83
C ASN A 118 -2.88 9.59 8.65
N HIS A 119 -2.33 8.47 8.20
CA HIS A 119 -0.88 8.33 8.10
C HIS A 119 -0.46 8.06 6.67
N LEU A 120 0.70 8.60 6.31
CA LEU A 120 1.24 8.47 4.97
C LEU A 120 2.76 8.34 4.99
N ARG A 121 3.29 7.66 3.99
CA ARG A 121 4.73 7.51 3.81
C ARG A 121 5.08 7.20 2.36
N CYS A 122 6.06 7.91 1.84
CA CYS A 122 6.48 7.75 0.45
C CYS A 122 7.63 6.75 0.33
N GLU A 123 7.52 5.86 -0.65
CA GLU A 123 8.56 4.87 -0.92
C GLU A 123 9.20 5.15 -2.27
N LYS A 124 10.50 4.89 -2.38
CA LYS A 124 11.23 5.16 -3.60
C LYS A 124 11.79 3.87 -4.17
N LEU A 125 11.56 3.66 -5.44
CA LEU A 125 12.10 2.51 -6.13
C LEU A 125 13.03 2.97 -7.24
N THR A 126 14.33 2.92 -6.99
CA THR A 126 15.32 3.36 -7.97
C THR A 126 15.76 2.19 -8.82
N PHE A 127 15.62 2.32 -10.13
CA PHE A 127 16.03 1.27 -11.05
C PHE A 127 17.19 1.77 -11.90
N ASN A 128 18.38 1.34 -11.54
CA ASN A 128 19.58 1.73 -12.27
C ASN A 128 19.63 1.04 -13.62
N ASN A 129 19.61 1.84 -14.68
CA ASN A 129 19.78 1.36 -16.06
C ASN A 129 18.75 0.29 -16.42
N PRO A 130 17.48 0.68 -16.56
CA PRO A 130 16.41 -0.24 -16.97
C PRO A 130 16.28 -0.33 -18.48
N THR A 131 15.61 -1.37 -18.96
CA THR A 131 15.38 -1.55 -20.39
C THR A 131 14.43 -0.46 -20.90
N GLU A 132 14.46 -0.19 -22.21
CA GLU A 132 13.70 0.93 -22.78
C GLU A 132 12.23 0.86 -22.38
N ASP A 133 11.64 -0.33 -22.48
CA ASP A 133 10.23 -0.55 -22.15
C ASP A 133 9.92 -0.07 -20.73
N PHE A 134 10.76 -0.46 -19.77
CA PHE A 134 10.54 -0.09 -18.38
C PHE A 134 10.81 1.40 -18.20
N ARG A 135 11.96 1.85 -18.70
CA ARG A 135 12.31 3.26 -18.73
C ARG A 135 11.15 4.11 -19.22
N ARG A 136 10.61 3.70 -20.37
CA ARG A 136 9.51 4.37 -21.03
C ARG A 136 8.36 4.66 -20.07
N LYS A 137 7.90 3.61 -19.40
CA LYS A 137 6.74 3.71 -18.52
C LYS A 137 7.03 4.62 -17.34
N LEU A 138 8.19 4.40 -16.72
CA LEU A 138 8.63 5.18 -15.57
C LEU A 138 8.67 6.69 -15.88
N LEU A 139 8.94 7.01 -17.15
CA LEU A 139 9.03 8.40 -17.58
C LEU A 139 7.64 9.00 -17.76
N LYS A 140 6.72 8.18 -18.27
CA LYS A 140 5.35 8.62 -18.52
C LYS A 140 4.59 8.89 -17.23
N ALA A 141 5.04 8.25 -16.16
CA ALA A 141 4.43 8.37 -14.85
C ALA A 141 4.20 9.82 -14.42
N GLY B 1 -1.51 7.29 24.77
CA GLY B 1 -2.49 6.23 24.46
C GLY B 1 -3.27 6.54 23.20
N GLY B 2 -2.65 6.29 22.06
CA GLY B 2 -3.30 6.53 20.79
C GLY B 2 -3.34 5.29 19.93
N LYS B 3 -2.37 4.42 20.13
CA LYS B 3 -2.25 3.19 19.38
C LYS B 3 -3.12 2.09 19.98
N ALA B 4 -4.14 1.69 19.24
CA ALA B 4 -5.02 0.60 19.65
C ALA B 4 -4.27 -0.72 19.62
N PRO B 5 -4.77 -1.75 20.34
CA PRO B 5 -4.16 -3.08 20.34
C PRO B 5 -4.14 -3.69 18.95
N ARG B 6 -3.27 -4.65 18.73
CA ARG B 6 -3.14 -5.24 17.40
C ARG B 6 -2.99 -6.75 17.47
N GLN B 8 -0.83 -8.35 15.91
CA GLN B 8 0.53 -8.53 15.45
C GLN B 8 1.47 -7.91 16.48
N LEU B 9 1.35 -8.39 17.71
CA LEU B 9 2.10 -7.85 18.82
C LEU B 9 3.54 -8.34 18.77
N ALA B 10 4.47 -7.41 18.60
CA ALA B 10 5.88 -7.75 18.57
C ALA B 10 6.42 -7.80 19.99
N THR B 11 6.25 -8.95 20.63
CA THR B 11 6.67 -9.12 22.01
C THR B 11 8.04 -9.79 22.06
N LYS B 12 8.76 -9.68 20.94
CA LYS B 12 10.10 -10.24 20.81
C LYS B 12 10.08 -11.75 20.93
N ALA B 13 9.07 -12.35 20.32
CA ALA B 13 8.95 -13.79 20.28
C ALA B 13 8.89 -14.26 18.82
N GLY A 1 20.41 14.79 -20.82
CA GLY A 1 19.39 15.19 -21.83
C GLY A 1 19.84 14.84 -23.24
N SER A 2 19.21 15.47 -24.23
CA SER A 2 19.53 15.23 -25.65
C SER A 2 19.14 13.82 -26.06
N HIS A 3 17.89 13.67 -26.49
CA HIS A 3 17.35 12.37 -26.93
C HIS A 3 17.37 11.36 -25.78
N MET A 4 17.17 10.09 -26.10
CA MET A 4 17.21 9.06 -25.08
C MET A 4 18.62 8.46 -25.01
N ALA A 5 18.84 7.38 -25.79
CA ALA A 5 20.16 6.75 -25.92
C ALA A 5 20.69 6.18 -24.60
N SER A 6 21.20 7.05 -23.73
CA SER A 6 21.83 6.63 -22.50
C SER A 6 20.80 6.47 -21.38
N SER A 7 20.65 5.25 -20.89
CA SER A 7 19.75 4.99 -19.79
C SER A 7 20.44 5.32 -18.47
N CYS A 8 19.64 5.48 -17.42
CA CYS A 8 20.13 5.86 -16.10
C CYS A 8 19.23 5.25 -15.03
N ALA A 9 19.44 5.61 -13.78
CA ALA A 9 18.61 5.09 -12.71
C ALA A 9 17.28 5.84 -12.67
N VAL A 10 16.22 5.16 -13.07
CA VAL A 10 14.90 5.74 -13.07
C VAL A 10 14.17 5.29 -11.82
N GLN A 11 13.72 6.24 -11.04
CA GLN A 11 13.16 5.94 -9.74
C GLN A 11 11.74 6.42 -9.60
N VAL A 12 10.90 5.50 -9.19
CA VAL A 12 9.48 5.74 -9.05
C VAL A 12 9.14 5.86 -7.57
N LYS A 13 8.10 6.61 -7.23
CA LYS A 13 7.75 6.84 -5.84
C LYS A 13 6.34 6.34 -5.58
N LEU A 14 6.20 5.42 -4.65
CA LEU A 14 4.89 4.91 -4.29
C LEU A 14 4.56 5.32 -2.86
N GLU A 15 3.30 5.57 -2.62
CA GLU A 15 2.84 6.15 -1.38
C GLU A 15 1.92 5.20 -0.63
N LEU A 16 2.23 4.96 0.63
CA LEU A 16 1.36 4.19 1.51
C LEU A 16 0.57 5.13 2.38
N GLY A 17 -0.71 4.90 2.48
CA GLY A 17 -1.55 5.71 3.33
C GLY A 17 -2.72 4.94 3.88
N HIS A 18 -3.15 5.28 5.08
CA HIS A 18 -4.30 4.63 5.68
C HIS A 18 -4.94 5.55 6.71
N ARG A 19 -6.24 5.41 6.87
CA ARG A 19 -6.97 6.15 7.87
C ARG A 19 -7.72 5.17 8.75
N ALA A 20 -8.08 5.61 9.96
CA ALA A 20 -8.89 4.78 10.84
C ALA A 20 -9.84 5.65 11.65
N GLN A 21 -11.08 5.17 11.78
CA GLN A 21 -12.07 5.80 12.63
C GLN A 21 -12.89 4.70 13.30
N VAL A 22 -13.48 5.01 14.44
CA VAL A 22 -14.30 4.03 15.13
C VAL A 22 -15.78 4.36 14.95
N ARG A 23 -16.57 3.33 14.76
CA ARG A 23 -18.02 3.48 14.77
C ARG A 23 -18.51 3.18 16.18
N LYS A 24 -19.38 4.05 16.69
CA LYS A 24 -19.83 3.97 18.08
C LYS A 24 -20.57 2.67 18.35
N LYS A 25 -20.95 1.99 17.29
CA LYS A 25 -21.63 0.71 17.41
C LYS A 25 -20.99 -0.28 16.45
N PRO A 26 -20.34 -1.33 16.99
CA PRO A 26 -19.72 -2.39 16.19
C PRO A 26 -20.73 -3.07 15.27
N THR A 27 -20.23 -3.70 14.22
CA THR A 27 -21.09 -4.37 13.26
C THR A 27 -21.61 -5.69 13.85
N VAL A 28 -22.42 -6.40 13.08
CA VAL A 28 -23.00 -7.67 13.53
C VAL A 28 -21.96 -8.60 14.16
N GLU A 29 -20.78 -8.68 13.55
CA GLU A 29 -19.75 -9.58 14.04
C GLU A 29 -18.86 -8.92 15.10
N GLY A 30 -19.20 -7.68 15.46
CA GLY A 30 -18.53 -7.02 16.57
C GLY A 30 -17.24 -6.32 16.19
N PHE A 31 -17.18 -5.82 14.97
CA PHE A 31 -16.01 -5.08 14.52
C PHE A 31 -16.23 -3.60 14.80
N THR A 32 -15.31 -2.99 15.54
CA THR A 32 -15.50 -1.64 16.05
C THR A 32 -14.82 -0.57 15.20
N HIS A 33 -13.67 -0.91 14.63
CA HIS A 33 -12.82 0.07 13.98
C HIS A 33 -12.81 -0.11 12.47
N ASP A 34 -13.13 0.95 11.75
CA ASP A 34 -13.13 0.92 10.29
C ASP A 34 -11.95 1.68 9.76
N TRP A 35 -11.23 1.08 8.83
CA TRP A 35 -10.07 1.71 8.27
C TRP A 35 -10.04 1.61 6.76
N MET A 36 -9.24 2.48 6.16
CA MET A 36 -9.06 2.51 4.72
C MET A 36 -7.60 2.71 4.38
N VAL A 37 -7.11 1.90 3.45
CA VAL A 37 -5.75 2.04 2.94
C VAL A 37 -5.78 2.54 1.52
N PHE A 38 -4.75 3.28 1.11
CA PHE A 38 -4.63 3.71 -0.27
C PHE A 38 -3.16 3.73 -0.70
N VAL A 39 -2.87 2.99 -1.76
CA VAL A 39 -1.55 2.92 -2.36
C VAL A 39 -1.58 3.63 -3.72
N ARG A 40 -0.52 4.37 -4.03
CA ARG A 40 -0.49 5.18 -5.24
C ARG A 40 0.89 5.81 -5.42
N GLY A 41 1.02 6.69 -6.40
CA GLY A 41 2.23 7.48 -6.55
C GLY A 41 2.08 8.86 -5.92
N PRO A 42 3.13 9.68 -5.86
CA PRO A 42 3.04 10.98 -5.23
C PRO A 42 2.53 12.05 -6.18
N GLU A 43 2.33 13.25 -5.64
CA GLU A 43 1.73 14.38 -6.35
C GLU A 43 2.18 14.50 -7.81
N HIS A 44 1.19 14.46 -8.71
CA HIS A 44 1.35 14.74 -10.15
C HIS A 44 1.89 13.54 -10.93
N SER A 45 2.56 12.63 -10.26
CA SER A 45 3.11 11.46 -10.94
C SER A 45 2.15 10.28 -10.91
N ASN A 46 1.68 9.91 -12.09
CA ASN A 46 0.87 8.73 -12.29
C ASN A 46 1.69 7.49 -11.97
N ILE A 47 1.08 6.47 -11.40
CA ILE A 47 1.71 5.17 -11.36
C ILE A 47 1.17 4.24 -12.43
N GLN A 48 -0.09 4.43 -12.83
CA GLN A 48 -0.78 3.52 -13.76
C GLN A 48 0.01 3.33 -15.08
N HIS A 49 0.99 4.19 -15.31
CA HIS A 49 1.83 4.06 -16.49
C HIS A 49 2.89 2.97 -16.28
N PHE A 50 3.41 2.86 -15.06
CA PHE A 50 4.44 1.88 -14.76
C PHE A 50 3.93 0.81 -13.79
N VAL A 51 2.69 0.98 -13.35
CA VAL A 51 2.04 0.09 -12.40
C VAL A 51 0.76 -0.46 -13.02
N GLU A 52 0.53 -1.75 -12.85
CA GLU A 52 -0.59 -2.41 -13.50
C GLU A 52 -1.72 -2.68 -12.50
N LYS A 53 -1.45 -3.54 -11.53
CA LYS A 53 -2.45 -3.92 -10.56
C LYS A 53 -1.87 -3.83 -9.15
N VAL A 54 -2.72 -4.04 -8.16
CA VAL A 54 -2.33 -3.89 -6.77
C VAL A 54 -3.10 -4.89 -5.92
N VAL A 55 -2.50 -5.29 -4.79
CA VAL A 55 -3.11 -6.30 -3.94
C VAL A 55 -2.84 -5.98 -2.47
N PHE A 56 -3.79 -6.32 -1.62
CA PHE A 56 -3.68 -6.13 -0.19
C PHE A 56 -3.84 -7.47 0.52
N HIS A 57 -2.99 -7.75 1.49
CA HIS A 57 -3.12 -8.96 2.28
C HIS A 57 -3.48 -8.59 3.70
N LEU A 58 -4.77 -8.42 3.95
CA LEU A 58 -5.25 -8.08 5.29
C LEU A 58 -5.07 -9.29 6.21
N HIS A 59 -5.49 -9.17 7.46
CA HIS A 59 -5.35 -10.26 8.41
C HIS A 59 -6.37 -11.35 8.11
N GLU A 60 -5.97 -12.59 8.40
CA GLU A 60 -6.69 -13.79 7.98
C GLU A 60 -8.13 -13.83 8.48
N SER A 61 -8.39 -13.19 9.62
CA SER A 61 -9.75 -13.15 10.16
C SER A 61 -10.66 -12.33 9.26
N PHE A 62 -10.07 -11.38 8.54
CA PHE A 62 -10.82 -10.53 7.61
C PHE A 62 -11.27 -11.38 6.42
N PRO A 63 -12.56 -11.27 6.06
CA PRO A 63 -13.13 -12.06 4.96
C PRO A 63 -12.42 -11.77 3.65
N ARG A 64 -11.79 -12.81 3.08
CA ARG A 64 -10.99 -12.68 1.86
C ARG A 64 -10.00 -11.53 1.99
N PRO A 65 -8.93 -11.71 2.77
CA PRO A 65 -8.04 -10.60 3.14
C PRO A 65 -7.28 -10.02 1.95
N LYS A 66 -7.16 -10.78 0.89
CA LYS A 66 -6.48 -10.31 -0.30
C LYS A 66 -7.43 -9.55 -1.20
N ARG A 67 -7.29 -8.24 -1.20
CA ARG A 67 -8.10 -7.38 -2.05
C ARG A 67 -7.26 -6.88 -3.21
N VAL A 68 -7.83 -6.86 -4.40
CA VAL A 68 -7.07 -6.49 -5.58
C VAL A 68 -7.64 -5.22 -6.20
N CYS A 69 -6.76 -4.35 -6.67
CA CYS A 69 -7.17 -3.15 -7.39
C CYS A 69 -6.51 -3.11 -8.76
N LYS A 70 -7.32 -3.14 -9.82
CA LYS A 70 -6.81 -3.16 -11.18
C LYS A 70 -6.97 -1.78 -11.82
N ASP A 71 -7.38 -0.82 -11.02
CA ASP A 71 -7.73 0.51 -11.51
C ASP A 71 -7.04 1.60 -10.69
N PRO A 72 -7.21 2.89 -11.07
CA PRO A 72 -6.88 4.06 -10.22
C PRO A 72 -7.15 3.86 -8.70
N PRO A 73 -7.01 4.93 -7.84
CA PRO A 73 -6.72 4.81 -6.42
C PRO A 73 -6.98 3.44 -5.81
N TYR A 74 -5.89 2.80 -5.46
CA TYR A 74 -5.88 1.43 -4.99
C TYR A 74 -6.09 1.40 -3.50
N LYS A 75 -7.15 0.75 -3.05
CA LYS A 75 -7.56 0.87 -1.67
C LYS A 75 -8.35 -0.32 -1.18
N VAL A 76 -8.53 -0.33 0.11
CA VAL A 76 -9.28 -1.35 0.83
C VAL A 76 -10.08 -0.67 1.94
N GLU A 77 -11.37 -0.97 2.02
CA GLU A 77 -12.22 -0.44 3.09
C GLU A 77 -12.66 -1.58 3.98
N GLU A 78 -12.18 -1.60 5.21
CA GLU A 78 -12.49 -2.70 6.10
C GLU A 78 -12.80 -2.25 7.52
N SER A 79 -13.19 -3.22 8.33
CA SER A 79 -13.54 -2.97 9.71
C SER A 79 -13.07 -4.15 10.57
N GLY A 80 -12.63 -3.83 11.77
CA GLY A 80 -12.09 -4.83 12.67
C GLY A 80 -12.00 -4.28 14.08
N TYR A 81 -11.06 -4.76 14.88
CA TYR A 81 -10.94 -4.25 16.24
C TYR A 81 -9.49 -4.26 16.73
N ALA A 82 -8.54 -4.36 15.81
CA ALA A 82 -7.13 -4.36 16.16
C ALA A 82 -6.26 -3.97 14.97
N GLY A 83 -5.00 -3.68 15.25
CA GLY A 83 -4.05 -3.31 14.21
C GLY A 83 -3.09 -4.43 13.89
N PHE A 84 -2.30 -4.25 12.84
CA PHE A 84 -1.38 -5.30 12.36
C PHE A 84 -0.59 -4.80 11.15
N ILE A 85 0.58 -5.39 10.93
CA ILE A 85 1.34 -5.14 9.71
C ILE A 85 0.57 -5.68 8.51
N LEU A 86 0.33 -4.82 7.53
CA LEU A 86 -0.40 -5.23 6.34
C LEU A 86 0.52 -5.20 5.13
N PRO A 87 0.90 -6.37 4.63
CA PRO A 87 1.75 -6.49 3.46
C PRO A 87 1.00 -6.10 2.19
N ILE A 88 1.28 -4.91 1.70
CA ILE A 88 0.65 -4.40 0.51
C ILE A 88 1.56 -4.62 -0.70
N GLU A 89 0.96 -4.92 -1.83
CA GLU A 89 1.74 -5.17 -3.04
C GLU A 89 1.28 -4.27 -4.18
N VAL A 90 2.25 -3.69 -4.86
CA VAL A 90 1.98 -2.97 -6.08
C VAL A 90 2.64 -3.68 -7.25
N TYR A 91 1.85 -4.05 -8.23
CA TYR A 91 2.37 -4.75 -9.42
C TYR A 91 2.89 -3.77 -10.45
N PHE A 92 4.06 -4.07 -10.95
CA PHE A 92 4.74 -3.21 -11.92
C PHE A 92 4.60 -3.79 -13.32
N LYS A 93 4.72 -2.95 -14.35
CA LYS A 93 4.66 -3.42 -15.73
C LYS A 93 6.05 -3.53 -16.33
N ASN A 94 6.65 -4.70 -16.25
CA ASN A 94 7.94 -4.93 -16.91
C ASN A 94 8.18 -6.42 -17.15
N LYS A 95 9.18 -6.71 -17.96
CA LYS A 95 9.60 -8.08 -18.25
C LYS A 95 10.90 -8.38 -17.51
N GLU A 96 11.37 -7.34 -16.86
CA GLU A 96 12.65 -7.32 -16.17
C GLU A 96 12.44 -7.50 -14.67
N GLU A 97 13.34 -6.93 -13.86
CA GLU A 97 13.32 -7.07 -12.39
C GLU A 97 11.92 -7.07 -11.76
N PRO A 98 11.80 -7.51 -10.49
CA PRO A 98 10.53 -7.84 -9.82
C PRO A 98 9.31 -7.02 -10.27
N ARG A 99 8.28 -7.73 -10.72
CA ARG A 99 7.03 -7.12 -11.19
C ARG A 99 6.12 -6.77 -10.04
N LYS A 100 6.68 -6.68 -8.86
CA LYS A 100 5.91 -6.38 -7.68
C LYS A 100 6.79 -5.72 -6.64
N VAL A 101 6.18 -4.86 -5.85
CA VAL A 101 6.84 -4.28 -4.71
C VAL A 101 5.97 -4.48 -3.47
N ARG A 102 6.59 -4.82 -2.35
CA ARG A 102 5.84 -5.07 -1.14
C ARG A 102 6.08 -3.96 -0.14
N PHE A 103 5.00 -3.37 0.33
CA PHE A 103 5.10 -2.37 1.36
C PHE A 103 4.42 -2.86 2.61
N ASP A 104 5.22 -3.36 3.54
CA ASP A 104 4.70 -3.80 4.83
C ASP A 104 4.32 -2.58 5.65
N TYR A 105 3.10 -2.12 5.44
CA TYR A 105 2.63 -0.92 6.07
C TYR A 105 1.98 -1.23 7.40
N ASP A 106 2.36 -0.46 8.42
CA ASP A 106 1.87 -0.70 9.76
C ASP A 106 0.46 -0.14 9.93
N LEU A 107 -0.53 -1.03 9.91
CA LEU A 107 -1.90 -0.64 10.06
C LEU A 107 -2.24 -0.45 11.53
N PHE A 108 -2.27 0.80 11.98
CA PHE A 108 -2.62 1.07 13.37
C PHE A 108 -3.97 1.75 13.46
N LEU A 109 -4.73 1.41 14.49
CA LEU A 109 -5.99 2.07 14.75
C LEU A 109 -5.86 2.78 16.10
N HIS A 110 -6.59 3.88 16.29
CA HIS A 110 -6.49 4.62 17.55
C HIS A 110 -7.62 4.20 18.47
N LEU A 111 -7.43 4.37 19.79
CA LEU A 111 -8.37 3.90 20.80
C LEU A 111 -9.82 4.31 20.53
N GLU A 112 -10.72 3.37 20.84
CA GLU A 112 -12.16 3.57 20.73
C GLU A 112 -12.59 4.87 21.40
N GLY A 113 -13.57 5.54 20.81
CA GLY A 113 -14.07 6.77 21.35
C GLY A 113 -13.41 7.97 20.72
N HIS A 114 -12.09 7.92 20.58
CA HIS A 114 -11.35 9.05 20.04
C HIS A 114 -10.18 8.59 19.17
N PRO A 115 -10.44 8.12 17.94
CA PRO A 115 -9.40 7.79 16.99
C PRO A 115 -9.33 8.76 15.81
N PRO A 116 -8.31 9.63 15.77
CA PRO A 116 -7.94 10.36 14.57
C PRO A 116 -6.77 9.70 13.86
N VAL A 117 -7.05 8.88 12.85
CA VAL A 117 -5.98 8.19 12.16
C VAL A 117 -5.92 8.55 10.68
N ASN A 118 -4.85 9.23 10.31
CA ASN A 118 -4.57 9.49 8.90
C ASN A 118 -3.04 9.50 8.71
N HIS A 119 -2.48 8.39 8.25
CA HIS A 119 -1.03 8.27 8.16
C HIS A 119 -0.59 8.03 6.72
N LEU A 120 0.53 8.62 6.36
CA LEU A 120 1.10 8.50 5.02
C LEU A 120 2.62 8.38 5.08
N ARG A 121 3.17 7.58 4.17
CA ARG A 121 4.61 7.42 4.03
C ARG A 121 4.96 7.08 2.58
N CYS A 122 6.09 7.55 2.11
CA CYS A 122 6.45 7.43 0.71
C CYS A 122 7.66 6.51 0.50
N GLU A 123 7.53 5.60 -0.45
CA GLU A 123 8.59 4.66 -0.80
C GLU A 123 9.18 5.00 -2.16
N LYS A 124 10.44 4.69 -2.35
CA LYS A 124 11.15 5.04 -3.58
C LYS A 124 11.83 3.81 -4.17
N LEU A 125 11.69 3.65 -5.48
CA LEU A 125 12.27 2.51 -6.17
C LEU A 125 13.17 2.98 -7.31
N THR A 126 14.49 2.91 -7.10
CA THR A 126 15.44 3.35 -8.13
C THR A 126 15.92 2.16 -8.95
N PHE A 127 15.63 2.17 -10.24
CA PHE A 127 16.03 1.10 -11.13
C PHE A 127 17.21 1.55 -11.98
N ASN A 128 18.37 0.99 -11.69
CA ASN A 128 19.58 1.36 -12.41
C ASN A 128 19.56 0.80 -13.82
N ASN A 129 19.57 1.72 -14.80
CA ASN A 129 19.66 1.38 -16.23
C ASN A 129 18.63 0.33 -16.65
N PRO A 130 17.36 0.73 -16.78
CA PRO A 130 16.31 -0.16 -17.25
C PRO A 130 16.21 -0.17 -18.78
N THR A 131 15.62 -1.22 -19.33
CA THR A 131 15.43 -1.33 -20.77
C THR A 131 14.51 -0.23 -21.28
N GLU A 132 14.49 -0.01 -22.59
CA GLU A 132 13.74 1.11 -23.18
C GLU A 132 12.28 1.07 -22.74
N ASP A 133 11.68 -0.14 -22.79
CA ASP A 133 10.28 -0.32 -22.41
C ASP A 133 9.98 0.18 -21.00
N PHE A 134 10.76 -0.31 -20.04
CA PHE A 134 10.56 0.06 -18.65
C PHE A 134 10.84 1.54 -18.47
N ARG A 135 11.98 1.97 -18.99
CA ARG A 135 12.37 3.37 -19.02
C ARG A 135 11.23 4.25 -19.52
N ARG A 136 10.70 3.88 -20.66
CA ARG A 136 9.62 4.59 -21.32
C ARG A 136 8.47 4.92 -20.38
N LYS A 137 7.92 3.88 -19.76
CA LYS A 137 6.76 4.03 -18.89
C LYS A 137 7.11 4.82 -17.63
N LEU A 138 8.25 4.51 -17.05
CA LEU A 138 8.75 5.22 -15.86
C LEU A 138 8.85 6.72 -16.13
N LEU A 139 9.18 7.09 -17.37
CA LEU A 139 9.33 8.50 -17.76
C LEU A 139 7.98 9.17 -17.95
N LYS A 140 7.01 8.42 -18.47
CA LYS A 140 5.68 8.95 -18.74
C LYS A 140 4.98 9.37 -17.45
N ALA A 141 5.38 8.75 -16.35
CA ALA A 141 4.90 9.16 -15.05
C ALA A 141 5.27 10.61 -14.74
N GLY B 1 1.70 6.40 22.46
CA GLY B 1 0.64 6.46 21.44
C GLY B 1 -0.59 5.67 21.85
N GLY B 2 -1.74 6.32 21.85
CA GLY B 2 -2.97 5.67 22.27
C GLY B 2 -3.57 4.83 21.17
N LYS B 3 -2.80 3.89 20.65
CA LYS B 3 -3.24 3.05 19.56
C LYS B 3 -3.92 1.80 20.09
N ALA B 4 -4.93 1.35 19.37
CA ALA B 4 -5.71 0.18 19.74
C ALA B 4 -4.85 -1.08 19.75
N PRO B 5 -5.23 -2.09 20.54
CA PRO B 5 -4.50 -3.36 20.63
C PRO B 5 -4.36 -4.05 19.27
N ARG B 6 -3.53 -5.07 19.21
CA ARG B 6 -3.22 -5.72 17.95
C ARG B 6 -3.30 -7.24 18.07
N GLN B 8 -0.98 -10.00 17.26
CA GLN B 8 0.33 -10.51 16.88
C GLN B 8 0.76 -11.58 17.88
N LEU B 9 1.31 -12.67 17.37
CA LEU B 9 1.78 -13.75 18.22
C LEU B 9 3.14 -13.39 18.84
N ALA B 10 3.08 -12.54 19.85
CA ALA B 10 4.28 -12.12 20.56
C ALA B 10 4.02 -12.11 22.06
N THR B 11 4.66 -13.03 22.77
CA THR B 11 4.44 -13.18 24.20
C THR B 11 5.00 -11.98 24.96
N LYS B 12 6.17 -11.52 24.54
CA LYS B 12 6.78 -10.34 25.13
C LYS B 12 7.28 -9.41 24.04
N ALA B 13 8.14 -9.93 23.17
CA ALA B 13 8.67 -9.16 22.05
C ALA B 13 9.31 -10.09 21.04
N GLY A 1 22.87 -2.31 -23.94
CA GLY A 1 21.60 -1.85 -23.31
C GLY A 1 20.78 -1.00 -24.23
N SER A 2 19.89 -0.19 -23.65
CA SER A 2 19.06 0.71 -24.43
C SER A 2 19.88 1.89 -24.94
N HIS A 3 19.40 2.57 -25.97
CA HIS A 3 20.15 3.63 -26.60
C HIS A 3 19.35 4.94 -26.65
N MET A 4 18.42 5.09 -25.72
CA MET A 4 17.62 6.31 -25.66
C MET A 4 18.06 7.18 -24.49
N ALA A 5 18.70 8.29 -24.83
CA ALA A 5 19.13 9.29 -23.84
C ALA A 5 20.16 8.69 -22.88
N SER A 6 20.38 9.37 -21.77
CA SER A 6 21.32 8.90 -20.77
C SER A 6 20.69 7.82 -19.91
N SER A 7 21.41 6.72 -19.73
CA SER A 7 20.93 5.66 -18.87
C SER A 7 21.27 5.98 -17.42
N CYS A 8 20.24 6.06 -16.61
CA CYS A 8 20.37 6.40 -15.21
C CYS A 8 19.41 5.56 -14.39
N ALA A 9 19.46 5.70 -13.08
CA ALA A 9 18.50 5.02 -12.23
C ALA A 9 17.21 5.82 -12.21
N VAL A 10 16.13 5.19 -12.67
CA VAL A 10 14.85 5.87 -12.73
C VAL A 10 14.05 5.50 -11.51
N GLN A 11 13.72 6.51 -10.71
CA GLN A 11 13.07 6.28 -9.43
C GLN A 11 11.59 6.59 -9.51
N VAL A 12 10.77 5.65 -9.08
CA VAL A 12 9.35 5.84 -9.05
C VAL A 12 8.88 5.91 -7.59
N LYS A 13 7.91 6.76 -7.31
CA LYS A 13 7.42 6.91 -5.95
C LYS A 13 6.03 6.34 -5.80
N LEU A 14 5.89 5.47 -4.83
CA LEU A 14 4.59 4.93 -4.47
C LEU A 14 4.25 5.34 -3.05
N GLU A 15 2.99 5.62 -2.82
CA GLU A 15 2.54 6.16 -1.57
C GLU A 15 1.69 5.16 -0.81
N LEU A 16 2.10 4.85 0.42
CA LEU A 16 1.33 4.00 1.31
C LEU A 16 0.51 4.90 2.22
N GLY A 17 -0.69 4.47 2.52
CA GLY A 17 -1.53 5.25 3.37
C GLY A 17 -2.54 4.43 4.11
N HIS A 18 -3.17 5.05 5.09
CA HIS A 18 -4.26 4.42 5.81
C HIS A 18 -4.88 5.41 6.78
N ARG A 19 -6.19 5.34 6.90
CA ARG A 19 -6.92 6.11 7.89
C ARG A 19 -7.63 5.15 8.82
N ALA A 20 -8.05 5.62 9.98
CA ALA A 20 -8.78 4.78 10.91
C ALA A 20 -9.73 5.62 11.76
N GLN A 21 -10.94 5.09 11.92
CA GLN A 21 -11.97 5.74 12.72
C GLN A 21 -12.84 4.68 13.39
N VAL A 22 -13.16 4.88 14.64
CA VAL A 22 -13.97 3.90 15.37
C VAL A 22 -15.40 4.39 15.53
N ARG A 23 -16.32 3.45 15.54
CA ARG A 23 -17.71 3.73 15.88
C ARG A 23 -17.97 3.22 17.29
N LYS A 24 -18.87 3.89 18.01
CA LYS A 24 -19.13 3.57 19.41
C LYS A 24 -20.01 2.33 19.53
N LYS A 25 -20.50 1.86 18.40
CA LYS A 25 -21.28 0.63 18.35
C LYS A 25 -20.71 -0.29 17.28
N PRO A 26 -20.19 -1.47 17.67
CA PRO A 26 -19.70 -2.46 16.73
C PRO A 26 -20.78 -2.93 15.77
N THR A 27 -20.36 -3.37 14.60
CA THR A 27 -21.29 -3.90 13.60
C THR A 27 -21.89 -5.22 14.09
N VAL A 28 -22.76 -5.81 13.29
CA VAL A 28 -23.41 -7.09 13.61
C VAL A 28 -22.40 -8.13 14.11
N GLU A 29 -21.25 -8.21 13.47
CA GLU A 29 -20.25 -9.21 13.81
C GLU A 29 -19.32 -8.72 14.91
N GLY A 30 -19.55 -7.51 15.38
CA GLY A 30 -18.81 -6.99 16.51
C GLY A 30 -17.46 -6.41 16.13
N PHE A 31 -17.39 -5.83 14.95
CA PHE A 31 -16.20 -5.12 14.53
C PHE A 31 -16.37 -3.65 14.90
N THR A 32 -15.33 -3.03 15.41
CA THR A 32 -15.44 -1.68 15.94
C THR A 32 -14.67 -0.63 15.11
N HIS A 33 -13.52 -1.01 14.58
CA HIS A 33 -12.63 -0.06 13.93
C HIS A 33 -12.66 -0.21 12.42
N ASP A 34 -12.97 0.88 11.74
CA ASP A 34 -12.98 0.91 10.29
C ASP A 34 -11.74 1.62 9.79
N TRP A 35 -11.13 1.09 8.75
CA TRP A 35 -9.93 1.71 8.21
C TRP A 35 -9.88 1.59 6.70
N MET A 36 -9.01 2.40 6.09
CA MET A 36 -8.83 2.42 4.65
C MET A 36 -7.35 2.60 4.34
N VAL A 37 -6.83 1.79 3.42
CA VAL A 37 -5.43 1.86 3.03
C VAL A 37 -5.25 2.49 1.67
N PHE A 38 -4.03 3.00 1.44
CA PHE A 38 -3.66 3.72 0.22
C PHE A 38 -2.44 3.11 -0.44
N VAL A 39 -2.54 2.86 -1.74
CA VAL A 39 -1.37 2.66 -2.58
C VAL A 39 -1.56 3.38 -3.91
N ARG A 40 -0.72 4.36 -4.17
CA ARG A 40 -0.84 5.18 -5.38
C ARG A 40 0.44 5.96 -5.60
N GLY A 41 0.42 6.83 -6.60
CA GLY A 41 1.53 7.72 -6.82
C GLY A 41 1.21 9.12 -6.36
N PRO A 42 2.24 9.91 -6.01
CA PRO A 42 2.08 11.29 -5.52
C PRO A 42 1.39 12.21 -6.52
N GLU A 43 1.12 13.42 -6.08
CA GLU A 43 0.50 14.43 -6.90
C GLU A 43 1.25 14.63 -8.21
N HIS A 44 0.53 14.41 -9.30
CA HIS A 44 1.01 14.70 -10.66
C HIS A 44 1.91 13.57 -11.20
N SER A 45 2.29 12.62 -10.35
CA SER A 45 2.98 11.43 -10.80
C SER A 45 2.01 10.28 -10.99
N ASN A 46 1.84 9.88 -12.23
CA ASN A 46 1.01 8.73 -12.56
C ASN A 46 1.75 7.45 -12.23
N ILE A 47 1.09 6.50 -11.60
CA ILE A 47 1.68 5.18 -11.47
C ILE A 47 1.13 4.21 -12.51
N GLN A 48 -0.11 4.44 -12.98
CA GLN A 48 -0.79 3.52 -13.91
C GLN A 48 0.03 3.32 -15.20
N HIS A 49 1.05 4.14 -15.38
CA HIS A 49 1.95 4.01 -16.52
C HIS A 49 3.00 2.93 -16.27
N PHE A 50 3.44 2.79 -15.02
CA PHE A 50 4.44 1.79 -14.69
C PHE A 50 3.89 0.74 -13.73
N VAL A 51 2.63 0.92 -13.36
CA VAL A 51 1.94 0.03 -12.42
C VAL A 51 0.66 -0.50 -13.06
N GLU A 52 0.39 -1.77 -12.86
CA GLU A 52 -0.72 -2.44 -13.54
C GLU A 52 -1.88 -2.69 -12.59
N LYS A 53 -1.65 -3.53 -11.59
CA LYS A 53 -2.68 -3.87 -10.62
C LYS A 53 -2.11 -3.77 -9.21
N VAL A 54 -2.96 -3.96 -8.23
CA VAL A 54 -2.58 -3.81 -6.83
C VAL A 54 -3.34 -4.80 -5.96
N VAL A 55 -2.74 -5.22 -4.86
CA VAL A 55 -3.35 -6.22 -4.01
C VAL A 55 -3.01 -5.94 -2.55
N PHE A 56 -3.90 -6.34 -1.67
CA PHE A 56 -3.71 -6.18 -0.24
C PHE A 56 -3.90 -7.51 0.44
N HIS A 57 -2.87 -8.01 1.10
CA HIS A 57 -2.98 -9.26 1.83
C HIS A 57 -3.28 -8.94 3.29
N LEU A 58 -4.55 -8.65 3.57
CA LEU A 58 -4.95 -8.27 4.91
C LEU A 58 -4.75 -9.43 5.90
N HIS A 59 -5.13 -9.23 7.14
CA HIS A 59 -4.95 -10.25 8.16
C HIS A 59 -5.97 -11.35 7.95
N GLU A 60 -5.55 -12.60 8.14
CA GLU A 60 -6.37 -13.78 7.84
C GLU A 60 -7.66 -13.80 8.63
N SER A 61 -7.68 -13.10 9.74
CA SER A 61 -8.90 -12.93 10.53
C SER A 61 -9.99 -12.22 9.72
N PHE A 62 -9.57 -11.59 8.63
CA PHE A 62 -10.48 -10.92 7.72
C PHE A 62 -10.92 -11.88 6.61
N PRO A 63 -12.22 -11.92 6.30
CA PRO A 63 -12.77 -12.79 5.25
C PRO A 63 -12.31 -12.37 3.85
N ARG A 64 -11.58 -13.27 3.18
CA ARG A 64 -11.02 -12.99 1.86
C ARG A 64 -10.14 -11.74 1.92
N PRO A 65 -9.02 -11.82 2.66
CA PRO A 65 -8.21 -10.65 2.99
C PRO A 65 -7.52 -10.04 1.77
N LYS A 66 -7.26 -10.86 0.77
CA LYS A 66 -6.60 -10.36 -0.43
C LYS A 66 -7.58 -9.55 -1.27
N ARG A 67 -7.47 -8.24 -1.14
CA ARG A 67 -8.28 -7.33 -1.91
C ARG A 67 -7.46 -6.84 -3.09
N VAL A 68 -8.06 -6.82 -4.27
CA VAL A 68 -7.33 -6.40 -5.46
C VAL A 68 -7.90 -5.11 -6.02
N CYS A 69 -7.04 -4.26 -6.53
CA CYS A 69 -7.43 -3.03 -7.17
C CYS A 69 -6.72 -2.90 -8.50
N LYS A 70 -7.47 -2.89 -9.58
CA LYS A 70 -6.91 -2.86 -10.93
C LYS A 70 -7.13 -1.49 -11.56
N ASP A 71 -7.72 -0.60 -10.78
CA ASP A 71 -8.13 0.70 -11.26
C ASP A 71 -7.29 1.81 -10.63
N PRO A 72 -7.45 3.09 -11.07
CA PRO A 72 -6.92 4.27 -10.36
C PRO A 72 -7.11 4.21 -8.82
N PRO A 73 -6.79 5.30 -8.06
CA PRO A 73 -6.42 5.25 -6.64
C PRO A 73 -6.80 3.96 -5.91
N TYR A 74 -5.76 3.21 -5.58
CA TYR A 74 -5.90 1.88 -5.03
C TYR A 74 -6.05 1.98 -3.52
N LYS A 75 -7.07 1.32 -2.99
CA LYS A 75 -7.38 1.42 -1.57
C LYS A 75 -8.19 0.22 -1.12
N VAL A 76 -8.04 -0.12 0.13
CA VAL A 76 -8.86 -1.13 0.77
C VAL A 76 -9.60 -0.54 1.94
N GLU A 77 -10.90 -0.72 1.96
CA GLU A 77 -11.74 -0.27 3.06
C GLU A 77 -12.29 -1.47 3.79
N GLU A 78 -11.93 -1.57 5.06
CA GLU A 78 -12.28 -2.72 5.86
C GLU A 78 -12.66 -2.32 7.26
N SER A 79 -13.01 -3.32 8.05
CA SER A 79 -13.45 -3.09 9.40
C SER A 79 -13.06 -4.28 10.28
N GLY A 80 -12.72 -4.00 11.53
CA GLY A 80 -12.23 -5.01 12.43
C GLY A 80 -12.14 -4.47 13.84
N TYR A 81 -11.22 -4.99 14.63
CA TYR A 81 -11.05 -4.49 16.00
C TYR A 81 -9.61 -4.60 16.47
N ALA A 82 -8.66 -4.53 15.54
CA ALA A 82 -7.24 -4.56 15.88
C ALA A 82 -6.37 -4.18 14.69
N GLY A 83 -5.14 -3.76 14.99
CA GLY A 83 -4.21 -3.40 13.94
C GLY A 83 -3.19 -4.49 13.70
N PHE A 84 -2.35 -4.31 12.69
CA PHE A 84 -1.41 -5.35 12.25
C PHE A 84 -0.56 -4.82 11.09
N ILE A 85 0.61 -5.42 10.88
CA ILE A 85 1.39 -5.14 9.69
C ILE A 85 0.65 -5.66 8.47
N LEU A 86 0.43 -4.79 7.50
CA LEU A 86 -0.29 -5.18 6.30
C LEU A 86 0.65 -5.18 5.11
N PRO A 87 1.04 -6.39 4.65
CA PRO A 87 1.83 -6.56 3.44
C PRO A 87 1.07 -6.11 2.19
N ILE A 88 1.38 -4.93 1.71
CA ILE A 88 0.75 -4.41 0.52
C ILE A 88 1.66 -4.62 -0.67
N GLU A 89 1.08 -4.93 -1.81
CA GLU A 89 1.85 -5.19 -3.01
C GLU A 89 1.32 -4.40 -4.19
N VAL A 90 2.22 -3.73 -4.87
CA VAL A 90 1.87 -3.00 -6.08
C VAL A 90 2.47 -3.71 -7.27
N TYR A 91 1.62 -4.06 -8.22
CA TYR A 91 2.10 -4.78 -9.41
C TYR A 91 2.65 -3.81 -10.44
N PHE A 92 3.83 -4.11 -10.90
CA PHE A 92 4.52 -3.28 -11.86
C PHE A 92 4.35 -3.88 -13.26
N LYS A 93 4.60 -3.09 -14.29
CA LYS A 93 4.48 -3.56 -15.66
C LYS A 93 5.86 -3.92 -16.22
N ASN A 94 6.26 -5.18 -16.10
CA ASN A 94 7.60 -5.58 -16.48
C ASN A 94 7.63 -7.03 -16.97
N LYS A 95 8.63 -7.34 -17.79
CA LYS A 95 8.86 -8.72 -18.23
C LYS A 95 10.16 -9.23 -17.62
N GLU A 96 10.97 -8.28 -17.17
CA GLU A 96 12.27 -8.52 -16.58
C GLU A 96 12.17 -8.42 -15.06
N GLU A 97 13.28 -8.00 -14.41
CA GLU A 97 13.39 -7.82 -12.95
C GLU A 97 12.08 -7.43 -12.24
N PRO A 98 12.04 -7.54 -10.89
CA PRO A 98 10.81 -7.53 -10.08
C PRO A 98 9.64 -6.79 -10.67
N ARG A 99 8.55 -7.51 -10.81
CA ARG A 99 7.35 -7.01 -11.45
C ARG A 99 6.34 -6.64 -10.39
N LYS A 100 6.79 -6.59 -9.16
CA LYS A 100 5.96 -6.20 -8.03
C LYS A 100 6.81 -5.79 -6.84
N VAL A 101 6.26 -4.90 -6.05
CA VAL A 101 6.93 -4.41 -4.87
C VAL A 101 6.07 -4.65 -3.64
N ARG A 102 6.72 -4.92 -2.51
CA ARG A 102 6.01 -5.16 -1.28
C ARG A 102 6.26 -4.04 -0.28
N PHE A 103 5.19 -3.44 0.19
CA PHE A 103 5.30 -2.44 1.22
C PHE A 103 4.61 -2.92 2.48
N ASP A 104 5.40 -3.42 3.42
CA ASP A 104 4.89 -3.84 4.73
C ASP A 104 4.46 -2.62 5.53
N TYR A 105 3.24 -2.18 5.32
CA TYR A 105 2.76 -0.96 5.94
C TYR A 105 2.11 -1.26 7.29
N ASP A 106 2.49 -0.48 8.28
CA ASP A 106 1.96 -0.66 9.63
C ASP A 106 0.55 -0.08 9.76
N LEU A 107 -0.43 -0.97 9.90
CA LEU A 107 -1.79 -0.54 10.12
C LEU A 107 -2.04 -0.32 11.60
N PHE A 108 -1.94 0.92 12.03
CA PHE A 108 -2.17 1.24 13.44
C PHE A 108 -3.53 1.91 13.58
N LEU A 109 -4.35 1.40 14.48
CA LEU A 109 -5.63 2.02 14.75
C LEU A 109 -5.54 2.72 16.10
N HIS A 110 -6.24 3.83 16.26
CA HIS A 110 -6.18 4.56 17.53
C HIS A 110 -7.32 4.15 18.46
N LEU A 111 -7.28 4.67 19.68
CA LEU A 111 -8.13 4.17 20.75
C LEU A 111 -9.61 4.45 20.54
N GLU A 112 -10.41 3.46 20.90
CA GLU A 112 -11.86 3.53 20.85
C GLU A 112 -12.37 4.78 21.56
N GLY A 113 -13.14 5.57 20.84
CA GLY A 113 -13.69 6.79 21.40
C GLY A 113 -13.19 8.01 20.67
N HIS A 114 -11.87 8.11 20.51
CA HIS A 114 -11.26 9.25 19.83
C HIS A 114 -10.04 8.82 19.03
N PRO A 115 -10.22 8.18 17.87
CA PRO A 115 -9.14 7.87 16.96
C PRO A 115 -9.13 8.76 15.72
N PRO A 116 -8.19 9.71 15.63
CA PRO A 116 -7.91 10.42 14.40
C PRO A 116 -6.71 9.83 13.67
N VAL A 117 -6.94 8.96 12.71
CA VAL A 117 -5.82 8.36 12.00
C VAL A 117 -5.84 8.69 10.52
N ASN A 118 -4.82 9.40 10.07
CA ASN A 118 -4.63 9.66 8.65
C ASN A 118 -3.13 9.69 8.36
N HIS A 119 -2.59 8.58 7.89
CA HIS A 119 -1.15 8.45 7.68
C HIS A 119 -0.84 8.11 6.23
N LEU A 120 0.13 8.79 5.66
CA LEU A 120 0.55 8.58 4.27
C LEU A 120 2.05 8.79 4.14
N ARG A 121 2.72 7.87 3.44
CA ARG A 121 4.17 7.95 3.28
C ARG A 121 4.58 7.51 1.89
N CYS A 122 5.64 8.11 1.37
CA CYS A 122 6.09 7.86 0.01
C CYS A 122 7.34 6.97 -0.01
N GLU A 123 7.28 5.94 -0.83
CA GLU A 123 8.39 5.02 -1.01
C GLU A 123 9.10 5.29 -2.33
N LYS A 124 10.33 4.81 -2.44
CA LYS A 124 11.12 5.04 -3.64
C LYS A 124 11.66 3.73 -4.21
N LEU A 125 11.31 3.45 -5.46
CA LEU A 125 11.88 2.32 -6.17
C LEU A 125 12.94 2.84 -7.14
N THR A 126 14.18 2.38 -7.00
CA THR A 126 15.24 2.84 -7.89
C THR A 126 15.69 1.72 -8.82
N PHE A 127 15.68 2.00 -10.11
CA PHE A 127 16.07 1.02 -11.11
C PHE A 127 17.24 1.55 -11.92
N ASN A 128 18.44 1.03 -11.64
CA ASN A 128 19.64 1.51 -12.30
C ASN A 128 19.69 1.08 -13.76
N ASN A 129 19.67 2.08 -14.64
CA ASN A 129 19.80 1.89 -16.09
C ASN A 129 18.82 0.83 -16.60
N PRO A 130 17.51 1.14 -16.57
CA PRO A 130 16.48 0.19 -16.94
C PRO A 130 16.34 0.06 -18.46
N THR A 131 15.86 -1.10 -18.91
CA THR A 131 15.63 -1.34 -20.32
C THR A 131 14.61 -0.34 -20.88
N GLU A 132 14.68 -0.08 -22.20
CA GLU A 132 13.86 0.96 -22.83
C GLU A 132 12.39 0.86 -22.41
N ASP A 133 11.83 -0.35 -22.47
CA ASP A 133 10.42 -0.57 -22.18
C ASP A 133 10.06 -0.06 -20.79
N PHE A 134 10.83 -0.49 -19.80
CA PHE A 134 10.59 -0.09 -18.43
C PHE A 134 10.87 1.39 -18.27
N ARG A 135 12.04 1.79 -18.76
CA ARG A 135 12.47 3.18 -18.80
C ARG A 135 11.38 4.09 -19.34
N ARG A 136 10.81 3.71 -20.48
CA ARG A 136 9.75 4.44 -21.13
C ARG A 136 8.58 4.71 -20.20
N LYS A 137 8.08 3.66 -19.55
CA LYS A 137 6.92 3.81 -18.68
C LYS A 137 7.23 4.69 -17.49
N LEU A 138 8.38 4.43 -16.87
CA LEU A 138 8.84 5.19 -15.72
C LEU A 138 8.98 6.68 -16.06
N LEU A 139 9.48 6.97 -17.26
CA LEU A 139 9.68 8.34 -17.70
C LEU A 139 8.35 9.01 -18.03
N LYS A 140 7.40 8.23 -18.51
CA LYS A 140 6.06 8.73 -18.81
C LYS A 140 5.32 9.13 -17.54
N ALA A 141 5.74 8.55 -16.43
CA ALA A 141 5.19 8.89 -15.14
C ALA A 141 5.57 10.30 -14.72
N GLY B 1 -4.41 4.88 26.43
CA GLY B 1 -3.34 5.15 25.44
C GLY B 1 -3.88 5.61 24.11
N GLY B 2 -3.04 5.55 23.08
CA GLY B 2 -3.47 5.96 21.75
C GLY B 2 -3.39 4.83 20.74
N LYS B 3 -2.66 3.78 21.10
CA LYS B 3 -2.53 2.62 20.22
C LYS B 3 -3.54 1.54 20.58
N ALA B 4 -4.46 1.28 19.66
CA ALA B 4 -5.49 0.28 19.86
C ALA B 4 -4.91 -1.13 19.85
N PRO B 5 -5.70 -2.15 20.26
CA PRO B 5 -5.26 -3.55 20.28
C PRO B 5 -4.84 -4.04 18.89
N ARG B 6 -4.02 -5.08 18.86
CA ARG B 6 -3.50 -5.61 17.60
C ARG B 6 -3.46 -7.13 17.62
N GLN B 8 -1.36 -8.91 15.90
CA GLN B 8 -0.03 -9.33 15.52
C GLN B 8 1.00 -8.60 16.37
N LEU B 9 1.99 -9.37 16.84
CA LEU B 9 3.06 -8.83 17.68
C LEU B 9 2.52 -8.20 18.97
N ALA B 10 1.39 -8.71 19.43
CA ALA B 10 0.76 -8.22 20.64
C ALA B 10 0.44 -9.37 21.59
N THR B 11 1.25 -10.41 21.51
CA THR B 11 1.09 -11.57 22.38
C THR B 11 2.40 -11.87 23.09
N LYS B 12 2.50 -11.47 24.34
CA LYS B 12 3.71 -11.65 25.12
C LYS B 12 3.85 -13.09 25.58
N ALA B 13 5.05 -13.44 26.04
CA ALA B 13 5.33 -14.80 26.48
C ALA B 13 5.06 -14.94 27.97
N GLY A 1 12.78 -4.07 -25.64
CA GLY A 1 14.15 -3.56 -25.84
C GLY A 1 14.23 -2.61 -27.02
N SER A 2 14.90 -1.48 -26.83
CA SER A 2 15.04 -0.48 -27.89
C SER A 2 16.43 0.15 -27.88
N HIS A 3 17.07 0.14 -26.70
CA HIS A 3 18.41 0.72 -26.50
C HIS A 3 18.64 1.98 -27.33
N MET A 4 17.95 3.05 -26.97
CA MET A 4 18.03 4.30 -27.72
C MET A 4 19.40 4.95 -27.55
N ALA A 5 19.72 5.38 -26.34
CA ALA A 5 20.97 6.09 -26.08
C ALA A 5 21.23 6.22 -24.59
N SER A 6 20.42 7.05 -23.95
CA SER A 6 20.61 7.40 -22.55
C SER A 6 20.34 6.21 -21.63
N SER A 7 21.30 5.92 -20.77
CA SER A 7 21.16 4.87 -19.78
C SER A 7 21.35 5.46 -18.38
N CYS A 8 20.36 5.30 -17.53
CA CYS A 8 20.40 5.87 -16.19
C CYS A 8 19.44 5.12 -15.27
N ALA A 9 19.55 5.37 -13.97
CA ALA A 9 18.60 4.84 -13.01
C ALA A 9 17.36 5.70 -12.98
N VAL A 10 16.21 5.10 -13.27
CA VAL A 10 14.95 5.82 -13.22
C VAL A 10 14.25 5.50 -11.91
N GLN A 11 13.72 6.53 -11.26
CA GLN A 11 13.14 6.37 -9.94
C GLN A 11 11.65 6.66 -9.97
N VAL A 12 10.87 5.77 -9.40
CA VAL A 12 9.45 5.94 -9.32
C VAL A 12 9.01 6.09 -7.88
N LYS A 13 8.08 6.99 -7.62
CA LYS A 13 7.55 7.16 -6.30
C LYS A 13 6.14 6.62 -6.18
N LEU A 14 5.97 5.75 -5.22
CA LEU A 14 4.66 5.23 -4.87
C LEU A 14 4.24 5.89 -3.57
N GLU A 15 3.01 5.66 -3.14
CA GLU A 15 2.48 6.28 -1.92
C GLU A 15 1.68 5.28 -1.09
N LEU A 16 2.04 5.16 0.19
CA LEU A 16 1.28 4.37 1.14
C LEU A 16 0.47 5.28 2.02
N GLY A 17 -0.67 4.80 2.44
CA GLY A 17 -1.49 5.56 3.34
C GLY A 17 -2.49 4.70 4.03
N HIS A 18 -3.15 5.27 5.04
CA HIS A 18 -4.22 4.58 5.73
C HIS A 18 -4.86 5.54 6.74
N ARG A 19 -6.16 5.44 6.87
CA ARG A 19 -6.89 6.19 7.88
C ARG A 19 -7.60 5.21 8.79
N ALA A 20 -7.99 5.68 9.96
CA ALA A 20 -8.80 4.86 10.85
C ALA A 20 -9.74 5.74 11.67
N GLN A 21 -10.95 5.25 11.88
CA GLN A 21 -11.89 5.86 12.79
C GLN A 21 -12.70 4.75 13.45
N VAL A 22 -13.27 5.01 14.60
CA VAL A 22 -14.14 4.04 15.23
C VAL A 22 -15.58 4.47 15.10
N ARG A 23 -16.42 3.55 14.65
CA ARG A 23 -17.85 3.80 14.62
C ARG A 23 -18.43 3.57 16.01
N LYS A 24 -19.37 4.40 16.40
CA LYS A 24 -19.94 4.35 17.75
C LYS A 24 -20.79 3.10 17.96
N LYS A 25 -20.98 2.36 16.87
CA LYS A 25 -21.68 1.09 16.94
C LYS A 25 -21.02 0.09 16.01
N PRO A 26 -20.45 -0.99 16.58
CA PRO A 26 -19.86 -2.08 15.79
C PRO A 26 -20.87 -2.67 14.81
N THR A 27 -20.36 -3.20 13.71
CA THR A 27 -21.23 -3.70 12.65
C THR A 27 -21.90 -5.00 13.08
N VAL A 28 -22.66 -5.60 12.16
CA VAL A 28 -23.39 -6.84 12.40
C VAL A 28 -22.49 -7.89 13.06
N GLU A 29 -21.26 -7.99 12.59
CA GLU A 29 -20.34 -9.00 13.09
C GLU A 29 -19.47 -8.48 14.24
N GLY A 30 -19.74 -7.27 14.69
CA GLY A 30 -19.11 -6.75 15.88
C GLY A 30 -17.74 -6.16 15.64
N PHE A 31 -17.56 -5.55 14.48
CA PHE A 31 -16.31 -4.90 14.15
C PHE A 31 -16.43 -3.41 14.46
N THR A 32 -15.48 -2.89 15.23
CA THR A 32 -15.57 -1.54 15.79
C THR A 32 -14.74 -0.51 15.02
N HIS A 33 -13.60 -0.93 14.50
CA HIS A 33 -12.63 -0.02 13.90
C HIS A 33 -12.64 -0.14 12.39
N ASP A 34 -12.92 0.96 11.72
CA ASP A 34 -12.93 0.99 10.26
C ASP A 34 -11.74 1.76 9.77
N TRP A 35 -11.12 1.24 8.72
CA TRP A 35 -9.94 1.86 8.17
C TRP A 35 -9.92 1.78 6.65
N MET A 36 -9.03 2.55 6.06
CA MET A 36 -8.83 2.57 4.62
C MET A 36 -7.35 2.69 4.31
N VAL A 37 -6.88 1.89 3.39
CA VAL A 37 -5.46 1.92 3.00
C VAL A 37 -5.26 2.54 1.63
N PHE A 38 -4.07 3.06 1.43
CA PHE A 38 -3.68 3.78 0.22
C PHE A 38 -2.47 3.15 -0.44
N VAL A 39 -2.59 2.81 -1.71
CA VAL A 39 -1.43 2.54 -2.55
C VAL A 39 -1.61 3.22 -3.90
N ARG A 40 -0.72 4.13 -4.23
CA ARG A 40 -0.84 4.88 -5.48
C ARG A 40 0.42 5.70 -5.73
N GLY A 41 0.38 6.54 -6.75
CA GLY A 41 1.43 7.50 -6.95
C GLY A 41 1.02 8.88 -6.48
N PRO A 42 1.97 9.75 -6.12
CA PRO A 42 1.66 11.07 -5.59
C PRO A 42 1.23 12.06 -6.67
N GLU A 43 0.85 13.26 -6.22
CA GLU A 43 0.32 14.30 -7.08
C GLU A 43 1.08 14.43 -8.40
N HIS A 44 0.32 14.33 -9.49
CA HIS A 44 0.79 14.58 -10.86
C HIS A 44 1.50 13.37 -11.47
N SER A 45 1.96 12.46 -10.64
CA SER A 45 2.57 11.23 -11.12
C SER A 45 1.57 10.09 -11.07
N ASN A 46 1.21 9.56 -12.24
CA ASN A 46 0.30 8.43 -12.32
C ASN A 46 1.06 7.13 -12.44
N ILE A 47 0.76 6.19 -11.57
CA ILE A 47 1.53 4.95 -11.54
C ILE A 47 1.02 3.94 -12.53
N GLN A 48 -0.22 4.10 -12.98
CA GLN A 48 -0.85 3.18 -13.94
C GLN A 48 0.01 3.05 -15.22
N HIS A 49 0.99 3.93 -15.35
CA HIS A 49 1.92 3.88 -16.46
C HIS A 49 2.97 2.78 -16.26
N PHE A 50 3.41 2.61 -15.02
CA PHE A 50 4.44 1.60 -14.72
C PHE A 50 3.92 0.54 -13.74
N VAL A 51 2.68 0.70 -13.31
CA VAL A 51 2.07 -0.19 -12.33
C VAL A 51 0.87 -0.89 -12.95
N GLU A 52 0.82 -2.20 -12.76
CA GLU A 52 -0.15 -3.06 -13.43
C GLU A 52 -1.42 -3.22 -12.60
N LYS A 53 -1.28 -3.87 -11.46
CA LYS A 53 -2.38 -4.08 -10.56
C LYS A 53 -1.93 -3.86 -9.13
N VAL A 54 -2.81 -4.04 -8.20
CA VAL A 54 -2.49 -3.86 -6.80
C VAL A 54 -3.20 -4.91 -5.96
N VAL A 55 -2.52 -5.39 -4.94
CA VAL A 55 -3.10 -6.38 -4.05
C VAL A 55 -2.83 -6.04 -2.59
N PHE A 56 -3.83 -6.26 -1.76
CA PHE A 56 -3.72 -6.08 -0.32
C PHE A 56 -3.88 -7.42 0.36
N HIS A 57 -2.98 -7.76 1.26
CA HIS A 57 -3.13 -8.97 2.05
C HIS A 57 -3.52 -8.59 3.48
N LEU A 58 -4.82 -8.45 3.71
CA LEU A 58 -5.29 -8.14 5.05
C LEU A 58 -5.01 -9.31 5.99
N HIS A 59 -5.36 -9.17 7.25
CA HIS A 59 -5.12 -10.22 8.22
C HIS A 59 -6.02 -11.41 7.90
N GLU A 60 -5.48 -12.61 8.12
CA GLU A 60 -6.13 -13.87 7.73
C GLU A 60 -7.54 -14.00 8.32
N SER A 61 -7.80 -13.29 9.40
CA SER A 61 -9.12 -13.27 10.02
C SER A 61 -10.14 -12.52 9.15
N PHE A 62 -9.65 -11.75 8.20
CA PHE A 62 -10.53 -11.01 7.31
C PHE A 62 -10.95 -11.89 6.14
N PRO A 63 -12.26 -12.02 5.91
CA PRO A 63 -12.80 -12.84 4.81
C PRO A 63 -12.37 -12.30 3.46
N ARG A 64 -11.68 -13.14 2.69
CA ARG A 64 -11.05 -12.71 1.44
C ARG A 64 -10.09 -11.56 1.72
N PRO A 65 -8.97 -11.83 2.40
CA PRO A 65 -8.07 -10.78 2.84
C PRO A 65 -7.27 -10.16 1.69
N LYS A 66 -7.12 -10.90 0.61
CA LYS A 66 -6.48 -10.41 -0.58
C LYS A 66 -7.44 -9.56 -1.38
N ARG A 67 -7.23 -8.26 -1.35
CA ARG A 67 -8.09 -7.32 -2.02
C ARG A 67 -7.36 -6.74 -3.21
N VAL A 68 -7.81 -7.06 -4.41
CA VAL A 68 -7.12 -6.62 -5.60
C VAL A 68 -7.72 -5.32 -6.13
N CYS A 69 -6.86 -4.44 -6.61
CA CYS A 69 -7.29 -3.19 -7.22
C CYS A 69 -6.56 -3.00 -8.54
N LYS A 70 -7.29 -3.05 -9.64
CA LYS A 70 -6.69 -2.97 -10.98
C LYS A 70 -7.01 -1.62 -11.62
N ASP A 71 -7.63 -0.74 -10.84
CA ASP A 71 -8.13 0.54 -11.33
C ASP A 71 -7.27 1.69 -10.83
N PRO A 72 -7.60 2.95 -11.22
CA PRO A 72 -7.15 4.17 -10.50
C PRO A 72 -7.15 4.04 -8.95
N PRO A 73 -6.89 5.15 -8.19
CA PRO A 73 -6.54 5.12 -6.76
C PRO A 73 -6.90 3.84 -6.02
N TYR A 74 -5.85 3.11 -5.65
CA TYR A 74 -5.96 1.77 -5.08
C TYR A 74 -6.12 1.88 -3.57
N LYS A 75 -7.09 1.17 -3.02
CA LYS A 75 -7.38 1.25 -1.60
C LYS A 75 -8.12 0.01 -1.12
N VAL A 76 -8.14 -0.13 0.18
CA VAL A 76 -8.99 -1.10 0.85
C VAL A 76 -9.72 -0.44 1.99
N GLU A 77 -11.03 -0.58 2.00
CA GLU A 77 -11.87 -0.05 3.06
C GLU A 77 -12.48 -1.20 3.81
N GLU A 78 -12.04 -1.40 5.03
CA GLU A 78 -12.46 -2.55 5.81
C GLU A 78 -12.77 -2.16 7.24
N SER A 79 -13.18 -3.15 8.01
CA SER A 79 -13.55 -2.94 9.39
C SER A 79 -13.12 -4.13 10.25
N GLY A 80 -12.71 -3.85 11.47
CA GLY A 80 -12.20 -4.86 12.37
C GLY A 80 -12.17 -4.32 13.79
N TYR A 81 -11.25 -4.80 14.62
CA TYR A 81 -11.16 -4.28 15.99
C TYR A 81 -9.73 -4.29 16.52
N ALA A 82 -8.76 -4.43 15.63
CA ALA A 82 -7.35 -4.45 16.02
C ALA A 82 -6.46 -4.12 14.82
N GLY A 83 -5.23 -3.71 15.11
CA GLY A 83 -4.29 -3.39 14.06
C GLY A 83 -3.32 -4.53 13.78
N PHE A 84 -2.53 -4.39 12.72
CA PHE A 84 -1.64 -5.45 12.27
C PHE A 84 -0.80 -4.96 11.09
N ILE A 85 0.36 -5.58 10.88
CA ILE A 85 1.14 -5.33 9.67
C ILE A 85 0.37 -5.83 8.46
N LEU A 86 0.20 -4.95 7.49
CA LEU A 86 -0.52 -5.31 6.28
C LEU A 86 0.44 -5.31 5.11
N PRO A 87 0.79 -6.50 4.61
CA PRO A 87 1.69 -6.65 3.47
C PRO A 87 0.98 -6.27 2.18
N ILE A 88 1.22 -5.06 1.72
CA ILE A 88 0.60 -4.57 0.51
C ILE A 88 1.58 -4.72 -0.65
N GLU A 89 1.05 -4.90 -1.84
CA GLU A 89 1.90 -5.06 -3.00
C GLU A 89 1.40 -4.19 -4.15
N VAL A 90 2.30 -3.41 -4.71
CA VAL A 90 1.99 -2.57 -5.85
C VAL A 90 2.68 -3.15 -7.07
N TYR A 91 1.89 -3.74 -7.95
CA TYR A 91 2.41 -4.53 -9.04
C TYR A 91 2.90 -3.70 -10.21
N PHE A 92 3.99 -4.13 -10.79
CA PHE A 92 4.71 -3.36 -11.80
C PHE A 92 4.60 -3.99 -13.19
N LYS A 93 4.81 -3.19 -14.23
CA LYS A 93 4.81 -3.68 -15.61
C LYS A 93 6.23 -3.76 -16.18
N ASN A 94 6.87 -4.91 -16.08
CA ASN A 94 8.20 -5.07 -16.69
C ASN A 94 8.47 -6.53 -17.03
N LYS A 95 9.53 -6.76 -17.79
CA LYS A 95 9.99 -8.09 -18.13
C LYS A 95 11.33 -8.36 -17.45
N GLU A 96 11.80 -7.34 -16.75
CA GLU A 96 13.06 -7.39 -16.04
C GLU A 96 12.81 -7.62 -14.54
N GLU A 97 13.69 -7.09 -13.69
CA GLU A 97 13.61 -7.27 -12.23
C GLU A 97 12.18 -7.15 -11.65
N PRO A 98 11.98 -7.54 -10.37
CA PRO A 98 10.66 -7.80 -9.76
C PRO A 98 9.48 -6.97 -10.31
N ARG A 99 8.40 -7.68 -10.66
CA ARG A 99 7.17 -7.06 -11.18
C ARG A 99 6.22 -6.72 -10.05
N LYS A 100 6.76 -6.67 -8.85
CA LYS A 100 5.96 -6.40 -7.68
C LYS A 100 6.81 -5.82 -6.57
N VAL A 101 6.24 -4.89 -5.84
CA VAL A 101 6.90 -4.31 -4.69
C VAL A 101 6.05 -4.55 -3.45
N ARG A 102 6.68 -4.95 -2.35
CA ARG A 102 5.95 -5.26 -1.14
C ARG A 102 6.17 -4.19 -0.09
N PHE A 103 5.09 -3.55 0.30
CA PHE A 103 5.16 -2.55 1.33
C PHE A 103 4.49 -3.06 2.60
N ASP A 104 5.30 -3.53 3.53
CA ASP A 104 4.81 -3.98 4.84
C ASP A 104 4.40 -2.77 5.68
N TYR A 105 3.15 -2.36 5.52
CA TYR A 105 2.67 -1.16 6.16
C TYR A 105 2.02 -1.48 7.49
N ASP A 106 2.35 -0.69 8.50
CA ASP A 106 1.82 -0.91 9.83
C ASP A 106 0.45 -0.27 9.98
N LEU A 107 -0.58 -1.10 9.99
CA LEU A 107 -1.95 -0.63 10.15
C LEU A 107 -2.26 -0.40 11.62
N PHE A 108 -2.13 0.84 12.09
CA PHE A 108 -2.49 1.14 13.46
C PHE A 108 -3.85 1.83 13.53
N LEU A 109 -4.59 1.55 14.58
CA LEU A 109 -5.90 2.15 14.78
C LEU A 109 -5.91 2.86 16.13
N HIS A 110 -6.68 3.93 16.26
CA HIS A 110 -6.66 4.72 17.48
C HIS A 110 -7.76 4.28 18.46
N LEU A 111 -7.55 4.58 19.74
CA LEU A 111 -8.44 4.17 20.82
C LEU A 111 -9.89 4.63 20.63
N GLU A 112 -10.78 3.70 20.99
CA GLU A 112 -12.21 3.90 20.88
C GLU A 112 -12.65 5.14 21.63
N GLY A 113 -13.48 5.95 21.00
CA GLY A 113 -13.94 7.17 21.60
C GLY A 113 -13.43 8.38 20.87
N HIS A 114 -12.14 8.44 20.62
CA HIS A 114 -11.55 9.59 19.93
C HIS A 114 -10.39 9.16 19.03
N PRO A 115 -10.69 8.59 17.86
CA PRO A 115 -9.67 8.14 16.94
C PRO A 115 -9.49 9.05 15.72
N PRO A 116 -8.41 9.83 15.69
CA PRO A 116 -7.96 10.54 14.50
C PRO A 116 -6.78 9.82 13.83
N VAL A 117 -7.06 9.03 12.81
CA VAL A 117 -5.96 8.35 12.11
C VAL A 117 -5.95 8.71 10.62
N ASN A 118 -4.90 9.42 10.22
CA ASN A 118 -4.70 9.77 8.82
C ASN A 118 -3.20 9.81 8.52
N HIS A 119 -2.67 8.75 7.92
CA HIS A 119 -1.22 8.67 7.69
C HIS A 119 -0.92 8.39 6.22
N LEU A 120 0.07 9.11 5.69
CA LEU A 120 0.55 8.94 4.32
C LEU A 120 2.06 9.11 4.26
N ARG A 121 2.72 8.31 3.44
CA ARG A 121 4.18 8.31 3.33
C ARG A 121 4.61 8.30 1.87
N CYS A 122 5.91 8.59 1.60
CA CYS A 122 6.49 8.54 0.25
C CYS A 122 7.65 7.52 0.12
N GLU A 123 7.51 6.54 -0.80
CA GLU A 123 8.56 5.54 -1.06
C GLU A 123 9.16 5.75 -2.44
N LYS A 124 10.39 5.30 -2.62
CA LYS A 124 11.12 5.51 -3.84
C LYS A 124 11.70 4.21 -4.36
N LEU A 125 11.56 3.95 -5.64
CA LEU A 125 12.12 2.77 -6.26
C LEU A 125 13.07 3.17 -7.39
N THR A 126 14.35 2.89 -7.23
CA THR A 126 15.35 3.23 -8.23
C THR A 126 15.70 2.00 -9.07
N PHE A 127 15.62 2.15 -10.38
CA PHE A 127 15.95 1.07 -11.30
C PHE A 127 17.14 1.47 -12.15
N ASN A 128 18.30 0.89 -11.85
CA ASN A 128 19.54 1.27 -12.50
C ASN A 128 19.64 0.63 -13.87
N ASN A 129 19.69 1.47 -14.91
CA ASN A 129 19.81 1.01 -16.29
C ASN A 129 18.74 -0.01 -16.65
N PRO A 130 17.48 0.43 -16.74
CA PRO A 130 16.37 -0.46 -17.08
C PRO A 130 16.20 -0.59 -18.59
N THR A 131 15.45 -1.59 -19.02
CA THR A 131 15.13 -1.74 -20.43
C THR A 131 14.34 -0.52 -20.92
N GLU A 132 14.44 -0.21 -22.21
CA GLU A 132 13.86 1.03 -22.74
C GLU A 132 12.38 1.13 -22.38
N ASP A 133 11.68 0.02 -22.56
CA ASP A 133 10.25 -0.06 -22.33
C ASP A 133 9.91 0.30 -20.89
N PHE A 134 10.70 -0.20 -19.96
CA PHE A 134 10.47 0.08 -18.55
C PHE A 134 10.71 1.56 -18.28
N ARG A 135 11.86 2.03 -18.71
CA ARG A 135 12.26 3.42 -18.53
C ARG A 135 11.18 4.36 -19.04
N ARG A 136 10.70 4.10 -20.26
CA ARG A 136 9.67 4.88 -20.88
C ARG A 136 8.45 5.02 -19.99
N LYS A 137 7.99 3.92 -19.43
CA LYS A 137 6.81 3.93 -18.58
C LYS A 137 7.07 4.76 -17.33
N LEU A 138 8.24 4.53 -16.75
CA LEU A 138 8.68 5.22 -15.55
C LEU A 138 8.72 6.74 -15.76
N LEU A 139 9.05 7.15 -16.98
CA LEU A 139 9.14 8.58 -17.32
C LEU A 139 7.75 9.17 -17.56
N LYS A 140 6.88 8.37 -18.17
CA LYS A 140 5.53 8.79 -18.48
C LYS A 140 4.70 9.03 -17.23
N ALA A 141 5.09 8.37 -16.16
CA ALA A 141 4.41 8.45 -14.88
C ALA A 141 4.14 9.89 -14.46
N GLY B 1 -1.05 5.98 26.18
CA GLY B 1 -0.96 5.46 24.80
C GLY B 1 -1.98 6.10 23.88
N GLY B 2 -2.08 5.60 22.67
CA GLY B 2 -3.01 6.15 21.70
C GLY B 2 -3.55 5.11 20.75
N LYS B 3 -2.68 4.20 20.31
CA LYS B 3 -3.09 3.15 19.40
C LYS B 3 -3.82 2.03 20.15
N ALA B 4 -4.83 1.47 19.50
CA ALA B 4 -5.67 0.44 20.08
C ALA B 4 -4.97 -0.93 20.02
N PRO B 5 -5.55 -1.97 20.63
CA PRO B 5 -4.96 -3.32 20.62
C PRO B 5 -4.80 -3.85 19.20
N ARG B 6 -3.99 -4.89 19.06
CA ARG B 6 -3.64 -5.39 17.75
C ARG B 6 -3.67 -6.91 17.71
N GLN B 8 -1.33 -9.96 16.67
CA GLN B 8 0.07 -10.30 16.40
C GLN B 8 0.92 -9.04 16.33
N LEU B 9 1.33 -8.54 17.50
CA LEU B 9 2.12 -7.33 17.59
C LEU B 9 3.61 -7.66 17.51
N ALA B 10 3.89 -8.96 17.59
CA ALA B 10 5.26 -9.46 17.60
C ALA B 10 6.05 -8.97 16.40
N THR B 11 7.13 -8.25 16.67
CA THR B 11 8.01 -7.76 15.62
C THR B 11 8.94 -8.88 15.16
N LYS B 12 8.99 -9.96 15.94
CA LYS B 12 9.79 -11.12 15.59
C LYS B 12 8.87 -12.27 15.16
N ALA B 13 8.52 -12.29 13.89
CA ALA B 13 7.67 -13.34 13.35
C ALA B 13 8.51 -14.46 12.77
#